data_9PNW
#
_entry.id   9PNW
#
_cell.length_a   1.00
_cell.length_b   1.00
_cell.length_c   1.00
_cell.angle_alpha   90.00
_cell.angle_beta   90.00
_cell.angle_gamma   90.00
#
_symmetry.space_group_name_H-M   'P 1'
#
loop_
_entity.id
_entity.type
_entity.pdbx_description
1 polymer 'N4 P1 DNA Promoter'
2 polymer 'Virion DNA-directed RNA polymerase'
#
loop_
_entity_poly.entity_id
_entity_poly.type
_entity_poly.pdbx_seq_one_letter_code
_entity_poly.pdbx_strand_id
1 'polydeoxyribonucleotide'
;(DT)(DG)(DC)(DC)(DT)(DC)(DC)(DC)(DA)(DG)(DG)(DC)(DA)(DG)(DT)(DC)(DA)(DA)(DA)(DA)
(DG)(DT)(DT)(DG)(DC)(DG)(DA)(DA)(DG)(DC)(DA)(DA)(DC)(DT)
;
B
2 'polypeptide(L)'
;MSVFDRLAGFADSVTNAKQVDVSTATAQKKAEQGVTTPLVSPDAAYQMQAARTGNVGANAFEPGTVQSDFMNLTPMQIMN
KYGVEQGLQLINARADAGNQVFNDSVTTRTPGEELGDIATGVGLGFVNTLGGIGALGAGLLNDDAGAVVAQQLSKFNDAV
HATQSQALQDKRKLFAARNLMNEVESERQYQTDKKEGTNDIVASLSKFGRDFVGSIENAAQTDSIISDGLAEGVGSLLGA
GPVLRGASLLGKAVVPANTLRSAALAGAIDAGTGTQSLARIASTVGRAAPGMVGVGAMEAGGAYQQTADEIMKMSLKDLE
KSPVYQQHIKDGMSPEQARRQTASETGLTAAAIQLPIAAATGPLVSRFEMAPFRAGSLGAVGMNLARETVEEGVQGATGQ
LAQNIAQQQNIDKNQDLLKGVGTQAGLGALYGFGSAGVVQAPAGAARLAGAATAPVLRTTMAGVKAAGSVAGKVVSPIKN
TLVARGERVMKQNEEASPVADDYVAQAAQEAMAQAPEAEVTIRDAVEATDATPEQKVAAHQYVSDLMNATRFNPENYQEA
PEHIRNAVAGSTDQVQVIQKLADLVNTLDESNPQALMEAASYMYDAVSEFEQFINRDPAALDSIPKDSPAIELLNRYTNL
TANIQNTPKVIGALNVINRMINESAQNGSLNVTEESSPQEMQNVALAAEVAPEKLNPESVNVVLKHAADGRIKLNNRQIA
ALQNAAAILKGAREYDAEAARLGLRPQDIVSKQIKTDESRTQEGQYSALQHANRIRSAYNSGNFELASAYLNDFMQFAQH
MQNKVGALNEHLVTGNADKNKSVHYQALTADREWVRSRTGLGVNPYDTKSVKFAQQVALEAKTVADIANALASAYPELKV
SHIKVTPLDSRLNAPAAEVVKAFRQGNRDVASSQPKADSVNQVKETPVTKQEPVTSTVQTKTPVSESVKTEPTTKESSPQ
AIKEPVNQSEKQDVNLTNEDNIKQPTESVKETETSTKESTVTEELKEGIDAVYPSLVGTADSKAEGIKNYFKLSFTLPEE
QKSRTVGSEAPLKDVAQALSSRARYELFTEKETANPAFNGEVIKRYKELMEHGEGIADILRSRLAKFLNTKDVGKRFAQG
TEANRWVGGKLLNIVEQDGDTFKYNEQLLQTAVLAGLQWRLTATSNTAIKDAKDVAAITGIDQALLPEGLVEQFDTGMTL
TEAVSSLAQKIESYWGLSRNPNAPLGYTKGIPTAMAAEILAAFVESTDVVENIVDMSEIDPDNKKTIGLYTITELDSFDP
INSFPTAIEEAVLVNPTEKMFFGDDIPPVANTQLRNPAVRNTPEQKAALKAEQATEFYVHTPMVQFYETLGKDRILELMG
AGTLNKELLNDNHAKSLEGKNRSVEDSYNQLFSVIEQVRAQSEDISTVPIHYAYNMTRVGRMQMLGKYNPQSAKLVREAI
LPTKATLDLSNQNNEDFSAFQLGLAQALDIKVHTMTREVMSDELTKLLEGNLKPAIDMMVEFNTTGSLPENAVDVLNTAL
GDRKSFVALMALMEYSRYLVAEDKSAFVTPLYVEADGVTNGPINAMMLMTGGLFTPDWIRNIAKGGLFIGSPNKTMNEHR
STADNNDLYQASTNALMESLGKLRSNYASNMPIQSQIDSLLSLMDLFLPDINLGENGALELKRGIAKNPLTITIYGSGAR
GIAGKLVSSVTDAIYERMSDVLKARAKDPNISAAMAMFGKQAASEAHAEELLARFLKDMETLTSTVPVKRKGVLELQSTG
TGAKGKINPKTYTIKGEQLKALQENMLHFFVEPLRNGITQTVGESLVYSTEQLQKATQIQSVVLEDMFKQRVQEKLAEKA
KDPTWKKGDFLTQKELNDIQASLNNLAPMIETGSQTFYIAGSENAEVANQVLATNLDDRMRVPMSIYAPAQAGVAGIPFM
TIGTGDGMMMQTLSTMKGAPKNTLKIFDGMNIGLNDITDASRKANEAVYTSWQGNPIKNVYESYAKFMKNVDFSKLSPEA
LEAIGKSALEYDQRENATVDDIANAASLIERNLRNIALGVDIRHKVLDKVNLSIDQMAAVGAPYQNNGKIDLSNMTPEQQ
ADELNKLFREELEARKQKVAKARAEVKEETVSEKEPVNPDFGMVGREHKASGVRILSATAIRNLAKISNLPSTQAATLAE
IQKSLAAKDYKIIYGTPTQVAEYARQKNVTELTSQEMEEAQAGNIYGWTNFDDKTIYLVSPSMETLIHELVHASTFEEVY
SFYQGNEVSPTSKQAIENLEGLMEQFRSLDISKDSPEMREAYADAIATIEGHLSNGFVDPAISKAAALNEFMAWGLANRA
LAAKQKRTSSLVQMVKDVYQAIKKLIWGRKQAPALGEDMFSNLLFNSAILMRSQPTTQAVAKDGTLFHSKAYGNNERLSQ
LNQTFDKLVTDYLRTDPVTEVERRGNVANALMSATRLVRDVQSHGFNMTAQEQSVFQMVTAALATEAAIDPHAMARAQEL
YTHVMKHLTVEHFMADPDSTNPADRYYAQQKYDTISGANLVEVDAKGRTSLLPTFLGLAMVNEELRSIIKEMPVPKADKK
LGNDIDTLLTNAGTQVMESLNRRMAGDQKATNVQDSIDALSETIMAAALKRESFYDAVATPTGNFIDRANQYVTDSIERL
SETVIEKADKVIANPSNIAAKGVAHLAKLTAAIASEKQGEIVAQGVMTAMNQGKVWQPFHDLVNDIVGRTKTNANVYDLI
KLVKSQISQDRQQFREHLPTVIAGKFSRKLTDTEWSAMHTGLGKTDLAVLRETMSMAEIRDLLSSSKKVKDEISTLEKEI
QNQAGRNWNLVQKKSKQLAQYMIMGEVGNNLLRNAHAISRLLGERITNGPVADVAAIDKLITLYSLELMNKSDRDLLSEL
AQSEVEGMEFSIAYMVGQRTEEMRKAKGDNRTLLNHFKGYIPVENQQGVNLIIADDKEFAKLNSQSFTRIGTYQGSTGFR
TGSKGYYFSPVAARAPYSQGILQNVRNTAGGVDIGTGFTLGTMVAGRITDKPTVERITKALAKGERGREPLMPIYNSKGQ
VVAYEQSVDPNMLKHLNQDNHFAKMVGVWRGRQVEEAKAQRFNDILIEQLHAMYEKDIKDSSANKSQYVNLLGKIDDPVL
ADAINLMNIETRHKAEELFGKDELWVRRDMLNDALGYRAASIGDVWTGNSRWSPSTLDTVKKMFLGAFGNKAYHVVMNAE
NTIQNLVKDAKTVIVVKAVVVPAVNFLANIYQMIGRGVPVKDIAVNIPRKTSEINQYIKSRLRQIDAEAELRAAEGNPNL
VRKLKTEIQSITDSHRRMSIWPLIEAGEFSSIADAGISRDDLLVAEGKIHEYMEKLANKLPEKVRNAGRYALIAKDTALF
QGIQKTVEYSDFIAKAIIYDDLVKRKKKSSSEALGQVTEEFINYDRLPGRFRGYMESMGLMWFYNFKIRSIKVAMSMIRN
NPVHSLIATVVPAPTMFGNVGLPIQDNMLTMLAEGRLDYSLGFGQGLRAPTLNPWFNLTH
;
A
#
# COMPACT_ATOMS: atom_id res chain seq x y z
N GLY B 1008 42.18 -56.39 22.07
CA GLY B 1008 41.13 -55.91 21.19
C GLY B 1008 41.62 -55.68 19.78
N ILE B 1009 42.24 -54.52 19.55
CA ILE B 1009 42.77 -54.20 18.23
C ILE B 1009 43.88 -55.18 17.84
N ASP B 1010 44.79 -55.47 18.78
CA ASP B 1010 45.86 -56.42 18.51
C ASP B 1010 45.33 -57.83 18.34
N ALA B 1011 44.28 -58.19 19.07
CA ALA B 1011 43.74 -59.55 18.99
C ALA B 1011 43.21 -59.86 17.60
N VAL B 1012 42.50 -58.92 16.99
CA VAL B 1012 41.92 -59.10 15.66
C VAL B 1012 42.95 -58.68 14.61
N TYR B 1013 42.98 -59.42 13.50
CA TYR B 1013 43.99 -59.34 12.44
C TYR B 1013 45.38 -59.02 13.01
N PRO B 1014 45.97 -59.94 13.78
CA PRO B 1014 47.29 -59.67 14.37
C PRO B 1014 48.46 -59.92 13.44
N SER B 1015 48.20 -60.19 12.16
CA SER B 1015 49.26 -60.49 11.19
C SER B 1015 49.72 -59.25 10.42
N LEU B 1016 49.24 -58.06 10.80
CA LEU B 1016 49.68 -56.84 10.13
C LEU B 1016 51.17 -56.62 10.37
N VAL B 1017 51.85 -56.15 9.33
CA VAL B 1017 53.29 -55.91 9.43
C VAL B 1017 53.55 -54.70 10.33
N GLY B 1018 54.50 -54.85 11.23
CA GLY B 1018 54.87 -53.79 12.15
C GLY B 1018 54.80 -54.26 13.60
N THR B 1019 55.27 -53.37 14.47
CA THR B 1019 55.30 -53.62 15.91
C THR B 1019 54.23 -52.78 16.58
N ALA B 1020 53.39 -53.43 17.41
CA ALA B 1020 52.34 -52.74 18.12
C ALA B 1020 52.87 -51.85 19.24
N ASP B 1021 54.15 -51.98 19.59
CA ASP B 1021 54.73 -51.13 20.63
C ASP B 1021 54.72 -49.67 20.16
N SER B 1022 54.47 -48.77 21.12
CA SER B 1022 54.35 -47.36 20.79
C SER B 1022 55.66 -46.80 20.26
N LYS B 1023 56.69 -46.78 21.09
CA LYS B 1023 58.00 -46.26 20.72
C LYS B 1023 58.97 -47.42 20.54
N ALA B 1024 59.57 -47.51 19.36
CA ALA B 1024 60.55 -48.55 19.09
C ALA B 1024 61.42 -48.12 17.91
N GLU B 1025 62.60 -48.75 17.81
CA GLU B 1025 63.51 -48.45 16.72
C GLU B 1025 63.16 -49.21 15.44
N GLY B 1026 62.30 -50.22 15.53
CA GLY B 1026 61.90 -50.97 14.36
C GLY B 1026 60.77 -50.31 13.59
N ILE B 1027 60.26 -51.03 12.61
CA ILE B 1027 59.14 -50.52 11.82
C ILE B 1027 57.88 -50.50 12.67
N LYS B 1028 56.96 -49.60 12.32
CA LYS B 1028 55.76 -49.37 13.12
C LYS B 1028 54.51 -49.52 12.26
N ASN B 1029 53.46 -50.08 12.85
CA ASN B 1029 52.15 -50.18 12.22
C ASN B 1029 51.23 -49.19 12.92
N TYR B 1030 51.05 -48.03 12.31
CA TYR B 1030 50.29 -46.95 12.94
C TYR B 1030 48.78 -47.16 12.87
N PHE B 1031 48.31 -48.13 12.09
CA PHE B 1031 46.88 -48.42 12.07
C PHE B 1031 46.41 -48.99 13.40
N LYS B 1032 47.23 -49.85 14.02
CA LYS B 1032 46.84 -50.47 15.28
C LYS B 1032 46.77 -49.47 16.44
N LEU B 1033 47.39 -48.30 16.28
CA LEU B 1033 47.34 -47.27 17.33
C LEU B 1033 46.36 -46.16 17.02
N SER B 1034 46.10 -45.89 15.74
CA SER B 1034 45.22 -44.77 15.38
C SER B 1034 43.76 -45.09 15.65
N PHE B 1035 43.34 -46.33 15.39
CA PHE B 1035 41.95 -46.73 15.49
C PHE B 1035 41.79 -47.78 16.59
N THR B 1036 40.78 -47.59 17.44
CA THR B 1036 40.49 -48.52 18.52
C THR B 1036 39.29 -49.39 18.14
N LEU B 1037 38.84 -50.21 19.09
CA LEU B 1037 37.75 -51.15 18.85
C LEU B 1037 36.53 -50.71 19.66
N PRO B 1038 35.46 -50.25 19.03
CA PRO B 1038 34.29 -49.79 19.78
C PRO B 1038 33.65 -50.92 20.58
N GLU B 1039 33.16 -50.57 21.77
CA GLU B 1039 32.61 -51.59 22.66
C GLU B 1039 31.30 -52.17 22.13
N GLU B 1040 30.57 -51.41 21.30
CA GLU B 1040 29.33 -51.88 20.73
C GLU B 1040 29.56 -52.34 19.29
N GLN B 1041 28.48 -52.66 18.59
CA GLN B 1041 28.55 -53.12 17.21
C GLN B 1041 28.09 -52.00 16.28
N LYS B 1042 28.93 -51.68 15.30
CA LYS B 1042 28.62 -50.65 14.31
C LYS B 1042 28.55 -51.19 12.88
N SER B 1043 29.34 -52.21 12.58
CA SER B 1043 29.32 -52.84 11.26
C SER B 1043 29.24 -54.35 11.44
N ARG B 1044 28.57 -55.01 10.50
CA ARG B 1044 28.39 -56.45 10.54
C ARG B 1044 29.54 -57.21 9.88
N THR B 1045 30.51 -56.50 9.30
CA THR B 1045 31.63 -57.13 8.60
C THR B 1045 32.90 -57.14 9.43
N VAL B 1046 32.82 -56.78 10.71
CA VAL B 1046 34.03 -56.76 11.54
C VAL B 1046 34.59 -58.16 11.72
N GLY B 1047 33.72 -59.13 11.99
CA GLY B 1047 34.11 -60.52 12.14
C GLY B 1047 34.05 -61.34 10.87
N SER B 1048 33.82 -60.71 9.72
CA SER B 1048 33.67 -61.43 8.47
C SER B 1048 35.03 -61.63 7.82
N GLU B 1049 35.39 -62.89 7.58
CA GLU B 1049 36.66 -63.19 6.91
C GLU B 1049 36.64 -62.69 5.46
N ALA B 1050 35.53 -62.89 4.77
CA ALA B 1050 35.37 -62.47 3.37
C ALA B 1050 34.11 -61.62 3.27
N PRO B 1051 34.22 -60.32 3.51
CA PRO B 1051 33.03 -59.46 3.47
C PRO B 1051 32.29 -59.47 2.15
N LEU B 1052 33.00 -59.58 1.02
CA LEU B 1052 32.33 -59.58 -0.28
C LEU B 1052 31.45 -60.82 -0.44
N LYS B 1053 31.97 -61.99 -0.07
CA LYS B 1053 31.19 -63.22 -0.21
C LYS B 1053 30.15 -63.37 0.89
N ASP B 1054 30.41 -62.82 2.08
CA ASP B 1054 29.45 -62.92 3.17
C ASP B 1054 28.15 -62.19 2.85
N VAL B 1055 28.25 -61.02 2.22
CA VAL B 1055 27.05 -60.30 1.81
C VAL B 1055 26.46 -60.88 0.53
N ALA B 1056 27.21 -61.70 -0.22
CA ALA B 1056 26.66 -62.34 -1.40
C ALA B 1056 25.53 -63.29 -1.03
N GLN B 1057 25.70 -64.07 0.04
CA GLN B 1057 24.64 -64.96 0.48
C GLN B 1057 23.54 -64.21 1.23
N ALA B 1058 23.81 -62.97 1.65
CA ALA B 1058 22.77 -62.16 2.28
C ALA B 1058 21.80 -61.57 1.26
N LEU B 1059 22.29 -61.22 0.06
CA LEU B 1059 21.45 -60.64 -0.99
C LEU B 1059 21.05 -61.66 -2.04
N SER B 1060 20.87 -62.92 -1.64
CA SER B 1060 20.48 -63.97 -2.57
C SER B 1060 18.98 -64.23 -2.60
N SER B 1061 18.29 -64.01 -1.47
CA SER B 1061 16.86 -64.23 -1.39
C SER B 1061 16.29 -63.36 -0.28
N ARG B 1062 14.95 -63.19 -0.33
CA ARG B 1062 14.29 -62.41 0.71
C ARG B 1062 14.45 -63.05 2.09
N ALA B 1063 14.34 -64.39 2.16
CA ALA B 1063 14.54 -65.08 3.42
C ALA B 1063 15.96 -64.90 3.94
N ARG B 1064 16.95 -65.00 3.04
CA ARG B 1064 18.34 -64.85 3.44
C ARG B 1064 18.61 -63.45 4.00
N TYR B 1065 18.05 -62.42 3.36
CA TYR B 1065 18.25 -61.06 3.82
C TYR B 1065 17.66 -60.81 5.21
N GLU B 1066 16.73 -61.65 5.64
CA GLU B 1066 16.07 -61.42 6.93
C GLU B 1066 17.01 -61.68 8.10
N LEU B 1067 17.73 -62.80 8.08
CA LEU B 1067 18.58 -63.16 9.21
C LEU B 1067 19.73 -62.18 9.39
N PHE B 1068 20.38 -61.79 8.29
CA PHE B 1068 21.58 -60.95 8.40
C PHE B 1068 21.26 -59.59 8.99
N THR B 1069 20.14 -58.98 8.59
CA THR B 1069 19.77 -57.65 9.07
C THR B 1069 19.11 -57.68 10.43
N GLU B 1070 18.80 -58.86 10.97
CA GLU B 1070 18.18 -59.00 12.29
C GLU B 1070 16.88 -58.20 12.39
N LYS B 1071 16.05 -58.30 11.36
CA LYS B 1071 14.75 -57.64 11.32
C LYS B 1071 13.66 -58.67 11.09
N GLU B 1072 12.46 -58.36 11.58
CA GLU B 1072 11.33 -59.29 11.42
C GLU B 1072 10.97 -59.42 9.94
N THR B 1073 10.79 -58.31 9.25
CA THR B 1073 10.44 -58.31 7.85
C THR B 1073 11.29 -57.29 7.10
N ALA B 1074 11.50 -57.56 5.82
CA ALA B 1074 12.29 -56.68 4.97
C ALA B 1074 11.38 -55.73 4.18
N ASN B 1075 12.01 -54.80 3.48
CA ASN B 1075 11.25 -53.86 2.65
C ASN B 1075 10.58 -54.61 1.51
N PRO B 1076 9.27 -54.38 1.28
CA PRO B 1076 8.60 -55.08 0.17
C PRO B 1076 9.18 -54.76 -1.20
N ALA B 1077 9.84 -53.61 -1.37
CA ALA B 1077 10.46 -53.28 -2.64
C ALA B 1077 11.63 -54.21 -2.97
N PHE B 1078 12.14 -54.95 -1.98
CA PHE B 1078 13.24 -55.89 -2.19
C PHE B 1078 12.65 -57.23 -2.67
N ASN B 1079 12.12 -57.20 -3.89
CA ASN B 1079 11.52 -58.37 -4.50
C ASN B 1079 12.51 -59.09 -5.40
N GLY B 1080 12.02 -60.11 -6.10
CA GLY B 1080 12.89 -60.94 -6.92
C GLY B 1080 13.38 -60.33 -8.22
N GLU B 1081 12.78 -59.22 -8.65
CA GLU B 1081 13.20 -58.61 -9.91
C GLU B 1081 14.54 -57.91 -9.75
N VAL B 1082 14.75 -57.21 -8.63
CA VAL B 1082 16.00 -56.50 -8.41
C VAL B 1082 17.14 -57.40 -7.98
N ILE B 1083 16.85 -58.67 -7.66
CA ILE B 1083 17.91 -59.60 -7.25
C ILE B 1083 18.88 -59.82 -8.40
N LYS B 1084 18.36 -60.00 -9.61
CA LYS B 1084 19.23 -60.22 -10.76
C LYS B 1084 20.12 -59.01 -11.04
N ARG B 1085 19.59 -57.80 -10.82
CA ARG B 1085 20.37 -56.59 -11.07
C ARG B 1085 21.56 -56.50 -10.11
N TYR B 1086 21.35 -56.86 -8.84
CA TYR B 1086 22.43 -56.73 -7.86
C TYR B 1086 23.57 -57.69 -8.14
N LYS B 1087 23.27 -58.86 -8.73
CA LYS B 1087 24.33 -59.81 -9.05
C LYS B 1087 25.30 -59.24 -10.09
N GLU B 1088 24.77 -58.56 -11.11
CA GLU B 1088 25.64 -57.97 -12.11
C GLU B 1088 26.49 -56.85 -11.52
N LEU B 1089 25.88 -56.00 -10.70
CA LEU B 1089 26.62 -54.88 -10.12
C LEU B 1089 27.71 -55.36 -9.16
N MET B 1090 27.39 -56.35 -8.31
CA MET B 1090 28.36 -56.81 -7.33
C MET B 1090 29.47 -57.62 -7.99
N GLU B 1091 29.14 -58.36 -9.06
CA GLU B 1091 30.17 -58.99 -9.86
C GLU B 1091 31.09 -57.95 -10.47
N HIS B 1092 30.52 -56.85 -10.94
CA HIS B 1092 31.34 -55.71 -11.39
C HIS B 1092 32.20 -55.18 -10.24
N GLY B 1093 31.69 -55.24 -9.01
CA GLY B 1093 32.46 -54.79 -7.87
C GLY B 1093 33.52 -55.79 -7.44
N GLU B 1094 33.54 -56.96 -8.06
CA GLU B 1094 34.58 -57.94 -7.76
C GLU B 1094 35.78 -57.77 -8.69
N GLY B 1095 35.58 -57.17 -9.86
CA GLY B 1095 36.68 -56.93 -10.77
C GLY B 1095 37.62 -55.82 -10.34
N ILE B 1096 37.11 -54.83 -9.62
CA ILE B 1096 37.95 -53.77 -9.08
C ILE B 1096 38.91 -54.28 -8.01
N ALA B 1097 38.47 -55.20 -7.16
CA ALA B 1097 39.34 -55.74 -6.12
C ALA B 1097 40.60 -56.35 -6.71
N ASP B 1098 40.48 -56.96 -7.90
CA ASP B 1098 41.67 -57.49 -8.57
C ASP B 1098 42.52 -56.36 -9.17
N ILE B 1099 41.87 -55.28 -9.61
CA ILE B 1099 42.62 -54.14 -10.15
C ILE B 1099 43.47 -53.50 -9.06
N LEU B 1100 42.92 -53.35 -7.85
CA LEU B 1100 43.68 -52.76 -6.76
C LEU B 1100 44.89 -53.62 -6.39
N ARG B 1101 44.73 -54.94 -6.39
CA ARG B 1101 45.85 -55.82 -6.10
C ARG B 1101 46.94 -55.69 -7.15
N SER B 1102 46.55 -55.55 -8.43
CA SER B 1102 47.54 -55.39 -9.48
C SER B 1102 48.31 -54.09 -9.33
N ARG B 1103 47.61 -53.01 -8.94
CA ARG B 1103 48.28 -51.72 -8.78
C ARG B 1103 49.25 -51.73 -7.61
N LEU B 1104 48.94 -52.48 -6.55
CA LEU B 1104 49.85 -52.56 -5.40
C LEU B 1104 51.17 -53.21 -5.80
N ALA B 1105 51.12 -54.27 -6.61
CA ALA B 1105 52.34 -54.96 -7.01
C ALA B 1105 53.24 -54.04 -7.84
N LYS B 1106 52.64 -53.23 -8.72
CA LYS B 1106 53.43 -52.31 -9.52
C LYS B 1106 54.15 -51.28 -8.64
N PHE B 1107 53.46 -50.76 -7.63
CA PHE B 1107 54.09 -49.80 -6.73
C PHE B 1107 55.23 -50.43 -5.95
N LEU B 1108 55.06 -51.68 -5.53
CA LEU B 1108 56.11 -52.36 -4.77
C LEU B 1108 57.38 -52.57 -5.59
N ASN B 1109 57.29 -52.58 -6.92
CA ASN B 1109 58.43 -52.80 -7.78
C ASN B 1109 58.93 -51.54 -8.48
N THR B 1110 58.09 -50.54 -8.65
CA THR B 1110 58.52 -49.30 -9.30
C THR B 1110 59.49 -48.55 -8.39
N LYS B 1111 60.65 -48.18 -8.95
CA LYS B 1111 61.70 -47.46 -8.22
C LYS B 1111 62.13 -48.21 -6.97
N ASP B 1112 62.06 -49.54 -7.01
CA ASP B 1112 62.42 -50.45 -5.92
C ASP B 1112 61.98 -49.94 -4.55
N VAL B 1113 60.77 -49.40 -4.47
CA VAL B 1113 60.25 -48.92 -3.18
C VAL B 1113 60.07 -50.09 -2.23
N GLY B 1114 59.47 -51.18 -2.70
CA GLY B 1114 59.34 -52.36 -1.87
C GLY B 1114 60.67 -52.99 -1.51
N LYS B 1115 61.63 -52.94 -2.44
CA LYS B 1115 62.96 -53.46 -2.16
C LYS B 1115 63.65 -52.65 -1.06
N ARG B 1116 63.43 -51.34 -1.04
CA ARG B 1116 64.01 -50.50 0.01
C ARG B 1116 63.50 -50.87 1.40
N PHE B 1117 62.31 -51.46 1.48
CA PHE B 1117 61.77 -51.88 2.77
C PHE B 1117 62.52 -53.06 3.35
N ALA B 1118 63.20 -53.84 2.50
CA ALA B 1118 63.96 -54.99 2.99
C ALA B 1118 65.07 -54.56 3.95
N GLN B 1119 65.74 -53.45 3.63
CA GLN B 1119 66.77 -52.93 4.53
C GLN B 1119 66.17 -52.47 5.86
N GLY B 1120 64.96 -51.90 5.82
CA GLY B 1120 64.31 -51.43 7.04
C GLY B 1120 63.90 -49.98 6.97
N THR B 1121 63.78 -49.44 5.76
CA THR B 1121 63.38 -48.05 5.60
C THR B 1121 61.95 -47.84 6.07
N GLU B 1122 61.69 -46.67 6.65
CA GLU B 1122 60.37 -46.31 7.14
C GLU B 1122 59.52 -45.78 5.99
N ALA B 1123 59.16 -46.70 5.09
CA ALA B 1123 58.37 -46.35 3.91
C ALA B 1123 56.88 -46.21 4.21
N ASN B 1124 56.42 -46.65 5.38
CA ASN B 1124 55.01 -46.54 5.73
C ASN B 1124 54.67 -45.19 6.35
N ARG B 1125 55.65 -44.32 6.56
CA ARG B 1125 55.42 -42.98 7.11
C ARG B 1125 55.48 -41.89 6.06
N TRP B 1126 55.67 -42.23 4.79
CA TRP B 1126 55.75 -41.24 3.74
C TRP B 1126 54.37 -40.65 3.46
N VAL B 1127 54.35 -39.61 2.63
CA VAL B 1127 53.08 -38.98 2.24
C VAL B 1127 52.24 -39.98 1.46
N GLY B 1128 52.84 -40.66 0.49
CA GLY B 1128 52.15 -41.68 -0.27
C GLY B 1128 52.18 -43.08 0.31
N GLY B 1129 53.01 -43.29 1.33
CA GLY B 1129 53.13 -44.59 1.96
C GLY B 1129 52.14 -44.87 3.07
N LYS B 1130 51.20 -43.97 3.34
CA LYS B 1130 50.22 -44.20 4.38
C LYS B 1130 49.31 -45.38 4.04
N LEU B 1131 49.12 -45.65 2.74
CA LEU B 1131 48.34 -46.82 2.34
C LEU B 1131 49.02 -48.11 2.77
N LEU B 1132 50.35 -48.14 2.73
CA LEU B 1132 51.11 -49.34 3.08
C LEU B 1132 50.96 -49.73 4.54
N ASN B 1133 50.44 -48.84 5.39
CA ASN B 1133 50.33 -49.13 6.81
C ASN B 1133 49.44 -50.33 7.11
N ILE B 1134 48.57 -50.72 6.17
CA ILE B 1134 47.65 -51.83 6.36
C ILE B 1134 48.02 -53.02 5.49
N VAL B 1135 49.21 -53.03 4.91
CA VAL B 1135 49.62 -54.14 4.05
C VAL B 1135 50.00 -55.35 4.89
N GLU B 1136 50.08 -56.50 4.25
CA GLU B 1136 50.44 -57.76 4.89
C GLU B 1136 51.81 -58.21 4.42
N GLN B 1137 52.43 -59.10 5.19
CA GLN B 1137 53.75 -59.63 4.88
C GLN B 1137 53.62 -61.04 4.36
N ASP B 1138 54.26 -61.32 3.22
CA ASP B 1138 54.25 -62.64 2.61
C ASP B 1138 55.64 -63.09 2.18
N GLY B 1139 56.69 -62.45 2.70
CA GLY B 1139 58.04 -62.78 2.32
C GLY B 1139 58.71 -61.69 1.51
N ASP B 1140 59.10 -62.02 0.29
CA ASP B 1140 59.73 -61.02 -0.58
C ASP B 1140 58.76 -59.89 -0.93
N THR B 1141 57.50 -60.23 -1.21
CA THR B 1141 56.49 -59.27 -1.60
C THR B 1141 55.44 -59.12 -0.50
N PHE B 1142 54.51 -58.20 -0.73
CA PHE B 1142 53.45 -57.91 0.21
C PHE B 1142 52.09 -58.05 -0.48
N LYS B 1143 51.04 -58.04 0.32
CA LYS B 1143 49.69 -58.18 -0.21
C LYS B 1143 48.70 -57.47 0.72
N TYR B 1144 47.52 -57.18 0.18
CA TYR B 1144 46.49 -56.49 0.94
C TYR B 1144 45.92 -57.40 2.03
N ASN B 1145 45.32 -56.78 3.04
CA ASN B 1145 44.50 -57.50 4.00
C ASN B 1145 43.11 -57.68 3.42
N GLU B 1146 42.67 -58.92 3.30
CA GLU B 1146 41.44 -59.21 2.55
C GLU B 1146 40.23 -58.57 3.20
N GLN B 1147 40.13 -58.65 4.53
CA GLN B 1147 38.95 -58.11 5.21
C GLN B 1147 38.85 -56.60 5.02
N LEU B 1148 39.97 -55.89 5.15
CA LEU B 1148 39.94 -54.43 4.98
C LEU B 1148 39.69 -54.05 3.53
N LEU B 1149 40.26 -54.81 2.59
CA LEU B 1149 40.10 -54.48 1.17
C LEU B 1149 38.68 -54.75 0.70
N GLN B 1150 38.13 -55.91 1.06
CA GLN B 1150 36.79 -56.27 0.59
C GLN B 1150 35.72 -55.37 1.19
N THR B 1151 35.88 -54.96 2.46
CA THR B 1151 34.95 -54.01 3.04
C THR B 1151 35.05 -52.65 2.36
N ALA B 1152 36.26 -52.26 1.95
CA ALA B 1152 36.45 -50.95 1.33
C ALA B 1152 35.69 -50.84 0.02
N VAL B 1153 35.71 -51.88 -0.80
CA VAL B 1153 35.03 -51.81 -2.10
C VAL B 1153 33.52 -51.79 -1.94
N LEU B 1154 32.99 -52.28 -0.83
CA LEU B 1154 31.56 -52.16 -0.56
C LEU B 1154 31.15 -50.70 -0.42
N ALA B 1155 31.99 -49.89 0.23
CA ALA B 1155 31.71 -48.46 0.33
C ALA B 1155 31.75 -47.80 -1.04
N GLY B 1156 32.62 -48.27 -1.94
CA GLY B 1156 32.66 -47.72 -3.28
C GLY B 1156 31.40 -47.99 -4.07
N LEU B 1157 30.86 -49.20 -3.95
CA LEU B 1157 29.64 -49.55 -4.68
C LEU B 1157 28.47 -48.70 -4.20
N GLN B 1158 28.32 -48.55 -2.88
CA GLN B 1158 27.25 -47.71 -2.35
C GLN B 1158 27.45 -46.25 -2.73
N TRP B 1159 28.70 -45.79 -2.71
CA TRP B 1159 28.99 -44.42 -3.13
C TRP B 1159 28.68 -44.24 -4.61
N ARG B 1160 28.89 -45.28 -5.42
CA ARG B 1160 28.67 -45.16 -6.86
C ARG B 1160 27.22 -44.86 -7.19
N LEU B 1161 26.28 -45.50 -6.48
CA LEU B 1161 24.87 -45.36 -6.83
C LEU B 1161 24.32 -43.99 -6.46
N THR B 1162 24.64 -43.50 -5.26
CA THR B 1162 24.01 -42.30 -4.72
C THR B 1162 24.96 -41.14 -4.49
N ALA B 1163 26.06 -41.03 -5.24
CA ALA B 1163 26.96 -39.90 -5.06
C ALA B 1163 26.31 -38.60 -5.53
N THR B 1164 25.75 -38.62 -6.74
CA THR B 1164 25.23 -37.39 -7.35
C THR B 1164 23.99 -36.89 -6.63
N SER B 1165 23.30 -37.77 -5.88
CA SER B 1165 22.06 -37.36 -5.22
C SER B 1165 22.35 -36.49 -3.99
N ASN B 1166 23.58 -36.50 -3.49
CA ASN B 1166 23.92 -35.78 -2.28
C ASN B 1166 24.94 -34.66 -2.47
N THR B 1167 25.53 -34.53 -3.66
CA THR B 1167 26.48 -33.45 -3.91
C THR B 1167 25.77 -32.11 -3.86
N ALA B 1168 26.44 -31.13 -3.25
CA ALA B 1168 25.86 -29.80 -3.11
C ALA B 1168 26.04 -28.99 -4.40
N ILE B 1169 25.64 -27.72 -4.32
CA ILE B 1169 25.76 -26.83 -5.48
C ILE B 1169 26.85 -25.81 -5.22
N LYS B 1170 27.78 -25.68 -6.17
CA LYS B 1170 28.88 -24.75 -6.07
C LYS B 1170 28.37 -23.32 -6.11
N ASP B 1171 28.95 -22.46 -5.26
CA ASP B 1171 28.56 -21.07 -5.17
C ASP B 1171 29.46 -20.21 -6.04
N ALA B 1172 29.10 -18.94 -6.18
CA ALA B 1172 29.84 -18.03 -7.05
C ALA B 1172 31.26 -17.82 -6.54
N LYS B 1173 31.44 -17.67 -5.23
CA LYS B 1173 32.76 -17.38 -4.69
C LYS B 1173 33.72 -18.54 -4.93
N ASP B 1174 33.28 -19.77 -4.66
CA ASP B 1174 34.15 -20.92 -4.84
C ASP B 1174 34.47 -21.15 -6.31
N VAL B 1175 33.50 -20.94 -7.20
CA VAL B 1175 33.75 -21.06 -8.63
C VAL B 1175 34.79 -20.03 -9.07
N ALA B 1176 34.65 -18.79 -8.59
CA ALA B 1176 35.66 -17.78 -8.88
C ALA B 1176 36.98 -18.11 -8.21
N ALA B 1177 36.94 -18.68 -7.00
CA ALA B 1177 38.16 -19.00 -6.27
C ALA B 1177 38.98 -20.05 -7.03
N ILE B 1178 38.32 -21.08 -7.56
CA ILE B 1178 39.05 -22.11 -8.28
C ILE B 1178 39.41 -21.65 -9.68
N THR B 1179 38.84 -20.53 -10.13
CA THR B 1179 39.14 -20.01 -11.46
C THR B 1179 40.08 -18.82 -11.42
N GLY B 1180 40.05 -18.03 -10.35
CA GLY B 1180 40.92 -16.87 -10.24
C GLY B 1180 40.39 -15.60 -10.87
N ILE B 1181 39.22 -15.66 -11.49
CA ILE B 1181 38.60 -14.49 -12.11
C ILE B 1181 37.21 -14.31 -11.51
N ASP B 1182 36.84 -13.05 -11.27
CA ASP B 1182 35.54 -12.75 -10.70
C ASP B 1182 34.42 -13.23 -11.63
N GLN B 1183 33.33 -13.70 -11.03
CA GLN B 1183 32.22 -14.26 -11.79
C GLN B 1183 31.49 -13.21 -12.63
N ALA B 1184 31.75 -11.93 -12.42
CA ALA B 1184 31.18 -10.88 -13.24
C ALA B 1184 31.96 -10.65 -14.53
N LEU B 1185 33.15 -11.23 -14.66
CA LEU B 1185 34.00 -11.03 -15.82
C LEU B 1185 34.32 -12.30 -16.60
N LEU B 1186 34.14 -13.48 -16.02
CA LEU B 1186 34.52 -14.71 -16.70
C LEU B 1186 33.59 -15.00 -17.87
N PRO B 1187 34.08 -15.70 -18.90
CA PRO B 1187 33.22 -16.04 -20.02
C PRO B 1187 32.12 -17.00 -19.60
N GLU B 1188 30.97 -16.90 -20.27
CA GLU B 1188 29.82 -17.74 -19.96
C GLU B 1188 30.06 -19.17 -20.42
N GLY B 1189 29.39 -20.11 -19.76
CA GLY B 1189 29.45 -21.50 -20.15
C GLY B 1189 30.32 -22.36 -19.25
N LEU B 1190 31.47 -21.82 -18.82
CA LEU B 1190 32.36 -22.61 -17.96
C LEU B 1190 31.77 -22.77 -16.56
N VAL B 1191 30.86 -21.87 -16.16
CA VAL B 1191 30.19 -22.03 -14.87
C VAL B 1191 29.31 -23.28 -14.88
N GLU B 1192 28.64 -23.54 -16.00
CA GLU B 1192 27.76 -24.70 -16.10
C GLU B 1192 28.50 -26.02 -15.94
N GLN B 1193 29.81 -26.06 -16.20
CA GLN B 1193 30.54 -27.31 -16.18
C GLN B 1193 30.59 -27.94 -14.79
N PHE B 1194 30.21 -27.20 -13.75
CA PHE B 1194 30.14 -27.77 -12.40
C PHE B 1194 29.00 -28.78 -12.27
N ASP B 1195 28.03 -28.77 -13.18
CA ASP B 1195 26.85 -29.60 -13.02
C ASP B 1195 27.20 -31.08 -13.10
N THR B 1196 28.13 -31.46 -13.98
CA THR B 1196 28.50 -32.85 -14.16
C THR B 1196 29.76 -33.24 -13.40
N GLY B 1197 30.75 -32.36 -13.33
CA GLY B 1197 32.03 -32.67 -12.72
C GLY B 1197 32.13 -32.16 -11.30
N MET B 1198 33.01 -32.78 -10.53
CA MET B 1198 33.32 -32.37 -9.16
C MET B 1198 34.83 -32.34 -8.99
N THR B 1199 35.31 -31.44 -8.14
CA THR B 1199 36.75 -31.26 -7.96
C THR B 1199 37.34 -32.47 -7.22
N LEU B 1200 38.66 -32.40 -7.02
CA LEU B 1200 39.37 -33.52 -6.38
C LEU B 1200 38.92 -33.70 -4.94
N THR B 1201 38.89 -32.62 -4.16
CA THR B 1201 38.57 -32.70 -2.74
C THR B 1201 37.16 -33.20 -2.50
N GLU B 1202 36.19 -32.75 -3.31
CA GLU B 1202 34.80 -33.18 -3.11
C GLU B 1202 34.66 -34.69 -3.30
N ALA B 1203 35.33 -35.24 -4.31
CA ALA B 1203 35.20 -36.67 -4.59
C ALA B 1203 35.86 -37.51 -3.51
N VAL B 1204 37.09 -37.17 -3.12
CA VAL B 1204 37.82 -38.00 -2.18
C VAL B 1204 37.23 -37.89 -0.78
N SER B 1205 36.78 -36.70 -0.37
CA SER B 1205 36.26 -36.54 0.99
C SER B 1205 34.97 -37.33 1.19
N SER B 1206 34.08 -37.29 0.20
CA SER B 1206 32.80 -38.02 0.33
C SER B 1206 33.05 -39.52 0.38
N LEU B 1207 33.96 -40.03 -0.44
CA LEU B 1207 34.24 -41.46 -0.46
C LEU B 1207 34.97 -41.90 0.80
N ALA B 1208 35.80 -41.02 1.37
CA ALA B 1208 36.56 -41.37 2.56
C ALA B 1208 35.64 -41.62 3.76
N GLN B 1209 34.58 -40.82 3.89
CA GLN B 1209 33.68 -40.97 5.03
C GLN B 1209 32.99 -42.34 5.03
N LYS B 1210 32.56 -42.80 3.84
CA LYS B 1210 31.88 -44.08 3.76
C LYS B 1210 32.80 -45.23 4.14
N ILE B 1211 34.06 -45.18 3.72
CA ILE B 1211 35.00 -46.26 4.02
C ILE B 1211 35.23 -46.34 5.53
N GLU B 1212 35.43 -45.20 6.18
CA GLU B 1212 35.66 -45.19 7.62
C GLU B 1212 34.43 -45.69 8.37
N SER B 1213 33.24 -45.28 7.94
CA SER B 1213 32.02 -45.72 8.60
C SER B 1213 31.82 -47.22 8.47
N TYR B 1214 32.12 -47.78 7.30
CA TYR B 1214 31.91 -49.21 7.07
C TYR B 1214 32.89 -50.07 7.85
N TRP B 1215 34.10 -49.56 8.14
CA TRP B 1215 35.05 -50.33 8.92
C TRP B 1215 34.60 -50.52 10.37
N GLY B 1216 33.76 -49.63 10.88
CA GLY B 1216 33.24 -49.79 12.23
C GLY B 1216 34.28 -49.65 13.32
N LEU B 1217 35.17 -48.66 13.21
CA LEU B 1217 36.20 -48.43 14.20
C LEU B 1217 36.21 -46.96 14.61
N SER B 1218 36.56 -46.71 15.86
CA SER B 1218 36.63 -45.36 16.39
C SER B 1218 38.04 -44.79 16.22
N ARG B 1219 38.19 -43.53 16.63
CA ARG B 1219 39.45 -42.82 16.50
C ARG B 1219 40.06 -42.57 17.88
N ASN B 1220 41.34 -42.86 18.02
CA ASN B 1220 42.04 -42.60 19.27
C ASN B 1220 42.35 -41.12 19.40
N PRO B 1221 41.94 -40.46 20.49
CA PRO B 1221 42.20 -39.03 20.64
C PRO B 1221 43.68 -38.69 20.84
N ASN B 1222 44.54 -39.68 21.10
CA ASN B 1222 45.96 -39.46 21.34
C ASN B 1222 46.80 -39.98 20.17
N ALA B 1223 46.31 -39.76 18.95
CA ALA B 1223 47.01 -40.19 17.75
C ALA B 1223 47.16 -39.01 16.79
N PRO B 1224 48.23 -38.99 15.98
CA PRO B 1224 48.43 -37.86 15.07
C PRO B 1224 47.30 -37.75 14.05
N LEU B 1225 46.99 -36.51 13.69
CA LEU B 1225 45.93 -36.25 12.71
C LEU B 1225 46.30 -36.69 11.31
N GLY B 1226 47.57 -36.98 11.04
CA GLY B 1226 47.99 -37.47 9.75
C GLY B 1226 47.77 -38.94 9.51
N TYR B 1227 47.29 -39.67 10.52
CA TYR B 1227 47.01 -41.10 10.40
C TYR B 1227 45.55 -41.44 10.64
N THR B 1228 44.91 -40.81 11.63
CA THR B 1228 43.49 -41.03 11.84
C THR B 1228 42.64 -40.40 10.75
N LYS B 1229 43.23 -39.51 9.93
CA LYS B 1229 42.51 -38.87 8.84
C LYS B 1229 43.15 -39.09 7.48
N GLY B 1230 44.36 -39.64 7.43
CA GLY B 1230 45.04 -39.82 6.16
C GLY B 1230 44.93 -41.22 5.60
N ILE B 1231 44.84 -42.22 6.48
CA ILE B 1231 44.75 -43.61 6.05
C ILE B 1231 43.47 -43.84 5.25
N PRO B 1232 42.27 -43.43 5.75
CA PRO B 1232 41.08 -43.56 4.90
C PRO B 1232 41.16 -42.76 3.61
N THR B 1233 41.78 -41.58 3.64
CA THR B 1233 41.91 -40.77 2.44
C THR B 1233 42.81 -41.44 1.40
N ALA B 1234 43.91 -42.06 1.85
CA ALA B 1234 44.75 -42.80 0.92
C ALA B 1234 44.01 -43.99 0.33
N MET B 1235 43.19 -44.67 1.14
CA MET B 1235 42.37 -45.76 0.62
C MET B 1235 41.34 -45.23 -0.36
N ALA B 1236 40.71 -44.10 -0.03
CA ALA B 1236 39.68 -43.53 -0.90
C ALA B 1236 40.26 -43.12 -2.24
N ALA B 1237 41.47 -42.54 -2.25
CA ALA B 1237 42.08 -42.13 -3.51
C ALA B 1237 42.41 -43.33 -4.39
N GLU B 1238 42.64 -44.50 -3.79
CA GLU B 1238 42.95 -45.69 -4.58
C GLU B 1238 41.72 -46.23 -5.28
N ILE B 1239 40.57 -46.23 -4.59
CA ILE B 1239 39.34 -46.72 -5.19
C ILE B 1239 38.91 -45.83 -6.35
N LEU B 1240 39.00 -44.51 -6.16
CA LEU B 1240 38.64 -43.58 -7.23
C LEU B 1240 39.55 -43.77 -8.44
N ALA B 1241 40.85 -44.00 -8.21
CA ALA B 1241 41.76 -44.26 -9.32
C ALA B 1241 41.42 -45.57 -10.01
N ALA B 1242 41.01 -46.59 -9.25
CA ALA B 1242 40.60 -47.85 -9.86
C ALA B 1242 39.34 -47.66 -10.71
N PHE B 1243 38.39 -46.88 -10.20
CA PHE B 1243 37.14 -46.65 -10.93
C PHE B 1243 37.35 -45.87 -12.22
N VAL B 1244 38.23 -44.87 -12.21
CA VAL B 1244 38.39 -44.03 -13.41
C VAL B 1244 39.00 -44.83 -14.57
N GLU B 1245 39.86 -45.81 -14.27
CA GLU B 1245 40.42 -46.66 -15.31
C GLU B 1245 39.49 -47.80 -15.70
N SER B 1246 38.42 -48.01 -14.92
CA SER B 1246 37.44 -49.05 -15.21
C SER B 1246 36.23 -48.52 -15.96
N THR B 1247 36.31 -47.29 -16.49
CA THR B 1247 35.29 -46.61 -17.29
C THR B 1247 34.05 -46.23 -16.47
N ASP B 1248 34.00 -46.57 -15.18
CA ASP B 1248 32.87 -46.14 -14.36
C ASP B 1248 32.92 -44.63 -14.10
N VAL B 1249 34.13 -44.08 -14.01
CA VAL B 1249 34.34 -42.65 -13.79
C VAL B 1249 35.20 -42.12 -14.92
N VAL B 1250 34.83 -40.95 -15.45
CA VAL B 1250 35.58 -40.30 -16.52
C VAL B 1250 36.19 -39.03 -15.96
N GLU B 1251 37.50 -38.86 -16.18
CA GLU B 1251 38.24 -37.73 -15.68
C GLU B 1251 38.46 -36.72 -16.80
N ASN B 1252 38.08 -35.46 -16.55
CA ASN B 1252 38.24 -34.38 -17.50
C ASN B 1252 39.24 -33.37 -16.94
N ILE B 1253 40.27 -33.06 -17.73
CA ILE B 1253 41.28 -32.10 -17.36
C ILE B 1253 41.03 -30.82 -18.14
N VAL B 1254 40.89 -29.70 -17.45
CA VAL B 1254 40.58 -28.42 -18.05
C VAL B 1254 41.83 -27.55 -18.01
N ASP B 1255 42.27 -27.10 -19.18
CA ASP B 1255 43.39 -26.17 -19.30
C ASP B 1255 42.84 -24.75 -19.27
N MET B 1256 43.25 -23.99 -18.26
CA MET B 1256 42.67 -22.68 -18.00
C MET B 1256 43.46 -21.55 -18.65
N SER B 1257 44.55 -21.86 -19.37
CA SER B 1257 45.31 -20.83 -20.05
C SER B 1257 44.63 -20.35 -21.33
N GLU B 1258 43.65 -21.10 -21.84
CA GLU B 1258 42.98 -20.71 -23.07
C GLU B 1258 42.09 -19.48 -22.86
N ILE B 1259 41.30 -19.49 -21.79
CA ILE B 1259 40.41 -18.36 -21.52
C ILE B 1259 41.22 -17.13 -21.11
N ASP B 1260 42.27 -17.32 -20.31
CA ASP B 1260 43.17 -16.24 -19.95
C ASP B 1260 44.57 -16.80 -19.80
N PRO B 1261 45.55 -16.26 -20.53
CA PRO B 1261 46.91 -16.82 -20.46
C PRO B 1261 47.53 -16.76 -19.09
N ASP B 1262 47.21 -15.73 -18.29
CA ASP B 1262 47.84 -15.58 -16.98
C ASP B 1262 47.43 -16.67 -16.00
N ASN B 1263 46.30 -17.34 -16.25
CA ASN B 1263 45.83 -18.40 -15.36
C ASN B 1263 46.55 -19.69 -15.72
N LYS B 1264 47.65 -19.97 -15.02
CA LYS B 1264 48.44 -21.18 -15.27
C LYS B 1264 47.83 -22.41 -14.60
N LYS B 1265 46.79 -22.23 -13.80
CA LYS B 1265 46.18 -23.37 -13.12
C LYS B 1265 45.55 -24.33 -14.12
N THR B 1266 45.57 -25.62 -13.78
CA THR B 1266 44.99 -26.68 -14.61
C THR B 1266 44.09 -27.50 -13.71
N ILE B 1267 42.82 -27.10 -13.61
CA ILE B 1267 41.86 -27.77 -12.74
C ILE B 1267 41.42 -29.08 -13.37
N GLY B 1268 40.81 -29.94 -12.58
CA GLY B 1268 40.32 -31.22 -13.07
C GLY B 1268 38.94 -31.52 -12.53
N LEU B 1269 38.10 -32.08 -13.39
CA LEU B 1269 36.72 -32.41 -13.06
C LEU B 1269 36.49 -33.90 -13.28
N TYR B 1270 35.77 -34.52 -12.35
CA TYR B 1270 35.48 -35.94 -12.41
C TYR B 1270 33.98 -36.15 -12.57
N THR B 1271 33.60 -36.98 -13.53
CA THR B 1271 32.19 -37.28 -13.81
C THR B 1271 31.96 -38.78 -13.68
N ILE B 1272 30.80 -39.15 -13.14
CA ILE B 1272 30.47 -40.53 -12.87
C ILE B 1272 29.36 -40.96 -13.82
N THR B 1273 29.54 -42.11 -14.46
CA THR B 1273 28.55 -42.61 -15.41
C THR B 1273 27.24 -42.90 -14.70
N GLU B 1274 26.13 -42.64 -15.39
CA GLU B 1274 24.81 -42.79 -14.78
C GLU B 1274 24.08 -43.99 -15.36
N LEU B 1275 23.30 -44.66 -14.50
CA LEU B 1275 22.51 -45.79 -14.93
C LEU B 1275 21.29 -45.31 -15.71
N ASP B 1276 20.63 -46.25 -16.38
CA ASP B 1276 19.45 -45.93 -17.17
C ASP B 1276 18.27 -45.62 -16.25
N SER B 1277 17.30 -44.87 -16.78
CA SER B 1277 16.15 -44.43 -15.99
C SER B 1277 15.32 -45.62 -15.50
N PHE B 1278 15.13 -46.62 -16.36
CA PHE B 1278 14.27 -47.75 -16.03
C PHE B 1278 14.99 -48.85 -15.25
N ASP B 1279 16.25 -48.62 -14.88
CA ASP B 1279 17.03 -49.65 -14.20
C ASP B 1279 16.34 -50.06 -12.89
N PRO B 1280 16.16 -51.35 -12.64
CA PRO B 1280 15.49 -51.77 -11.39
C PRO B 1280 16.26 -51.39 -10.14
N ILE B 1281 17.56 -51.12 -10.24
CA ILE B 1281 18.33 -50.74 -9.05
C ILE B 1281 17.83 -49.43 -8.48
N ASN B 1282 17.24 -48.58 -9.31
CA ASN B 1282 16.69 -47.31 -8.83
C ASN B 1282 15.55 -47.51 -7.85
N SER B 1283 14.88 -48.66 -7.89
CA SER B 1283 13.77 -48.91 -6.97
C SER B 1283 14.25 -49.02 -5.54
N PHE B 1284 15.25 -49.85 -5.29
CA PHE B 1284 15.79 -50.07 -3.94
C PHE B 1284 17.31 -49.98 -3.99
N PRO B 1285 17.86 -48.77 -4.10
CA PRO B 1285 19.31 -48.61 -4.26
C PRO B 1285 20.11 -48.71 -2.97
N THR B 1286 19.46 -48.78 -1.81
CA THR B 1286 20.16 -48.79 -0.53
C THR B 1286 20.13 -50.14 0.16
N ALA B 1287 20.17 -51.23 -0.60
CA ALA B 1287 20.20 -52.55 0.02
C ALA B 1287 21.53 -52.82 0.71
N ILE B 1288 22.64 -52.41 0.08
CA ILE B 1288 23.95 -52.65 0.66
C ILE B 1288 24.14 -51.83 1.92
N GLU B 1289 23.71 -50.56 1.89
CA GLU B 1289 23.94 -49.67 3.03
C GLU B 1289 23.23 -50.16 4.28
N GLU B 1290 22.00 -50.65 4.13
CA GLU B 1290 21.24 -51.13 5.27
C GLU B 1290 21.63 -52.54 5.70
N ALA B 1291 22.49 -53.22 4.94
CA ALA B 1291 22.95 -54.56 5.28
C ALA B 1291 24.29 -54.57 6.00
N VAL B 1292 25.21 -53.68 5.63
CA VAL B 1292 26.53 -53.63 6.26
C VAL B 1292 26.57 -52.73 7.48
N LEU B 1293 25.54 -51.92 7.71
CA LEU B 1293 25.49 -51.00 8.84
C LEU B 1293 24.42 -51.42 9.82
N VAL B 1294 24.37 -50.72 10.95
CA VAL B 1294 23.37 -50.96 11.98
C VAL B 1294 22.38 -49.80 12.07
N ASN B 1295 22.85 -48.57 11.87
CA ASN B 1295 22.01 -47.38 11.89
C ASN B 1295 22.23 -46.63 10.59
N PRO B 1296 21.59 -47.07 9.51
CA PRO B 1296 21.83 -46.46 8.20
C PRO B 1296 21.41 -45.00 8.16
N THR B 1297 22.15 -44.21 7.38
CA THR B 1297 21.85 -42.80 7.19
C THR B 1297 21.09 -42.52 5.90
N GLU B 1298 21.22 -43.39 4.90
CA GLU B 1298 20.50 -43.25 3.63
C GLU B 1298 19.29 -44.17 3.71
N LYS B 1299 18.10 -43.59 3.84
CA LYS B 1299 16.89 -44.37 4.03
C LYS B 1299 15.69 -43.52 3.65
N MET B 1300 14.55 -44.19 3.48
CA MET B 1300 13.26 -43.55 3.36
C MET B 1300 12.33 -44.12 4.42
N PHE B 1301 11.66 -43.25 5.15
CA PHE B 1301 10.89 -43.64 6.33
C PHE B 1301 9.42 -43.78 5.95
N PHE B 1302 8.87 -44.98 6.14
CA PHE B 1302 7.48 -45.28 5.83
C PHE B 1302 6.77 -45.76 7.08
N GLY B 1303 5.55 -45.28 7.28
CA GLY B 1303 4.74 -45.72 8.40
C GLY B 1303 5.14 -45.16 9.74
N ASP B 1304 5.59 -46.02 10.64
CA ASP B 1304 5.94 -45.62 11.99
C ASP B 1304 7.41 -45.26 12.15
N ASP B 1305 8.20 -45.31 11.08
CA ASP B 1305 9.60 -44.92 11.16
C ASP B 1305 9.71 -43.42 11.40
N ILE B 1306 10.55 -43.04 12.35
CA ILE B 1306 10.72 -41.63 12.70
C ILE B 1306 12.20 -41.28 12.63
N PRO B 1307 12.59 -40.24 11.89
CA PRO B 1307 14.00 -39.88 11.82
C PRO B 1307 14.51 -39.42 13.17
N PRO B 1308 15.79 -39.64 13.47
CA PRO B 1308 16.35 -39.16 14.74
C PRO B 1308 16.53 -37.65 14.76
N VAL B 1309 17.05 -37.12 15.86
CA VAL B 1309 17.25 -35.69 16.05
C VAL B 1309 18.75 -35.41 16.02
N ALA B 1310 19.15 -34.48 15.16
CA ALA B 1310 20.56 -34.12 15.05
C ALA B 1310 21.05 -33.46 16.33
N ASN B 1311 22.32 -33.72 16.66
CA ASN B 1311 22.91 -33.19 17.89
C ASN B 1311 23.78 -31.96 17.64
N THR B 1312 24.15 -31.68 16.39
CA THR B 1312 25.01 -30.54 16.08
C THR B 1312 24.48 -29.86 14.83
N GLN B 1313 24.92 -28.61 14.64
CA GLN B 1313 24.50 -27.84 13.47
C GLN B 1313 25.06 -28.45 12.19
N LEU B 1314 24.63 -27.89 11.06
CA LEU B 1314 25.08 -28.37 9.76
C LEU B 1314 26.48 -27.86 9.48
N ARG B 1315 27.43 -28.79 9.39
CA ARG B 1315 28.84 -28.46 9.11
C ARG B 1315 29.38 -27.47 10.15
N ASN B 1316 29.09 -27.76 11.42
CA ASN B 1316 29.59 -26.95 12.53
C ASN B 1316 29.58 -27.82 13.79
N PRO B 1317 30.51 -28.77 13.88
CA PRO B 1317 30.52 -29.69 15.04
C PRO B 1317 30.75 -28.99 16.37
N ALA B 1318 31.36 -27.81 16.37
CA ALA B 1318 31.65 -27.12 17.62
C ALA B 1318 30.41 -26.48 18.25
N VAL B 1319 29.31 -26.40 17.52
CA VAL B 1319 28.08 -25.77 18.00
C VAL B 1319 27.02 -26.84 18.19
N ARG B 1320 26.41 -26.86 19.37
CA ARG B 1320 25.35 -27.80 19.69
C ARG B 1320 23.98 -27.16 19.47
N ASN B 1321 22.97 -28.01 19.35
CA ASN B 1321 21.60 -27.56 19.17
C ASN B 1321 20.96 -27.34 20.54
N THR B 1322 20.38 -26.16 20.73
CA THR B 1322 19.74 -25.83 21.99
C THR B 1322 18.49 -26.69 22.19
N PRO B 1323 18.10 -26.94 23.44
CA PRO B 1323 16.89 -27.74 23.68
C PRO B 1323 15.64 -27.16 23.04
N GLU B 1324 15.53 -25.84 22.98
CA GLU B 1324 14.41 -25.23 22.27
C GLU B 1324 14.48 -25.54 20.78
N GLN B 1325 15.69 -25.50 20.20
CA GLN B 1325 15.85 -25.83 18.80
C GLN B 1325 15.53 -27.30 18.53
N LYS B 1326 15.91 -28.19 19.45
CA LYS B 1326 15.65 -29.61 19.27
C LYS B 1326 14.17 -29.93 19.33
N ALA B 1327 13.36 -29.07 19.95
CA ALA B 1327 11.91 -29.32 20.00
C ALA B 1327 11.28 -29.09 18.63
N ALA B 1328 11.76 -28.10 17.89
CA ALA B 1328 11.23 -27.85 16.55
C ALA B 1328 11.57 -28.99 15.59
N LEU B 1329 12.74 -29.60 15.75
CA LEU B 1329 13.11 -30.72 14.90
C LEU B 1329 12.17 -31.90 15.07
N LYS B 1330 11.78 -32.19 16.31
CA LYS B 1330 10.88 -33.32 16.56
C LYS B 1330 9.52 -33.10 15.93
N ALA B 1331 9.01 -31.87 15.99
CA ALA B 1331 7.68 -31.59 15.43
C ALA B 1331 7.68 -31.66 13.91
N GLU B 1332 8.70 -31.07 13.27
CA GLU B 1332 8.73 -31.03 11.81
C GLU B 1332 8.86 -32.42 11.22
N GLN B 1333 9.72 -33.27 11.80
CA GLN B 1333 9.93 -34.61 11.27
C GLN B 1333 8.75 -35.54 11.52
N ALA B 1334 7.79 -35.15 12.35
CA ALA B 1334 6.63 -35.97 12.63
C ALA B 1334 5.48 -35.75 11.66
N THR B 1335 5.57 -34.75 10.78
CA THR B 1335 4.52 -34.49 9.81
C THR B 1335 4.58 -35.51 8.68
N GLU B 1336 3.44 -36.10 8.37
CA GLU B 1336 3.36 -37.15 7.35
C GLU B 1336 2.98 -36.55 6.00
N PHE B 1337 3.63 -37.04 4.95
CA PHE B 1337 3.37 -36.63 3.58
C PHE B 1337 2.67 -37.74 2.82
N TYR B 1338 2.05 -37.36 1.70
CA TYR B 1338 1.35 -38.30 0.85
C TYR B 1338 1.57 -37.92 -0.61
N VAL B 1339 1.40 -38.89 -1.50
CA VAL B 1339 1.62 -38.72 -2.93
C VAL B 1339 0.29 -38.51 -3.62
N HIS B 1340 0.22 -37.48 -4.47
CA HIS B 1340 -1.00 -37.15 -5.19
C HIS B 1340 -1.09 -38.01 -6.44
N THR B 1341 -1.97 -39.01 -6.41
CA THR B 1341 -2.09 -39.93 -7.54
C THR B 1341 -2.51 -39.26 -8.84
N PRO B 1342 -3.53 -38.38 -8.87
CA PRO B 1342 -3.93 -37.79 -10.16
C PRO B 1342 -2.85 -36.95 -10.82
N MET B 1343 -1.86 -36.48 -10.07
CA MET B 1343 -0.82 -35.63 -10.66
C MET B 1343 0.34 -36.42 -11.25
N VAL B 1344 0.67 -37.58 -10.67
CA VAL B 1344 1.77 -38.38 -11.22
C VAL B 1344 1.39 -38.97 -12.56
N GLN B 1345 0.10 -39.26 -12.78
CA GLN B 1345 -0.33 -39.78 -14.06
C GLN B 1345 -0.18 -38.73 -15.16
N PHE B 1346 -0.48 -37.47 -14.85
CA PHE B 1346 -0.34 -36.41 -15.84
C PHE B 1346 1.12 -36.21 -16.24
N TYR B 1347 2.04 -36.28 -15.27
CA TYR B 1347 3.44 -36.08 -15.57
C TYR B 1347 3.99 -37.15 -16.50
N GLU B 1348 3.66 -38.42 -16.22
CA GLU B 1348 4.22 -39.50 -17.03
C GLU B 1348 3.57 -39.61 -18.40
N THR B 1349 2.28 -39.25 -18.52
CA THR B 1349 1.63 -39.28 -19.82
C THR B 1349 2.20 -38.21 -20.75
N LEU B 1350 2.50 -37.03 -20.20
CA LEU B 1350 3.07 -35.96 -21.03
C LEU B 1350 4.43 -36.35 -21.59
N GLY B 1351 5.26 -36.99 -20.78
CA GLY B 1351 6.57 -37.42 -21.22
C GLY B 1351 7.66 -36.47 -20.78
N LYS B 1352 8.87 -37.01 -20.61
CA LYS B 1352 9.99 -36.20 -20.17
C LYS B 1352 10.38 -35.16 -21.22
N ASP B 1353 10.40 -35.56 -22.49
CA ASP B 1353 10.81 -34.64 -23.55
C ASP B 1353 9.83 -33.48 -23.69
N ARG B 1354 8.53 -33.76 -23.60
CA ARG B 1354 7.53 -32.71 -23.71
C ARG B 1354 7.58 -31.76 -22.52
N ILE B 1355 7.93 -32.28 -21.34
CA ILE B 1355 8.06 -31.41 -20.16
C ILE B 1355 9.18 -30.42 -20.36
N LEU B 1356 10.31 -30.87 -20.91
CA LEU B 1356 11.44 -29.98 -21.15
C LEU B 1356 11.09 -28.87 -22.11
N GLU B 1357 10.37 -29.19 -23.20
CA GLU B 1357 9.99 -28.17 -24.16
C GLU B 1357 9.01 -27.17 -23.54
N LEU B 1358 8.02 -27.66 -22.79
CA LEU B 1358 7.03 -26.77 -22.20
C LEU B 1358 7.65 -25.89 -21.12
N MET B 1359 8.36 -26.49 -20.18
CA MET B 1359 8.92 -25.73 -19.06
C MET B 1359 10.14 -24.91 -19.49
N GLY B 1360 11.02 -25.51 -20.29
CA GLY B 1360 12.24 -24.83 -20.73
C GLY B 1360 11.99 -23.87 -21.86
N ALA B 1361 13.00 -23.73 -22.73
CA ALA B 1361 12.94 -22.85 -23.89
C ALA B 1361 12.60 -23.61 -25.17
N GLY B 1362 11.81 -24.67 -25.06
CA GLY B 1362 11.44 -25.44 -26.23
C GLY B 1362 12.58 -26.31 -26.73
N THR B 1363 12.41 -26.76 -27.98
CA THR B 1363 13.43 -27.57 -28.63
C THR B 1363 14.69 -26.75 -28.84
N LEU B 1364 15.84 -27.42 -28.70
CA LEU B 1364 17.13 -26.76 -28.81
C LEU B 1364 17.79 -27.14 -30.13
N ASN B 1365 18.26 -26.13 -30.85
CA ASN B 1365 19.00 -26.33 -32.09
C ASN B 1365 20.02 -25.21 -32.23
N LYS B 1366 21.29 -25.58 -32.37
CA LYS B 1366 22.36 -24.60 -32.37
C LYS B 1366 22.32 -23.67 -33.58
N GLU B 1367 21.62 -24.06 -34.65
CA GLU B 1367 21.58 -23.22 -35.85
C GLU B 1367 20.83 -21.93 -35.62
N LEU B 1368 19.76 -21.96 -34.81
CA LEU B 1368 18.92 -20.79 -34.57
C LEU B 1368 19.02 -20.30 -33.14
N LEU B 1369 20.18 -20.47 -32.50
CA LEU B 1369 20.39 -20.05 -31.13
C LEU B 1369 21.73 -19.32 -31.01
N ASN B 1370 21.74 -18.24 -30.23
CA ASN B 1370 22.98 -17.52 -29.98
C ASN B 1370 23.95 -18.40 -29.19
N ASP B 1371 25.25 -18.18 -29.41
CA ASP B 1371 26.27 -19.00 -28.76
C ASP B 1371 26.23 -18.84 -27.25
N ASN B 1372 26.16 -17.59 -26.77
CA ASN B 1372 26.11 -17.36 -25.33
C ASN B 1372 24.74 -17.68 -24.75
N HIS B 1373 23.68 -17.54 -25.55
CA HIS B 1373 22.34 -17.85 -25.06
C HIS B 1373 22.11 -19.35 -24.95
N ALA B 1374 22.66 -20.13 -25.89
CA ALA B 1374 22.42 -21.57 -25.89
C ALA B 1374 23.02 -22.24 -24.66
N LYS B 1375 24.24 -21.84 -24.27
CA LYS B 1375 24.89 -22.45 -23.12
C LYS B 1375 24.20 -22.12 -21.81
N SER B 1376 23.48 -21.00 -21.75
CA SER B 1376 22.74 -20.66 -20.53
C SER B 1376 21.54 -21.57 -20.33
N LEU B 1377 20.90 -22.01 -21.42
CA LEU B 1377 19.73 -22.87 -21.33
C LEU B 1377 20.07 -24.29 -20.87
N GLU B 1378 21.35 -24.68 -20.88
CA GLU B 1378 21.72 -26.02 -20.45
C GLU B 1378 21.39 -26.22 -18.97
N GLY B 1379 21.65 -25.21 -18.15
CA GLY B 1379 21.34 -25.34 -16.73
C GLY B 1379 19.86 -25.51 -16.47
N LYS B 1380 19.03 -24.82 -17.25
CA LYS B 1380 17.58 -24.98 -17.11
C LYS B 1380 17.14 -26.39 -17.46
N ASN B 1381 17.70 -26.96 -18.53
CA ASN B 1381 17.32 -28.32 -18.92
C ASN B 1381 17.88 -29.36 -17.95
N ARG B 1382 19.07 -29.11 -17.41
CA ARG B 1382 19.70 -30.09 -16.52
C ARG B 1382 18.89 -30.27 -15.23
N SER B 1383 18.41 -29.18 -14.65
CA SER B 1383 17.70 -29.27 -13.38
C SER B 1383 16.38 -30.01 -13.52
N VAL B 1384 15.63 -29.75 -14.60
CA VAL B 1384 14.33 -30.39 -14.78
C VAL B 1384 14.51 -31.89 -15.00
N GLU B 1385 15.48 -32.29 -15.81
CA GLU B 1385 15.68 -33.71 -16.10
C GLU B 1385 16.08 -34.48 -14.84
N ASP B 1386 16.96 -33.91 -14.02
CA ASP B 1386 17.37 -34.58 -12.80
C ASP B 1386 16.23 -34.66 -11.79
N SER B 1387 15.46 -33.58 -11.66
CA SER B 1387 14.33 -33.58 -10.73
C SER B 1387 13.25 -34.56 -11.16
N TYR B 1388 13.00 -34.66 -12.47
CA TYR B 1388 12.01 -35.61 -12.97
C TYR B 1388 12.43 -37.04 -12.68
N ASN B 1389 13.70 -37.37 -12.89
CA ASN B 1389 14.17 -38.72 -12.66
C ASN B 1389 14.13 -39.09 -11.18
N GLN B 1390 14.49 -38.15 -10.30
CA GLN B 1390 14.48 -38.43 -8.87
C GLN B 1390 13.08 -38.68 -8.36
N LEU B 1391 12.10 -37.91 -8.85
CA LEU B 1391 10.73 -38.05 -8.37
C LEU B 1391 10.16 -39.43 -8.68
N PHE B 1392 10.39 -39.91 -9.91
CA PHE B 1392 9.82 -41.20 -10.30
C PHE B 1392 10.59 -42.38 -9.75
N SER B 1393 11.81 -42.17 -9.25
CA SER B 1393 12.51 -43.23 -8.55
C SER B 1393 11.92 -43.45 -7.16
N VAL B 1394 11.46 -42.38 -6.51
CA VAL B 1394 10.81 -42.50 -5.22
C VAL B 1394 9.45 -43.18 -5.37
N ILE B 1395 8.73 -42.86 -6.43
CA ILE B 1395 7.37 -43.40 -6.62
C ILE B 1395 7.43 -44.92 -6.80
N GLU B 1396 8.47 -45.41 -7.47
CA GLU B 1396 8.59 -46.86 -7.68
C GLU B 1396 8.70 -47.60 -6.35
N GLN B 1397 9.48 -47.06 -5.41
CA GLN B 1397 9.58 -47.68 -4.09
C GLN B 1397 8.27 -47.60 -3.34
N VAL B 1398 7.58 -46.47 -3.43
CA VAL B 1398 6.32 -46.30 -2.70
C VAL B 1398 5.25 -47.21 -3.25
N ARG B 1399 5.19 -47.37 -4.58
CA ARG B 1399 4.15 -48.18 -5.20
C ARG B 1399 4.26 -49.66 -4.82
N ALA B 1400 5.43 -50.10 -4.35
CA ALA B 1400 5.63 -51.50 -3.99
C ALA B 1400 5.33 -51.78 -2.51
N GLN B 1401 4.87 -50.79 -1.76
CA GLN B 1401 4.62 -50.97 -0.33
C GLN B 1401 3.16 -51.27 0.00
N SER B 1402 2.23 -50.91 -0.88
CA SER B 1402 0.82 -51.14 -0.60
C SER B 1402 0.05 -51.14 -1.92
N GLU B 1403 -1.17 -51.69 -1.87
CA GLU B 1403 -2.02 -51.70 -3.05
C GLU B 1403 -2.41 -50.29 -3.45
N ASP B 1404 -2.78 -49.45 -2.49
CA ASP B 1404 -3.13 -48.07 -2.74
C ASP B 1404 -1.94 -47.17 -2.44
N ILE B 1405 -1.47 -46.44 -3.45
CA ILE B 1405 -0.28 -45.61 -3.28
C ILE B 1405 -0.55 -44.39 -2.42
N SER B 1406 -1.81 -43.96 -2.30
CA SER B 1406 -2.15 -42.73 -1.59
C SER B 1406 -2.47 -42.96 -0.12
N THR B 1407 -1.95 -44.03 0.49
CA THR B 1407 -2.19 -44.32 1.90
C THR B 1407 -0.90 -44.73 2.60
N VAL B 1408 0.24 -44.26 2.10
CA VAL B 1408 1.53 -44.61 2.68
C VAL B 1408 2.23 -43.34 3.18
N PRO B 1409 2.32 -43.14 4.50
CA PRO B 1409 3.01 -41.94 5.01
C PRO B 1409 4.49 -41.97 4.69
N ILE B 1410 5.05 -40.78 4.47
CA ILE B 1410 6.47 -40.59 4.19
C ILE B 1410 7.00 -39.50 5.11
N HIS B 1411 8.13 -39.79 5.77
CA HIS B 1411 8.76 -38.85 6.69
C HIS B 1411 10.08 -38.36 6.13
N TYR B 1412 10.40 -37.10 6.42
CA TYR B 1412 11.63 -36.47 5.97
C TYR B 1412 12.46 -36.05 7.18
N ALA B 1413 13.67 -35.57 6.90
CA ALA B 1413 14.62 -35.19 7.93
C ALA B 1413 14.99 -33.71 7.80
N TYR B 1414 15.21 -33.07 8.94
CA TYR B 1414 15.56 -31.65 8.99
C TYR B 1414 16.83 -31.48 9.83
N ASN B 1415 17.38 -30.27 9.80
CA ASN B 1415 18.56 -29.93 10.58
C ASN B 1415 18.77 -28.42 10.53
N MET B 1416 19.21 -27.86 11.65
CA MET B 1416 19.59 -26.46 11.68
C MET B 1416 20.77 -26.19 10.76
N THR B 1417 20.70 -25.08 10.04
CA THR B 1417 21.81 -24.62 9.22
C THR B 1417 22.67 -23.66 10.04
N ARG B 1418 23.60 -22.97 9.39
CA ARG B 1418 24.49 -22.06 10.11
C ARG B 1418 23.81 -20.78 10.53
N VAL B 1419 22.60 -20.50 10.05
CA VAL B 1419 21.87 -19.29 10.42
C VAL B 1419 20.53 -19.63 11.08
N GLY B 1420 20.38 -20.84 11.59
CA GLY B 1420 19.20 -21.20 12.36
C GLY B 1420 17.98 -21.59 11.56
N ARG B 1421 18.09 -21.73 10.24
CA ARG B 1421 16.95 -22.09 9.41
C ARG B 1421 16.86 -23.60 9.26
N MET B 1422 15.65 -24.13 9.44
CA MET B 1422 15.41 -25.55 9.18
C MET B 1422 15.60 -25.85 7.70
N GLN B 1423 16.16 -27.01 7.41
CA GLN B 1423 16.49 -27.39 6.04
C GLN B 1423 16.31 -28.88 5.86
N MET B 1424 15.57 -29.27 4.81
CA MET B 1424 15.41 -30.67 4.49
C MET B 1424 16.73 -31.28 4.03
N LEU B 1425 16.92 -32.56 4.33
CA LEU B 1425 18.12 -33.27 3.93
C LEU B 1425 17.89 -33.91 2.57
N GLY B 1426 18.72 -33.54 1.60
CA GLY B 1426 18.58 -34.02 0.24
C GLY B 1426 18.52 -32.91 -0.78
N LYS B 1427 19.07 -33.14 -1.97
CA LYS B 1427 19.10 -32.09 -2.98
C LYS B 1427 17.72 -31.87 -3.61
N TYR B 1428 16.96 -32.94 -3.79
CA TYR B 1428 15.65 -32.87 -4.43
C TYR B 1428 14.60 -33.36 -3.46
N ASN B 1429 13.83 -32.43 -2.92
CA ASN B 1429 12.79 -32.72 -1.93
C ASN B 1429 11.67 -31.71 -2.12
N PRO B 1430 10.51 -31.94 -1.50
CA PRO B 1430 9.42 -30.97 -1.65
C PRO B 1430 9.78 -29.56 -1.22
N GLN B 1431 10.69 -29.40 -0.27
CA GLN B 1431 11.07 -28.06 0.17
C GLN B 1431 11.87 -27.32 -0.90
N SER B 1432 12.73 -28.04 -1.62
CA SER B 1432 13.64 -27.40 -2.58
C SER B 1432 13.11 -27.47 -4.01
N ALA B 1433 12.82 -28.68 -4.50
CA ALA B 1433 12.40 -28.86 -5.89
C ALA B 1433 10.94 -28.49 -6.06
N LYS B 1434 10.65 -27.65 -7.07
CA LYS B 1434 9.28 -27.26 -7.34
C LYS B 1434 8.50 -28.31 -8.12
N LEU B 1435 9.20 -29.27 -8.75
CA LEU B 1435 8.50 -30.34 -9.46
C LEU B 1435 7.89 -31.34 -8.48
N VAL B 1436 8.64 -31.70 -7.44
CA VAL B 1436 8.13 -32.64 -6.44
C VAL B 1436 7.08 -31.99 -5.54
N ARG B 1437 7.02 -30.66 -5.52
CA ARG B 1437 6.06 -29.98 -4.65
C ARG B 1437 4.63 -30.25 -5.07
N GLU B 1438 4.39 -30.56 -6.35
CA GLU B 1438 3.05 -30.79 -6.85
C GLU B 1438 2.65 -32.27 -6.81
N ALA B 1439 3.56 -33.15 -6.39
CA ALA B 1439 3.27 -34.58 -6.31
C ALA B 1439 3.18 -35.10 -4.89
N ILE B 1440 4.01 -34.60 -3.98
CA ILE B 1440 4.01 -35.00 -2.58
C ILE B 1440 3.63 -33.79 -1.74
N LEU B 1441 2.52 -33.88 -1.01
CA LEU B 1441 2.01 -32.79 -0.20
C LEU B 1441 1.56 -33.31 1.15
N PRO B 1442 1.67 -32.50 2.20
CA PRO B 1442 1.15 -32.92 3.50
C PRO B 1442 -0.26 -32.40 3.79
N THR B 1443 -0.76 -31.53 2.92
CA THR B 1443 -2.04 -30.87 3.14
C THR B 1443 -3.20 -31.71 2.62
N LYS B 1444 -4.34 -31.56 3.29
CA LYS B 1444 -5.56 -32.24 2.88
C LYS B 1444 -6.75 -31.42 3.37
N ALA B 1445 -7.89 -31.59 2.70
CA ALA B 1445 -9.09 -30.84 3.07
C ALA B 1445 -10.32 -31.56 2.51
N THR B 1446 -11.46 -31.26 3.13
CA THR B 1446 -12.76 -31.74 2.67
C THR B 1446 -13.71 -30.56 2.65
N LEU B 1447 -14.27 -30.27 1.48
CA LEU B 1447 -15.08 -29.07 1.28
C LEU B 1447 -16.43 -29.44 0.69
N ASP B 1448 -17.39 -28.54 0.88
CA ASP B 1448 -18.74 -28.68 0.33
C ASP B 1448 -18.88 -27.65 -0.78
N LEU B 1449 -18.80 -28.12 -2.03
CA LEU B 1449 -18.87 -27.25 -3.20
C LEU B 1449 -20.17 -27.42 -3.96
N SER B 1450 -21.22 -27.94 -3.32
CA SER B 1450 -22.51 -28.09 -3.98
C SER B 1450 -23.15 -26.77 -4.32
N ASN B 1451 -22.79 -25.69 -3.63
CA ASN B 1451 -23.29 -24.36 -3.89
C ASN B 1451 -22.12 -23.43 -4.16
N GLN B 1452 -22.26 -22.58 -5.17
CA GLN B 1452 -21.19 -21.67 -5.56
C GLN B 1452 -21.17 -20.39 -4.74
N ASN B 1453 -22.11 -20.20 -3.82
CA ASN B 1453 -22.16 -19.03 -2.96
C ASN B 1453 -21.84 -19.37 -1.50
N ASN B 1454 -21.26 -20.55 -1.26
CA ASN B 1454 -20.93 -20.97 0.08
C ASN B 1454 -19.67 -20.25 0.57
N GLU B 1455 -19.23 -20.59 1.78
CA GLU B 1455 -17.97 -20.09 2.30
C GLU B 1455 -16.80 -21.00 1.97
N ASP B 1456 -17.05 -22.29 1.73
CA ASP B 1456 -16.00 -23.21 1.32
C ASP B 1456 -15.62 -23.03 -0.14
N PHE B 1457 -16.46 -22.37 -0.94
CA PHE B 1457 -16.10 -22.10 -2.32
C PHE B 1457 -15.19 -20.89 -2.46
N SER B 1458 -15.26 -19.95 -1.51
CA SER B 1458 -14.36 -18.81 -1.54
C SER B 1458 -12.94 -19.25 -1.21
N ALA B 1459 -12.77 -20.18 -0.28
CA ALA B 1459 -11.45 -20.73 0.00
C ALA B 1459 -10.91 -21.50 -1.19
N PHE B 1460 -11.78 -22.22 -1.90
CA PHE B 1460 -11.37 -22.94 -3.10
C PHE B 1460 -10.87 -21.97 -4.17
N GLN B 1461 -11.57 -20.85 -4.35
CA GLN B 1461 -11.16 -19.87 -5.35
C GLN B 1461 -9.88 -19.16 -4.96
N LEU B 1462 -9.62 -19.03 -3.65
CA LEU B 1462 -8.38 -18.38 -3.22
C LEU B 1462 -7.16 -19.19 -3.64
N GLY B 1463 -7.23 -20.52 -3.51
CA GLY B 1463 -6.11 -21.35 -3.92
C GLY B 1463 -5.90 -21.32 -5.43
N LEU B 1464 -6.99 -21.33 -6.20
CA LEU B 1464 -6.87 -21.29 -7.65
C LEU B 1464 -6.32 -19.96 -8.14
N ALA B 1465 -6.83 -18.85 -7.59
CA ALA B 1465 -6.40 -17.53 -8.04
C ALA B 1465 -4.92 -17.28 -7.71
N GLN B 1466 -4.49 -17.67 -6.52
CA GLN B 1466 -3.10 -17.42 -6.13
C GLN B 1466 -2.13 -18.21 -7.01
N ALA B 1467 -2.47 -19.46 -7.33
CA ALA B 1467 -1.59 -20.29 -8.15
C ALA B 1467 -1.50 -19.80 -9.59
N LEU B 1468 -2.45 -18.98 -10.04
CA LEU B 1468 -2.46 -18.47 -11.41
C LEU B 1468 -1.93 -17.06 -11.51
N ASP B 1469 -1.00 -16.68 -10.63
CA ASP B 1469 -0.31 -15.39 -10.68
C ASP B 1469 -1.30 -14.22 -10.56
N ILE B 1470 -2.01 -14.20 -9.44
CA ILE B 1470 -2.91 -13.10 -9.10
C ILE B 1470 -2.54 -12.61 -7.71
N LYS B 1471 -2.38 -11.29 -7.56
CA LYS B 1471 -1.99 -10.69 -6.30
C LYS B 1471 -3.19 -10.72 -5.35
N VAL B 1472 -3.43 -11.88 -4.76
CA VAL B 1472 -4.59 -12.07 -3.90
C VAL B 1472 -4.48 -11.35 -2.57
N HIS B 1473 -3.30 -10.82 -2.23
CA HIS B 1473 -3.10 -10.11 -0.99
C HIS B 1473 -3.28 -8.60 -1.13
N THR B 1474 -3.65 -8.11 -2.32
CA THR B 1474 -3.84 -6.68 -2.55
C THR B 1474 -5.26 -6.35 -2.99
N MET B 1475 -6.21 -7.27 -2.86
CA MET B 1475 -7.58 -7.02 -3.25
C MET B 1475 -8.52 -7.79 -2.35
N THR B 1476 -9.77 -7.34 -2.32
CA THR B 1476 -10.78 -7.97 -1.48
C THR B 1476 -11.19 -9.33 -2.06
N ARG B 1477 -11.97 -10.07 -1.27
CA ARG B 1477 -12.42 -11.39 -1.69
C ARG B 1477 -13.45 -11.35 -2.81
N GLU B 1478 -13.99 -10.17 -3.12
CA GLU B 1478 -14.95 -10.05 -4.21
C GLU B 1478 -14.30 -9.71 -5.54
N VAL B 1479 -13.25 -8.88 -5.52
CA VAL B 1479 -12.52 -8.59 -6.75
C VAL B 1479 -11.79 -9.82 -7.26
N MET B 1480 -11.29 -10.65 -6.34
CA MET B 1480 -10.58 -11.87 -6.74
C MET B 1480 -11.50 -12.80 -7.51
N SER B 1481 -12.74 -12.96 -7.06
CA SER B 1481 -13.68 -13.83 -7.77
C SER B 1481 -14.02 -13.28 -9.14
N ASP B 1482 -14.15 -11.96 -9.26
CA ASP B 1482 -14.47 -11.36 -10.55
C ASP B 1482 -13.35 -11.56 -11.56
N GLU B 1483 -12.09 -11.43 -11.13
CA GLU B 1483 -10.96 -11.58 -12.04
C GLU B 1483 -10.70 -13.04 -12.37
N LEU B 1484 -10.88 -13.94 -11.39
CA LEU B 1484 -10.64 -15.35 -11.64
C LEU B 1484 -11.61 -15.93 -12.66
N THR B 1485 -12.89 -15.53 -12.58
CA THR B 1485 -13.88 -16.08 -13.49
C THR B 1485 -13.62 -15.68 -14.94
N LYS B 1486 -13.02 -14.51 -15.15
CA LYS B 1486 -12.71 -14.08 -16.51
C LYS B 1486 -11.67 -15.00 -17.15
N LEU B 1487 -10.66 -15.41 -16.38
CA LEU B 1487 -9.64 -16.30 -16.91
C LEU B 1487 -10.21 -17.68 -17.21
N LEU B 1488 -11.07 -18.19 -16.33
CA LEU B 1488 -11.60 -19.54 -16.49
C LEU B 1488 -12.53 -19.67 -17.69
N GLU B 1489 -12.98 -18.55 -18.25
CA GLU B 1489 -13.85 -18.57 -19.43
C GLU B 1489 -13.23 -17.85 -20.61
N GLY B 1490 -11.98 -17.42 -20.51
CA GLY B 1490 -11.33 -16.72 -21.59
C GLY B 1490 -10.18 -17.50 -22.20
N ASN B 1491 -8.95 -17.12 -21.84
CA ASN B 1491 -7.78 -17.77 -22.41
C ASN B 1491 -7.61 -19.20 -21.91
N LEU B 1492 -8.02 -19.48 -20.68
CA LEU B 1492 -7.87 -20.81 -20.10
C LEU B 1492 -8.97 -21.78 -20.50
N LYS B 1493 -9.96 -21.33 -21.28
CA LYS B 1493 -11.04 -22.23 -21.70
C LYS B 1493 -10.54 -23.39 -22.53
N PRO B 1494 -9.72 -23.20 -23.59
CA PRO B 1494 -9.24 -24.37 -24.34
C PRO B 1494 -8.42 -25.35 -23.51
N ALA B 1495 -7.64 -24.85 -22.55
CA ALA B 1495 -6.81 -25.73 -21.75
C ALA B 1495 -7.63 -26.59 -20.80
N ILE B 1496 -8.73 -26.04 -20.28
CA ILE B 1496 -9.57 -26.80 -19.35
C ILE B 1496 -10.29 -27.93 -20.09
N ASP B 1497 -10.71 -27.68 -21.33
CA ASP B 1497 -11.44 -28.69 -22.09
C ASP B 1497 -10.58 -29.94 -22.33
N MET B 1498 -9.31 -29.75 -22.66
CA MET B 1498 -8.40 -30.88 -22.80
C MET B 1498 -8.23 -31.60 -21.46
N MET B 1499 -8.15 -30.84 -20.37
CA MET B 1499 -7.97 -31.44 -19.05
C MET B 1499 -9.16 -32.33 -18.69
N VAL B 1500 -10.37 -31.90 -19.04
CA VAL B 1500 -11.57 -32.70 -18.76
C VAL B 1500 -11.51 -34.02 -19.51
N GLU B 1501 -11.06 -33.98 -20.77
CA GLU B 1501 -10.95 -35.21 -21.55
C GLU B 1501 -9.95 -36.17 -20.93
N PHE B 1502 -8.84 -35.65 -20.40
CA PHE B 1502 -7.85 -36.51 -19.76
C PHE B 1502 -8.42 -37.20 -18.53
N ASN B 1503 -9.24 -36.49 -17.75
CA ASN B 1503 -9.80 -37.06 -16.54
C ASN B 1503 -10.81 -38.17 -16.81
N THR B 1504 -11.24 -38.35 -18.06
CA THR B 1504 -12.22 -39.37 -18.41
C THR B 1504 -11.62 -40.54 -19.17
N THR B 1505 -10.75 -40.28 -20.14
CA THR B 1505 -10.16 -41.34 -20.96
C THR B 1505 -8.65 -41.47 -20.81
N GLY B 1506 -7.99 -40.54 -20.14
CA GLY B 1506 -6.56 -40.64 -19.92
C GLY B 1506 -5.70 -40.53 -21.17
N SER B 1507 -6.01 -39.58 -22.06
CA SER B 1507 -5.21 -39.36 -23.25
C SER B 1507 -5.04 -37.86 -23.47
N LEU B 1508 -4.00 -37.50 -24.21
CA LEU B 1508 -3.71 -36.11 -24.49
C LEU B 1508 -3.53 -35.91 -25.99
N PRO B 1509 -3.85 -34.73 -26.50
CA PRO B 1509 -3.67 -34.46 -27.93
C PRO B 1509 -2.20 -34.40 -28.30
N GLU B 1510 -1.95 -34.46 -29.62
CA GLU B 1510 -0.57 -34.41 -30.12
C GLU B 1510 0.05 -33.03 -29.96
N ASN B 1511 -0.76 -31.99 -29.78
CA ASN B 1511 -0.28 -30.63 -29.60
C ASN B 1511 -0.53 -30.12 -28.18
N ALA B 1512 -0.36 -31.01 -27.19
CA ALA B 1512 -0.61 -30.63 -25.81
C ALA B 1512 0.33 -29.53 -25.35
N VAL B 1513 1.60 -29.59 -25.76
CA VAL B 1513 2.57 -28.58 -25.35
C VAL B 1513 2.19 -27.21 -25.91
N ASP B 1514 1.79 -27.17 -27.18
CA ASP B 1514 1.49 -25.89 -27.82
C ASP B 1514 0.26 -25.23 -27.22
N VAL B 1515 -0.77 -26.02 -26.88
CA VAL B 1515 -2.01 -25.45 -26.37
C VAL B 1515 -1.78 -24.77 -25.02
N LEU B 1516 -1.02 -25.41 -24.13
CA LEU B 1516 -0.78 -24.84 -22.81
C LEU B 1516 0.04 -23.55 -22.90
N ASN B 1517 0.99 -23.48 -23.83
CA ASN B 1517 1.79 -22.28 -23.98
C ASN B 1517 0.94 -21.10 -24.40
N THR B 1518 0.00 -21.30 -25.34
CA THR B 1518 -0.87 -20.23 -25.77
C THR B 1518 -1.79 -19.77 -24.64
N ALA B 1519 -2.32 -20.71 -23.86
CA ALA B 1519 -3.28 -20.37 -22.82
C ALA B 1519 -2.61 -19.74 -21.61
N LEU B 1520 -1.63 -20.44 -21.03
CA LEU B 1520 -1.00 -19.96 -19.80
C LEU B 1520 -0.24 -18.66 -20.03
N GLY B 1521 0.47 -18.54 -21.14
CA GLY B 1521 1.23 -17.33 -21.39
C GLY B 1521 2.42 -17.23 -20.45
N ASP B 1522 2.59 -16.06 -19.83
CA ASP B 1522 3.70 -15.84 -18.91
C ASP B 1522 3.40 -16.34 -17.50
N ARG B 1523 2.20 -16.83 -17.24
CA ARG B 1523 1.83 -17.40 -15.94
C ARG B 1523 2.25 -18.85 -15.80
N LYS B 1524 3.18 -19.32 -16.64
CA LYS B 1524 3.57 -20.73 -16.61
C LYS B 1524 4.33 -21.05 -15.33
N SER B 1525 3.91 -22.12 -14.65
CA SER B 1525 4.58 -22.59 -13.45
C SER B 1525 4.14 -24.02 -13.18
N PHE B 1526 4.92 -24.70 -12.35
CA PHE B 1526 4.56 -26.07 -11.98
C PHE B 1526 3.31 -26.12 -11.11
N VAL B 1527 3.00 -25.05 -10.40
CA VAL B 1527 1.80 -25.01 -9.58
C VAL B 1527 0.57 -24.62 -10.40
N ALA B 1528 0.75 -23.95 -11.54
CA ALA B 1528 -0.38 -23.62 -12.40
C ALA B 1528 -0.98 -24.87 -13.04
N LEU B 1529 -0.17 -25.92 -13.22
CA LEU B 1529 -0.69 -27.15 -13.77
C LEU B 1529 -1.54 -27.91 -12.74
N MET B 1530 -1.24 -27.73 -11.46
CA MET B 1530 -2.07 -28.35 -10.42
C MET B 1530 -3.42 -27.68 -10.33
N ALA B 1531 -3.47 -26.35 -10.50
CA ALA B 1531 -4.75 -25.64 -10.44
C ALA B 1531 -5.69 -26.09 -11.55
N LEU B 1532 -5.16 -26.30 -12.75
CA LEU B 1532 -5.99 -26.78 -13.86
C LEU B 1532 -6.52 -28.17 -13.59
N MET B 1533 -5.69 -29.05 -13.00
CA MET B 1533 -6.15 -30.39 -12.68
C MET B 1533 -7.27 -30.37 -11.64
N GLU B 1534 -7.11 -29.56 -10.59
CA GLU B 1534 -8.10 -29.52 -9.53
C GLU B 1534 -9.43 -28.96 -10.02
N TYR B 1535 -9.39 -27.89 -10.83
CA TYR B 1535 -10.61 -27.30 -11.34
C TYR B 1535 -11.33 -28.24 -12.29
N SER B 1536 -10.59 -28.90 -13.18
CA SER B 1536 -11.20 -29.85 -14.11
C SER B 1536 -11.74 -31.07 -13.39
N ARG B 1537 -11.07 -31.51 -12.32
CA ARG B 1537 -11.57 -32.62 -11.53
C ARG B 1537 -12.88 -32.26 -10.82
N TYR B 1538 -13.08 -30.98 -10.53
CA TYR B 1538 -14.28 -30.56 -9.82
C TYR B 1538 -15.50 -30.56 -10.73
N LEU B 1539 -15.33 -30.17 -11.99
CA LEU B 1539 -16.46 -30.11 -12.92
C LEU B 1539 -17.05 -31.48 -13.17
N VAL B 1540 -16.19 -32.49 -13.36
CA VAL B 1540 -16.69 -33.84 -13.68
C VAL B 1540 -17.14 -34.62 -12.46
N ALA B 1541 -16.91 -34.10 -11.27
CA ALA B 1541 -17.33 -34.81 -10.05
C ALA B 1541 -18.84 -34.85 -9.96
N GLU B 1542 -19.37 -36.01 -9.58
CA GLU B 1542 -20.80 -36.20 -9.43
C GLU B 1542 -21.30 -35.88 -8.03
N ASP B 1543 -20.41 -35.80 -7.04
CA ASP B 1543 -20.77 -35.44 -5.68
C ASP B 1543 -19.83 -34.34 -5.22
N LYS B 1544 -20.35 -33.12 -5.12
CA LYS B 1544 -19.56 -31.95 -4.75
C LYS B 1544 -19.70 -31.58 -3.28
N SER B 1545 -20.37 -32.42 -2.49
CA SER B 1545 -20.55 -32.15 -1.07
C SER B 1545 -19.42 -32.69 -0.21
N ALA B 1546 -18.58 -33.58 -0.74
CA ALA B 1546 -17.49 -34.17 0.02
C ALA B 1546 -16.22 -34.20 -0.83
N PHE B 1547 -15.94 -33.09 -1.52
CA PHE B 1547 -14.75 -33.02 -2.35
C PHE B 1547 -13.49 -33.01 -1.49
N VAL B 1548 -12.54 -33.86 -1.84
CA VAL B 1548 -11.27 -33.98 -1.14
C VAL B 1548 -10.17 -33.56 -2.10
N THR B 1549 -9.44 -32.51 -1.73
CA THR B 1549 -8.38 -31.97 -2.58
C THR B 1549 -7.16 -31.63 -1.73
N PRO B 1550 -5.96 -31.78 -2.29
CA PRO B 1550 -4.74 -31.35 -1.61
C PRO B 1550 -4.32 -29.92 -1.90
N LEU B 1551 -5.18 -29.11 -2.50
CA LEU B 1551 -4.82 -27.74 -2.84
C LEU B 1551 -4.51 -26.94 -1.59
N TYR B 1552 -3.57 -26.01 -1.72
CA TYR B 1552 -3.10 -25.21 -0.59
C TYR B 1552 -3.01 -23.74 -1.00
N VAL B 1553 -2.89 -22.89 0.02
CA VAL B 1553 -2.69 -21.46 -0.17
C VAL B 1553 -1.49 -21.04 0.66
N GLU B 1554 -0.58 -20.29 0.06
CA GLU B 1554 0.66 -19.90 0.71
C GLU B 1554 0.49 -18.55 1.40
N ALA B 1555 0.88 -18.49 2.67
CA ALA B 1555 0.85 -17.24 3.44
C ALA B 1555 2.22 -16.59 3.35
N ASP B 1556 2.50 -16.01 2.17
CA ASP B 1556 3.80 -15.41 1.91
C ASP B 1556 3.94 -14.09 2.66
N GLY B 1557 5.15 -13.85 3.17
CA GLY B 1557 5.44 -12.58 3.81
C GLY B 1557 5.65 -11.47 2.79
N VAL B 1558 5.43 -10.24 3.23
CA VAL B 1558 5.54 -9.06 2.38
C VAL B 1558 6.87 -8.38 2.72
N THR B 1559 7.85 -8.55 1.85
CA THR B 1559 9.20 -8.00 2.02
C THR B 1559 9.74 -8.34 3.41
N ASN B 1560 9.89 -9.64 3.66
CA ASN B 1560 10.28 -10.11 4.98
C ASN B 1560 11.70 -9.69 5.34
N GLY B 1561 12.55 -9.43 4.35
CA GLY B 1561 13.92 -9.08 4.60
C GLY B 1561 14.11 -7.72 5.24
N PRO B 1562 13.83 -6.66 4.47
CA PRO B 1562 14.00 -5.31 5.02
C PRO B 1562 13.11 -5.01 6.23
N ILE B 1563 11.91 -5.57 6.28
CA ILE B 1563 10.99 -5.27 7.38
C ILE B 1563 11.56 -5.79 8.71
N ASN B 1564 12.07 -7.02 8.72
CA ASN B 1564 12.62 -7.58 9.94
C ASN B 1564 13.82 -6.79 10.44
N ALA B 1565 14.70 -6.39 9.52
CA ALA B 1565 15.88 -5.63 9.92
C ALA B 1565 15.51 -4.24 10.41
N MET B 1566 14.47 -3.64 9.84
CA MET B 1566 14.08 -2.29 10.24
C MET B 1566 13.44 -2.25 11.62
N MET B 1567 12.84 -3.35 12.07
CA MET B 1567 12.17 -3.39 13.36
C MET B 1567 13.03 -3.93 14.49
N LEU B 1568 14.16 -4.55 14.18
CA LEU B 1568 15.02 -5.13 15.21
C LEU B 1568 16.31 -4.35 15.46
N MET B 1569 16.78 -3.57 14.48
CA MET B 1569 18.05 -2.86 14.58
C MET B 1569 17.86 -1.38 14.32
N THR B 1570 16.86 -0.79 14.95
CA THR B 1570 16.60 0.65 14.87
C THR B 1570 16.50 1.23 16.27
N GLY B 1571 17.12 2.39 16.47
CA GLY B 1571 17.10 3.06 17.75
C GLY B 1571 16.79 4.54 17.60
N GLY B 1572 16.46 5.15 18.72
CA GLY B 1572 16.14 6.57 18.75
C GLY B 1572 14.64 6.82 18.82
N LEU B 1573 14.30 8.10 18.75
CA LEU B 1573 12.91 8.52 18.85
C LEU B 1573 12.12 8.09 17.61
N PHE B 1574 10.82 7.93 17.79
CA PHE B 1574 9.94 7.56 16.69
C PHE B 1574 9.76 8.75 15.73
N THR B 1575 9.62 8.43 14.46
CA THR B 1575 9.52 9.43 13.41
C THR B 1575 8.29 9.16 12.54
N PRO B 1576 7.56 10.20 12.14
CA PRO B 1576 6.37 9.98 11.30
C PRO B 1576 6.67 9.25 10.01
N ASP B 1577 7.84 9.49 9.40
CA ASP B 1577 8.19 8.76 8.19
C ASP B 1577 8.35 7.27 8.46
N TRP B 1578 8.91 6.93 9.63
CA TRP B 1578 9.06 5.52 9.99
C TRP B 1578 7.71 4.84 10.16
N ILE B 1579 6.72 5.57 10.68
CA ILE B 1579 5.40 5.00 10.90
C ILE B 1579 4.75 4.62 9.58
N ARG B 1580 4.83 5.51 8.59
CA ARG B 1580 4.26 5.22 7.28
C ARG B 1580 4.98 4.06 6.60
N ASN B 1581 6.32 4.04 6.68
CA ASN B 1581 7.09 3.00 6.01
C ASN B 1581 6.83 1.63 6.61
N ILE B 1582 6.74 1.55 7.95
CA ILE B 1582 6.49 0.27 8.59
C ILE B 1582 5.08 -0.23 8.34
N ALA B 1583 4.17 0.65 7.91
CA ALA B 1583 2.82 0.21 7.57
C ALA B 1583 2.82 -0.68 6.33
N LYS B 1584 3.76 -0.45 5.41
CA LYS B 1584 3.86 -1.27 4.22
C LYS B 1584 4.29 -2.70 4.52
N GLY B 1585 4.78 -2.97 5.71
CA GLY B 1585 5.23 -4.31 6.07
C GLY B 1585 4.18 -5.13 6.78
N GLY B 1586 3.21 -4.47 7.40
CA GLY B 1586 2.15 -5.18 8.10
C GLY B 1586 2.04 -4.86 9.56
N LEU B 1587 2.46 -3.66 9.97
CA LEU B 1587 2.34 -3.19 11.34
C LEU B 1587 1.43 -1.97 11.34
N PHE B 1588 0.25 -2.10 11.95
CA PHE B 1588 -0.75 -1.05 11.99
C PHE B 1588 -0.92 -0.56 13.42
N ILE B 1589 -0.83 0.76 13.61
CA ILE B 1589 -0.92 1.38 14.92
C ILE B 1589 -2.24 2.14 15.01
N GLY B 1590 -3.00 1.87 16.06
CA GLY B 1590 -4.29 2.53 16.25
C GLY B 1590 -5.33 2.21 15.20
N SER B 1591 -5.41 0.94 14.79
CA SER B 1591 -6.41 0.50 13.81
C SER B 1591 -6.71 -0.97 14.06
N PRO B 1592 -7.58 -1.26 15.02
CA PRO B 1592 -7.88 -2.66 15.34
C PRO B 1592 -8.57 -3.38 14.19
N ASN B 1593 -8.29 -4.67 14.09
CA ASN B 1593 -8.89 -5.55 13.09
C ASN B 1593 -8.67 -5.03 11.66
N LYS B 1594 -7.45 -4.61 11.38
CA LYS B 1594 -7.08 -4.15 10.04
C LYS B 1594 -6.26 -5.22 9.34
N THR B 1595 -6.45 -5.33 8.02
CA THR B 1595 -5.78 -6.33 7.21
C THR B 1595 -5.03 -5.66 6.07
N MET B 1596 -4.11 -6.43 5.47
CA MET B 1596 -3.34 -5.91 4.34
C MET B 1596 -4.23 -5.61 3.14
N ASN B 1597 -5.30 -6.40 2.96
CA ASN B 1597 -6.21 -6.17 1.85
C ASN B 1597 -6.87 -4.80 1.94
N GLU B 1598 -7.28 -4.42 3.15
CA GLU B 1598 -7.86 -3.09 3.33
C GLU B 1598 -6.83 -1.99 3.15
N HIS B 1599 -5.60 -2.21 3.64
CA HIS B 1599 -4.55 -1.21 3.51
C HIS B 1599 -4.17 -0.97 2.06
N ARG B 1600 -4.04 -2.05 1.27
CA ARG B 1600 -3.62 -1.90 -0.11
C ARG B 1600 -4.72 -1.36 -1.01
N SER B 1601 -5.99 -1.45 -0.59
CA SER B 1601 -7.09 -1.00 -1.42
C SER B 1601 -7.54 0.42 -1.11
N THR B 1602 -7.42 0.85 0.15
CA THR B 1602 -7.93 2.15 0.57
C THR B 1602 -6.86 3.13 1.06
N ALA B 1603 -5.66 2.66 1.40
CA ALA B 1603 -4.65 3.51 2.01
C ALA B 1603 -3.44 3.74 1.10
N ASP B 1604 -2.78 2.67 0.67
CA ASP B 1604 -1.55 2.82 -0.10
C ASP B 1604 -1.28 1.53 -0.87
N ASN B 1605 -0.95 1.66 -2.15
CA ASN B 1605 -0.62 0.53 -2.99
C ASN B 1605 0.88 0.44 -3.30
N ASN B 1606 1.69 1.36 -2.78
CA ASN B 1606 3.12 1.33 -3.01
C ASN B 1606 3.79 0.53 -1.90
N ASP B 1607 4.68 -0.39 -2.30
CA ASP B 1607 5.43 -1.21 -1.37
C ASP B 1607 6.84 -0.64 -1.19
N LEU B 1608 7.65 -1.35 -0.40
CA LEU B 1608 9.01 -0.89 -0.14
C LEU B 1608 9.85 -0.89 -1.41
N TYR B 1609 9.69 -1.92 -2.25
CA TYR B 1609 10.45 -1.97 -3.50
C TYR B 1609 10.09 -0.81 -4.41
N GLN B 1610 8.80 -0.49 -4.53
CA GLN B 1610 8.39 0.61 -5.40
C GLN B 1610 8.79 1.96 -4.81
N ALA B 1611 8.76 2.09 -3.47
CA ALA B 1611 9.13 3.35 -2.84
C ALA B 1611 10.61 3.66 -3.08
N SER B 1612 11.47 2.65 -3.02
CA SER B 1612 12.89 2.87 -3.26
C SER B 1612 13.15 3.31 -4.69
N THR B 1613 12.46 2.69 -5.66
CA THR B 1613 12.64 3.06 -7.06
C THR B 1613 12.16 4.48 -7.32
N ASN B 1614 11.09 4.91 -6.65
CA ASN B 1614 10.60 6.27 -6.82
C ASN B 1614 11.63 7.28 -6.34
N ALA B 1615 12.30 6.99 -5.22
CA ALA B 1615 13.35 7.87 -4.74
C ALA B 1615 14.61 7.80 -5.60
N LEU B 1616 14.81 6.70 -6.31
CA LEU B 1616 15.98 6.59 -7.19
C LEU B 1616 15.94 7.62 -8.29
N MET B 1617 14.78 7.81 -8.92
CA MET B 1617 14.68 8.76 -10.02
C MET B 1617 14.69 10.20 -9.51
N GLU B 1618 14.22 10.43 -8.28
CA GLU B 1618 14.26 11.77 -7.72
C GLU B 1618 15.71 12.25 -7.55
N SER B 1619 16.58 11.37 -7.05
CA SER B 1619 17.99 11.73 -6.89
C SER B 1619 18.73 11.72 -8.22
N LEU B 1620 18.34 10.82 -9.14
CA LEU B 1620 18.99 10.78 -10.44
C LEU B 1620 18.75 12.06 -11.23
N GLY B 1621 17.54 12.61 -11.14
CA GLY B 1621 17.26 13.86 -11.82
C GLY B 1621 18.08 15.02 -11.27
N LYS B 1622 18.30 15.03 -9.95
CA LYS B 1622 19.14 16.06 -9.35
C LYS B 1622 20.58 15.96 -9.84
N LEU B 1623 21.11 14.74 -9.92
CA LEU B 1623 22.48 14.55 -10.41
C LEU B 1623 22.60 14.99 -11.86
N ARG B 1624 21.61 14.66 -12.69
CA ARG B 1624 21.64 15.07 -14.09
C ARG B 1624 21.58 16.58 -14.24
N SER B 1625 20.89 17.27 -13.33
CA SER B 1625 20.75 18.72 -13.44
C SER B 1625 22.04 19.44 -13.08
N ASN B 1626 22.88 18.83 -12.24
CA ASN B 1626 24.13 19.48 -11.84
C ASN B 1626 25.12 19.63 -12.99
N TYR B 1627 24.98 18.83 -14.05
CA TYR B 1627 25.87 18.89 -15.20
C TYR B 1627 25.23 19.58 -16.39
N ALA B 1628 24.46 20.64 -16.14
CA ALA B 1628 23.83 21.37 -17.24
C ALA B 1628 24.87 22.04 -18.14
N SER B 1629 26.02 22.42 -17.58
CA SER B 1629 27.08 23.03 -18.36
C SER B 1629 27.93 22.03 -19.13
N ASN B 1630 27.81 20.74 -18.82
CA ASN B 1630 28.59 19.69 -19.48
C ASN B 1630 27.61 18.81 -20.25
N MET B 1631 27.35 19.20 -21.50
CA MET B 1631 26.44 18.42 -22.34
C MET B 1631 26.90 16.98 -22.59
N PRO B 1632 28.16 16.71 -22.93
CA PRO B 1632 28.56 15.31 -23.16
C PRO B 1632 28.30 14.39 -21.97
N ILE B 1633 28.44 14.91 -20.75
CA ILE B 1633 28.13 14.10 -19.56
C ILE B 1633 26.67 13.72 -19.54
N GLN B 1634 25.78 14.67 -19.84
CA GLN B 1634 24.35 14.40 -19.79
C GLN B 1634 23.94 13.36 -20.84
N SER B 1635 24.52 13.44 -22.04
CA SER B 1635 24.20 12.48 -23.08
C SER B 1635 24.59 11.06 -22.69
N GLN B 1636 25.66 10.91 -21.90
CA GLN B 1636 26.06 9.60 -21.42
C GLN B 1636 25.02 9.03 -20.46
N ILE B 1637 24.41 9.88 -19.63
CA ILE B 1637 23.38 9.43 -18.70
C ILE B 1637 22.15 8.94 -19.46
N ASP B 1638 21.74 9.68 -20.49
CA ASP B 1638 20.57 9.29 -21.27
C ASP B 1638 20.81 7.98 -22.00
N SER B 1639 22.01 7.77 -22.52
CA SER B 1639 22.31 6.55 -23.25
C SER B 1639 22.16 5.31 -22.36
N LEU B 1640 22.67 5.39 -21.12
CA LEU B 1640 22.54 4.27 -20.21
C LEU B 1640 21.08 4.00 -19.85
N LEU B 1641 20.32 5.06 -19.59
CA LEU B 1641 18.91 4.89 -19.24
C LEU B 1641 18.10 4.37 -20.42
N SER B 1642 18.40 4.85 -21.63
CA SER B 1642 17.68 4.39 -22.81
C SER B 1642 17.91 2.91 -23.07
N LEU B 1643 19.13 2.42 -22.82
CA LEU B 1643 19.41 1.01 -23.01
C LEU B 1643 18.67 0.14 -22.01
N MET B 1644 18.47 0.63 -20.79
CA MET B 1644 17.71 -0.12 -19.80
C MET B 1644 16.26 -0.31 -20.24
N ASP B 1645 15.65 0.74 -20.79
CA ASP B 1645 14.24 0.67 -21.16
C ASP B 1645 13.97 -0.39 -22.20
N LEU B 1646 14.89 -0.54 -23.17
CA LEU B 1646 14.67 -1.51 -24.24
C LEU B 1646 14.67 -2.94 -23.73
N PHE B 1647 15.58 -3.28 -22.82
CA PHE B 1647 15.79 -4.66 -22.42
C PHE B 1647 15.50 -4.97 -20.96
N LEU B 1648 15.51 -3.98 -20.07
CA LEU B 1648 15.26 -4.20 -18.64
C LEU B 1648 14.21 -3.20 -18.17
N PRO B 1649 12.94 -3.44 -18.48
CA PRO B 1649 11.89 -2.52 -18.02
C PRO B 1649 11.79 -2.40 -16.52
N ASP B 1650 12.09 -3.47 -15.78
CA ASP B 1650 12.05 -3.45 -14.32
C ASP B 1650 13.37 -3.96 -13.76
N ILE B 1651 13.73 -3.45 -12.59
CA ILE B 1651 14.98 -3.81 -11.93
C ILE B 1651 14.76 -4.72 -10.73
N ASN B 1652 13.52 -4.91 -10.27
CA ASN B 1652 13.26 -5.74 -9.11
C ASN B 1652 13.39 -7.22 -9.44
N LEU B 1653 14.58 -7.76 -9.25
CA LEU B 1653 14.83 -9.17 -9.51
C LEU B 1653 14.35 -10.01 -8.32
N GLY B 1654 14.68 -11.29 -8.33
CA GLY B 1654 14.29 -12.16 -7.24
C GLY B 1654 14.28 -13.61 -7.68
N GLU B 1655 13.86 -14.46 -6.76
CA GLU B 1655 13.77 -15.91 -7.01
C GLU B 1655 12.38 -16.31 -7.50
N ASN B 1656 11.91 -15.64 -8.56
CA ASN B 1656 10.60 -15.93 -9.13
C ASN B 1656 10.68 -16.88 -10.31
N GLY B 1657 11.86 -17.42 -10.62
CA GLY B 1657 11.99 -18.34 -11.72
C GLY B 1657 11.34 -19.68 -11.43
N ALA B 1658 10.95 -20.36 -12.51
CA ALA B 1658 10.27 -21.64 -12.42
C ALA B 1658 11.19 -22.83 -12.70
N LEU B 1659 12.42 -22.60 -13.14
CA LEU B 1659 13.36 -23.67 -13.45
C LEU B 1659 14.60 -23.59 -12.56
N GLU B 1660 14.44 -23.05 -11.36
CA GLU B 1660 15.53 -22.94 -10.40
C GLU B 1660 15.07 -23.41 -9.04
N LEU B 1661 15.98 -24.05 -8.30
CA LEU B 1661 15.65 -24.53 -6.96
C LEU B 1661 15.51 -23.36 -5.99
N LYS B 1662 14.65 -23.55 -5.00
CA LYS B 1662 14.39 -22.52 -4.00
C LYS B 1662 15.36 -22.71 -2.83
N ARG B 1663 16.25 -21.74 -2.62
CA ARG B 1663 17.22 -21.79 -1.55
C ARG B 1663 17.10 -20.64 -0.56
N GLY B 1664 16.18 -19.70 -0.80
CA GLY B 1664 15.98 -18.59 0.11
C GLY B 1664 16.96 -17.46 -0.01
N ILE B 1665 17.88 -17.52 -0.96
CA ILE B 1665 18.87 -16.45 -1.14
C ILE B 1665 18.18 -15.23 -1.74
N ALA B 1666 18.40 -14.07 -1.14
CA ALA B 1666 17.80 -12.82 -1.62
C ALA B 1666 18.74 -12.15 -2.60
N LYS B 1667 18.20 -11.75 -3.76
CA LYS B 1667 19.00 -11.13 -4.81
C LYS B 1667 18.43 -9.78 -5.24
N ASN B 1668 17.41 -9.26 -4.56
CA ASN B 1668 16.89 -7.95 -4.90
C ASN B 1668 17.92 -6.87 -4.53
N PRO B 1669 18.03 -5.81 -5.32
CA PRO B 1669 19.01 -4.75 -4.98
C PRO B 1669 18.77 -4.10 -3.63
N LEU B 1670 17.51 -4.02 -3.17
CA LEU B 1670 17.24 -3.36 -1.90
C LEU B 1670 17.79 -4.16 -0.73
N THR B 1671 17.51 -5.47 -0.70
CA THR B 1671 18.00 -6.29 0.41
C THR B 1671 19.49 -6.57 0.29
N ILE B 1672 20.02 -6.60 -0.93
CA ILE B 1672 21.45 -6.82 -1.11
C ILE B 1672 22.25 -5.65 -0.55
N THR B 1673 21.80 -4.42 -0.82
CA THR B 1673 22.50 -3.25 -0.30
C THR B 1673 22.45 -3.20 1.23
N ILE B 1674 21.35 -3.64 1.82
CA ILE B 1674 21.24 -3.67 3.28
C ILE B 1674 22.24 -4.65 3.88
N TYR B 1675 22.49 -5.76 3.18
CA TYR B 1675 23.36 -6.82 3.69
C TYR B 1675 24.84 -6.52 3.53
N GLY B 1676 25.21 -5.27 3.26
CA GLY B 1676 26.60 -4.88 3.24
C GLY B 1676 27.37 -5.21 1.98
N SER B 1677 26.68 -5.55 0.89
CA SER B 1677 27.37 -5.83 -0.36
C SER B 1677 27.98 -4.55 -0.93
N GLY B 1678 29.13 -4.71 -1.57
CA GLY B 1678 29.84 -3.57 -2.12
C GLY B 1678 29.15 -3.00 -3.35
N ALA B 1679 29.44 -1.73 -3.60
CA ALA B 1679 28.85 -1.05 -4.76
C ALA B 1679 29.30 -1.65 -6.07
N ARG B 1680 30.59 -1.99 -6.17
CA ARG B 1680 31.10 -2.59 -7.41
C ARG B 1680 30.50 -3.97 -7.66
N GLY B 1681 30.23 -4.72 -6.59
CA GLY B 1681 29.67 -6.05 -6.77
C GLY B 1681 28.29 -6.04 -7.38
N ILE B 1682 27.42 -5.13 -6.93
CA ILE B 1682 26.07 -5.06 -7.46
C ILE B 1682 26.04 -4.44 -8.85
N ALA B 1683 27.08 -3.68 -9.22
CA ALA B 1683 27.14 -3.13 -10.57
C ALA B 1683 27.28 -4.23 -11.61
N GLY B 1684 28.11 -5.23 -11.33
CA GLY B 1684 28.25 -6.36 -12.24
C GLY B 1684 26.99 -7.20 -12.34
N LYS B 1685 26.26 -7.34 -11.24
CA LYS B 1685 25.02 -8.12 -11.26
C LYS B 1685 23.99 -7.47 -12.17
N LEU B 1686 23.89 -6.14 -12.13
CA LEU B 1686 22.92 -5.44 -12.98
C LEU B 1686 23.30 -5.56 -14.45
N VAL B 1687 24.60 -5.49 -14.76
CA VAL B 1687 25.04 -5.62 -16.14
C VAL B 1687 24.74 -7.02 -16.67
N SER B 1688 24.92 -8.04 -15.83
CA SER B 1688 24.69 -9.41 -16.25
C SER B 1688 23.24 -9.64 -16.67
N SER B 1689 22.30 -8.91 -16.08
CA SER B 1689 20.90 -9.05 -16.47
C SER B 1689 20.63 -8.39 -17.81
N VAL B 1690 21.28 -7.24 -18.07
CA VAL B 1690 21.07 -6.54 -19.33
C VAL B 1690 21.65 -7.34 -20.49
N THR B 1691 22.87 -7.85 -20.32
CA THR B 1691 23.51 -8.61 -21.38
C THR B 1691 22.75 -9.90 -21.67
N ASP B 1692 22.23 -10.56 -20.63
CA ASP B 1692 21.44 -11.75 -20.84
C ASP B 1692 20.16 -11.47 -21.61
N ALA B 1693 19.60 -10.26 -21.45
CA ALA B 1693 18.41 -9.91 -22.21
C ALA B 1693 18.73 -9.61 -23.67
N ILE B 1694 19.92 -9.06 -23.93
CA ILE B 1694 20.32 -8.76 -25.31
C ILE B 1694 20.50 -10.06 -26.10
N TYR B 1695 21.11 -11.07 -25.48
CA TYR B 1695 21.38 -12.32 -26.18
C TYR B 1695 20.07 -13.01 -26.58
N GLU B 1696 19.06 -12.98 -25.71
CA GLU B 1696 17.79 -13.62 -26.03
C GLU B 1696 17.13 -13.00 -27.25
N ARG B 1697 17.31 -11.69 -27.45
CA ARG B 1697 16.76 -11.05 -28.65
C ARG B 1697 17.46 -11.53 -29.91
N MET B 1698 18.74 -11.91 -29.81
CA MET B 1698 19.46 -12.40 -30.98
C MET B 1698 18.88 -13.71 -31.47
N SER B 1699 18.47 -14.58 -30.54
CA SER B 1699 17.86 -15.86 -30.94
C SER B 1699 16.56 -15.63 -31.72
N ASP B 1700 15.81 -14.59 -31.39
CA ASP B 1700 14.58 -14.31 -32.12
C ASP B 1700 14.86 -13.85 -33.54
N VAL B 1701 15.97 -13.14 -33.75
CA VAL B 1701 16.33 -12.72 -35.11
C VAL B 1701 16.62 -13.94 -35.98
N LEU B 1702 17.38 -14.90 -35.45
CA LEU B 1702 17.68 -16.11 -36.21
C LEU B 1702 16.42 -16.93 -36.45
N LYS B 1703 15.54 -17.03 -35.44
CA LYS B 1703 14.30 -17.78 -35.61
C LYS B 1703 13.40 -17.15 -36.66
N ALA B 1704 13.31 -15.82 -36.67
CA ALA B 1704 12.49 -15.13 -37.66
C ALA B 1704 13.10 -15.25 -39.06
N ARG B 1705 14.43 -15.32 -39.15
CA ARG B 1705 15.08 -15.43 -40.46
C ARG B 1705 14.69 -16.74 -41.16
N ALA B 1706 14.61 -17.83 -40.40
CA ALA B 1706 14.24 -19.11 -41.00
C ALA B 1706 12.83 -19.07 -41.58
N LYS B 1707 11.88 -18.48 -40.86
CA LYS B 1707 10.52 -18.39 -41.34
C LYS B 1707 10.43 -17.50 -42.59
N ASP B 1708 11.12 -16.38 -42.58
CA ASP B 1708 11.12 -15.47 -43.72
C ASP B 1708 12.54 -14.96 -43.98
N PRO B 1709 13.16 -15.36 -45.10
CA PRO B 1709 14.55 -14.95 -45.37
C PRO B 1709 14.69 -13.57 -46.00
N ASN B 1710 13.65 -12.74 -45.99
CA ASN B 1710 13.71 -11.43 -46.61
C ASN B 1710 13.46 -10.28 -45.64
N ILE B 1711 13.14 -10.55 -44.38
CA ILE B 1711 12.89 -9.49 -43.42
C ILE B 1711 14.20 -8.79 -43.07
N SER B 1712 14.14 -7.47 -42.91
CA SER B 1712 15.32 -6.71 -42.55
C SER B 1712 15.68 -6.96 -41.09
N ALA B 1713 16.88 -6.51 -40.70
CA ALA B 1713 17.34 -6.70 -39.33
C ALA B 1713 16.48 -5.93 -38.35
N ALA B 1714 16.08 -4.70 -38.70
CA ALA B 1714 15.28 -3.89 -37.80
C ALA B 1714 13.92 -4.53 -37.52
N MET B 1715 13.27 -5.05 -38.56
CA MET B 1715 11.95 -5.65 -38.37
C MET B 1715 12.03 -6.97 -37.63
N ALA B 1716 13.18 -7.66 -37.70
CA ALA B 1716 13.32 -8.94 -37.01
C ALA B 1716 13.51 -8.75 -35.51
N MET B 1717 14.12 -7.65 -35.08
CA MET B 1717 14.42 -7.43 -33.68
C MET B 1717 13.33 -6.64 -32.96
N PHE B 1718 12.79 -5.60 -33.59
CA PHE B 1718 11.81 -4.73 -32.98
C PHE B 1718 10.48 -4.79 -33.73
N GLY B 1719 10.11 -5.97 -34.19
CA GLY B 1719 8.87 -6.12 -34.94
C GLY B 1719 7.63 -5.90 -34.09
N LYS B 1720 7.65 -6.40 -32.85
CA LYS B 1720 6.46 -6.39 -32.01
C LYS B 1720 6.14 -5.03 -31.41
N GLN B 1721 7.04 -4.04 -31.54
CA GLN B 1721 6.81 -2.73 -30.97
C GLN B 1721 6.98 -1.62 -32.00
N ALA B 1722 6.81 -1.93 -33.29
CA ALA B 1722 6.97 -0.96 -34.36
C ALA B 1722 5.62 -0.69 -35.00
N ALA B 1723 5.28 0.59 -35.14
CA ALA B 1723 4.05 1.00 -35.80
C ALA B 1723 4.16 1.03 -37.31
N SER B 1724 5.37 1.00 -37.85
CA SER B 1724 5.60 1.03 -39.29
C SER B 1724 7.02 0.54 -39.56
N GLU B 1725 7.37 0.46 -40.84
CA GLU B 1725 8.72 0.03 -41.19
C GLU B 1725 9.75 1.10 -40.85
N ALA B 1726 9.37 2.38 -40.90
CA ALA B 1726 10.30 3.44 -40.54
C ALA B 1726 10.49 3.53 -39.04
N HIS B 1727 9.48 3.14 -38.26
CA HIS B 1727 9.60 3.18 -36.80
C HIS B 1727 10.61 2.14 -36.32
N ALA B 1728 10.67 0.98 -36.97
CA ALA B 1728 11.62 -0.04 -36.57
C ALA B 1728 13.06 0.36 -36.91
N GLU B 1729 13.25 1.20 -37.92
CA GLU B 1729 14.60 1.67 -38.24
C GLU B 1729 15.12 2.60 -37.18
N GLU B 1730 14.25 3.45 -36.61
CA GLU B 1730 14.69 4.38 -35.57
C GLU B 1730 15.11 3.64 -34.31
N LEU B 1731 14.38 2.59 -33.94
CA LEU B 1731 14.74 1.82 -32.75
C LEU B 1731 16.10 1.13 -32.92
N LEU B 1732 16.34 0.55 -34.10
CA LEU B 1732 17.62 -0.13 -34.34
C LEU B 1732 18.77 0.87 -34.35
N ALA B 1733 18.58 2.02 -35.00
CA ALA B 1733 19.64 3.02 -35.05
C ALA B 1733 19.94 3.58 -33.66
N ARG B 1734 18.90 3.79 -32.85
CA ARG B 1734 19.10 4.27 -31.49
C ARG B 1734 19.85 3.26 -30.65
N PHE B 1735 19.53 1.97 -30.80
CA PHE B 1735 20.21 0.94 -30.03
C PHE B 1735 21.69 0.86 -30.39
N LEU B 1736 22.02 0.99 -31.68
CA LEU B 1736 23.42 0.89 -32.10
C LEU B 1736 24.25 2.04 -31.52
N LYS B 1737 23.71 3.25 -31.53
CA LYS B 1737 24.43 4.39 -30.96
C LYS B 1737 24.61 4.24 -29.46
N ASP B 1738 23.58 3.73 -28.77
CA ASP B 1738 23.66 3.59 -27.32
C ASP B 1738 24.78 2.62 -26.91
N MET B 1739 24.89 1.49 -27.63
CA MET B 1739 25.88 0.49 -27.24
C MET B 1739 27.30 0.92 -27.59
N GLU B 1740 27.45 1.75 -28.63
CA GLU B 1740 28.78 2.18 -29.03
C GLU B 1740 29.37 3.18 -28.03
N THR B 1741 28.56 4.15 -27.59
CA THR B 1741 29.06 5.18 -26.69
C THR B 1741 29.44 4.59 -25.33
N LEU B 1742 28.62 3.66 -24.81
CA LEU B 1742 28.87 3.11 -23.48
C LEU B 1742 30.17 2.33 -23.42
N THR B 1743 30.49 1.57 -24.46
CA THR B 1743 31.66 0.72 -24.47
C THR B 1743 32.92 1.42 -24.97
N SER B 1744 32.84 2.71 -25.29
CA SER B 1744 33.99 3.46 -25.77
C SER B 1744 34.42 4.60 -24.86
N THR B 1745 33.56 5.05 -23.94
CA THR B 1745 33.88 6.14 -23.03
C THR B 1745 33.48 5.74 -21.62
N VAL B 1746 34.30 6.12 -20.65
CA VAL B 1746 34.06 5.77 -19.25
C VAL B 1746 34.14 7.03 -18.39
N PRO B 1747 33.41 7.09 -17.29
CA PRO B 1747 33.55 8.24 -16.37
C PRO B 1747 34.66 8.02 -15.36
N VAL B 1748 35.36 9.11 -15.05
CA VAL B 1748 36.45 9.07 -14.08
C VAL B 1748 36.17 10.13 -13.02
N LYS B 1749 36.51 9.81 -11.77
CA LYS B 1749 36.27 10.68 -10.64
C LYS B 1749 37.51 11.50 -10.35
N ARG B 1750 37.41 12.82 -10.50
CA ARG B 1750 38.50 13.74 -10.23
C ARG B 1750 38.07 14.72 -9.15
N LYS B 1751 38.81 14.73 -8.04
CA LYS B 1751 38.65 15.64 -6.91
C LYS B 1751 37.19 15.91 -6.55
N GLY B 1752 36.33 14.90 -6.75
CA GLY B 1752 34.93 15.00 -6.40
C GLY B 1752 34.00 15.31 -7.55
N VAL B 1753 34.52 15.51 -8.76
CA VAL B 1753 33.71 15.79 -9.94
C VAL B 1753 34.04 14.78 -11.02
N LEU B 1754 33.02 14.30 -11.72
CA LEU B 1754 33.20 13.29 -12.75
C LEU B 1754 33.74 13.91 -14.04
N GLU B 1755 34.39 13.07 -14.84
CA GLU B 1755 34.90 13.47 -16.14
C GLU B 1755 34.97 12.25 -17.05
N LEU B 1756 34.92 12.49 -18.35
CA LEU B 1756 34.91 11.42 -19.34
C LEU B 1756 36.27 11.27 -20.00
N GLN B 1757 36.68 10.03 -20.20
CA GLN B 1757 37.94 9.72 -20.86
C GLN B 1757 37.71 8.60 -21.87
N SER B 1758 38.56 8.57 -22.90
CA SER B 1758 38.46 7.59 -23.97
C SER B 1758 39.29 6.36 -23.63
N THR B 1759 38.75 5.18 -23.92
CA THR B 1759 39.39 3.91 -23.64
C THR B 1759 39.32 2.99 -24.84
N GLY B 1760 39.62 3.52 -26.02
CA GLY B 1760 39.65 2.73 -27.22
C GLY B 1760 38.40 2.84 -28.06
N THR B 1761 38.03 1.74 -28.71
CA THR B 1761 36.86 1.70 -29.59
C THR B 1761 35.87 0.66 -29.07
N GLY B 1762 34.58 0.97 -29.20
CA GLY B 1762 33.52 0.08 -28.79
C GLY B 1762 33.03 -0.80 -29.92
N ALA B 1763 31.79 -1.25 -29.77
CA ALA B 1763 31.16 -2.09 -30.79
C ALA B 1763 30.95 -1.30 -32.08
N LYS B 1764 30.98 -2.02 -33.20
CA LYS B 1764 30.86 -1.42 -34.53
C LYS B 1764 29.54 -1.84 -35.17
N GLY B 1765 29.37 -1.42 -36.42
CA GLY B 1765 28.13 -1.68 -37.14
C GLY B 1765 28.08 -3.03 -37.83
N LYS B 1766 28.03 -4.10 -37.04
CA LYS B 1766 27.89 -5.45 -37.57
C LYS B 1766 27.24 -6.31 -36.50
N ILE B 1767 26.16 -6.99 -36.86
CA ILE B 1767 25.37 -7.72 -35.87
C ILE B 1767 25.87 -9.14 -35.73
N ASN B 1768 25.74 -9.93 -36.80
CA ASN B 1768 26.07 -11.35 -36.81
C ASN B 1768 25.49 -12.03 -35.58
N PRO B 1769 24.16 -12.23 -35.53
CA PRO B 1769 23.53 -12.72 -34.29
C PRO B 1769 24.02 -14.08 -33.83
N LYS B 1770 24.56 -14.90 -34.73
CA LYS B 1770 25.03 -16.22 -34.34
C LYS B 1770 26.22 -16.12 -33.38
N THR B 1771 27.14 -15.20 -33.64
CA THR B 1771 28.35 -15.09 -32.84
C THR B 1771 28.54 -13.70 -32.26
N TYR B 1772 27.49 -13.14 -31.67
CA TYR B 1772 27.55 -11.82 -31.06
C TYR B 1772 27.77 -11.97 -29.56
N THR B 1773 28.75 -11.24 -29.03
CA THR B 1773 29.06 -11.28 -27.62
C THR B 1773 29.74 -9.98 -27.20
N ILE B 1774 29.72 -9.72 -25.90
CA ILE B 1774 30.38 -8.56 -25.31
C ILE B 1774 31.25 -9.04 -24.16
N LYS B 1775 32.56 -8.81 -24.27
CA LYS B 1775 33.49 -9.28 -23.25
C LYS B 1775 34.79 -8.50 -23.38
N GLY B 1776 35.60 -8.56 -22.33
CA GLY B 1776 36.91 -7.94 -22.37
C GLY B 1776 36.85 -6.48 -22.00
N GLU B 1777 37.49 -5.64 -22.82
CA GLU B 1777 37.51 -4.20 -22.54
C GLU B 1777 36.12 -3.61 -22.63
N GLN B 1778 35.32 -4.05 -23.60
CA GLN B 1778 33.97 -3.52 -23.75
C GLN B 1778 33.11 -3.82 -22.53
N LEU B 1779 33.21 -5.05 -22.00
CA LEU B 1779 32.45 -5.40 -20.80
C LEU B 1779 32.87 -4.57 -19.60
N LYS B 1780 34.18 -4.35 -19.44
CA LYS B 1780 34.67 -3.56 -18.32
C LYS B 1780 34.17 -2.12 -18.41
N ALA B 1781 34.14 -1.55 -19.61
CA ALA B 1781 33.66 -0.19 -19.77
C ALA B 1781 32.18 -0.07 -19.46
N LEU B 1782 31.41 -1.12 -19.69
CA LEU B 1782 29.98 -1.10 -19.39
C LEU B 1782 29.73 -0.96 -17.89
N GLN B 1783 30.52 -1.66 -17.07
CA GLN B 1783 30.30 -1.62 -15.63
C GLN B 1783 30.75 -0.31 -15.02
N GLU B 1784 31.76 0.34 -15.61
CA GLU B 1784 32.21 1.63 -15.08
C GLU B 1784 31.11 2.69 -15.20
N ASN B 1785 30.41 2.72 -16.33
CA ASN B 1785 29.29 3.65 -16.49
C ASN B 1785 28.16 3.31 -15.53
N MET B 1786 27.87 2.01 -15.35
CA MET B 1786 26.78 1.60 -14.49
C MET B 1786 27.04 1.97 -13.03
N LEU B 1787 28.28 1.80 -12.56
CA LEU B 1787 28.58 2.05 -11.16
C LEU B 1787 28.41 3.52 -10.79
N HIS B 1788 28.88 4.42 -11.66
CA HIS B 1788 28.88 5.84 -11.32
C HIS B 1788 27.55 6.52 -11.59
N PHE B 1789 26.74 5.99 -12.50
CA PHE B 1789 25.51 6.67 -12.92
C PHE B 1789 24.24 6.03 -12.40
N PHE B 1790 24.29 4.79 -11.94
CA PHE B 1790 23.08 4.14 -11.46
C PHE B 1790 23.21 3.56 -10.06
N VAL B 1791 24.37 3.02 -9.71
CA VAL B 1791 24.53 2.41 -8.40
C VAL B 1791 24.56 3.47 -7.30
N GLU B 1792 25.30 4.55 -7.52
CA GLU B 1792 25.39 5.60 -6.50
C GLU B 1792 24.05 6.25 -6.19
N PRO B 1793 23.23 6.66 -7.17
CA PRO B 1793 21.89 7.16 -6.82
C PRO B 1793 21.02 6.11 -6.14
N LEU B 1794 21.24 4.82 -6.44
CA LEU B 1794 20.45 3.77 -5.81
C LEU B 1794 20.70 3.71 -4.31
N ARG B 1795 21.96 3.88 -3.89
CA ARG B 1795 22.29 3.84 -2.47
C ARG B 1795 21.62 5.00 -1.73
N ASN B 1796 21.61 6.19 -2.32
CA ASN B 1796 20.97 7.34 -1.68
C ASN B 1796 19.47 7.11 -1.53
N GLY B 1797 18.83 6.55 -2.56
CA GLY B 1797 17.40 6.31 -2.48
C GLY B 1797 17.03 5.26 -1.46
N ILE B 1798 17.84 4.20 -1.34
CA ILE B 1798 17.55 3.12 -0.41
C ILE B 1798 17.61 3.63 1.03
N THR B 1799 18.64 4.43 1.34
CA THR B 1799 18.80 4.92 2.70
C THR B 1799 17.64 5.81 3.14
N GLN B 1800 17.06 6.57 2.20
CA GLN B 1800 15.99 7.48 2.55
C GLN B 1800 14.75 6.73 3.05
N THR B 1801 14.41 5.60 2.44
CA THR B 1801 13.21 4.88 2.81
C THR B 1801 13.41 4.05 4.08
N VAL B 1802 14.48 3.26 4.11
CA VAL B 1802 14.71 2.37 5.26
C VAL B 1802 15.18 3.11 6.51
N GLY B 1803 15.40 4.42 6.42
CA GLY B 1803 15.81 5.19 7.58
C GLY B 1803 17.31 5.29 7.75
N GLU B 1804 17.79 6.48 8.11
CA GLU B 1804 19.23 6.67 8.30
C GLU B 1804 19.73 5.89 9.51
N SER B 1805 18.95 5.84 10.58
CA SER B 1805 19.40 5.19 11.81
C SER B 1805 19.63 3.70 11.62
N LEU B 1806 18.92 3.07 10.67
CA LEU B 1806 19.14 1.65 10.41
C LEU B 1806 20.51 1.41 9.79
N VAL B 1807 20.95 2.32 8.91
CA VAL B 1807 22.26 2.19 8.29
C VAL B 1807 23.37 2.31 9.33
N TYR B 1808 23.21 3.24 10.27
CA TYR B 1808 24.21 3.43 11.32
C TYR B 1808 24.34 2.17 12.19
N SER B 1809 23.22 1.54 12.52
CA SER B 1809 23.26 0.35 13.36
C SER B 1809 23.95 -0.82 12.64
N THR B 1810 23.85 -0.89 11.32
CA THR B 1810 24.47 -1.99 10.59
C THR B 1810 25.98 -1.81 10.49
N GLU B 1811 26.45 -0.57 10.37
CA GLU B 1811 27.88 -0.32 10.23
C GLU B 1811 28.64 -0.72 11.48
N GLN B 1812 28.10 -0.39 12.66
CA GLN B 1812 28.76 -0.75 13.91
C GLN B 1812 28.77 -2.26 14.12
N LEU B 1813 27.70 -2.94 13.70
CA LEU B 1813 27.64 -4.39 13.84
C LEU B 1813 28.71 -5.07 12.99
N GLN B 1814 28.92 -4.58 11.78
CA GLN B 1814 29.92 -5.18 10.89
C GLN B 1814 31.33 -4.98 11.45
N LYS B 1815 31.63 -3.78 11.95
CA LYS B 1815 32.96 -3.51 12.49
C LYS B 1815 33.24 -4.36 13.72
N ALA B 1816 32.24 -4.51 14.61
CA ALA B 1816 32.45 -5.26 15.83
C ALA B 1816 32.73 -6.73 15.55
N THR B 1817 32.00 -7.33 14.59
CA THR B 1817 32.21 -8.73 14.27
C THR B 1817 33.47 -8.95 13.45
N GLN B 1818 33.85 -7.99 12.61
CA GLN B 1818 35.06 -8.14 11.81
C GLN B 1818 36.30 -8.08 12.67
N ILE B 1819 36.36 -7.15 13.64
CA ILE B 1819 37.53 -7.03 14.49
C ILE B 1819 37.72 -8.29 15.33
N GLN B 1820 36.63 -8.81 15.91
CA GLN B 1820 36.73 -9.99 16.75
C GLN B 1820 37.16 -11.22 15.97
N SER B 1821 36.81 -11.29 14.69
CA SER B 1821 37.16 -12.47 13.90
C SER B 1821 38.65 -12.51 13.56
N VAL B 1822 39.24 -11.35 13.27
CA VAL B 1822 40.66 -11.31 12.91
C VAL B 1822 41.52 -11.69 14.10
N VAL B 1823 41.16 -11.22 15.29
CA VAL B 1823 41.93 -11.54 16.49
C VAL B 1823 41.91 -13.04 16.75
N LEU B 1824 40.74 -13.66 16.62
CA LEU B 1824 40.64 -15.11 16.83
C LEU B 1824 41.48 -15.87 15.82
N GLU B 1825 41.45 -15.46 14.56
CA GLU B 1825 42.22 -16.16 13.53
C GLU B 1825 43.71 -16.03 13.76
N ASP B 1826 44.19 -14.83 14.09
CA ASP B 1826 45.62 -14.63 14.30
C ASP B 1826 46.11 -15.36 15.54
N MET B 1827 45.31 -15.33 16.62
CA MET B 1827 45.71 -16.01 17.85
C MET B 1827 45.72 -17.53 17.66
N PHE B 1828 44.79 -18.06 16.87
CA PHE B 1828 44.76 -19.49 16.62
C PHE B 1828 46.01 -19.93 15.86
N LYS B 1829 46.46 -19.13 14.89
CA LYS B 1829 47.66 -19.47 14.13
C LYS B 1829 48.92 -19.31 14.94
N GLN B 1830 48.89 -18.51 16.01
CA GLN B 1830 50.08 -18.29 16.82
C GLN B 1830 50.31 -19.39 17.85
N ARG B 1831 49.35 -20.30 18.04
CA ARG B 1831 49.51 -21.39 19.00
C ARG B 1831 49.83 -22.72 18.35
N VAL B 1832 49.44 -22.93 17.09
CA VAL B 1832 49.82 -24.14 16.39
C VAL B 1832 51.31 -24.11 16.07
N GLN B 1833 51.84 -22.94 15.70
CA GLN B 1833 53.27 -22.82 15.45
C GLN B 1833 54.07 -23.09 16.72
N GLU B 1834 53.60 -22.59 17.86
CA GLU B 1834 54.28 -22.85 19.13
C GLU B 1834 54.24 -24.33 19.46
N LYS B 1835 53.10 -24.99 19.24
CA LYS B 1835 52.98 -26.40 19.53
C LYS B 1835 53.85 -27.24 18.60
N LEU B 1836 53.85 -26.91 17.31
CA LEU B 1836 54.68 -27.64 16.36
C LEU B 1836 56.16 -27.48 16.68
N ALA B 1837 56.58 -26.26 17.05
CA ALA B 1837 57.96 -26.04 17.44
C ALA B 1837 58.32 -26.80 18.70
N GLU B 1838 57.36 -26.97 19.62
CA GLU B 1838 57.61 -27.74 20.82
C GLU B 1838 57.87 -29.21 20.49
N LYS B 1839 57.14 -29.75 19.52
CA LYS B 1839 57.31 -31.14 19.11
C LYS B 1839 58.58 -31.36 18.29
N ALA B 1840 59.26 -30.30 17.87
CA ALA B 1840 60.45 -30.45 17.05
C ALA B 1840 61.59 -31.13 17.78
N LYS B 1841 61.62 -31.06 19.11
CA LYS B 1841 62.67 -31.71 19.89
C LYS B 1841 62.30 -33.13 20.30
N ASP B 1842 61.15 -33.63 19.86
CA ASP B 1842 60.77 -35.01 20.14
C ASP B 1842 61.23 -35.91 18.99
N PRO B 1843 62.15 -36.86 19.23
CA PRO B 1843 62.59 -37.72 18.13
C PRO B 1843 61.48 -38.55 17.52
N THR B 1844 60.49 -38.95 18.32
CA THR B 1844 59.39 -39.76 17.80
C THR B 1844 58.57 -38.99 16.78
N TRP B 1845 58.31 -37.71 17.04
CA TRP B 1845 57.55 -36.89 16.11
C TRP B 1845 58.34 -36.65 14.83
N LYS B 1846 57.65 -36.68 13.71
CA LYS B 1846 58.25 -36.45 12.40
C LYS B 1846 57.43 -35.41 11.65
N LYS B 1847 58.13 -34.49 10.98
CA LYS B 1847 57.46 -33.47 10.19
C LYS B 1847 56.64 -34.12 9.08
N GLY B 1848 55.42 -33.60 8.89
CA GLY B 1848 54.45 -34.19 7.97
C GLY B 1848 53.16 -34.58 8.66
N ASP B 1849 53.24 -34.99 9.92
CA ASP B 1849 52.04 -35.27 10.72
C ASP B 1849 51.50 -33.94 11.26
N PHE B 1850 50.55 -34.01 12.19
CA PHE B 1850 49.97 -32.83 12.79
C PHE B 1850 49.67 -33.13 14.25
N LEU B 1851 49.01 -32.18 14.92
CA LEU B 1851 48.66 -32.35 16.32
C LEU B 1851 47.54 -33.37 16.46
N THR B 1852 47.48 -33.99 17.63
CA THR B 1852 46.42 -34.95 17.91
C THR B 1852 45.09 -34.24 18.14
N GLN B 1853 44.02 -35.02 18.18
CA GLN B 1853 42.69 -34.45 18.38
C GLN B 1853 42.58 -33.78 19.75
N LYS B 1854 43.17 -34.40 20.77
CA LYS B 1854 43.16 -33.80 22.11
C LYS B 1854 43.91 -32.47 22.12
N GLU B 1855 45.05 -32.41 21.44
CA GLU B 1855 45.82 -31.17 21.40
C GLU B 1855 45.06 -30.07 20.68
N LEU B 1856 44.37 -30.41 19.58
CA LEU B 1856 43.62 -29.40 18.85
C LEU B 1856 42.49 -28.84 19.68
N ASN B 1857 41.81 -29.69 20.45
CA ASN B 1857 40.70 -29.22 21.29
C ASN B 1857 41.18 -28.26 22.36
N ASP B 1858 42.35 -28.53 22.95
CA ASP B 1858 42.87 -27.64 24.00
C ASP B 1858 43.15 -26.25 23.46
N ILE B 1859 43.72 -26.16 22.25
CA ILE B 1859 43.93 -24.86 21.63
C ILE B 1859 42.59 -24.19 21.35
N GLN B 1860 41.62 -24.95 20.85
CA GLN B 1860 40.29 -24.39 20.62
C GLN B 1860 39.64 -23.95 21.92
N ALA B 1861 39.79 -24.75 22.97
CA ALA B 1861 39.21 -24.40 24.27
C ALA B 1861 39.94 -23.26 24.96
N SER B 1862 41.12 -22.87 24.47
CA SER B 1862 41.86 -21.76 25.07
C SER B 1862 41.31 -20.40 24.67
N LEU B 1863 40.45 -20.34 23.66
CA LEU B 1863 39.84 -19.09 23.22
C LEU B 1863 38.46 -18.86 23.82
N ASN B 1864 38.05 -19.71 24.77
CA ASN B 1864 36.74 -19.55 25.38
C ASN B 1864 36.62 -18.23 26.14
N ASN B 1865 37.74 -17.72 26.67
CA ASN B 1865 37.72 -16.44 27.36
C ASN B 1865 37.55 -15.25 26.41
N LEU B 1866 37.68 -15.46 25.10
CA LEU B 1866 37.50 -14.40 24.13
C LEU B 1866 36.06 -14.30 23.63
N ALA B 1867 35.17 -15.18 24.10
CA ALA B 1867 33.75 -15.20 23.73
C ALA B 1867 33.58 -15.22 22.22
N PRO B 1868 33.89 -16.34 21.56
CA PRO B 1868 33.71 -16.40 20.10
C PRO B 1868 32.30 -16.73 19.65
N MET B 1869 31.41 -17.11 20.57
CA MET B 1869 30.04 -17.49 20.24
C MET B 1869 29.06 -16.51 20.84
N ILE B 1870 27.96 -16.28 20.13
CA ILE B 1870 26.91 -15.36 20.55
C ILE B 1870 25.69 -16.17 20.94
N GLU B 1871 25.19 -15.93 22.15
CA GLU B 1871 24.03 -16.65 22.68
C GLU B 1871 22.87 -15.68 22.85
N THR B 1872 21.70 -16.06 22.33
CA THR B 1872 20.49 -15.27 22.44
C THR B 1872 19.47 -15.88 23.41
N GLY B 1873 19.85 -16.94 24.11
CA GLY B 1873 18.97 -17.64 25.03
C GLY B 1873 18.32 -18.87 24.44
N SER B 1874 18.16 -18.91 23.12
CA SER B 1874 17.63 -20.08 22.44
C SER B 1874 18.39 -20.45 21.18
N GLN B 1875 19.28 -19.60 20.67
CA GLN B 1875 20.05 -19.87 19.48
C GLN B 1875 21.52 -19.54 19.73
N THR B 1876 22.40 -20.23 19.02
CA THR B 1876 23.83 -20.02 19.14
C THR B 1876 24.42 -19.76 17.76
N PHE B 1877 25.32 -18.79 17.66
CA PHE B 1877 25.92 -18.39 16.40
C PHE B 1877 27.43 -18.43 16.51
N TYR B 1878 28.07 -18.92 15.44
CA TYR B 1878 29.53 -18.99 15.34
C TYR B 1878 29.89 -18.43 13.97
N ILE B 1879 30.18 -17.13 13.91
CA ILE B 1879 30.40 -16.47 12.63
C ILE B 1879 31.71 -16.90 12.01
N ALA B 1880 32.78 -16.97 12.82
CA ALA B 1880 34.12 -17.17 12.28
C ALA B 1880 34.42 -18.62 11.90
N GLY B 1881 33.60 -19.58 12.32
CA GLY B 1881 33.85 -20.97 12.04
C GLY B 1881 33.89 -21.31 10.56
N SER B 1882 34.94 -22.00 10.13
CA SER B 1882 35.08 -22.43 8.75
C SER B 1882 36.08 -23.57 8.67
N GLU B 1883 36.00 -24.33 7.57
CA GLU B 1883 36.93 -25.42 7.31
C GLU B 1883 37.99 -24.95 6.31
N ASN B 1884 38.95 -24.19 6.81
CA ASN B 1884 40.02 -23.67 5.96
C ASN B 1884 41.10 -24.74 5.78
N ALA B 1885 42.10 -24.42 4.95
CA ALA B 1885 43.18 -25.35 4.66
C ALA B 1885 44.57 -24.74 4.74
N GLU B 1886 44.70 -23.42 4.74
CA GLU B 1886 46.01 -22.79 4.74
C GLU B 1886 46.73 -22.90 6.07
N VAL B 1887 46.03 -23.29 7.14
CA VAL B 1887 46.67 -23.40 8.45
C VAL B 1887 47.63 -24.58 8.52
N ALA B 1888 47.49 -25.55 7.61
CA ALA B 1888 48.37 -26.72 7.58
C ALA B 1888 49.50 -26.59 6.57
N ASN B 1889 49.18 -26.17 5.34
CA ASN B 1889 50.17 -26.01 4.27
C ASN B 1889 50.97 -27.29 4.07
N GLN B 1890 50.26 -28.42 4.04
CA GLN B 1890 50.88 -29.73 3.86
C GLN B 1890 50.04 -30.52 2.86
N VAL B 1891 50.37 -31.80 2.72
CA VAL B 1891 49.62 -32.73 1.87
C VAL B 1891 49.18 -33.88 2.75
N LEU B 1892 47.87 -34.14 2.76
CA LEU B 1892 47.33 -35.21 3.62
C LEU B 1892 47.74 -36.58 3.10
N ALA B 1893 47.36 -36.91 1.87
CA ALA B 1893 47.68 -38.20 1.27
C ALA B 1893 47.64 -38.03 -0.24
N THR B 1894 48.00 -39.10 -0.96
CA THR B 1894 48.05 -39.05 -2.41
C THR B 1894 47.87 -40.45 -2.97
N ASN B 1895 47.69 -40.50 -4.29
CA ASN B 1895 47.57 -41.77 -4.99
C ASN B 1895 48.91 -42.49 -5.00
N LEU B 1896 48.86 -43.80 -5.30
CA LEU B 1896 50.08 -44.60 -5.32
C LEU B 1896 51.07 -44.09 -6.38
N ASP B 1897 50.57 -43.74 -7.57
CA ASP B 1897 51.42 -43.24 -8.64
C ASP B 1897 51.68 -41.74 -8.54
N ASP B 1898 51.37 -41.12 -7.40
CA ASP B 1898 51.59 -39.69 -7.18
C ASP B 1898 50.89 -38.85 -8.24
N ARG B 1899 49.66 -39.24 -8.58
CA ARG B 1899 48.89 -38.52 -9.59
C ARG B 1899 48.07 -37.39 -8.98
N MET B 1900 47.31 -37.69 -7.92
CA MET B 1900 46.45 -36.70 -7.27
C MET B 1900 46.86 -36.56 -5.82
N ARG B 1901 47.09 -35.32 -5.38
CA ARG B 1901 47.50 -35.01 -4.02
C ARG B 1901 46.37 -34.25 -3.32
N VAL B 1902 45.97 -34.76 -2.16
CA VAL B 1902 44.88 -34.18 -1.38
C VAL B 1902 45.49 -33.31 -0.28
N PRO B 1903 45.16 -32.02 -0.21
CA PRO B 1903 45.72 -31.17 0.86
C PRO B 1903 45.12 -31.48 2.22
N MET B 1904 45.55 -30.74 3.23
CA MET B 1904 45.09 -30.92 4.60
C MET B 1904 44.15 -29.78 4.97
N SER B 1905 42.97 -30.13 5.47
CA SER B 1905 41.95 -29.16 5.86
C SER B 1905 41.65 -29.32 7.34
N ILE B 1906 41.62 -28.20 8.07
CA ILE B 1906 41.34 -28.18 9.49
C ILE B 1906 40.19 -27.23 9.76
N TYR B 1907 39.46 -27.49 10.84
CA TYR B 1907 38.33 -26.66 11.25
C TYR B 1907 38.86 -25.56 12.15
N ALA B 1908 39.09 -24.38 11.57
CA ALA B 1908 39.69 -23.26 12.28
C ALA B 1908 38.93 -21.98 11.99
N PRO B 1909 38.95 -21.03 12.92
CA PRO B 1909 38.26 -19.75 12.69
C PRO B 1909 38.89 -18.99 11.53
N ALA B 1910 38.05 -18.22 10.83
CA ALA B 1910 38.48 -17.43 9.70
C ALA B 1910 37.89 -16.02 9.80
N GLN B 1911 38.28 -15.16 8.88
CA GLN B 1911 37.80 -13.78 8.88
C GLN B 1911 36.31 -13.75 8.54
N ALA B 1912 35.56 -12.93 9.28
CA ALA B 1912 34.12 -12.85 9.07
C ALA B 1912 33.77 -12.09 7.80
N GLY B 1913 34.45 -10.98 7.54
CA GLY B 1913 34.14 -10.17 6.39
C GLY B 1913 32.91 -9.31 6.59
N VAL B 1914 31.92 -9.47 5.71
CA VAL B 1914 30.67 -8.73 5.81
C VAL B 1914 29.49 -9.66 6.13
N ALA B 1915 29.78 -10.86 6.61
CA ALA B 1915 28.74 -11.84 6.90
C ALA B 1915 28.03 -11.59 8.22
N GLY B 1916 28.50 -10.63 9.02
CA GLY B 1916 27.87 -10.38 10.31
C GLY B 1916 26.46 -9.84 10.19
N ILE B 1917 26.23 -8.93 9.24
CA ILE B 1917 24.89 -8.33 9.08
C ILE B 1917 23.84 -9.36 8.69
N PRO B 1918 24.05 -10.19 7.66
CA PRO B 1918 23.00 -11.18 7.33
C PRO B 1918 22.87 -12.30 8.35
N PHE B 1919 23.90 -12.55 9.15
CA PHE B 1919 23.80 -13.61 10.17
C PHE B 1919 22.77 -13.25 11.23
N MET B 1920 22.79 -12.01 11.71
CA MET B 1920 21.89 -11.61 12.78
C MET B 1920 20.47 -11.42 12.29
N THR B 1921 20.30 -10.82 11.11
CA THR B 1921 18.96 -10.53 10.60
C THR B 1921 18.21 -11.82 10.29
N ILE B 1922 18.86 -12.74 9.57
CA ILE B 1922 18.21 -14.00 9.23
C ILE B 1922 18.04 -14.88 10.46
N GLY B 1923 19.07 -14.93 11.32
CA GLY B 1923 19.05 -15.84 12.44
C GLY B 1923 17.98 -15.50 13.47
N THR B 1924 17.86 -14.22 13.81
CA THR B 1924 16.93 -13.79 14.85
C THR B 1924 15.62 -13.25 14.31
N GLY B 1925 15.61 -12.70 13.10
CA GLY B 1925 14.41 -12.14 12.53
C GLY B 1925 13.45 -13.17 11.98
N ASP B 1926 13.90 -13.93 10.99
CA ASP B 1926 13.06 -14.92 10.32
C ASP B 1926 13.28 -16.33 10.83
N GLY B 1927 14.51 -16.67 11.23
CA GLY B 1927 14.76 -18.01 11.74
C GLY B 1927 14.04 -18.29 13.05
N MET B 1928 13.91 -17.28 13.91
CA MET B 1928 13.23 -17.46 15.18
C MET B 1928 11.73 -17.65 15.00
N MET B 1929 11.13 -16.97 14.01
CA MET B 1929 9.69 -17.04 13.81
C MET B 1929 9.24 -18.46 13.50
N MET B 1930 9.94 -19.14 12.57
CA MET B 1930 9.57 -20.50 12.23
C MET B 1930 9.79 -21.45 13.40
N GLN B 1931 10.87 -21.26 14.15
CA GLN B 1931 11.10 -22.07 15.35
C GLN B 1931 10.01 -21.83 16.38
N THR B 1932 9.62 -20.57 16.58
CA THR B 1932 8.55 -20.27 17.52
C THR B 1932 7.21 -20.85 17.05
N LEU B 1933 6.96 -20.81 15.73
CA LEU B 1933 5.69 -21.28 15.20
C LEU B 1933 5.50 -22.77 15.43
N SER B 1934 6.58 -23.55 15.38
CA SER B 1934 6.46 -24.99 15.51
C SER B 1934 6.19 -25.40 16.96
N THR B 1935 6.83 -24.73 17.93
CA THR B 1935 6.76 -25.12 19.32
C THR B 1935 5.75 -24.33 20.13
N MET B 1936 5.02 -23.41 19.51
CA MET B 1936 4.04 -22.62 20.24
C MET B 1936 2.84 -23.48 20.61
N LYS B 1937 2.06 -22.99 21.58
CA LYS B 1937 0.89 -23.71 22.05
C LYS B 1937 -0.16 -23.78 20.95
N GLY B 1938 -0.69 -24.97 20.71
CA GLY B 1938 -1.66 -25.15 19.65
C GLY B 1938 -1.12 -24.85 18.27
N ALA B 1939 0.09 -25.30 17.97
CA ALA B 1939 0.71 -25.01 16.69
C ALA B 1939 -0.04 -25.69 15.56
N PRO B 1940 -0.10 -25.06 14.38
CA PRO B 1940 -0.78 -25.66 13.24
C PRO B 1940 -0.11 -26.97 12.83
N LYS B 1941 -0.94 -27.91 12.38
CA LYS B 1941 -0.48 -29.22 11.94
C LYS B 1941 -0.65 -29.36 10.44
N ASN B 1942 0.14 -30.26 9.85
CA ASN B 1942 0.10 -30.57 8.43
C ASN B 1942 0.34 -29.31 7.59
N THR B 1943 1.53 -28.74 7.75
CA THR B 1943 1.93 -27.56 7.01
C THR B 1943 3.37 -27.73 6.53
N LEU B 1944 3.69 -27.03 5.45
CA LEU B 1944 5.03 -27.06 4.86
C LEU B 1944 5.58 -25.65 4.84
N LYS B 1945 6.35 -25.29 5.86
CA LYS B 1945 7.00 -23.99 5.93
C LYS B 1945 8.39 -24.09 5.32
N ILE B 1946 8.70 -23.20 4.39
CA ILE B 1946 9.98 -23.33 3.68
C ILE B 1946 11.03 -22.43 4.30
N PHE B 1947 10.91 -21.12 4.10
CA PHE B 1947 11.80 -20.18 4.79
C PHE B 1947 11.04 -18.98 5.35
N ASP B 1948 10.07 -18.47 4.60
CA ASP B 1948 9.30 -17.32 5.02
C ASP B 1948 7.82 -17.45 4.62
N GLY B 1949 7.39 -18.65 4.26
CA GLY B 1949 6.00 -18.89 3.93
C GLY B 1949 5.54 -20.20 4.54
N MET B 1950 4.29 -20.56 4.25
CA MET B 1950 3.73 -21.79 4.76
C MET B 1950 2.58 -22.23 3.86
N ASN B 1951 2.46 -23.54 3.69
CA ASN B 1951 1.36 -24.13 2.91
C ASN B 1951 0.32 -24.68 3.88
N ILE B 1952 -0.89 -24.14 3.82
CA ILE B 1952 -1.97 -24.50 4.74
C ILE B 1952 -3.12 -25.09 3.94
N GLY B 1953 -3.73 -26.14 4.49
CA GLY B 1953 -4.88 -26.73 3.87
C GLY B 1953 -6.07 -25.79 3.86
N LEU B 1954 -6.97 -26.03 2.92
CA LEU B 1954 -8.11 -25.14 2.70
C LEU B 1954 -9.13 -25.19 3.84
N ASN B 1955 -9.02 -26.16 4.75
CA ASN B 1955 -10.03 -26.29 5.81
C ASN B 1955 -9.84 -25.26 6.91
N ASP B 1956 -8.60 -24.87 7.21
CA ASP B 1956 -8.30 -23.99 8.34
C ASP B 1956 -7.36 -22.87 7.90
N ILE B 1957 -7.70 -22.20 6.80
CA ILE B 1957 -6.87 -21.12 6.31
C ILE B 1957 -6.92 -19.91 7.25
N THR B 1958 -8.09 -19.65 7.83
CA THR B 1958 -8.27 -18.45 8.65
C THR B 1958 -7.78 -18.61 10.08
N ASP B 1959 -7.52 -19.84 10.53
CA ASP B 1959 -7.06 -20.07 11.89
C ASP B 1959 -5.55 -20.25 12.00
N ALA B 1960 -4.95 -21.02 11.09
CA ALA B 1960 -3.50 -21.19 11.11
C ALA B 1960 -2.77 -19.94 10.67
N SER B 1961 -3.43 -19.06 9.91
CA SER B 1961 -2.79 -17.81 9.51
C SER B 1961 -2.72 -16.82 10.65
N ARG B 1962 -3.70 -16.86 11.57
CA ARG B 1962 -3.67 -15.98 12.72
C ARG B 1962 -2.48 -16.28 13.63
N LYS B 1963 -2.18 -17.57 13.84
CA LYS B 1963 -1.03 -17.95 14.65
C LYS B 1963 0.28 -17.66 13.95
N ALA B 1964 0.28 -17.53 12.62
CA ALA B 1964 1.49 -17.12 11.92
C ALA B 1964 1.87 -15.69 12.27
N ASN B 1965 0.87 -14.81 12.41
CA ASN B 1965 1.15 -13.43 12.79
C ASN B 1965 1.55 -13.32 14.26
N GLU B 1966 1.04 -14.22 15.10
CA GLU B 1966 1.43 -14.21 16.51
C GLU B 1966 2.91 -14.53 16.67
N ALA B 1967 3.42 -15.49 15.90
CA ALA B 1967 4.84 -15.83 15.96
C ALA B 1967 5.70 -14.66 15.47
N VAL B 1968 5.24 -13.93 14.47
CA VAL B 1968 5.97 -12.75 14.00
C VAL B 1968 6.10 -11.73 15.11
N TYR B 1969 5.01 -11.48 15.85
CA TYR B 1969 5.06 -10.52 16.94
C TYR B 1969 6.02 -10.98 18.04
N THR B 1970 6.02 -12.27 18.36
CA THR B 1970 6.92 -12.79 19.39
C THR B 1970 8.38 -12.65 18.97
N SER B 1971 8.69 -12.94 17.71
CA SER B 1971 10.06 -12.87 17.23
C SER B 1971 10.57 -11.44 17.15
N TRP B 1972 9.68 -10.45 17.19
CA TRP B 1972 10.08 -9.04 17.11
C TRP B 1972 10.48 -8.46 18.45
N GLN B 1973 10.42 -9.22 19.53
CA GLN B 1973 10.80 -8.76 20.86
C GLN B 1973 12.28 -9.00 21.16
N GLY B 1974 13.03 -9.59 20.23
CA GLY B 1974 14.43 -9.84 20.45
C GLY B 1974 15.30 -8.61 20.24
N ASN B 1975 16.58 -8.75 20.57
CA ASN B 1975 17.55 -7.66 20.45
C ASN B 1975 18.88 -8.24 20.00
N PRO B 1976 19.11 -8.30 18.69
CA PRO B 1976 20.40 -8.81 18.20
C PRO B 1976 21.60 -8.00 18.66
N ILE B 1977 21.45 -6.68 18.80
CA ILE B 1977 22.58 -5.83 19.17
C ILE B 1977 23.01 -6.11 20.61
N LYS B 1978 22.04 -6.32 21.51
CA LYS B 1978 22.36 -6.58 22.90
C LYS B 1978 23.14 -7.88 23.05
N ASN B 1979 22.76 -8.91 22.30
CA ASN B 1979 23.48 -10.18 22.35
C ASN B 1979 24.91 -10.03 21.87
N VAL B 1980 25.10 -9.27 20.78
CA VAL B 1980 26.45 -9.05 20.26
C VAL B 1980 27.29 -8.25 21.25
N TYR B 1981 26.70 -7.22 21.86
CA TYR B 1981 27.44 -6.37 22.79
C TYR B 1981 27.90 -7.16 24.01
N GLU B 1982 27.11 -8.14 24.45
CA GLU B 1982 27.50 -8.96 25.60
C GLU B 1982 28.73 -9.80 25.32
N SER B 1983 29.05 -10.04 24.05
CA SER B 1983 30.26 -10.79 23.69
C SER B 1983 31.43 -9.87 23.38
N TYR B 1984 31.17 -8.71 22.77
CA TYR B 1984 32.23 -7.77 22.47
C TYR B 1984 32.82 -7.18 23.75
N ALA B 1985 31.97 -6.92 24.74
CA ALA B 1985 32.46 -6.36 26.00
C ALA B 1985 33.39 -7.34 26.71
N LYS B 1986 33.03 -8.62 26.74
CA LYS B 1986 33.90 -9.63 27.34
C LYS B 1986 35.18 -9.81 26.54
N PHE B 1987 35.10 -9.71 25.22
CA PHE B 1987 36.28 -9.90 24.38
C PHE B 1987 37.34 -8.84 24.68
N MET B 1988 36.93 -7.58 24.87
CA MET B 1988 37.87 -6.51 25.12
C MET B 1988 38.48 -6.58 26.52
N LYS B 1989 37.85 -7.31 27.44
CA LYS B 1989 38.38 -7.41 28.80
C LYS B 1989 39.62 -8.30 28.85
N ASN B 1990 39.68 -9.33 28.02
CA ASN B 1990 40.79 -10.27 28.05
C ASN B 1990 41.55 -10.28 26.73
N VAL B 1991 41.84 -9.10 26.18
CA VAL B 1991 42.54 -8.98 24.91
C VAL B 1991 43.81 -8.17 25.13
N ASP B 1992 44.78 -8.37 24.23
CA ASP B 1992 46.05 -7.66 24.29
C ASP B 1992 46.53 -7.45 22.86
N PHE B 1993 46.53 -6.19 22.41
CA PHE B 1993 46.91 -5.87 21.04
C PHE B 1993 48.41 -5.80 20.84
N SER B 1994 49.21 -5.92 21.90
CA SER B 1994 50.66 -5.85 21.80
C SER B 1994 51.29 -7.19 21.46
N LYS B 1995 50.50 -8.27 21.39
CA LYS B 1995 51.01 -9.61 21.09
C LYS B 1995 50.50 -10.14 19.76
N LEU B 1996 49.97 -9.25 18.90
CA LEU B 1996 49.45 -9.68 17.61
C LEU B 1996 50.51 -9.54 16.53
N SER B 1997 50.32 -10.31 15.46
CA SER B 1997 51.24 -10.26 14.33
C SER B 1997 51.13 -8.92 13.61
N PRO B 1998 52.20 -8.45 12.97
CA PRO B 1998 52.13 -7.16 12.28
C PRO B 1998 51.07 -7.11 11.18
N GLU B 1999 50.84 -8.22 10.48
CA GLU B 1999 49.79 -8.22 9.46
C GLU B 1999 48.40 -8.21 10.08
N ALA B 2000 48.25 -8.76 11.28
CA ALA B 2000 46.96 -8.74 11.95
C ALA B 2000 46.55 -7.31 12.31
N LEU B 2001 47.50 -6.50 12.77
CA LEU B 2001 47.18 -5.11 13.12
C LEU B 2001 46.75 -4.32 11.90
N GLU B 2002 47.33 -4.59 10.74
CA GLU B 2002 46.90 -3.93 9.51
C GLU B 2002 45.48 -4.32 9.16
N ALA B 2003 45.12 -5.60 9.35
CA ALA B 2003 43.78 -6.06 8.99
C ALA B 2003 42.71 -5.37 9.84
N ILE B 2004 42.93 -5.26 11.14
CA ILE B 2004 41.95 -4.61 12.01
C ILE B 2004 42.07 -3.10 12.00
N GLY B 2005 43.17 -2.55 11.48
CA GLY B 2005 43.29 -1.11 11.34
C GLY B 2005 42.48 -0.54 10.20
N LYS B 2006 42.10 -1.37 9.23
CA LYS B 2006 41.30 -0.91 8.10
C LYS B 2006 39.85 -0.67 8.49
N SER B 2007 39.38 -1.26 9.59
CA SER B 2007 38.01 -1.10 10.05
C SER B 2007 37.87 -0.07 11.17
N ALA B 2008 38.80 -0.07 12.13
CA ALA B 2008 38.68 0.85 13.26
C ALA B 2008 39.02 2.28 12.86
N LEU B 2009 40.07 2.46 12.05
CA LEU B 2009 40.56 3.78 11.72
C LEU B 2009 40.03 4.23 10.36
N GLU B 2010 40.34 5.48 9.99
CA GLU B 2010 39.90 6.08 8.75
C GLU B 2010 40.98 5.92 7.68
N TYR B 2011 40.72 6.49 6.51
CA TYR B 2011 41.66 6.40 5.39
C TYR B 2011 42.94 7.18 5.66
N ASP B 2012 42.79 8.43 6.10
CA ASP B 2012 43.98 9.27 6.30
C ASP B 2012 44.75 8.88 7.55
N GLN B 2013 44.09 8.28 8.52
CA GLN B 2013 44.73 7.87 9.77
C GLN B 2013 45.25 6.45 9.73
N ARG B 2014 45.12 5.76 8.59
CA ARG B 2014 45.54 4.37 8.51
C ARG B 2014 47.05 4.22 8.67
N GLU B 2015 47.82 5.13 8.07
CA GLU B 2015 49.27 5.05 8.13
C GLU B 2015 49.76 5.38 9.55
N ASN B 2016 50.97 4.91 9.84
CA ASN B 2016 51.66 5.09 11.12
C ASN B 2016 50.72 4.89 12.30
N ALA B 2017 49.90 3.84 12.25
CA ALA B 2017 48.93 3.56 13.30
C ALA B 2017 49.63 2.91 14.48
N THR B 2018 49.80 3.66 15.57
CA THR B 2018 50.39 3.12 16.78
C THR B 2018 49.42 2.12 17.43
N VAL B 2019 49.99 1.18 18.18
CA VAL B 2019 49.18 0.18 18.86
C VAL B 2019 48.27 0.81 19.91
N ASP B 2020 48.62 2.00 20.40
CA ASP B 2020 47.74 2.70 21.32
C ASP B 2020 46.52 3.25 20.62
N ASP B 2021 46.69 3.77 19.40
CA ASP B 2021 45.55 4.26 18.64
C ASP B 2021 44.61 3.12 18.26
N ILE B 2022 45.15 1.95 17.97
CA ILE B 2022 44.32 0.80 17.63
C ILE B 2022 43.46 0.39 18.83
N ALA B 2023 44.07 0.35 20.02
CA ALA B 2023 43.31 -0.02 21.21
C ALA B 2023 42.24 1.00 21.53
N ASN B 2024 42.56 2.30 21.39
CA ASN B 2024 41.59 3.34 21.67
C ASN B 2024 40.42 3.29 20.69
N ALA B 2025 40.71 3.06 19.40
CA ALA B 2025 39.64 3.01 18.41
C ALA B 2025 38.70 1.84 18.65
N ALA B 2026 39.25 0.69 19.05
CA ALA B 2026 38.40 -0.48 19.29
C ALA B 2026 37.52 -0.29 20.52
N SER B 2027 37.95 0.54 21.48
CA SER B 2027 37.12 0.78 22.66
C SER B 2027 35.94 1.68 22.36
N LEU B 2028 36.06 2.55 21.36
CA LEU B 2028 34.95 3.44 21.01
C LEU B 2028 33.77 2.66 20.45
N ILE B 2029 34.05 1.60 19.68
CA ILE B 2029 32.98 0.82 19.07
C ILE B 2029 32.14 0.12 20.14
N GLU B 2030 32.79 -0.33 21.22
CA GLU B 2030 32.06 -0.97 22.30
C GLU B 2030 31.08 -0.01 22.96
N ARG B 2031 31.48 1.25 23.13
CA ARG B 2031 30.59 2.24 23.72
C ARG B 2031 29.38 2.50 22.83
N ASN B 2032 29.58 2.57 21.51
CA ASN B 2032 28.48 2.81 20.59
C ASN B 2032 27.46 1.67 20.63
N LEU B 2033 27.94 0.43 20.78
CA LEU B 2033 27.03 -0.71 20.84
C LEU B 2033 26.17 -0.67 22.09
N ARG B 2034 26.69 -0.10 23.18
CA ARG B 2034 25.93 -0.05 24.43
C ARG B 2034 24.69 0.85 24.29
N ASN B 2035 24.82 1.99 23.62
CA ASN B 2035 23.70 2.90 23.50
C ASN B 2035 22.62 2.35 22.56
N ILE B 2036 23.04 1.67 21.49
CA ILE B 2036 22.06 1.13 20.55
C ILE B 2036 21.20 0.07 21.21
N ALA B 2037 21.82 -0.82 21.99
CA ALA B 2037 21.07 -1.86 22.67
C ALA B 2037 20.09 -1.28 23.69
N LEU B 2038 20.42 -0.11 24.25
CA LEU B 2038 19.51 0.52 25.20
C LEU B 2038 18.31 1.14 24.49
N GLY B 2039 18.54 1.78 23.34
CA GLY B 2039 17.44 2.40 22.61
C GLY B 2039 16.45 1.38 22.07
N VAL B 2040 16.94 0.25 21.57
CA VAL B 2040 16.06 -0.78 21.03
C VAL B 2040 15.21 -1.39 22.14
N ASP B 2041 15.80 -1.59 23.32
CA ASP B 2041 15.07 -2.21 24.42
C ASP B 2041 13.90 -1.34 24.87
N ILE B 2042 14.10 -0.02 24.93
CA ILE B 2042 13.04 0.87 25.38
C ILE B 2042 11.92 0.93 24.35
N ARG B 2043 12.27 0.96 23.07
CA ARG B 2043 11.25 1.07 22.02
C ARG B 2043 10.33 -0.14 22.02
N HIS B 2044 10.88 -1.34 22.22
CA HIS B 2044 10.04 -2.54 22.29
C HIS B 2044 9.12 -2.52 23.50
N LYS B 2045 9.52 -1.83 24.57
CA LYS B 2045 8.67 -1.74 25.75
C LYS B 2045 7.49 -0.80 25.51
N VAL B 2046 7.72 0.31 24.80
CA VAL B 2046 6.65 1.27 24.57
C VAL B 2046 5.60 0.70 23.64
N LEU B 2047 6.02 0.01 22.57
CA LEU B 2047 5.08 -0.51 21.59
C LEU B 2047 4.16 -1.58 22.17
N ASP B 2048 4.56 -2.22 23.27
CA ASP B 2048 3.74 -3.26 23.87
C ASP B 2048 2.59 -2.71 24.71
N LYS B 2049 2.53 -1.40 24.93
CA LYS B 2049 1.51 -0.78 25.75
C LYS B 2049 0.42 -0.11 24.94
N VAL B 2050 0.43 -0.27 23.61
CA VAL B 2050 -0.58 0.33 22.73
C VAL B 2050 -1.20 -0.77 21.89
N ASN B 2051 -2.40 -0.49 21.39
CA ASN B 2051 -3.12 -1.44 20.56
C ASN B 2051 -2.50 -1.51 19.16
N LEU B 2052 -2.24 -2.73 18.69
CA LEU B 2052 -1.62 -2.94 17.40
C LEU B 2052 -2.32 -4.07 16.67
N SER B 2053 -2.24 -4.03 15.34
CA SER B 2053 -2.71 -5.12 14.49
C SER B 2053 -1.57 -5.53 13.55
N ILE B 2054 -1.28 -6.82 13.52
CA ILE B 2054 -0.14 -7.35 12.76
C ILE B 2054 -0.68 -8.23 11.65
N ASP B 2055 -0.32 -7.90 10.42
CA ASP B 2055 -0.71 -8.68 9.24
C ASP B 2055 0.49 -8.87 8.33
N GLN B 2056 1.63 -9.25 8.91
CA GLN B 2056 2.85 -9.40 8.13
C GLN B 2056 2.78 -10.62 7.23
N MET B 2057 2.70 -11.82 7.81
CA MET B 2057 2.72 -13.06 7.05
C MET B 2057 1.30 -13.59 6.93
N ALA B 2058 0.57 -13.03 5.96
CA ALA B 2058 -0.80 -13.46 5.72
C ALA B 2058 -1.25 -12.99 4.35
N ALA B 2059 -2.18 -13.73 3.76
CA ALA B 2059 -2.86 -13.34 2.53
C ALA B 2059 -4.36 -13.59 2.60
N VAL B 2060 -4.86 -14.10 3.71
CA VAL B 2060 -6.29 -14.39 3.85
C VAL B 2060 -7.03 -13.24 4.52
N GLY B 2061 -6.37 -12.52 5.43
CA GLY B 2061 -7.01 -11.44 6.14
C GLY B 2061 -7.39 -11.80 7.57
N ALA B 2062 -6.47 -12.47 8.28
CA ALA B 2062 -6.68 -12.88 9.66
C ALA B 2062 -5.51 -12.36 10.49
N PRO B 2063 -5.57 -11.10 10.91
CA PRO B 2063 -4.45 -10.52 11.67
C PRO B 2063 -4.50 -10.92 13.14
N TYR B 2064 -3.50 -10.45 13.88
CA TYR B 2064 -3.37 -10.73 15.31
C TYR B 2064 -3.29 -9.43 16.08
N GLN B 2065 -3.99 -9.37 17.21
CA GLN B 2065 -4.06 -8.18 18.05
C GLN B 2065 -3.22 -8.36 19.29
N ASN B 2066 -2.45 -7.34 19.64
CA ASN B 2066 -1.54 -7.39 20.78
C ASN B 2066 -2.21 -7.02 22.09
N ASN B 2067 -3.51 -6.76 22.08
CA ASN B 2067 -4.32 -6.42 23.26
C ASN B 2067 -3.63 -5.38 24.14
N GLY B 2068 -3.44 -4.20 23.56
CA GLY B 2068 -2.90 -3.08 24.30
C GLY B 2068 -3.94 -2.41 25.16
N LYS B 2069 -3.53 -1.30 25.78
CA LYS B 2069 -4.42 -0.56 26.68
C LYS B 2069 -4.48 0.93 26.40
N ILE B 2070 -3.58 1.48 25.62
CA ILE B 2070 -3.59 2.90 25.26
C ILE B 2070 -4.16 3.04 23.86
N ASP B 2071 -5.21 3.85 23.72
CA ASP B 2071 -5.88 4.03 22.45
C ASP B 2071 -5.19 5.13 21.66
N LEU B 2072 -4.70 4.79 20.46
CA LEU B 2072 -4.03 5.75 19.59
C LEU B 2072 -4.81 5.98 18.29
N SER B 2073 -6.10 5.67 18.28
CA SER B 2073 -6.91 5.84 17.09
C SER B 2073 -7.38 7.28 16.96
N ASN B 2074 -7.98 7.58 15.80
CA ASN B 2074 -8.49 8.92 15.50
C ASN B 2074 -7.40 9.98 15.62
N MET B 2075 -6.21 9.67 15.14
CA MET B 2075 -5.09 10.58 15.22
C MET B 2075 -4.29 10.56 13.93
N THR B 2076 -3.69 11.71 13.61
CA THR B 2076 -2.80 11.81 12.46
C THR B 2076 -1.51 11.03 12.74
N PRO B 2077 -0.88 10.47 11.71
CA PRO B 2077 0.43 9.83 11.93
C PRO B 2077 1.45 10.75 12.56
N GLU B 2078 1.40 12.05 12.27
CA GLU B 2078 2.25 12.99 12.98
C GLU B 2078 1.88 13.09 14.46
N GLN B 2079 0.61 12.93 14.79
CA GLN B 2079 0.17 13.01 16.18
C GLN B 2079 0.54 11.75 16.97
N GLN B 2080 0.52 10.58 16.34
CA GLN B 2080 0.84 9.35 17.05
C GLN B 2080 2.30 9.29 17.43
N ALA B 2081 3.17 9.98 16.70
CA ALA B 2081 4.59 10.01 17.04
C ALA B 2081 4.83 10.71 18.37
N ASP B 2082 4.11 11.81 18.63
CA ASP B 2082 4.30 12.54 19.87
C ASP B 2082 3.90 11.71 21.08
N GLU B 2083 2.79 10.98 20.98
CA GLU B 2083 2.36 10.14 22.10
C GLU B 2083 3.37 9.02 22.37
N LEU B 2084 3.89 8.41 21.31
CA LEU B 2084 4.91 7.38 21.50
C LEU B 2084 6.19 7.96 22.08
N ASN B 2085 6.54 9.19 21.68
CA ASN B 2085 7.72 9.84 22.23
C ASN B 2085 7.55 10.16 23.70
N LYS B 2086 6.32 10.50 24.13
CA LYS B 2086 6.09 10.81 25.53
C LYS B 2086 6.36 9.60 26.43
N LEU B 2087 5.91 8.42 26.01
CA LEU B 2087 6.18 7.21 26.78
C LEU B 2087 7.65 6.82 26.71
N PHE B 2088 8.33 7.14 25.60
CA PHE B 2088 9.75 6.84 25.48
C PHE B 2088 10.57 7.64 26.49
N ARG B 2089 10.23 8.93 26.67
CA ARG B 2089 10.99 9.77 27.57
C ARG B 2089 10.74 9.41 29.03
N GLU B 2090 9.52 8.98 29.36
CA GLU B 2090 9.23 8.59 30.74
C GLU B 2090 9.99 7.33 31.14
N GLU B 2091 10.29 6.46 30.18
CA GLU B 2091 11.09 5.27 30.48
C GLU B 2091 12.54 5.62 30.78
N LEU B 2092 13.08 6.63 30.11
CA LEU B 2092 14.47 7.01 30.31
C LEU B 2092 14.70 7.52 31.73
N GLU B 2093 13.82 8.40 32.21
CA GLU B 2093 14.00 8.99 33.53
C GLU B 2093 13.73 7.97 34.63
N ALA B 2094 12.87 6.97 34.38
CA ALA B 2094 12.59 5.96 35.38
C ALA B 2094 13.83 5.13 35.70
N ARG B 2095 14.60 4.77 34.67
CA ARG B 2095 15.82 4.01 34.90
C ARG B 2095 16.92 4.88 35.49
N LYS B 2096 17.02 6.13 35.03
CA LYS B 2096 18.08 7.02 35.52
C LYS B 2096 17.91 7.33 37.00
N GLN B 2097 16.67 7.57 37.45
CA GLN B 2097 16.44 7.84 38.87
C GLN B 2097 16.69 6.61 39.73
N LYS B 2098 16.56 5.41 39.17
CA LYS B 2098 16.81 4.20 39.94
C LYS B 2098 18.28 4.09 40.34
N VAL B 2099 19.20 4.40 39.41
CA VAL B 2099 20.62 4.32 39.73
C VAL B 2099 21.05 5.44 40.67
N ALA B 2100 20.27 6.52 40.75
CA ALA B 2100 20.58 7.61 41.67
C ALA B 2100 20.18 7.28 43.10
N LYS B 2101 19.32 6.28 43.30
CA LYS B 2101 18.89 5.89 44.63
C LYS B 2101 19.97 5.05 45.32
N VAL B 2124 7.30 37.02 34.33
CA VAL B 2124 7.92 37.95 33.38
C VAL B 2124 6.94 38.25 32.25
N GLY B 2125 6.06 37.29 31.95
CA GLY B 2125 5.08 37.44 30.91
C GLY B 2125 3.81 36.68 31.26
N ARG B 2126 2.83 36.79 30.37
CA ARG B 2126 1.56 36.09 30.58
C ARG B 2126 1.79 34.59 30.58
N GLU B 2127 1.12 33.90 31.49
CA GLU B 2127 1.29 32.47 31.69
C GLU B 2127 0.07 31.71 31.16
N HIS B 2128 0.34 30.61 30.44
CA HIS B 2128 -0.72 29.75 29.97
C HIS B 2128 -1.39 29.05 31.16
N LYS B 2129 -2.64 28.62 30.94
CA LYS B 2129 -3.41 28.02 32.02
C LYS B 2129 -3.30 26.49 32.03
N ALA B 2130 -3.56 25.85 30.90
CA ALA B 2130 -3.49 24.38 30.85
C ALA B 2130 -2.06 23.88 31.01
N SER B 2131 -1.07 24.70 30.69
CA SER B 2131 0.32 24.36 30.85
C SER B 2131 1.06 25.52 31.51
N GLY B 2132 2.16 25.21 32.18
CA GLY B 2132 2.90 26.21 32.92
C GLY B 2132 3.85 27.06 32.11
N VAL B 2133 3.81 26.97 30.78
CA VAL B 2133 4.70 27.79 29.97
C VAL B 2133 4.30 29.26 30.07
N ARG B 2134 5.26 30.12 29.78
CA ARG B 2134 5.05 31.57 29.80
C ARG B 2134 5.26 32.13 28.40
N ILE B 2135 4.40 33.08 28.02
CA ILE B 2135 4.43 33.68 26.69
C ILE B 2135 4.95 35.10 26.83
N LEU B 2136 6.05 35.40 26.14
CA LEU B 2136 6.67 36.72 26.15
C LEU B 2136 6.53 37.30 24.74
N SER B 2137 5.44 38.02 24.51
CA SER B 2137 5.15 38.57 23.19
C SER B 2137 6.01 39.80 22.92
N ALA B 2138 5.76 40.42 21.77
CA ALA B 2138 6.48 41.63 21.41
C ALA B 2138 6.01 42.81 22.26
N THR B 2139 6.77 43.90 22.18
CA THR B 2139 6.51 45.11 22.97
C THR B 2139 6.53 44.82 24.47
N ALA B 2140 7.27 43.78 24.87
CA ALA B 2140 7.39 43.44 26.28
C ALA B 2140 8.81 43.04 26.65
N ILE B 2141 9.80 43.43 25.85
CA ILE B 2141 11.21 43.12 26.08
C ILE B 2141 12.05 44.37 26.29
N ARG B 2142 11.40 45.53 26.44
CA ARG B 2142 12.13 46.78 26.60
C ARG B 2142 13.02 46.76 27.84
N ASN B 2143 12.48 46.24 28.95
CA ASN B 2143 13.25 46.23 30.20
C ASN B 2143 14.49 45.34 30.08
N LEU B 2144 14.36 44.18 29.45
CA LEU B 2144 15.45 43.23 29.34
C LEU B 2144 16.55 43.66 28.38
N ALA B 2145 16.40 44.81 27.70
CA ALA B 2145 17.42 45.23 26.74
C ALA B 2145 18.75 45.53 27.42
N LYS B 2146 18.74 46.29 28.51
CA LYS B 2146 19.96 46.66 29.22
C LYS B 2146 20.12 45.88 30.53
N ILE B 2147 19.24 44.92 30.82
CA ILE B 2147 19.37 44.12 32.03
C ILE B 2147 20.67 43.33 32.02
N SER B 2148 21.08 42.84 30.85
CA SER B 2148 22.29 42.03 30.74
C SER B 2148 23.56 42.84 30.97
N ASN B 2149 23.45 44.17 31.05
CA ASN B 2149 24.58 45.07 31.34
C ASN B 2149 25.79 44.78 30.45
N LEU B 2150 25.53 44.47 29.19
CA LEU B 2150 26.58 44.27 28.21
C LEU B 2150 27.20 45.61 27.84
N PRO B 2151 28.44 45.60 27.33
CA PRO B 2151 29.10 46.86 26.96
C PRO B 2151 28.31 47.62 25.91
N SER B 2152 28.40 48.95 25.97
CA SER B 2152 27.61 49.81 25.10
C SER B 2152 27.97 49.63 23.63
N THR B 2153 29.16 49.10 23.33
CA THR B 2153 29.52 48.84 21.94
C THR B 2153 28.59 47.81 21.31
N GLN B 2154 28.22 46.78 22.07
CA GLN B 2154 27.28 45.77 21.59
C GLN B 2154 25.86 46.00 22.08
N ALA B 2155 25.66 46.87 23.08
CA ALA B 2155 24.32 47.14 23.56
C ALA B 2155 23.46 47.86 22.52
N ALA B 2156 24.08 48.74 21.74
CA ALA B 2156 23.33 49.44 20.69
C ALA B 2156 22.85 48.48 19.61
N THR B 2157 23.59 47.39 19.37
CA THR B 2157 23.18 46.42 18.36
C THR B 2157 21.87 45.74 18.75
N LEU B 2158 21.69 45.44 20.04
CA LEU B 2158 20.46 44.79 20.47
C LEU B 2158 19.24 45.66 20.21
N ALA B 2159 19.36 46.97 20.42
CA ALA B 2159 18.24 47.86 20.18
C ALA B 2159 17.81 47.83 18.72
N GLU B 2160 18.78 47.85 17.80
CA GLU B 2160 18.45 47.82 16.38
C GLU B 2160 17.96 46.44 15.96
N ILE B 2161 18.65 45.38 16.41
CA ILE B 2161 18.28 44.03 16.00
C ILE B 2161 16.90 43.66 16.52
N GLN B 2162 16.63 43.97 17.79
CA GLN B 2162 15.32 43.66 18.37
C GLN B 2162 14.21 44.50 17.76
N LYS B 2163 14.53 45.73 17.34
CA LYS B 2163 13.50 46.58 16.73
C LYS B 2163 12.97 45.97 15.45
N SER B 2164 13.85 45.40 14.63
CA SER B 2164 13.40 44.73 13.41
C SER B 2164 12.54 43.50 13.73
N LEU B 2165 12.93 42.75 14.77
CA LEU B 2165 12.17 41.56 15.15
C LEU B 2165 10.77 41.93 15.62
N ALA B 2166 10.64 43.03 16.37
CA ALA B 2166 9.33 43.44 16.86
C ALA B 2166 8.40 43.86 15.72
N ALA B 2167 8.96 44.35 14.61
CA ALA B 2167 8.14 44.72 13.47
C ALA B 2167 7.54 43.52 12.77
N LYS B 2168 8.13 42.34 12.92
CA LYS B 2168 7.63 41.12 12.31
C LYS B 2168 6.82 40.27 13.27
N ASP B 2169 6.53 40.78 14.47
CA ASP B 2169 5.68 40.11 15.46
C ASP B 2169 6.24 38.74 15.84
N TYR B 2170 7.43 38.77 16.45
CA TYR B 2170 8.07 37.57 16.95
C TYR B 2170 7.64 37.34 18.39
N LYS B 2171 7.27 36.10 18.71
CA LYS B 2171 6.83 35.72 20.04
C LYS B 2171 7.81 34.74 20.66
N ILE B 2172 7.94 34.79 21.98
CA ILE B 2172 8.90 33.99 22.72
C ILE B 2172 8.14 33.12 23.72
N ILE B 2173 8.40 31.81 23.67
CA ILE B 2173 7.77 30.84 24.56
C ILE B 2173 8.87 30.02 25.21
N TYR B 2174 8.80 29.85 26.53
CA TYR B 2174 9.83 29.14 27.26
C TYR B 2174 9.22 28.35 28.41
N GLY B 2175 9.96 27.39 28.91
CA GLY B 2175 9.51 26.58 30.02
C GLY B 2175 10.36 25.33 30.16
N THR B 2176 9.98 24.53 31.16
CA THR B 2176 10.64 23.25 31.38
C THR B 2176 10.33 22.29 30.25
N PRO B 2177 11.19 21.27 30.04
CA PRO B 2177 10.95 20.33 28.93
C PRO B 2177 9.57 19.68 28.95
N THR B 2178 9.06 19.34 30.14
CA THR B 2178 7.73 18.74 30.22
C THR B 2178 6.65 19.75 29.84
N GLN B 2179 6.76 20.98 30.33
CA GLN B 2179 5.74 21.98 30.05
C GLN B 2179 5.73 22.39 28.59
N VAL B 2180 6.92 22.63 28.01
CA VAL B 2180 6.99 23.10 26.63
C VAL B 2180 6.53 22.02 25.65
N ALA B 2181 6.75 20.74 25.99
CA ALA B 2181 6.28 19.66 25.14
C ALA B 2181 4.78 19.44 25.27
N GLU B 2182 4.23 19.66 26.46
CA GLU B 2182 2.79 19.47 26.67
C GLU B 2182 1.99 20.53 25.93
N TYR B 2183 2.50 21.77 25.88
CA TYR B 2183 1.78 22.85 25.21
C TYR B 2183 1.67 22.59 23.71
N ALA B 2184 2.67 21.96 23.11
CA ALA B 2184 2.63 21.71 21.67
C ALA B 2184 1.50 20.76 21.31
N ARG B 2185 1.27 19.73 22.13
CA ARG B 2185 0.22 18.76 21.84
C ARG B 2185 -1.17 19.39 21.88
N GLN B 2186 -1.37 20.40 22.75
CA GLN B 2186 -2.67 21.03 22.85
C GLN B 2186 -2.99 21.88 21.63
N LYS B 2187 -1.99 22.60 21.11
CA LYS B 2187 -2.20 23.53 20.00
C LYS B 2187 -1.75 22.95 18.67
N ASN B 2188 -1.41 21.65 18.62
CA ASN B 2188 -0.99 20.98 17.40
C ASN B 2188 0.22 21.68 16.77
N VAL B 2189 1.31 21.70 17.52
CA VAL B 2189 2.55 22.35 17.12
C VAL B 2189 3.65 21.30 17.03
N THR B 2190 4.35 21.28 15.89
CA THR B 2190 5.45 20.35 15.71
C THR B 2190 6.65 20.81 16.53
N GLU B 2191 7.27 19.87 17.24
CA GLU B 2191 8.40 20.16 18.12
C GLU B 2191 9.67 19.55 17.56
N LEU B 2192 10.78 20.26 17.72
CA LEU B 2192 12.09 19.83 17.23
C LEU B 2192 13.14 19.95 18.33
N THR B 2193 12.78 19.48 19.53
CA THR B 2193 13.72 19.50 20.65
C THR B 2193 14.88 18.55 20.37
N SER B 2194 16.10 19.01 20.70
CA SER B 2194 17.32 18.26 20.42
C SER B 2194 17.76 17.58 21.71
N GLN B 2195 17.50 16.27 21.80
CA GLN B 2195 17.92 15.46 22.93
C GLN B 2195 17.74 13.99 22.57
N GLU B 2196 18.68 13.16 23.00
CA GLU B 2196 18.63 11.72 22.78
C GLU B 2196 19.07 11.04 24.06
N MET B 2197 19.24 9.71 23.99
CA MET B 2197 19.73 8.97 25.14
C MET B 2197 21.14 9.40 25.52
N GLU B 2198 22.00 9.60 24.52
CA GLU B 2198 23.35 10.10 24.79
C GLU B 2198 23.30 11.51 25.36
N GLU B 2199 22.44 12.38 24.81
CA GLU B 2199 22.29 13.72 25.33
C GLU B 2199 21.62 13.74 26.70
N ALA B 2200 20.85 12.71 27.03
CA ALA B 2200 20.18 12.68 28.33
C ALA B 2200 21.18 12.59 29.47
N GLN B 2201 22.24 11.78 29.30
CA GLN B 2201 23.28 11.70 30.32
C GLN B 2201 23.99 13.04 30.50
N ALA B 2202 24.31 13.71 29.39
CA ALA B 2202 24.92 15.03 29.48
C ALA B 2202 23.97 16.04 30.11
N GLY B 2203 22.70 16.00 29.73
CA GLY B 2203 21.71 16.90 30.28
C GLY B 2203 21.64 18.24 29.57
N ASN B 2204 21.54 18.21 28.25
CA ASN B 2204 21.43 19.41 27.44
C ASN B 2204 20.22 19.31 26.54
N ILE B 2205 19.36 20.32 26.60
CA ILE B 2205 18.13 20.39 25.81
C ILE B 2205 18.16 21.68 25.01
N TYR B 2206 17.84 21.60 23.72
CA TYR B 2206 17.80 22.75 22.84
C TYR B 2206 16.41 22.88 22.22
N GLY B 2207 15.94 24.12 22.10
CA GLY B 2207 14.64 24.39 21.51
C GLY B 2207 14.70 24.46 20.00
N TRP B 2208 13.70 25.11 19.43
CA TRP B 2208 13.60 25.25 17.98
C TRP B 2208 12.83 26.53 17.66
N THR B 2209 12.98 26.98 16.42
CA THR B 2209 12.34 28.20 15.93
C THR B 2209 11.44 27.85 14.76
N ASN B 2210 10.21 28.36 14.79
CA ASN B 2210 9.24 28.15 13.72
C ASN B 2210 9.26 29.40 12.84
N PHE B 2211 9.87 29.27 11.66
CA PHE B 2211 10.01 30.42 10.77
C PHE B 2211 8.71 30.78 10.06
N ASP B 2212 7.73 29.88 10.05
CA ASP B 2212 6.49 30.15 9.32
C ASP B 2212 5.64 31.19 10.04
N ASP B 2213 5.49 31.06 11.37
CA ASP B 2213 4.69 31.97 12.16
C ASP B 2213 5.54 32.88 13.05
N LYS B 2214 6.87 32.84 12.91
CA LYS B 2214 7.78 33.67 13.68
C LYS B 2214 7.59 33.45 15.18
N THR B 2215 7.82 32.22 15.62
CA THR B 2215 7.72 31.85 17.02
C THR B 2215 9.01 31.18 17.45
N ILE B 2216 9.54 31.60 18.59
CA ILE B 2216 10.80 31.09 19.12
C ILE B 2216 10.51 30.30 20.39
N TYR B 2217 11.05 29.07 20.44
CA TYR B 2217 10.84 28.18 21.58
C TYR B 2217 12.16 27.95 22.28
N LEU B 2218 12.16 28.09 23.60
CA LEU B 2218 13.34 27.80 24.42
C LEU B 2218 12.96 26.81 25.52
N VAL B 2219 13.91 25.95 25.88
CA VAL B 2219 13.70 24.93 26.89
C VAL B 2219 14.69 25.18 28.02
N SER B 2220 14.17 25.39 29.23
CA SER B 2220 14.96 25.72 30.41
C SER B 2220 15.90 26.88 30.10
N PRO B 2221 15.37 28.07 29.84
CA PRO B 2221 16.20 29.16 29.33
C PRO B 2221 16.99 29.85 30.44
N SER B 2222 17.93 30.68 30.00
CA SER B 2222 18.71 31.53 30.89
C SER B 2222 18.89 32.89 30.21
N MET B 2223 19.44 33.83 30.96
CA MET B 2223 19.66 35.17 30.40
C MET B 2223 20.67 35.13 29.26
N GLU B 2224 21.69 34.28 29.35
CA GLU B 2224 22.71 34.23 28.30
C GLU B 2224 22.14 33.69 26.99
N THR B 2225 21.40 32.59 27.06
CA THR B 2225 20.90 31.97 25.83
C THR B 2225 19.76 32.76 25.19
N LEU B 2226 19.09 33.61 25.96
CA LEU B 2226 18.02 34.43 25.38
C LEU B 2226 18.58 35.44 24.38
N ILE B 2227 19.72 36.06 24.71
CA ILE B 2227 20.34 37.03 23.81
C ILE B 2227 20.83 36.35 22.54
N HIS B 2228 21.33 35.11 22.67
CA HIS B 2228 21.84 34.40 21.50
C HIS B 2228 20.76 34.15 20.46
N GLU B 2229 19.56 33.79 20.91
CA GLU B 2229 18.47 33.49 19.99
C GLU B 2229 17.90 34.75 19.35
N LEU B 2230 17.99 35.89 20.03
CA LEU B 2230 17.49 37.14 19.46
C LEU B 2230 18.27 37.54 18.22
N VAL B 2231 19.59 37.35 18.24
CA VAL B 2231 20.40 37.68 17.07
C VAL B 2231 20.47 36.52 16.09
N HIS B 2232 20.21 35.29 16.53
CA HIS B 2232 20.20 34.15 15.62
C HIS B 2232 19.04 34.26 14.63
N ALA B 2233 17.86 34.69 15.11
CA ALA B 2233 16.71 34.82 14.22
C ALA B 2233 16.91 35.95 13.22
N SER B 2234 17.49 37.07 13.66
CA SER B 2234 17.69 38.20 12.76
C SER B 2234 18.73 37.87 11.69
N THR B 2235 19.79 37.15 12.06
CA THR B 2235 20.83 36.80 11.09
C THR B 2235 20.29 35.86 10.02
N PHE B 2236 19.48 34.88 10.42
CA PHE B 2236 18.94 33.91 9.46
C PHE B 2236 18.01 34.56 8.44
N GLU B 2237 17.39 35.69 8.78
CA GLU B 2237 16.51 36.38 7.83
C GLU B 2237 17.29 36.88 6.62
N GLU B 2238 18.51 37.39 6.85
CA GLU B 2238 19.34 37.85 5.74
C GLU B 2238 19.72 36.68 4.83
N VAL B 2239 20.05 35.53 5.41
CA VAL B 2239 20.39 34.36 4.62
C VAL B 2239 19.19 33.88 3.81
N TYR B 2240 18.01 33.83 4.45
CA TYR B 2240 16.81 33.36 3.77
C TYR B 2240 16.38 34.34 2.69
N SER B 2241 16.41 35.64 2.99
CA SER B 2241 15.97 36.63 2.01
C SER B 2241 16.89 36.66 0.80
N PHE B 2242 18.20 36.53 1.01
CA PHE B 2242 19.14 36.58 -0.10
C PHE B 2242 18.92 35.43 -1.07
N TYR B 2243 18.67 34.24 -0.55
CA TYR B 2243 18.44 33.06 -1.39
C TYR B 2243 17.04 33.02 -1.99
N GLN B 2244 16.15 33.93 -1.58
CA GLN B 2244 14.81 34.00 -2.13
C GLN B 2244 14.69 35.01 -3.26
N GLY B 2245 15.79 35.65 -3.66
CA GLY B 2245 15.80 36.57 -4.78
C GLY B 2245 15.56 38.02 -4.42
N ASN B 2246 15.21 38.32 -3.18
CA ASN B 2246 14.99 39.71 -2.78
C ASN B 2246 16.32 40.45 -2.67
N GLU B 2247 16.25 41.77 -2.86
CA GLU B 2247 17.44 42.60 -2.75
C GLU B 2247 17.94 42.66 -1.32
N VAL B 2248 19.27 42.73 -1.18
CA VAL B 2248 19.92 42.81 0.11
C VAL B 2248 20.89 43.98 0.09
N SER B 2249 21.21 44.48 1.29
CA SER B 2249 22.14 45.60 1.40
C SER B 2249 23.52 45.19 0.89
N PRO B 2250 24.25 46.11 0.28
CA PRO B 2250 25.58 45.76 -0.26
C PRO B 2250 26.54 45.23 0.79
N THR B 2251 26.48 45.74 2.02
CA THR B 2251 27.36 45.24 3.07
C THR B 2251 27.04 43.79 3.40
N SER B 2252 25.75 43.44 3.45
CA SER B 2252 25.35 42.08 3.76
C SER B 2252 25.55 41.13 2.58
N LYS B 2253 25.47 41.66 1.35
CA LYS B 2253 25.64 40.83 0.18
C LYS B 2253 27.05 40.24 0.12
N GLN B 2254 28.06 41.05 0.41
CA GLN B 2254 29.45 40.58 0.36
C GLN B 2254 29.67 39.49 1.41
N ALA B 2255 29.12 39.69 2.62
CA ALA B 2255 29.35 38.72 3.69
C ALA B 2255 28.81 37.35 3.34
N ILE B 2256 27.59 37.28 2.79
CA ILE B 2256 27.04 36.00 2.37
C ILE B 2256 27.83 35.44 1.20
N GLU B 2257 28.22 36.30 0.26
CA GLU B 2257 29.03 35.85 -0.87
C GLU B 2257 30.38 35.31 -0.41
N ASN B 2258 31.00 35.99 0.55
CA ASN B 2258 32.28 35.52 1.07
C ASN B 2258 32.11 34.20 1.79
N LEU B 2259 31.03 34.05 2.56
CA LEU B 2259 30.78 32.80 3.26
C LEU B 2259 30.55 31.65 2.29
N GLU B 2260 29.89 31.94 1.16
CA GLU B 2260 29.69 30.92 0.13
C GLU B 2260 31.02 30.45 -0.43
N GLY B 2261 31.94 31.38 -0.66
CA GLY B 2261 33.27 31.00 -1.14
C GLY B 2261 34.04 30.15 -0.14
N LEU B 2262 33.97 30.54 1.14
CA LEU B 2262 34.63 29.77 2.18
C LEU B 2262 34.01 28.38 2.33
N MET B 2263 32.74 28.23 1.96
CA MET B 2263 32.09 26.92 2.05
C MET B 2263 32.67 25.96 1.02
N GLU B 2264 33.04 26.45 -0.16
CA GLU B 2264 33.57 25.58 -1.20
C GLU B 2264 34.91 24.99 -0.82
N GLN B 2265 35.68 25.69 0.03
CA GLN B 2265 36.94 25.16 0.54
C GLN B 2265 36.78 24.36 1.81
N PHE B 2266 35.58 24.34 2.40
CA PHE B 2266 35.38 23.62 3.67
C PHE B 2266 35.41 22.12 3.48
N ARG B 2267 34.91 21.62 2.35
CA ARG B 2267 34.80 20.18 2.11
C ARG B 2267 36.01 19.60 1.40
N SER B 2268 37.09 20.36 1.26
CA SER B 2268 38.30 19.91 0.58
C SER B 2268 39.52 20.18 1.45
N LEU B 2269 39.44 19.83 2.73
CA LEU B 2269 40.51 20.06 3.69
C LEU B 2269 41.11 18.74 4.15
N ASP B 2270 42.26 18.84 4.79
CA ASP B 2270 42.95 17.69 5.37
C ASP B 2270 42.85 17.78 6.90
N ILE B 2271 42.47 16.68 7.52
CA ILE B 2271 42.19 16.64 8.95
C ILE B 2271 43.06 15.64 9.70
N SER B 2272 43.85 14.83 8.98
CA SER B 2272 44.65 13.78 9.60
C SER B 2272 45.63 14.32 10.63
N LYS B 2273 46.00 15.60 10.54
CA LYS B 2273 46.94 16.21 11.48
C LYS B 2273 46.24 17.02 12.57
N ASP B 2274 44.92 16.88 12.70
CA ASP B 2274 44.16 17.62 13.70
C ASP B 2274 43.83 16.73 14.89
N SER B 2275 43.21 17.34 15.90
CA SER B 2275 42.85 16.63 17.11
C SER B 2275 41.75 15.61 16.82
N PRO B 2276 41.73 14.48 17.54
CA PRO B 2276 40.66 13.50 17.32
C PRO B 2276 39.27 14.06 17.57
N GLU B 2277 39.12 14.97 18.53
CA GLU B 2277 37.82 15.58 18.79
C GLU B 2277 37.42 16.52 17.66
N MET B 2278 38.39 17.20 17.05
CA MET B 2278 38.08 18.10 15.94
C MET B 2278 37.62 17.33 14.71
N ARG B 2279 38.06 16.09 14.56
CA ARG B 2279 37.62 15.27 13.43
C ARG B 2279 36.12 15.00 13.48
N GLU B 2280 35.60 14.72 14.68
CA GLU B 2280 34.17 14.47 14.83
C GLU B 2280 33.35 15.70 14.52
N ALA B 2281 33.85 16.88 14.92
CA ALA B 2281 33.15 18.13 14.63
C ALA B 2281 33.07 18.37 13.12
N TYR B 2282 34.16 18.07 12.40
CA TYR B 2282 34.15 18.23 10.96
C TYR B 2282 33.32 17.15 10.27
N ALA B 2283 33.41 15.91 10.77
CA ALA B 2283 32.69 14.80 10.14
C ALA B 2283 31.18 15.00 10.25
N ASP B 2284 30.71 15.42 11.43
CA ASP B 2284 29.28 15.63 11.61
C ASP B 2284 28.77 16.79 10.75
N ALA B 2285 29.54 17.88 10.70
CA ALA B 2285 29.11 19.05 9.92
C ALA B 2285 29.04 18.73 8.43
N ILE B 2286 30.03 18.00 7.91
CA ILE B 2286 30.06 17.72 6.48
C ILE B 2286 28.98 16.72 6.07
N ALA B 2287 28.48 15.92 7.01
CA ALA B 2287 27.44 14.94 6.67
C ALA B 2287 26.13 15.64 6.34
N THR B 2288 25.72 16.60 7.17
CA THR B 2288 24.46 17.29 6.95
C THR B 2288 24.56 18.33 5.84
N ILE B 2289 25.74 18.92 5.64
CA ILE B 2289 25.90 19.95 4.61
C ILE B 2289 25.68 19.34 3.22
N GLU B 2290 26.29 18.19 2.96
CA GLU B 2290 26.14 17.56 1.65
C GLU B 2290 24.75 16.96 1.47
N GLY B 2291 24.10 16.58 2.57
CA GLY B 2291 22.76 16.03 2.47
C GLY B 2291 21.75 17.04 1.96
N HIS B 2292 21.86 18.29 2.41
CA HIS B 2292 20.96 19.34 1.94
C HIS B 2292 21.14 19.61 0.45
N LEU B 2293 22.39 19.63 -0.02
CA LEU B 2293 22.66 19.92 -1.41
C LEU B 2293 22.27 18.77 -2.34
N SER B 2294 22.19 17.55 -1.82
CA SER B 2294 21.84 16.38 -2.61
C SER B 2294 20.39 15.97 -2.42
N ASN B 2295 19.50 16.94 -2.21
CA ASN B 2295 18.08 16.69 -2.01
C ASN B 2295 17.31 17.23 -3.21
N GLY B 2296 16.53 16.37 -3.85
CA GLY B 2296 15.82 16.75 -5.06
C GLY B 2296 14.35 17.04 -4.88
N PHE B 2297 13.81 16.75 -3.70
CA PHE B 2297 12.39 16.93 -3.42
C PHE B 2297 12.12 18.13 -2.51
N VAL B 2298 13.04 19.08 -2.46
CA VAL B 2298 12.86 20.31 -1.70
C VAL B 2298 13.19 21.50 -2.58
N ASP B 2299 12.66 22.66 -2.21
CA ASP B 2299 12.90 23.87 -2.99
C ASP B 2299 14.38 24.23 -2.96
N PRO B 2300 14.99 24.57 -4.09
CA PRO B 2300 16.42 24.95 -4.07
C PRO B 2300 16.72 26.13 -3.17
N ALA B 2301 15.82 27.11 -3.10
CA ALA B 2301 16.04 28.25 -2.21
C ALA B 2301 16.03 27.83 -0.75
N ILE B 2302 15.13 26.92 -0.38
CA ILE B 2302 15.07 26.45 1.00
C ILE B 2302 16.29 25.60 1.35
N SER B 2303 16.71 24.74 0.41
CA SER B 2303 17.84 23.85 0.68
C SER B 2303 19.14 24.64 0.80
N LYS B 2304 19.33 25.65 -0.06
CA LYS B 2304 20.57 26.42 0.00
C LYS B 2304 20.69 27.19 1.30
N ALA B 2305 19.59 27.77 1.79
CA ALA B 2305 19.63 28.51 3.04
C ALA B 2305 19.96 27.60 4.22
N ALA B 2306 19.41 26.38 4.23
CA ALA B 2306 19.67 25.47 5.33
C ALA B 2306 21.14 25.06 5.39
N ALA B 2307 21.76 24.84 4.23
CA ALA B 2307 23.16 24.41 4.21
C ALA B 2307 24.07 25.49 4.78
N LEU B 2308 23.84 26.75 4.42
CA LEU B 2308 24.69 27.83 4.90
C LEU B 2308 24.52 28.05 6.40
N ASN B 2309 23.31 27.88 6.91
CA ASN B 2309 23.07 28.05 8.34
C ASN B 2309 23.84 27.01 9.16
N GLU B 2310 23.92 25.78 8.65
CA GLU B 2310 24.70 24.75 9.34
C GLU B 2310 26.19 25.07 9.32
N PHE B 2311 26.66 25.72 8.25
CA PHE B 2311 28.07 26.12 8.20
C PHE B 2311 28.40 27.13 9.28
N MET B 2312 27.51 28.11 9.51
CA MET B 2312 27.75 29.10 10.54
C MET B 2312 27.79 28.47 11.93
N ALA B 2313 26.91 27.50 12.18
CA ALA B 2313 26.84 26.90 13.51
C ALA B 2313 28.13 26.17 13.88
N TRP B 2314 28.73 25.46 12.91
CA TRP B 2314 29.95 24.71 13.20
C TRP B 2314 31.09 25.63 13.57
N GLY B 2315 31.23 26.76 12.87
CA GLY B 2315 32.34 27.66 13.17
C GLY B 2315 32.24 28.29 14.55
N LEU B 2316 31.03 28.68 14.96
CA LEU B 2316 30.85 29.32 16.25
C LEU B 2316 30.90 28.33 17.40
N ALA B 2317 30.40 27.10 17.19
CA ALA B 2317 30.39 26.11 18.26
C ALA B 2317 31.81 25.67 18.61
N ASN B 2318 32.68 25.52 17.60
CA ASN B 2318 34.02 25.00 17.80
C ASN B 2318 35.06 26.10 18.05
N ARG B 2319 34.66 27.36 18.07
CA ARG B 2319 35.61 28.43 18.31
C ARG B 2319 36.23 28.33 19.70
N ALA B 2320 35.42 27.97 20.70
CA ALA B 2320 35.88 28.02 22.09
C ALA B 2320 37.03 27.06 22.33
N LEU B 2321 36.95 25.84 21.79
CA LEU B 2321 37.94 24.82 22.07
C LEU B 2321 39.02 24.71 21.00
N ALA B 2322 38.82 25.33 19.83
CA ALA B 2322 39.86 25.37 18.80
C ALA B 2322 40.72 26.63 18.89
N ALA B 2323 40.44 27.51 19.84
CA ALA B 2323 41.25 28.71 20.05
C ALA B 2323 42.39 28.48 21.02
N LYS B 2324 42.56 27.26 21.52
CA LYS B 2324 43.63 26.92 22.44
C LYS B 2324 44.10 25.50 22.15
N GLN B 2325 45.30 25.19 22.65
CA GLN B 2325 46.00 23.91 22.45
C GLN B 2325 45.88 23.42 21.01
N LYS B 2326 45.99 24.32 20.04
CA LYS B 2326 45.90 23.99 18.64
C LYS B 2326 47.08 24.60 17.89
N ARG B 2327 47.50 23.92 16.82
CA ARG B 2327 48.60 24.38 16.01
C ARG B 2327 48.05 25.17 14.81
N THR B 2328 48.92 25.53 13.87
CA THR B 2328 48.51 26.30 12.71
C THR B 2328 47.98 25.38 11.62
N SER B 2329 47.00 24.55 11.96
CA SER B 2329 46.39 23.66 11.00
C SER B 2329 45.43 24.43 10.09
N SER B 2330 45.20 23.88 8.89
CA SER B 2330 44.27 24.50 7.96
C SER B 2330 42.85 24.50 8.53
N LEU B 2331 42.45 23.39 9.15
CA LEU B 2331 41.12 23.33 9.76
C LEU B 2331 41.00 24.31 10.92
N VAL B 2332 42.05 24.42 11.74
CA VAL B 2332 42.03 25.37 12.85
C VAL B 2332 41.97 26.80 12.32
N GLN B 2333 42.68 27.07 11.23
CA GLN B 2333 42.61 28.39 10.60
C GLN B 2333 41.22 28.67 10.06
N MET B 2334 40.52 27.64 9.58
CA MET B 2334 39.19 27.82 8.99
C MET B 2334 38.21 28.40 10.00
N VAL B 2335 38.34 28.05 11.28
CA VAL B 2335 37.42 28.55 12.29
C VAL B 2335 37.55 30.06 12.43
N LYS B 2336 38.77 30.59 12.32
CA LYS B 2336 38.98 32.02 12.48
C LYS B 2336 38.37 32.81 11.33
N ASP B 2337 38.50 32.31 10.10
CA ASP B 2337 37.97 33.05 8.96
C ASP B 2337 36.45 33.12 8.98
N VAL B 2338 35.79 32.00 9.30
CA VAL B 2338 34.33 31.98 9.30
C VAL B 2338 33.78 32.87 10.43
N TYR B 2339 34.48 32.91 11.56
CA TYR B 2339 34.03 33.78 12.66
C TYR B 2339 34.10 35.25 12.27
N GLN B 2340 35.15 35.65 11.55
CA GLN B 2340 35.28 37.04 11.15
C GLN B 2340 34.22 37.45 10.13
N ALA B 2341 33.82 36.52 9.26
CA ALA B 2341 32.81 36.85 8.26
C ALA B 2341 31.47 37.18 8.90
N ILE B 2342 31.10 36.45 9.95
CA ILE B 2342 29.83 36.70 10.63
C ILE B 2342 29.84 38.06 11.31
N LYS B 2343 30.99 38.50 11.83
CA LYS B 2343 31.06 39.75 12.56
C LYS B 2343 30.67 40.94 11.68
N LYS B 2344 31.16 40.96 10.43
CA LYS B 2344 30.82 42.06 9.54
C LYS B 2344 29.36 42.03 9.13
N LEU B 2345 28.77 40.84 8.98
CA LEU B 2345 27.38 40.74 8.58
C LEU B 2345 26.46 41.32 9.65
N ILE B 2346 26.72 41.01 10.92
CA ILE B 2346 25.85 41.48 11.99
C ILE B 2346 26.00 42.99 12.19
N TRP B 2347 27.25 43.47 12.21
CA TRP B 2347 27.51 44.88 12.46
C TRP B 2347 27.33 45.76 11.23
N GLY B 2348 27.26 45.18 10.03
CA GLY B 2348 27.10 45.99 8.85
C GLY B 2348 28.31 46.88 8.59
N ARG B 2349 28.06 48.08 8.09
CA ARG B 2349 29.14 49.00 7.75
C ARG B 2349 29.67 49.77 8.96
N LYS B 2350 28.99 49.72 10.10
CA LYS B 2350 29.45 50.43 11.28
C LYS B 2350 30.62 49.69 11.93
N GLN B 2351 31.30 50.40 12.83
CA GLN B 2351 32.51 49.86 13.45
C GLN B 2351 32.19 48.60 14.26
N ALA B 2352 33.02 47.59 14.10
CA ALA B 2352 32.89 46.30 14.76
C ALA B 2352 33.98 46.12 15.80
N PRO B 2353 33.77 45.26 16.80
CA PRO B 2353 34.81 45.00 17.79
C PRO B 2353 36.03 44.37 17.15
N ALA B 2354 37.20 44.64 17.76
CA ALA B 2354 38.47 44.19 17.20
C ALA B 2354 38.55 42.67 17.18
N LEU B 2355 39.51 42.17 16.40
CA LEU B 2355 39.69 40.73 16.25
C LEU B 2355 40.11 40.08 17.56
N GLY B 2356 39.62 38.87 17.79
CA GLY B 2356 39.94 38.14 18.99
C GLY B 2356 39.08 38.47 20.20
N GLU B 2357 38.16 39.42 20.08
CA GLU B 2357 37.29 39.79 21.18
C GLU B 2357 36.01 38.98 21.17
N ASP B 2358 35.45 38.75 22.35
CA ASP B 2358 34.20 38.02 22.46
C ASP B 2358 33.07 38.81 21.78
N MET B 2359 32.26 38.10 21.01
CA MET B 2359 31.21 38.76 20.24
C MET B 2359 30.04 39.14 21.14
N PHE B 2360 29.38 38.14 21.71
CA PHE B 2360 28.23 38.36 22.61
C PHE B 2360 28.34 37.41 23.80
N SER B 2361 29.51 37.39 24.44
CA SER B 2361 29.81 36.45 25.52
C SER B 2361 29.70 35.01 25.02
N ASN B 2362 30.63 34.68 24.11
CA ASN B 2362 30.71 33.38 23.41
C ASN B 2362 29.34 32.99 22.83
N LEU B 2363 28.90 33.80 21.88
CA LEU B 2363 27.63 33.55 21.20
C LEU B 2363 27.68 32.24 20.43
N LEU B 2364 26.62 31.45 20.55
CA LEU B 2364 26.47 30.18 19.83
C LEU B 2364 25.14 30.14 19.12
N PHE B 2365 25.08 29.33 18.07
CA PHE B 2365 23.84 29.04 17.34
C PHE B 2365 23.50 27.57 17.57
N ASN B 2366 22.38 27.32 18.25
CA ASN B 2366 22.02 25.97 18.64
C ASN B 2366 20.57 25.60 18.40
N SER B 2367 19.72 26.52 17.95
CA SER B 2367 18.31 26.25 17.75
C SER B 2367 18.04 25.93 16.29
N ALA B 2368 17.28 24.87 16.05
CA ALA B 2368 16.94 24.46 14.70
C ALA B 2368 15.91 25.41 14.09
N ILE B 2369 15.80 25.35 12.77
CA ILE B 2369 14.89 26.19 12.00
C ILE B 2369 13.96 25.29 11.19
N LEU B 2370 12.67 25.61 11.21
CA LEU B 2370 11.66 24.85 10.50
C LEU B 2370 11.20 25.62 9.27
N MET B 2371 11.21 24.97 8.11
CA MET B 2371 10.78 25.59 6.86
C MET B 2371 10.02 24.56 6.04
N ARG B 2372 9.11 25.07 5.19
CA ARG B 2372 8.31 24.23 4.32
C ARG B 2372 8.15 24.92 2.97
N SER B 2373 7.84 24.12 1.96
CA SER B 2373 7.68 24.64 0.61
C SER B 2373 6.78 23.69 -0.18
N GLN B 2374 6.34 24.16 -1.34
CA GLN B 2374 5.43 23.38 -2.18
C GLN B 2374 6.15 22.16 -2.74
N PRO B 2375 5.47 21.03 -2.85
CA PRO B 2375 6.09 19.85 -3.47
C PRO B 2375 6.18 19.99 -4.98
N THR B 2376 7.02 19.15 -5.57
CA THR B 2376 7.24 19.15 -7.01
C THR B 2376 6.11 18.41 -7.72
N THR B 2377 6.03 18.62 -9.04
CA THR B 2377 4.99 17.97 -9.84
C THR B 2377 5.16 16.45 -9.83
N GLN B 2378 6.41 15.98 -9.95
CA GLN B 2378 6.66 14.54 -9.97
C GLN B 2378 6.30 13.86 -8.66
N ALA B 2379 6.26 14.61 -7.56
CA ALA B 2379 5.94 14.01 -6.26
C ALA B 2379 4.47 13.58 -6.20
N VAL B 2380 3.58 14.41 -6.72
CA VAL B 2380 2.15 14.11 -6.64
C VAL B 2380 1.69 13.21 -7.79
N ALA B 2381 2.35 13.26 -8.95
CA ALA B 2381 1.95 12.42 -10.07
C ALA B 2381 2.33 10.97 -9.84
N LYS B 2382 3.50 10.73 -9.23
CA LYS B 2382 3.96 9.37 -8.97
C LYS B 2382 3.30 8.75 -7.75
N ASP B 2383 2.62 9.54 -6.93
CA ASP B 2383 1.97 9.00 -5.74
C ASP B 2383 0.73 8.21 -6.09
N GLY B 2384 -0.06 8.69 -7.05
CA GLY B 2384 -1.31 8.04 -7.38
C GLY B 2384 -1.26 7.20 -8.64
N THR B 2385 -0.05 6.82 -9.06
CA THR B 2385 0.11 6.02 -10.26
C THR B 2385 -0.53 4.64 -10.10
N LEU B 2386 -0.36 4.01 -8.94
CA LEU B 2386 -0.81 2.66 -8.71
C LEU B 2386 -2.11 2.57 -7.91
N PHE B 2387 -2.89 3.65 -7.90
CA PHE B 2387 -4.19 3.61 -7.23
C PHE B 2387 -5.10 2.60 -7.91
N HIS B 2388 -5.78 1.78 -7.10
CA HIS B 2388 -6.69 0.79 -7.63
C HIS B 2388 -7.70 0.41 -6.55
N SER B 2389 -8.97 0.32 -6.95
CA SER B 2389 -10.06 -0.04 -6.05
C SER B 2389 -11.29 -0.33 -6.90
N LYS B 2390 -12.25 -1.04 -6.31
CA LYS B 2390 -13.47 -1.38 -7.04
C LYS B 2390 -14.28 -0.14 -7.40
N ALA B 2391 -14.41 0.80 -6.47
CA ALA B 2391 -15.15 2.02 -6.73
C ALA B 2391 -14.33 3.08 -7.46
N TYR B 2392 -13.01 2.92 -7.50
CA TYR B 2392 -12.14 3.86 -8.19
C TYR B 2392 -11.69 3.35 -9.56
N GLY B 2393 -11.62 2.04 -9.74
CA GLY B 2393 -11.14 1.47 -10.99
C GLY B 2393 -9.97 0.53 -10.77
N ASN B 2394 -10.09 -0.71 -11.24
CA ASN B 2394 -9.04 -1.70 -11.03
C ASN B 2394 -8.60 -2.32 -12.35
N ASN B 2395 -8.38 -1.49 -13.36
CA ASN B 2395 -7.90 -1.96 -14.66
C ASN B 2395 -6.39 -2.10 -14.59
N GLU B 2396 -5.91 -3.34 -14.64
CA GLU B 2396 -4.48 -3.59 -14.52
C GLU B 2396 -3.71 -3.01 -15.70
N ARG B 2397 -4.26 -3.12 -16.91
CA ARG B 2397 -3.56 -2.64 -18.09
C ARG B 2397 -3.36 -1.13 -18.04
N LEU B 2398 -4.34 -0.40 -17.51
CA LEU B 2398 -4.21 1.05 -17.42
C LEU B 2398 -3.11 1.47 -16.45
N SER B 2399 -2.87 0.66 -15.42
CA SER B 2399 -1.78 0.97 -14.49
C SER B 2399 -0.42 0.90 -15.18
N GLN B 2400 -0.23 -0.10 -16.05
CA GLN B 2400 1.06 -0.24 -16.73
C GLN B 2400 1.26 0.87 -17.75
N LEU B 2401 0.20 1.30 -18.43
CA LEU B 2401 0.32 2.37 -19.40
C LEU B 2401 0.76 3.67 -18.73
N ASN B 2402 0.25 3.93 -17.53
CA ASN B 2402 0.66 5.13 -16.79
C ASN B 2402 2.13 5.08 -16.43
N GLN B 2403 2.63 3.89 -16.08
CA GLN B 2403 4.02 3.75 -15.68
C GLN B 2403 4.97 4.12 -16.82
N THR B 2404 4.68 3.68 -18.04
CA THR B 2404 5.53 4.03 -19.18
C THR B 2404 5.39 5.50 -19.54
N PHE B 2405 4.25 6.11 -19.23
CA PHE B 2405 4.10 7.55 -19.45
C PHE B 2405 4.99 8.35 -18.52
N ASP B 2406 5.17 7.89 -17.28
CA ASP B 2406 6.00 8.60 -16.32
C ASP B 2406 7.45 8.63 -16.77
N LYS B 2407 7.95 7.52 -17.31
CA LYS B 2407 9.35 7.45 -17.72
C LYS B 2407 9.65 8.43 -18.85
N LEU B 2408 8.77 8.49 -19.85
CA LEU B 2408 9.03 9.30 -21.03
C LEU B 2408 8.84 10.79 -20.76
N VAL B 2409 7.79 11.17 -20.03
CA VAL B 2409 7.37 12.56 -19.90
C VAL B 2409 7.59 13.10 -18.50
N THR B 2410 7.03 12.44 -17.49
CA THR B 2410 7.04 12.99 -16.13
C THR B 2410 8.46 13.12 -15.59
N ASP B 2411 9.30 12.13 -15.84
CA ASP B 2411 10.64 12.11 -15.27
C ASP B 2411 11.55 13.21 -15.84
N TYR B 2412 11.17 13.83 -16.96
CA TYR B 2412 12.02 14.82 -17.61
C TYR B 2412 11.50 16.24 -17.45
N LEU B 2413 10.49 16.46 -16.63
CA LEU B 2413 10.04 17.81 -16.33
C LEU B 2413 11.01 18.49 -15.38
N ARG B 2414 11.00 19.82 -15.40
CA ARG B 2414 11.88 20.59 -14.55
C ARG B 2414 11.53 20.37 -13.08
N THR B 2415 12.56 20.27 -12.24
CA THR B 2415 12.36 19.98 -10.83
C THR B 2415 11.79 21.15 -10.05
N ASP B 2416 11.73 22.34 -10.63
CA ASP B 2416 11.17 23.49 -9.93
C ASP B 2416 9.66 23.31 -9.78
N PRO B 2417 9.08 23.81 -8.68
CA PRO B 2417 7.63 23.72 -8.50
C PRO B 2417 6.89 24.50 -9.56
N VAL B 2418 5.69 24.01 -9.92
CA VAL B 2418 4.90 24.63 -10.97
C VAL B 2418 4.31 25.95 -10.45
N THR B 2419 4.06 26.87 -11.38
CA THR B 2419 3.45 28.15 -11.09
C THR B 2419 2.12 28.28 -11.84
N GLU B 2420 1.51 29.45 -11.75
CA GLU B 2420 0.23 29.73 -12.40
C GLU B 2420 0.35 31.04 -13.17
N VAL B 2421 0.51 30.94 -14.49
CA VAL B 2421 0.55 32.09 -15.38
C VAL B 2421 -0.44 31.84 -16.50
N GLU B 2422 -0.88 32.92 -17.15
CA GLU B 2422 -1.82 32.78 -18.27
C GLU B 2422 -1.19 32.00 -19.42
N ARG B 2423 0.10 32.22 -19.68
CA ARG B 2423 0.88 31.43 -20.63
C ARG B 2423 0.24 31.43 -22.02
N ARG B 2424 0.16 32.61 -22.61
CA ARG B 2424 -0.33 32.71 -23.99
C ARG B 2424 0.73 32.18 -24.96
N GLY B 2425 0.26 31.71 -26.11
CA GLY B 2425 1.17 31.18 -27.10
C GLY B 2425 0.47 30.18 -28.01
N ASN B 2426 1.27 29.37 -28.68
CA ASN B 2426 0.77 28.40 -29.65
C ASN B 2426 0.51 27.03 -29.02
N VAL B 2427 1.41 26.58 -28.14
CA VAL B 2427 1.24 25.27 -27.52
C VAL B 2427 0.07 25.27 -26.55
N ALA B 2428 -0.09 26.38 -25.79
CA ALA B 2428 -1.15 26.44 -24.80
C ALA B 2428 -2.54 26.40 -25.44
N ASN B 2429 -2.67 26.93 -26.66
CA ASN B 2429 -3.95 26.84 -27.36
C ASN B 2429 -4.31 25.39 -27.64
N ALA B 2430 -3.34 24.57 -28.04
CA ALA B 2430 -3.60 23.15 -28.27
C ALA B 2430 -3.96 22.44 -26.96
N LEU B 2431 -3.26 22.77 -25.87
CA LEU B 2431 -3.56 22.14 -24.60
C LEU B 2431 -4.94 22.53 -24.08
N MET B 2432 -5.30 23.81 -24.21
CA MET B 2432 -6.60 24.27 -23.76
C MET B 2432 -7.72 23.63 -24.59
N SER B 2433 -7.54 23.55 -25.91
CA SER B 2433 -8.55 22.94 -26.76
C SER B 2433 -8.70 21.46 -26.47
N ALA B 2434 -7.59 20.77 -26.20
CA ALA B 2434 -7.65 19.34 -25.92
C ALA B 2434 -8.42 19.05 -24.64
N THR B 2435 -8.33 19.93 -23.64
CA THR B 2435 -9.06 19.72 -22.40
C THR B 2435 -10.57 19.75 -22.63
N ARG B 2436 -11.04 20.69 -23.45
CA ARG B 2436 -12.46 20.75 -23.75
C ARG B 2436 -12.93 19.51 -24.51
N LEU B 2437 -12.15 19.06 -25.48
CA LEU B 2437 -12.53 17.89 -26.26
C LEU B 2437 -12.52 16.62 -25.42
N VAL B 2438 -11.67 16.56 -24.39
CA VAL B 2438 -11.66 15.40 -23.51
C VAL B 2438 -12.98 15.29 -22.76
N ARG B 2439 -13.50 16.40 -22.27
CA ARG B 2439 -14.76 16.38 -21.52
C ARG B 2439 -15.94 16.00 -22.41
N ASP B 2440 -15.95 16.48 -23.65
CA ASP B 2440 -17.08 16.20 -24.54
C ASP B 2440 -17.19 14.71 -24.85
N VAL B 2441 -16.07 14.01 -24.93
CA VAL B 2441 -16.11 12.57 -25.22
C VAL B 2441 -16.79 11.81 -24.08
N GLN B 2442 -16.50 12.18 -22.84
CA GLN B 2442 -17.06 11.47 -21.70
C GLN B 2442 -18.57 11.68 -21.59
N SER B 2443 -19.07 12.81 -22.06
CA SER B 2443 -20.48 13.15 -21.94
C SER B 2443 -21.29 12.78 -23.18
N HIS B 2444 -20.69 12.05 -24.12
CA HIS B 2444 -21.35 11.72 -25.38
C HIS B 2444 -21.25 10.22 -25.66
N GLY B 2445 -21.55 9.40 -24.65
CA GLY B 2445 -21.65 7.97 -24.82
C GLY B 2445 -20.50 7.16 -24.26
N PHE B 2446 -19.38 7.79 -23.91
CA PHE B 2446 -18.21 7.08 -23.40
C PHE B 2446 -18.04 7.43 -21.93
N ASN B 2447 -18.73 6.68 -21.06
CA ASN B 2447 -18.61 6.89 -19.63
C ASN B 2447 -17.37 6.20 -19.09
N MET B 2448 -16.58 6.93 -18.31
CA MET B 2448 -15.30 6.44 -17.82
C MET B 2448 -15.24 6.62 -16.30
N THR B 2449 -14.49 5.73 -15.67
CA THR B 2449 -14.30 5.77 -14.23
C THR B 2449 -13.27 6.85 -13.87
N ALA B 2450 -12.98 6.96 -12.57
CA ALA B 2450 -12.01 7.96 -12.12
C ALA B 2450 -10.61 7.63 -12.61
N GLN B 2451 -10.22 6.35 -12.58
CA GLN B 2451 -8.89 5.96 -13.02
C GLN B 2451 -8.72 6.18 -14.51
N GLU B 2452 -9.70 5.74 -15.30
CA GLU B 2452 -9.59 5.86 -16.76
C GLU B 2452 -9.61 7.31 -17.22
N GLN B 2453 -10.31 8.17 -16.49
CA GLN B 2453 -10.37 9.58 -16.86
C GLN B 2453 -9.01 10.26 -16.72
N SER B 2454 -8.27 9.92 -15.67
CA SER B 2454 -6.98 10.57 -15.43
C SER B 2454 -5.96 10.18 -16.49
N VAL B 2455 -5.88 8.91 -16.85
CA VAL B 2455 -4.92 8.46 -17.86
C VAL B 2455 -5.25 9.09 -19.21
N PHE B 2456 -6.54 9.13 -19.56
CA PHE B 2456 -6.94 9.72 -20.83
C PHE B 2456 -6.63 11.21 -20.88
N GLN B 2457 -6.68 11.89 -19.74
CA GLN B 2457 -6.40 13.32 -19.72
C GLN B 2457 -4.91 13.60 -19.88
N MET B 2458 -4.06 12.83 -19.20
CA MET B 2458 -2.62 13.08 -19.25
C MET B 2458 -2.03 12.68 -20.60
N VAL B 2459 -2.44 11.52 -21.12
CA VAL B 2459 -1.89 11.05 -22.39
C VAL B 2459 -2.24 12.00 -23.52
N THR B 2460 -3.50 12.45 -23.57
CA THR B 2460 -3.93 13.34 -24.64
C THR B 2460 -3.16 14.66 -24.60
N ALA B 2461 -2.78 15.12 -23.40
CA ALA B 2461 -2.00 16.36 -23.30
C ALA B 2461 -0.63 16.21 -23.96
N ALA B 2462 0.01 15.06 -23.76
CA ALA B 2462 1.32 14.83 -24.38
C ALA B 2462 1.23 14.80 -25.89
N LEU B 2463 0.19 14.15 -26.43
CA LEU B 2463 0.03 14.08 -27.87
C LEU B 2463 -0.39 15.43 -28.46
N ALA B 2464 -1.03 16.28 -27.65
CA ALA B 2464 -1.48 17.57 -28.15
C ALA B 2464 -0.33 18.54 -28.34
N THR B 2465 0.61 18.58 -27.39
CA THR B 2465 1.73 19.51 -27.49
C THR B 2465 2.72 19.05 -28.56
N GLU B 2466 2.94 17.74 -28.67
CA GLU B 2466 3.86 17.24 -29.69
C GLU B 2466 3.34 17.52 -31.10
N ALA B 2467 2.05 17.32 -31.33
CA ALA B 2467 1.47 17.62 -32.63
C ALA B 2467 1.50 19.10 -32.94
N ALA B 2468 1.50 19.95 -31.92
CA ALA B 2468 1.55 21.39 -32.14
C ALA B 2468 2.94 21.84 -32.58
N ILE B 2469 3.98 21.13 -32.15
CA ILE B 2469 5.34 21.51 -32.53
C ILE B 2469 5.71 20.92 -33.89
N ASP B 2470 5.50 19.61 -34.05
CA ASP B 2470 5.81 18.94 -35.30
C ASP B 2470 4.52 18.63 -36.05
N PRO B 2471 4.24 19.31 -37.17
CA PRO B 2471 2.99 19.04 -37.89
C PRO B 2471 2.92 17.65 -38.51
N HIS B 2472 4.05 16.99 -38.70
CA HIS B 2472 4.08 15.68 -39.35
C HIS B 2472 4.02 14.52 -38.37
N ALA B 2473 3.86 14.79 -37.07
CA ALA B 2473 3.84 13.72 -36.08
C ALA B 2473 2.57 12.88 -36.17
N MET B 2474 1.50 13.40 -36.77
CA MET B 2474 0.23 12.71 -36.86
C MET B 2474 0.00 12.08 -38.22
N ALA B 2475 1.04 11.98 -39.06
CA ALA B 2475 0.86 11.43 -40.40
C ALA B 2475 0.47 9.96 -40.35
N ARG B 2476 1.09 9.18 -39.46
CA ARG B 2476 0.78 7.76 -39.38
C ARG B 2476 -0.59 7.52 -38.74
N ALA B 2477 -0.92 8.29 -37.70
CA ALA B 2477 -2.20 8.10 -37.03
C ALA B 2477 -3.37 8.40 -37.96
N GLN B 2478 -3.19 9.33 -38.90
CA GLN B 2478 -4.25 9.64 -39.85
C GLN B 2478 -4.55 8.45 -40.75
N GLU B 2479 -3.50 7.73 -41.17
CA GLU B 2479 -3.69 6.59 -42.07
C GLU B 2479 -4.53 5.50 -41.41
N LEU B 2480 -4.28 5.22 -40.13
CA LEU B 2480 -5.07 4.22 -39.42
C LEU B 2480 -6.49 4.70 -39.13
N TYR B 2481 -6.71 6.01 -39.13
CA TYR B 2481 -8.05 6.52 -38.84
C TYR B 2481 -8.99 6.31 -40.02
N THR B 2482 -8.52 6.56 -41.24
CA THR B 2482 -9.38 6.39 -42.41
C THR B 2482 -9.76 4.92 -42.62
N HIS B 2483 -8.83 4.00 -42.34
CA HIS B 2483 -9.14 2.58 -42.46
C HIS B 2483 -10.21 2.16 -41.45
N VAL B 2484 -10.13 2.69 -40.23
CA VAL B 2484 -11.13 2.37 -39.21
C VAL B 2484 -12.50 2.90 -39.61
N MET B 2485 -12.54 4.13 -40.14
CA MET B 2485 -13.82 4.75 -40.52
C MET B 2485 -14.50 4.04 -41.68
N LYS B 2486 -13.81 3.16 -42.40
CA LYS B 2486 -14.39 2.46 -43.53
C LYS B 2486 -15.08 1.17 -43.14
N HIS B 2487 -14.98 0.75 -41.87
CA HIS B 2487 -15.58 -0.50 -41.42
C HIS B 2487 -16.42 -0.32 -40.17
N LEU B 2488 -16.84 0.91 -39.86
CA LEU B 2488 -17.57 1.21 -38.65
C LEU B 2488 -19.05 1.36 -38.95
N THR B 2489 -19.88 0.75 -38.11
CA THR B 2489 -21.33 0.83 -38.23
C THR B 2489 -21.94 1.08 -36.86
N VAL B 2490 -23.19 1.55 -36.87
CA VAL B 2490 -23.89 1.83 -35.61
C VAL B 2490 -24.14 0.55 -34.83
N GLU B 2491 -24.40 -0.56 -35.53
CA GLU B 2491 -24.69 -1.82 -34.85
C GLU B 2491 -23.50 -2.35 -34.05
N HIS B 2492 -22.29 -1.83 -34.30
CA HIS B 2492 -21.14 -2.28 -33.54
C HIS B 2492 -21.26 -1.90 -32.06
N PHE B 2493 -21.87 -0.77 -31.77
CA PHE B 2493 -22.01 -0.28 -30.40
C PHE B 2493 -23.30 -0.73 -29.73
N MET B 2494 -24.13 -1.52 -30.42
CA MET B 2494 -25.44 -1.92 -29.91
C MET B 2494 -25.32 -3.34 -29.36
N ALA B 2495 -25.55 -3.48 -28.04
CA ALA B 2495 -25.36 -4.78 -27.39
C ALA B 2495 -26.32 -5.83 -27.94
N ASP B 2496 -27.59 -5.46 -28.10
CA ASP B 2496 -28.59 -6.35 -28.69
C ASP B 2496 -29.09 -5.74 -29.98
N PRO B 2497 -28.57 -6.17 -31.13
CA PRO B 2497 -28.84 -5.45 -32.39
C PRO B 2497 -30.31 -5.39 -32.78
N ASP B 2498 -31.14 -6.29 -32.27
CA ASP B 2498 -32.56 -6.32 -32.58
C ASP B 2498 -33.42 -5.87 -31.40
N SER B 2499 -32.94 -4.86 -30.67
CA SER B 2499 -33.67 -4.35 -29.53
C SER B 2499 -34.85 -3.50 -29.98
N THR B 2500 -35.84 -3.36 -29.09
CA THR B 2500 -37.03 -2.58 -29.36
C THR B 2500 -37.04 -1.22 -28.66
N ASN B 2501 -36.33 -1.09 -27.55
CA ASN B 2501 -36.29 0.17 -26.81
C ASN B 2501 -35.60 1.23 -27.65
N PRO B 2502 -36.25 2.37 -27.94
CA PRO B 2502 -35.58 3.41 -28.74
C PRO B 2502 -34.37 4.01 -28.06
N ALA B 2503 -34.25 3.91 -26.74
CA ALA B 2503 -33.10 4.48 -26.05
C ALA B 2503 -31.84 3.67 -26.29
N ASP B 2504 -31.97 2.37 -26.54
CA ASP B 2504 -30.81 1.54 -26.81
C ASP B 2504 -30.11 1.96 -28.09
N ARG B 2505 -30.88 2.26 -29.14
CA ARG B 2505 -30.29 2.69 -30.40
C ARG B 2505 -29.76 4.11 -30.32
N TYR B 2506 -30.44 4.98 -29.56
CA TYR B 2506 -30.04 6.39 -29.50
C TYR B 2506 -28.63 6.53 -28.91
N TYR B 2507 -28.33 5.78 -27.84
CA TYR B 2507 -27.02 5.89 -27.22
C TYR B 2507 -25.92 5.41 -28.15
N ALA B 2508 -26.16 4.32 -28.89
CA ALA B 2508 -25.15 3.82 -29.82
C ALA B 2508 -24.90 4.82 -30.94
N GLN B 2509 -25.95 5.45 -31.46
CA GLN B 2509 -25.77 6.49 -32.47
C GLN B 2509 -24.99 7.67 -31.90
N GLN B 2510 -25.12 7.93 -30.60
CA GLN B 2510 -24.36 9.00 -29.97
C GLN B 2510 -22.86 8.70 -29.99
N LYS B 2511 -22.48 7.46 -29.70
CA LYS B 2511 -21.07 7.11 -29.69
C LYS B 2511 -20.47 7.13 -31.10
N TYR B 2512 -21.26 6.79 -32.11
CA TYR B 2512 -20.76 6.80 -33.48
C TYR B 2512 -20.46 8.21 -33.96
N ASP B 2513 -21.24 9.19 -33.51
CA ASP B 2513 -21.05 10.56 -33.99
C ASP B 2513 -19.74 11.16 -33.50
N THR B 2514 -19.38 10.90 -32.23
CA THR B 2514 -18.13 11.44 -31.69
C THR B 2514 -16.93 10.85 -32.40
N ILE B 2515 -16.95 9.53 -32.65
CA ILE B 2515 -15.86 8.90 -33.37
C ILE B 2515 -15.75 9.47 -34.78
N SER B 2516 -16.89 9.65 -35.45
CA SER B 2516 -16.92 10.29 -36.76
C SER B 2516 -16.63 11.79 -36.68
N GLY B 2517 -16.66 12.37 -35.49
CA GLY B 2517 -16.38 13.78 -35.32
C GLY B 2517 -17.55 14.72 -35.53
N ALA B 2518 -18.76 14.20 -35.72
CA ALA B 2518 -19.91 15.06 -35.92
C ALA B 2518 -20.29 15.80 -34.65
N ASN B 2519 -20.25 15.11 -33.50
CA ASN B 2519 -20.60 15.75 -32.23
C ASN B 2519 -19.59 16.82 -31.85
N LEU B 2520 -18.30 16.55 -32.06
CA LEU B 2520 -17.25 17.48 -31.66
C LEU B 2520 -17.04 18.61 -32.65
N VAL B 2521 -17.72 18.57 -33.80
CA VAL B 2521 -17.61 19.55 -34.89
C VAL B 2521 -16.20 20.09 -35.06
N THR B 2529 -6.33 20.88 -35.81
CA THR B 2529 -7.71 20.83 -35.34
C THR B 2529 -7.81 20.10 -34.01
N SER B 2530 -6.72 19.44 -33.63
CA SER B 2530 -6.58 18.70 -32.38
C SER B 2530 -7.58 17.55 -32.24
N LEU B 2531 -8.29 17.21 -33.31
CA LEU B 2531 -9.21 16.08 -33.26
C LEU B 2531 -8.46 14.75 -33.32
N LEU B 2532 -7.38 14.69 -34.11
CA LEU B 2532 -6.61 13.46 -34.20
C LEU B 2532 -5.97 13.06 -32.88
N PRO B 2533 -5.32 13.96 -32.11
CA PRO B 2533 -4.79 13.54 -30.81
C PRO B 2533 -5.86 13.00 -29.87
N THR B 2534 -7.06 13.58 -29.89
CA THR B 2534 -8.13 13.09 -29.02
C THR B 2534 -8.55 11.68 -29.40
N PHE B 2535 -8.72 11.42 -30.70
CA PHE B 2535 -9.08 10.07 -31.14
C PHE B 2535 -7.99 9.07 -30.84
N LEU B 2536 -6.73 9.43 -31.09
CA LEU B 2536 -5.63 8.51 -30.82
C LEU B 2536 -5.51 8.22 -29.32
N GLY B 2537 -5.68 9.25 -28.49
CA GLY B 2537 -5.63 9.03 -27.05
C GLY B 2537 -6.74 8.13 -26.55
N LEU B 2538 -7.94 8.28 -27.13
CA LEU B 2538 -9.07 7.46 -26.71
C LEU B 2538 -8.89 5.99 -27.10
N ALA B 2539 -8.22 5.74 -28.22
CA ALA B 2539 -8.06 4.36 -28.70
C ALA B 2539 -7.12 3.53 -27.85
N MET B 2540 -6.35 4.15 -26.96
CA MET B 2540 -5.40 3.42 -26.11
C MET B 2540 -5.89 3.25 -24.68
N VAL B 2541 -7.10 3.70 -24.35
CA VAL B 2541 -7.64 3.61 -23.00
C VAL B 2541 -8.96 2.85 -22.96
N ASN B 2542 -9.86 3.17 -23.89
CA ASN B 2542 -11.20 2.58 -23.87
C ASN B 2542 -11.14 1.07 -24.14
N GLU B 2543 -11.84 0.31 -23.32
CA GLU B 2543 -11.88 -1.14 -23.47
C GLU B 2543 -13.02 -1.62 -24.34
N GLU B 2544 -13.94 -0.74 -24.73
CA GLU B 2544 -15.04 -1.10 -25.61
C GLU B 2544 -14.76 -0.76 -27.06
N LEU B 2545 -14.10 0.37 -27.33
CA LEU B 2545 -13.70 0.70 -28.68
C LEU B 2545 -12.60 -0.23 -29.19
N ARG B 2546 -11.71 -0.66 -28.30
CA ARG B 2546 -10.61 -1.54 -28.71
C ARG B 2546 -11.13 -2.91 -29.14
N SER B 2547 -12.17 -3.40 -28.48
CA SER B 2547 -12.73 -4.70 -28.85
C SER B 2547 -13.31 -4.68 -30.25
N ILE B 2548 -13.99 -3.59 -30.62
CA ILE B 2548 -14.53 -3.47 -31.97
C ILE B 2548 -13.41 -3.36 -32.99
N ILE B 2549 -12.37 -2.58 -32.67
CA ILE B 2549 -11.30 -2.30 -33.63
C ILE B 2549 -10.50 -3.56 -33.93
N LYS B 2550 -10.25 -4.40 -32.92
CA LYS B 2550 -9.38 -5.54 -33.09
C LYS B 2550 -9.93 -6.56 -34.08
N GLU B 2551 -11.22 -6.51 -34.39
CA GLU B 2551 -11.82 -7.42 -35.35
C GLU B 2551 -11.78 -6.88 -36.78
N MET B 2552 -11.37 -5.63 -36.97
CA MET B 2552 -11.31 -5.07 -38.31
C MET B 2552 -10.18 -5.74 -39.12
N PRO B 2553 -10.39 -5.98 -40.41
CA PRO B 2553 -9.32 -6.57 -41.22
C PRO B 2553 -8.11 -5.65 -41.33
N VAL B 2554 -6.92 -6.25 -41.32
CA VAL B 2554 -5.67 -5.52 -41.45
C VAL B 2554 -5.48 -5.14 -42.91
N PRO B 2555 -5.01 -3.93 -43.21
CA PRO B 2555 -4.72 -3.58 -44.60
C PRO B 2555 -3.59 -4.44 -45.16
N LYS B 2556 -3.64 -4.67 -46.47
CA LYS B 2556 -2.66 -5.55 -47.10
C LYS B 2556 -1.25 -4.98 -47.03
N ALA B 2557 -1.12 -3.66 -46.94
CA ALA B 2557 0.20 -3.04 -46.85
C ALA B 2557 0.85 -3.28 -45.50
N ASP B 2558 0.08 -3.59 -44.46
CA ASP B 2558 0.60 -3.83 -43.13
C ASP B 2558 0.61 -5.30 -42.76
N LYS B 2559 0.41 -6.20 -43.73
CA LYS B 2559 0.44 -7.63 -43.44
C LYS B 2559 1.83 -8.11 -43.06
N LYS B 2560 2.87 -7.41 -43.52
CA LYS B 2560 4.23 -7.79 -43.18
C LYS B 2560 4.50 -7.62 -41.69
N LEU B 2561 3.97 -6.54 -41.09
CA LEU B 2561 4.19 -6.29 -39.67
C LEU B 2561 3.54 -7.37 -38.80
N GLY B 2562 2.40 -7.90 -39.22
CA GLY B 2562 1.72 -8.92 -38.45
C GLY B 2562 1.16 -8.44 -37.13
N ASN B 2563 0.56 -7.26 -37.10
CA ASN B 2563 -0.01 -6.69 -35.89
C ASN B 2563 -1.45 -6.29 -36.15
N ASP B 2564 -2.29 -6.44 -35.13
CA ASP B 2564 -3.68 -6.04 -35.21
C ASP B 2564 -3.78 -4.51 -35.22
N ILE B 2565 -4.98 -4.02 -35.54
CA ILE B 2565 -5.19 -2.58 -35.63
C ILE B 2565 -5.04 -1.93 -34.25
N ASP B 2566 -5.56 -2.57 -33.20
CA ASP B 2566 -5.45 -2.00 -31.87
C ASP B 2566 -3.99 -1.97 -31.41
N THR B 2567 -3.22 -3.01 -31.71
CA THR B 2567 -1.81 -3.03 -31.34
C THR B 2567 -1.01 -2.05 -32.19
N LEU B 2568 -1.47 -1.77 -33.41
CA LEU B 2568 -0.80 -0.76 -34.23
C LEU B 2568 -1.11 0.64 -33.74
N LEU B 2569 -2.26 0.84 -33.11
CA LEU B 2569 -2.64 2.17 -32.65
C LEU B 2569 -1.84 2.58 -31.42
N THR B 2570 -1.64 1.66 -30.47
CA THR B 2570 -0.86 1.99 -29.29
C THR B 2570 0.61 2.19 -29.62
N ASN B 2571 1.15 1.40 -30.56
CA ASN B 2571 2.52 1.60 -30.98
C ASN B 2571 2.71 2.94 -31.68
N ALA B 2572 1.71 3.39 -32.44
CA ALA B 2572 1.76 4.70 -33.06
C ALA B 2572 1.63 5.84 -32.06
N GLY B 2573 1.27 5.54 -30.82
CA GLY B 2573 1.16 6.56 -29.79
C GLY B 2573 2.45 6.75 -29.03
N THR B 2574 3.10 5.65 -28.65
CA THR B 2574 4.38 5.76 -27.97
C THR B 2574 5.46 6.35 -28.85
N GLN B 2575 5.34 6.17 -30.18
CA GLN B 2575 6.28 6.80 -31.10
C GLN B 2575 6.20 8.32 -31.00
N VAL B 2576 4.98 8.86 -30.90
CA VAL B 2576 4.82 10.30 -30.73
C VAL B 2576 5.40 10.75 -29.39
N MET B 2577 5.13 9.99 -28.33
CA MET B 2577 5.66 10.35 -27.01
C MET B 2577 7.18 10.29 -26.99
N GLU B 2578 7.77 9.28 -27.64
CA GLU B 2578 9.22 9.18 -27.68
C GLU B 2578 9.84 10.33 -28.47
N SER B 2579 9.14 10.84 -29.48
CA SER B 2579 9.64 11.99 -30.22
C SER B 2579 9.73 13.22 -29.32
N LEU B 2580 8.74 13.41 -28.46
CA LEU B 2580 8.79 14.52 -27.51
C LEU B 2580 9.84 14.30 -26.44
N ASN B 2581 10.07 13.05 -26.05
CA ASN B 2581 11.06 12.76 -25.03
C ASN B 2581 12.46 13.16 -25.48
N ARG B 2582 12.77 12.95 -26.76
CA ARG B 2582 14.05 13.37 -27.30
C ARG B 2582 14.18 14.88 -27.41
N ARG B 2583 13.08 15.61 -27.25
CA ARG B 2583 13.10 17.07 -27.29
C ARG B 2583 13.31 17.69 -25.91
N MET B 2584 12.71 17.10 -24.88
CA MET B 2584 12.89 17.63 -23.53
C MET B 2584 14.25 17.28 -22.95
N ALA B 2585 14.86 16.19 -23.42
CA ALA B 2585 16.15 15.75 -22.91
C ALA B 2585 17.32 16.59 -23.43
N GLY B 2586 17.08 17.44 -24.42
CA GLY B 2586 18.12 18.28 -24.97
C GLY B 2586 18.27 19.59 -24.21
N ASP B 2587 18.83 20.59 -24.90
CA ASP B 2587 19.04 21.91 -24.32
C ASP B 2587 17.74 22.70 -24.47
N GLN B 2588 16.91 22.68 -23.42
CA GLN B 2588 15.62 23.35 -23.48
C GLN B 2588 15.77 24.87 -23.65
N LYS B 2589 16.70 25.47 -22.90
CA LYS B 2589 16.86 26.92 -22.96
C LYS B 2589 17.32 27.38 -24.34
N ALA B 2590 18.29 26.67 -24.93
CA ALA B 2590 18.81 27.07 -26.24
C ALA B 2590 17.77 26.88 -27.33
N THR B 2591 17.01 25.78 -27.29
CA THR B 2591 16.01 25.48 -28.29
C THR B 2591 14.64 26.04 -27.94
N ASN B 2592 14.59 27.02 -27.03
CA ASN B 2592 13.41 27.77 -26.58
C ASN B 2592 12.13 26.94 -26.56
N VAL B 2593 12.19 25.76 -25.95
CA VAL B 2593 11.00 24.98 -25.61
C VAL B 2593 10.70 25.04 -24.13
N GLN B 2594 11.43 25.88 -23.38
CA GLN B 2594 11.23 25.94 -21.94
C GLN B 2594 9.83 26.40 -21.58
N ASP B 2595 9.32 27.41 -22.28
CA ASP B 2595 7.98 27.91 -22.00
C ASP B 2595 6.91 26.89 -22.36
N SER B 2596 7.11 26.17 -23.47
CA SER B 2596 6.11 25.18 -23.89
C SER B 2596 5.99 24.04 -22.90
N ILE B 2597 7.12 23.56 -22.36
CA ILE B 2597 7.08 22.45 -21.42
C ILE B 2597 6.38 22.86 -20.13
N ASP B 2598 6.56 24.12 -19.70
CA ASP B 2598 5.94 24.59 -18.48
C ASP B 2598 4.42 24.51 -18.57
N ALA B 2599 3.86 24.81 -19.74
CA ALA B 2599 2.42 24.68 -19.93
C ALA B 2599 1.98 23.23 -19.78
N LEU B 2600 2.77 22.29 -20.31
CA LEU B 2600 2.43 20.88 -20.19
C LEU B 2600 2.46 20.42 -18.74
N SER B 2601 3.42 20.91 -17.96
CA SER B 2601 3.53 20.51 -16.57
C SER B 2601 2.34 20.99 -15.74
N GLU B 2602 1.76 22.14 -16.11
CA GLU B 2602 0.60 22.64 -15.39
C GLU B 2602 -0.60 21.70 -15.57
N THR B 2603 -0.79 21.18 -16.79
CA THR B 2603 -1.91 20.28 -17.04
C THR B 2603 -1.74 18.97 -16.25
N ILE B 2604 -0.52 18.45 -16.19
CA ILE B 2604 -0.27 17.22 -15.43
C ILE B 2604 -0.49 17.47 -13.95
N MET B 2605 -0.05 18.62 -13.44
CA MET B 2605 -0.25 18.94 -12.03
C MET B 2605 -1.72 19.04 -11.68
N ALA B 2606 -2.51 19.70 -12.53
CA ALA B 2606 -3.93 19.86 -12.25
C ALA B 2606 -4.65 18.52 -12.22
N ALA B 2607 -4.34 17.63 -13.17
CA ALA B 2607 -4.97 16.32 -13.21
C ALA B 2607 -4.48 15.42 -12.09
N ALA B 2608 -3.31 15.68 -11.52
CA ALA B 2608 -2.79 14.84 -10.45
C ALA B 2608 -3.54 15.10 -9.14
N LEU B 2609 -3.89 16.36 -8.88
CA LEU B 2609 -4.60 16.68 -7.66
C LEU B 2609 -6.07 16.25 -7.72
N LYS B 2610 -6.67 16.30 -8.91
CA LYS B 2610 -8.07 15.92 -9.04
C LYS B 2610 -8.28 14.43 -8.71
N ARG B 2611 -7.39 13.57 -9.20
CA ARG B 2611 -7.51 12.15 -8.92
C ARG B 2611 -7.17 11.83 -7.47
N GLU B 2612 -6.47 12.72 -6.78
CA GLU B 2612 -6.24 12.54 -5.34
C GLU B 2612 -7.48 12.88 -4.53
N SER B 2613 -8.34 13.75 -5.05
CA SER B 2613 -9.56 14.11 -4.33
C SER B 2613 -10.61 13.00 -4.40
N PHE B 2614 -10.72 12.34 -5.56
CA PHE B 2614 -11.66 11.21 -5.65
C PHE B 2614 -11.23 10.07 -4.74
N TYR B 2615 -9.92 9.80 -4.68
CA TYR B 2615 -9.39 8.94 -3.64
C TYR B 2615 -9.54 9.64 -2.29
N ASP B 2616 -9.61 8.83 -1.23
CA ASP B 2616 -9.83 9.30 0.14
C ASP B 2616 -11.27 9.79 0.32
N ALA B 2617 -12.00 9.89 -0.78
CA ALA B 2617 -13.44 10.12 -0.74
C ALA B 2617 -14.23 8.82 -0.85
N VAL B 2618 -13.57 7.72 -1.19
CA VAL B 2618 -14.20 6.40 -1.22
C VAL B 2618 -13.38 5.46 -0.36
N ALA B 2619 -12.67 6.01 0.63
CA ALA B 2619 -11.80 5.23 1.51
C ALA B 2619 -12.65 4.47 2.52
N THR B 2620 -13.44 3.53 2.01
CA THR B 2620 -14.32 2.70 2.79
C THR B 2620 -14.28 1.29 2.23
N PRO B 2621 -14.46 0.26 3.07
CA PRO B 2621 -14.55 -1.10 2.52
C PRO B 2621 -15.68 -1.27 1.52
N THR B 2622 -16.79 -0.55 1.69
CA THR B 2622 -17.88 -0.58 0.72
C THR B 2622 -17.69 0.40 -0.42
N GLY B 2623 -16.76 1.35 -0.30
CA GLY B 2623 -16.52 2.32 -1.36
C GLY B 2623 -17.70 3.21 -1.65
N ASN B 2624 -18.37 3.71 -0.60
CA ASN B 2624 -19.56 4.53 -0.73
C ASN B 2624 -19.29 5.95 -0.25
N PHE B 2625 -19.89 6.92 -0.94
CA PHE B 2625 -19.74 8.32 -0.54
C PHE B 2625 -20.33 8.56 0.85
N ILE B 2626 -21.52 8.01 1.11
CA ILE B 2626 -22.18 8.26 2.39
C ILE B 2626 -21.46 7.54 3.52
N ASP B 2627 -21.00 6.31 3.26
CA ASP B 2627 -20.37 5.53 4.32
C ASP B 2627 -19.08 6.20 4.81
N ARG B 2628 -18.29 6.76 3.89
CA ARG B 2628 -17.07 7.44 4.29
C ARG B 2628 -17.37 8.68 5.12
N ALA B 2629 -18.40 9.44 4.72
CA ALA B 2629 -18.72 10.68 5.42
C ALA B 2629 -19.18 10.40 6.86
N ASN B 2630 -19.95 9.34 7.06
CA ASN B 2630 -20.41 9.01 8.40
C ASN B 2630 -19.25 8.65 9.31
N GLN B 2631 -18.25 7.93 8.80
CA GLN B 2631 -17.11 7.53 9.60
C GLN B 2631 -16.31 8.74 10.07
N TYR B 2632 -16.13 9.73 9.21
CA TYR B 2632 -15.39 10.92 9.59
C TYR B 2632 -16.09 11.68 10.70
N VAL B 2633 -17.43 11.80 10.61
CA VAL B 2633 -18.17 12.51 11.64
C VAL B 2633 -18.15 11.74 12.95
N THR B 2634 -18.27 10.41 12.87
CA THR B 2634 -18.27 9.60 14.09
C THR B 2634 -16.95 9.72 14.85
N ASP B 2635 -15.83 9.69 14.12
CA ASP B 2635 -14.53 9.80 14.78
C ASP B 2635 -14.32 11.21 15.35
N SER B 2636 -14.81 12.23 14.66
CA SER B 2636 -14.64 13.60 15.14
C SER B 2636 -15.44 13.88 16.40
N ILE B 2637 -16.49 13.10 16.66
CA ILE B 2637 -17.27 13.30 17.89
C ILE B 2637 -16.57 12.67 19.08
N GLU B 2638 -15.94 11.50 18.89
CA GLU B 2638 -15.24 10.84 19.97
C GLU B 2638 -14.08 11.69 20.51
N ARG B 2639 -13.44 12.46 19.63
CA ARG B 2639 -12.36 13.34 20.08
C ARG B 2639 -12.90 14.44 20.99
N LEU B 2640 -14.08 14.99 20.66
CA LEU B 2640 -14.65 16.07 21.46
C LEU B 2640 -15.12 15.57 22.82
N SER B 2641 -15.60 14.33 22.90
CA SER B 2641 -16.16 13.79 24.13
C SER B 2641 -15.05 13.28 25.06
N GLU B 2642 -14.21 14.22 25.49
CA GLU B 2642 -13.12 13.91 26.41
C GLU B 2642 -13.06 14.90 27.56
N ALA B 2664 -26.39 -2.88 21.95
CA ALA B 2664 -25.90 -4.25 21.94
C ALA B 2664 -27.03 -5.24 21.70
N HIS B 2665 -28.03 -5.19 22.57
CA HIS B 2665 -29.21 -6.06 22.47
C HIS B 2665 -30.00 -5.79 21.20
N LEU B 2666 -30.17 -4.51 20.84
CA LEU B 2666 -30.91 -4.16 19.64
C LEU B 2666 -30.18 -4.55 18.37
N ALA B 2667 -28.84 -4.51 18.37
CA ALA B 2667 -28.07 -4.85 17.18
C ALA B 2667 -28.33 -6.27 16.74
N LYS B 2668 -28.39 -7.21 17.69
CA LYS B 2668 -28.69 -8.59 17.34
C LYS B 2668 -30.10 -8.75 16.80
N LEU B 2669 -31.03 -7.90 17.25
CA LEU B 2669 -32.41 -8.00 16.78
C LEU B 2669 -32.52 -7.64 15.31
N THR B 2670 -31.85 -6.55 14.89
CA THR B 2670 -31.93 -6.13 13.49
C THR B 2670 -31.20 -7.09 12.56
N ALA B 2671 -30.29 -7.90 13.08
CA ALA B 2671 -29.59 -8.86 12.22
C ALA B 2671 -30.49 -10.02 11.82
N ALA B 2672 -31.42 -10.41 12.69
CA ALA B 2672 -32.32 -11.51 12.37
C ALA B 2672 -33.38 -11.11 11.35
N ILE B 2673 -33.75 -9.83 11.33
CA ILE B 2673 -34.74 -9.36 10.36
C ILE B 2673 -34.21 -9.47 8.94
N ALA B 2674 -32.96 -9.06 8.72
CA ALA B 2674 -32.37 -9.08 7.40
C ALA B 2674 -31.80 -10.44 7.01
N SER B 2675 -31.83 -11.42 7.92
CA SER B 2675 -31.32 -12.76 7.64
C SER B 2675 -32.42 -13.80 7.55
N GLU B 2676 -33.68 -13.37 7.38
CA GLU B 2676 -34.78 -14.31 7.29
C GLU B 2676 -34.71 -15.11 6.00
N LYS B 2677 -34.96 -16.41 6.11
CA LYS B 2677 -34.93 -17.31 4.96
C LYS B 2677 -36.21 -18.13 4.82
N GLN B 2678 -37.26 -17.80 5.57
CA GLN B 2678 -38.49 -18.61 5.53
C GLN B 2678 -39.16 -18.54 4.17
N GLY B 2679 -39.23 -17.35 3.58
CA GLY B 2679 -39.87 -17.18 2.28
C GLY B 2679 -41.28 -16.64 2.39
N GLU B 2680 -42.04 -17.12 3.37
CA GLU B 2680 -43.39 -16.63 3.60
C GLU B 2680 -43.44 -15.50 4.63
N ILE B 2681 -42.52 -15.49 5.59
CA ILE B 2681 -42.46 -14.40 6.56
C ILE B 2681 -42.03 -13.10 5.88
N VAL B 2682 -41.09 -13.18 4.95
CA VAL B 2682 -40.62 -11.99 4.25
C VAL B 2682 -41.69 -11.43 3.31
N ALA B 2683 -42.72 -12.21 3.00
CA ALA B 2683 -43.78 -11.75 2.11
C ALA B 2683 -44.85 -10.95 2.81
N GLN B 2684 -44.78 -10.82 4.13
CA GLN B 2684 -45.76 -10.05 4.90
C GLN B 2684 -45.33 -8.61 5.12
N GLY B 2685 -44.19 -8.20 4.59
CA GLY B 2685 -43.70 -6.85 4.79
C GLY B 2685 -42.73 -6.76 5.95
N VAL B 2686 -42.17 -5.57 6.12
CA VAL B 2686 -41.20 -5.32 7.19
C VAL B 2686 -41.84 -4.71 8.43
N MET B 2687 -43.00 -4.07 8.30
CA MET B 2687 -43.68 -3.54 9.48
C MET B 2687 -44.14 -4.67 10.40
N THR B 2688 -44.67 -5.74 9.83
CA THR B 2688 -45.07 -6.89 10.64
C THR B 2688 -43.87 -7.56 11.30
N ALA B 2689 -42.76 -7.68 10.57
CA ALA B 2689 -41.58 -8.34 11.11
C ALA B 2689 -41.01 -7.57 12.29
N MET B 2690 -41.00 -6.23 12.20
CA MET B 2690 -40.48 -5.42 13.29
C MET B 2690 -41.32 -5.59 14.56
N ASN B 2691 -42.65 -5.63 14.41
CA ASN B 2691 -43.53 -5.77 15.57
C ASN B 2691 -43.32 -7.11 16.27
N GLN B 2692 -43.14 -8.19 15.50
CA GLN B 2692 -42.97 -9.51 16.10
C GLN B 2692 -41.70 -9.58 16.93
N GLY B 2693 -40.62 -8.98 16.45
CA GLY B 2693 -39.34 -9.03 17.14
C GLY B 2693 -39.18 -8.07 18.29
N LYS B 2694 -40.18 -7.23 18.56
CA LYS B 2694 -40.13 -6.23 19.64
C LYS B 2694 -38.93 -5.31 19.48
N VAL B 2695 -38.64 -4.92 18.24
CA VAL B 2695 -37.57 -3.96 17.97
C VAL B 2695 -37.92 -2.57 18.51
N TRP B 2696 -39.22 -2.27 18.61
CA TRP B 2696 -39.64 -0.92 18.99
C TRP B 2696 -39.36 -0.60 20.46
N GLN B 2697 -39.06 -1.60 21.29
CA GLN B 2697 -38.83 -1.33 22.70
C GLN B 2697 -37.46 -0.73 22.96
N PRO B 2698 -36.36 -1.28 22.44
CA PRO B 2698 -35.07 -0.59 22.58
C PRO B 2698 -35.05 0.78 21.94
N PHE B 2699 -35.78 0.97 20.83
CA PHE B 2699 -35.83 2.27 20.19
C PHE B 2699 -36.54 3.30 21.04
N HIS B 2700 -37.58 2.90 21.77
CA HIS B 2700 -38.35 3.83 22.57
C HIS B 2700 -37.54 4.39 23.73
N ASP B 2701 -36.66 3.57 24.31
CA ASP B 2701 -35.86 4.03 25.45
C ASP B 2701 -34.94 5.17 25.06
N LEU B 2702 -34.31 5.07 23.89
CA LEU B 2702 -33.35 6.11 23.48
C LEU B 2702 -34.05 7.42 23.15
N VAL B 2703 -35.17 7.35 22.43
CA VAL B 2703 -35.85 8.57 21.98
C VAL B 2703 -36.42 9.32 23.18
N ASN B 2704 -36.89 8.60 24.19
CA ASN B 2704 -37.47 9.26 25.36
C ASN B 2704 -36.45 10.14 26.07
N ASP B 2705 -35.20 9.68 26.15
CA ASP B 2705 -34.15 10.50 26.76
C ASP B 2705 -33.88 11.75 25.93
N ILE B 2706 -33.91 11.63 24.60
CA ILE B 2706 -33.62 12.77 23.74
C ILE B 2706 -34.71 13.83 23.88
N VAL B 2707 -35.98 13.41 23.83
CA VAL B 2707 -37.09 14.36 23.90
C VAL B 2707 -37.15 14.99 25.30
N GLY B 2708 -37.00 14.19 26.33
CA GLY B 2708 -37.06 14.70 27.69
C GLY B 2708 -38.18 14.08 28.52
N ARG B 2709 -38.85 13.07 27.96
CA ARG B 2709 -39.91 12.39 28.70
C ARG B 2709 -39.34 11.68 29.92
N THR B 2710 -38.19 11.04 29.78
CA THR B 2710 -37.53 10.33 30.88
C THR B 2710 -36.21 11.02 31.18
N LYS B 2711 -36.01 11.37 32.45
CA LYS B 2711 -34.78 12.05 32.87
C LYS B 2711 -33.64 11.05 32.96
N THR B 2712 -32.45 11.49 32.54
CA THR B 2712 -31.26 10.66 32.59
C THR B 2712 -30.04 11.54 32.81
N ASN B 2713 -28.97 10.92 33.28
CA ASN B 2713 -27.73 11.61 33.59
C ASN B 2713 -26.72 11.60 32.44
N ALA B 2714 -27.07 10.99 31.32
CA ALA B 2714 -26.16 10.93 30.18
C ALA B 2714 -26.04 12.30 29.52
N ASN B 2715 -24.82 12.64 29.11
CA ASN B 2715 -24.58 13.91 28.45
C ASN B 2715 -24.99 13.82 26.97
N VAL B 2716 -24.86 14.95 26.26
CA VAL B 2716 -25.27 15.01 24.87
C VAL B 2716 -24.41 14.09 24.01
N TYR B 2717 -23.09 14.09 24.24
CA TYR B 2717 -22.18 13.31 23.41
C TYR B 2717 -22.40 11.81 23.56
N ASP B 2718 -22.93 11.36 24.69
CA ASP B 2718 -23.23 9.93 24.83
C ASP B 2718 -24.46 9.54 24.02
N LEU B 2719 -25.45 10.43 23.94
CA LEU B 2719 -26.66 10.14 23.18
C LEU B 2719 -26.41 10.22 21.68
N ILE B 2720 -25.58 11.17 21.24
CA ILE B 2720 -25.29 11.30 19.81
C ILE B 2720 -24.57 10.05 19.31
N LYS B 2721 -23.64 9.52 20.09
CA LYS B 2721 -22.96 8.29 19.72
C LYS B 2721 -23.88 7.07 19.72
N LEU B 2722 -25.07 7.18 20.30
CA LEU B 2722 -26.03 6.09 20.32
C LEU B 2722 -26.93 6.09 19.08
N VAL B 2723 -27.47 7.25 18.73
CA VAL B 2723 -28.34 7.33 17.56
C VAL B 2723 -27.56 7.05 16.29
N LYS B 2724 -26.35 7.61 16.16
CA LYS B 2724 -25.54 7.37 14.97
C LYS B 2724 -25.03 5.94 14.91
N SER B 2725 -24.98 5.23 16.04
CA SER B 2725 -24.52 3.84 16.02
C SER B 2725 -25.57 2.92 15.42
N GLN B 2726 -26.84 3.14 15.74
CA GLN B 2726 -27.91 2.30 15.21
C GLN B 2726 -28.20 2.57 13.74
N ILE B 2727 -27.89 3.78 13.26
CA ILE B 2727 -28.08 4.08 11.84
C ILE B 2727 -27.15 3.23 10.99
N SER B 2728 -25.88 3.13 11.37
CA SER B 2728 -24.94 2.31 10.61
C SER B 2728 -25.28 0.83 10.71
N GLN B 2729 -25.95 0.41 11.78
CA GLN B 2729 -26.34 -0.99 11.91
C GLN B 2729 -27.37 -1.38 10.84
N ASP B 2730 -28.33 -0.49 10.58
CA ASP B 2730 -29.35 -0.79 9.57
C ASP B 2730 -28.74 -0.87 8.17
N ARG B 2731 -27.84 0.05 7.85
CA ARG B 2731 -27.25 0.07 6.51
C ARG B 2731 -26.41 -1.18 6.25
N GLN B 2732 -25.65 -1.62 7.25
CA GLN B 2732 -24.81 -2.80 7.07
C GLN B 2732 -25.65 -4.06 6.86
N GLN B 2733 -26.74 -4.20 7.62
CA GLN B 2733 -27.55 -5.41 7.55
C GLN B 2733 -28.44 -5.44 6.30
N PHE B 2734 -28.92 -4.29 5.84
CA PHE B 2734 -29.89 -4.25 4.75
C PHE B 2734 -29.24 -3.97 3.39
N ARG B 2735 -28.28 -3.04 3.32
CA ARG B 2735 -27.67 -2.70 2.05
C ARG B 2735 -26.51 -3.61 1.67
N GLU B 2736 -26.00 -4.42 2.60
CA GLU B 2736 -24.86 -5.27 2.35
C GLU B 2736 -25.11 -6.74 2.62
N HIS B 2737 -25.87 -7.07 3.66
CA HIS B 2737 -26.10 -8.47 4.02
C HIS B 2737 -27.33 -9.05 3.35
N LEU B 2738 -28.37 -8.25 3.15
CA LEU B 2738 -29.58 -8.75 2.49
C LEU B 2738 -29.33 -9.25 1.08
N PRO B 2739 -28.59 -8.55 0.20
CA PRO B 2739 -28.35 -9.10 -1.15
C PRO B 2739 -27.64 -10.45 -1.13
N THR B 2740 -26.79 -10.71 -0.14
CA THR B 2740 -26.11 -12.00 -0.07
C THR B 2740 -27.09 -13.13 0.24
N VAL B 2741 -28.15 -12.84 1.00
CA VAL B 2741 -29.14 -13.87 1.31
C VAL B 2741 -29.94 -14.23 0.07
N ILE B 2742 -30.33 -13.23 -0.73
CA ILE B 2742 -31.11 -13.49 -1.93
C ILE B 2742 -30.30 -14.31 -2.92
N ALA B 2743 -29.02 -13.95 -3.12
CA ALA B 2743 -28.18 -14.67 -4.06
C ALA B 2743 -27.80 -16.05 -3.57
N GLY B 2744 -27.95 -16.32 -2.27
CA GLY B 2744 -27.58 -17.61 -1.72
C GLY B 2744 -28.54 -18.73 -2.02
N LYS B 2745 -29.74 -18.43 -2.51
CA LYS B 2745 -30.72 -19.46 -2.83
C LYS B 2745 -30.46 -20.10 -4.20
N PHE B 2746 -29.62 -19.49 -5.02
CA PHE B 2746 -29.29 -20.04 -6.33
C PHE B 2746 -28.06 -20.93 -6.24
N SER B 2747 -28.09 -22.05 -6.96
CA SER B 2747 -26.97 -22.98 -7.01
C SER B 2747 -25.98 -22.63 -8.11
N ARG B 2748 -25.97 -21.38 -8.55
CA ARG B 2748 -25.11 -20.94 -9.65
C ARG B 2748 -24.62 -19.53 -9.34
N LYS B 2749 -24.02 -18.89 -10.35
CA LYS B 2749 -23.58 -17.51 -10.26
C LYS B 2749 -24.14 -16.76 -11.47
N LEU B 2750 -25.25 -16.06 -11.26
CA LEU B 2750 -25.92 -15.37 -12.35
C LEU B 2750 -25.03 -14.27 -12.91
N THR B 2751 -25.02 -14.15 -14.23
CA THR B 2751 -24.25 -13.11 -14.89
C THR B 2751 -24.89 -11.74 -14.68
N ASP B 2752 -24.15 -10.69 -15.05
CA ASP B 2752 -24.66 -9.33 -14.89
C ASP B 2752 -25.88 -9.08 -15.74
N THR B 2753 -26.04 -9.81 -16.85
CA THR B 2753 -27.21 -9.63 -17.69
C THR B 2753 -28.45 -10.23 -17.05
N GLU B 2754 -28.32 -11.39 -16.40
CA GLU B 2754 -29.46 -12.03 -15.77
C GLU B 2754 -30.01 -11.19 -14.63
N TRP B 2755 -29.13 -10.57 -13.84
CA TRP B 2755 -29.58 -9.69 -12.77
C TRP B 2755 -30.33 -8.48 -13.33
N SER B 2756 -29.83 -7.90 -14.42
CA SER B 2756 -30.52 -6.77 -15.03
C SER B 2756 -31.85 -7.18 -15.64
N ALA B 2757 -31.91 -8.36 -16.26
CA ALA B 2757 -33.16 -8.84 -16.84
C ALA B 2757 -34.21 -9.09 -15.77
N MET B 2758 -33.79 -9.65 -14.63
CA MET B 2758 -34.74 -9.91 -13.55
C MET B 2758 -35.29 -8.62 -12.95
N HIS B 2759 -34.50 -7.53 -12.99
CA HIS B 2759 -34.99 -6.25 -12.49
C HIS B 2759 -36.18 -5.76 -13.31
N THR B 2760 -36.11 -5.87 -14.63
CA THR B 2760 -37.21 -5.44 -15.48
C THR B 2760 -38.35 -6.44 -15.47
N GLY B 2761 -38.07 -7.71 -15.25
CA GLY B 2761 -39.10 -8.74 -15.28
C GLY B 2761 -39.97 -8.78 -14.05
N LEU B 2762 -39.36 -9.09 -12.90
CA LEU B 2762 -40.13 -9.20 -11.66
C LEU B 2762 -40.47 -7.84 -11.07
N GLY B 2763 -39.59 -6.85 -11.23
CA GLY B 2763 -39.78 -5.57 -10.56
C GLY B 2763 -40.63 -4.57 -11.31
N LYS B 2764 -40.23 -4.24 -12.55
CA LYS B 2764 -40.89 -3.16 -13.28
C LYS B 2764 -42.24 -3.56 -13.84
N THR B 2765 -42.58 -4.85 -13.88
CA THR B 2765 -43.86 -5.30 -14.41
C THR B 2765 -44.90 -5.52 -13.33
N ASP B 2766 -44.58 -5.24 -12.07
CA ASP B 2766 -45.50 -5.41 -10.94
C ASP B 2766 -46.06 -6.83 -10.91
N LEU B 2767 -45.15 -7.80 -10.99
CA LEU B 2767 -45.56 -9.20 -11.02
C LEU B 2767 -46.14 -9.69 -9.70
N ALA B 2768 -45.98 -8.92 -8.62
CA ALA B 2768 -46.55 -9.30 -7.33
C ALA B 2768 -48.07 -9.27 -7.34
N VAL B 2769 -48.69 -8.61 -8.32
CA VAL B 2769 -50.14 -8.57 -8.41
C VAL B 2769 -50.72 -9.95 -8.66
N LEU B 2770 -50.08 -10.76 -9.50
CA LEU B 2770 -50.59 -12.09 -9.85
C LEU B 2770 -50.70 -13.01 -8.65
N ARG B 2771 -49.99 -12.74 -7.55
CA ARG B 2771 -50.09 -13.57 -6.36
C ARG B 2771 -51.47 -13.53 -5.73
N GLU B 2772 -52.26 -12.50 -6.01
CA GLU B 2772 -53.60 -12.40 -5.44
C GLU B 2772 -54.50 -13.53 -5.93
N THR B 2773 -54.43 -13.85 -7.23
CA THR B 2773 -55.31 -14.84 -7.83
C THR B 2773 -54.61 -16.09 -8.33
N MET B 2774 -53.32 -16.03 -8.63
CA MET B 2774 -52.59 -17.16 -9.20
C MET B 2774 -51.56 -17.67 -8.19
N SER B 2775 -51.39 -18.98 -8.16
CA SER B 2775 -50.43 -19.61 -7.26
C SER B 2775 -49.01 -19.38 -7.77
N MET B 2776 -48.03 -19.72 -6.92
CA MET B 2776 -46.63 -19.56 -7.29
C MET B 2776 -46.26 -20.46 -8.45
N ALA B 2777 -46.78 -21.69 -8.46
CA ALA B 2777 -46.49 -22.62 -9.56
C ALA B 2777 -47.05 -22.11 -10.87
N GLU B 2778 -48.27 -21.55 -10.85
CA GLU B 2778 -48.87 -21.04 -12.07
C GLU B 2778 -48.15 -19.81 -12.59
N ILE B 2779 -47.57 -19.00 -11.69
CA ILE B 2779 -46.83 -17.82 -12.13
C ILE B 2779 -45.59 -18.21 -12.92
N ARG B 2780 -44.87 -19.23 -12.46
CA ARG B 2780 -43.66 -19.65 -13.16
C ARG B 2780 -43.97 -20.20 -14.55
N ASP B 2781 -45.10 -20.88 -14.72
CA ASP B 2781 -45.46 -21.40 -16.04
C ASP B 2781 -45.76 -20.28 -17.01
N LEU B 2782 -46.18 -19.10 -16.52
CA LEU B 2782 -46.43 -17.97 -17.40
C LEU B 2782 -45.14 -17.51 -18.07
N LEU B 2783 -44.04 -17.46 -17.33
CA LEU B 2783 -42.77 -17.00 -17.89
C LEU B 2783 -42.19 -18.01 -18.86
N SER B 2784 -42.37 -19.31 -18.60
CA SER B 2784 -41.75 -20.35 -19.41
C SER B 2784 -42.50 -20.64 -20.71
N SER B 2785 -43.69 -20.06 -20.90
CA SER B 2785 -44.48 -20.31 -22.10
C SER B 2785 -45.10 -19.00 -22.57
N SER B 2786 -44.85 -18.63 -23.83
CA SER B 2786 -45.44 -17.43 -24.39
C SER B 2786 -46.85 -17.66 -24.89
N LYS B 2787 -47.29 -18.91 -25.02
CA LYS B 2787 -48.66 -19.19 -25.46
C LYS B 2787 -49.65 -18.86 -24.36
N LYS B 2788 -49.29 -19.11 -23.09
CA LYS B 2788 -50.19 -18.85 -21.99
C LYS B 2788 -50.42 -17.35 -21.78
N VAL B 2789 -49.41 -16.53 -22.07
CA VAL B 2789 -49.54 -15.09 -21.87
C VAL B 2789 -50.62 -14.53 -22.79
N LYS B 2790 -50.60 -14.93 -24.06
CA LYS B 2790 -51.64 -14.47 -24.98
C LYS B 2790 -52.99 -15.14 -24.72
N ASP B 2791 -53.00 -16.27 -24.02
CA ASP B 2791 -54.26 -16.91 -23.68
C ASP B 2791 -54.97 -16.20 -22.53
N GLU B 2792 -54.21 -15.69 -21.56
CA GLU B 2792 -54.83 -14.99 -20.43
C GLU B 2792 -55.38 -13.64 -20.85
N ILE B 2793 -54.68 -12.95 -21.76
CA ILE B 2793 -55.16 -11.64 -22.22
C ILE B 2793 -56.46 -11.80 -23.01
N SER B 2794 -56.57 -12.90 -23.77
CA SER B 2794 -57.77 -13.11 -24.59
C SER B 2794 -59.02 -13.24 -23.74
N THR B 2795 -58.96 -14.02 -22.66
CA THR B 2795 -60.13 -14.19 -21.80
C THR B 2795 -60.34 -13.00 -20.88
N LEU B 2796 -59.27 -12.32 -20.46
CA LEU B 2796 -59.42 -11.17 -19.57
C LEU B 2796 -60.14 -10.02 -20.27
N GLU B 2797 -59.84 -9.79 -21.54
CA GLU B 2797 -60.47 -8.68 -22.25
C GLU B 2797 -61.97 -8.91 -22.44
N LYS B 2798 -62.39 -10.17 -22.57
CA LYS B 2798 -63.81 -10.47 -22.71
C LYS B 2798 -64.60 -10.08 -21.46
N GLU B 2799 -64.05 -10.39 -20.28
CA GLU B 2799 -64.74 -10.07 -19.04
C GLU B 2799 -64.82 -8.56 -18.82
N ILE B 2800 -63.71 -7.85 -19.05
CA ILE B 2800 -63.70 -6.41 -18.83
C ILE B 2800 -64.59 -5.70 -19.85
N GLN B 2801 -64.71 -6.25 -21.06
CA GLN B 2801 -65.56 -5.64 -22.08
C GLN B 2801 -67.01 -5.60 -21.63
N ASN B 2802 -67.47 -6.68 -20.98
CA ASN B 2802 -68.86 -6.72 -20.50
C ASN B 2802 -69.10 -5.67 -19.43
N GLN B 2803 -68.19 -5.56 -18.47
CA GLN B 2803 -68.37 -4.60 -17.39
C GLN B 2803 -68.22 -3.16 -17.88
N ALA B 2804 -67.17 -2.88 -18.65
CA ALA B 2804 -66.97 -1.54 -19.16
C ALA B 2804 -68.07 -1.14 -20.14
N GLY B 2805 -68.46 -2.07 -21.01
CA GLY B 2805 -69.53 -1.81 -21.96
C GLY B 2805 -69.18 -0.76 -23.00
N ARG B 2806 -69.81 0.41 -22.91
CA ARG B 2806 -69.60 1.46 -23.89
C ARG B 2806 -68.25 2.15 -23.72
N ASN B 2807 -67.60 2.01 -22.55
CA ASN B 2807 -66.33 2.66 -22.28
C ASN B 2807 -65.16 1.70 -22.38
N TRP B 2808 -65.29 0.64 -23.18
CA TRP B 2808 -64.19 -0.31 -23.31
C TRP B 2808 -63.03 0.26 -24.11
N ASN B 2809 -63.32 1.11 -25.10
CA ASN B 2809 -62.25 1.69 -25.92
C ASN B 2809 -61.32 2.56 -25.09
N LEU B 2810 -61.90 3.39 -24.19
CA LEU B 2810 -61.08 4.27 -23.37
C LEU B 2810 -60.24 3.49 -22.38
N VAL B 2811 -60.81 2.43 -21.80
CA VAL B 2811 -60.07 1.64 -20.82
C VAL B 2811 -58.88 0.93 -21.48
N GLN B 2812 -59.11 0.36 -22.67
CA GLN B 2812 -58.04 -0.33 -23.38
C GLN B 2812 -56.93 0.64 -23.78
N LYS B 2813 -57.30 1.83 -24.25
CA LYS B 2813 -56.30 2.80 -24.68
C LYS B 2813 -55.42 3.25 -23.52
N LYS B 2814 -56.05 3.52 -22.36
CA LYS B 2814 -55.28 3.99 -21.21
C LYS B 2814 -54.41 2.89 -20.63
N SER B 2815 -54.91 1.65 -20.62
CA SER B 2815 -54.14 0.54 -20.07
C SER B 2815 -52.88 0.29 -20.88
N LYS B 2816 -52.98 0.35 -22.21
CA LYS B 2816 -51.81 0.15 -23.05
C LYS B 2816 -50.80 1.27 -22.87
N GLN B 2817 -51.28 2.52 -22.75
CA GLN B 2817 -50.37 3.65 -22.60
C GLN B 2817 -49.60 3.56 -21.29
N LEU B 2818 -50.26 3.16 -20.21
CA LEU B 2818 -49.58 3.02 -18.93
C LEU B 2818 -48.54 1.91 -18.99
N ALA B 2819 -48.85 0.81 -19.68
CA ALA B 2819 -47.90 -0.28 -19.80
C ALA B 2819 -46.64 0.15 -20.54
N GLN B 2820 -46.79 1.03 -21.53
CA GLN B 2820 -45.62 1.52 -22.26
C GLN B 2820 -44.70 2.32 -21.35
N TYR B 2821 -45.26 3.14 -20.47
CA TYR B 2821 -44.44 3.93 -19.56
C TYR B 2821 -43.74 3.05 -18.54
N MET B 2822 -44.40 1.97 -18.08
CA MET B 2822 -43.82 1.11 -17.06
C MET B 2822 -42.55 0.42 -17.52
N ILE B 2823 -42.35 0.27 -18.82
CA ILE B 2823 -41.18 -0.43 -19.37
C ILE B 2823 -40.24 0.54 -20.08
N MET B 2824 -40.74 1.26 -21.09
CA MET B 2824 -39.90 2.14 -21.90
C MET B 2824 -39.76 3.54 -21.33
N GLY B 2825 -40.55 3.89 -20.30
CA GLY B 2825 -40.42 5.19 -19.69
C GLY B 2825 -41.01 6.34 -20.49
N GLU B 2826 -41.74 6.06 -21.56
CA GLU B 2826 -42.32 7.11 -22.39
C GLU B 2826 -43.61 7.63 -21.77
N VAL B 2827 -43.74 8.95 -21.73
CA VAL B 2827 -44.91 9.61 -21.16
C VAL B 2827 -45.81 10.09 -22.29
N GLY B 2828 -47.08 9.71 -22.25
CA GLY B 2828 -48.05 10.11 -23.25
C GLY B 2828 -48.78 11.38 -22.87
N ASN B 2829 -50.02 11.48 -23.32
CA ASN B 2829 -50.87 12.62 -23.04
C ASN B 2829 -51.93 12.23 -22.02
N ASN B 2830 -52.05 13.03 -20.96
CA ASN B 2830 -52.97 12.76 -19.85
C ASN B 2830 -52.72 11.37 -19.27
N LEU B 2831 -51.52 11.18 -18.74
CA LEU B 2831 -51.09 9.89 -18.22
C LEU B 2831 -51.76 9.59 -16.90
N LEU B 2832 -52.27 8.37 -16.76
CA LEU B 2832 -52.83 7.87 -15.50
C LEU B 2832 -51.89 6.80 -14.96
N ARG B 2833 -51.47 6.96 -13.71
CA ARG B 2833 -50.33 6.23 -13.18
C ARG B 2833 -50.69 4.93 -12.46
N ASN B 2834 -51.97 4.61 -12.33
CA ASN B 2834 -52.35 3.40 -11.60
C ASN B 2834 -53.72 2.94 -12.06
N ALA B 2835 -54.09 1.73 -11.64
CA ALA B 2835 -55.38 1.16 -12.01
C ALA B 2835 -56.54 1.83 -11.30
N HIS B 2836 -56.30 2.52 -10.19
CA HIS B 2836 -57.38 3.21 -9.50
C HIS B 2836 -57.85 4.42 -10.29
N ALA B 2837 -56.92 5.17 -10.89
CA ALA B 2837 -57.29 6.32 -11.69
C ALA B 2837 -57.85 5.92 -13.05
N ILE B 2838 -57.40 4.77 -13.59
CA ILE B 2838 -57.90 4.31 -14.88
C ILE B 2838 -59.36 3.90 -14.78
N SER B 2839 -59.73 3.26 -13.68
CA SER B 2839 -61.12 2.80 -13.50
C SER B 2839 -62.09 3.98 -13.50
N ARG B 2840 -61.72 5.08 -12.85
CA ARG B 2840 -62.58 6.26 -12.81
C ARG B 2840 -62.52 7.08 -14.09
N LEU B 2841 -61.56 6.81 -14.97
CA LEU B 2841 -61.41 7.54 -16.24
C LEU B 2841 -61.31 9.05 -16.00
N LEU B 2842 -60.39 9.44 -15.13
CA LEU B 2842 -60.23 10.84 -14.79
C LEU B 2842 -59.77 11.64 -16.00
N GLY B 2843 -60.39 12.80 -16.22
CA GLY B 2843 -60.00 13.70 -17.28
C GLY B 2843 -60.61 13.41 -18.63
N GLU B 2844 -61.35 12.32 -18.78
CA GLU B 2844 -61.96 11.95 -20.06
C GLU B 2844 -63.49 11.98 -19.97
N ARG B 2845 -64.07 11.24 -19.04
CA ARG B 2845 -65.52 11.16 -18.89
C ARG B 2845 -65.88 11.17 -17.42
N ILE B 2846 -66.86 11.99 -17.05
CA ILE B 2846 -67.29 12.06 -15.65
C ILE B 2846 -68.01 10.78 -15.26
N THR B 2847 -67.85 10.39 -14.00
CA THR B 2847 -68.48 9.18 -13.50
C THR B 2847 -68.66 9.31 -11.99
N ASN B 2848 -69.60 8.53 -11.45
CA ASN B 2848 -69.87 8.50 -10.03
C ASN B 2848 -69.28 7.27 -9.34
N GLY B 2849 -68.46 6.49 -10.04
CA GLY B 2849 -67.86 5.31 -9.48
C GLY B 2849 -66.97 4.60 -10.48
N PRO B 2850 -66.37 3.49 -10.06
CA PRO B 2850 -65.49 2.73 -10.97
C PRO B 2850 -66.27 2.18 -12.16
N VAL B 2851 -65.65 2.26 -13.33
CA VAL B 2851 -66.27 1.71 -14.53
C VAL B 2851 -66.27 0.18 -14.49
N ALA B 2852 -65.14 -0.41 -14.10
CA ALA B 2852 -65.01 -1.86 -14.02
C ALA B 2852 -64.27 -2.21 -12.73
N ASP B 2853 -64.11 -3.50 -12.50
CA ASP B 2853 -63.42 -3.97 -11.30
C ASP B 2853 -61.95 -3.57 -11.34
N VAL B 2854 -61.44 -3.06 -10.22
CA VAL B 2854 -60.05 -2.64 -10.16
C VAL B 2854 -59.12 -3.85 -10.21
N ALA B 2855 -59.51 -4.96 -9.58
CA ALA B 2855 -58.66 -6.14 -9.55
C ALA B 2855 -58.43 -6.69 -10.95
N ALA B 2856 -59.48 -6.73 -11.78
CA ALA B 2856 -59.33 -7.23 -13.13
C ALA B 2856 -58.48 -6.29 -13.99
N ILE B 2857 -58.67 -4.98 -13.81
CA ILE B 2857 -57.91 -4.01 -14.59
C ILE B 2857 -56.42 -4.10 -14.24
N ASP B 2858 -56.11 -4.25 -12.95
CA ASP B 2858 -54.71 -4.33 -12.53
C ASP B 2858 -54.02 -5.54 -13.13
N LYS B 2859 -54.72 -6.68 -13.19
CA LYS B 2859 -54.13 -7.88 -13.77
C LYS B 2859 -53.92 -7.73 -15.28
N LEU B 2860 -54.74 -6.90 -15.93
CA LEU B 2860 -54.59 -6.71 -17.38
C LEU B 2860 -53.38 -5.86 -17.71
N ILE B 2861 -53.15 -4.80 -16.93
CA ILE B 2861 -52.06 -3.87 -17.24
C ILE B 2861 -50.70 -4.56 -17.11
N THR B 2862 -50.51 -5.36 -16.04
CA THR B 2862 -49.24 -6.04 -15.86
C THR B 2862 -48.98 -7.06 -16.96
N LEU B 2863 -50.04 -7.65 -17.52
CA LEU B 2863 -49.87 -8.58 -18.63
C LEU B 2863 -49.53 -7.85 -19.92
N TYR B 2864 -50.08 -6.65 -20.12
CA TYR B 2864 -49.76 -5.88 -21.31
C TYR B 2864 -48.28 -5.50 -21.32
N SER B 2865 -47.74 -5.08 -20.18
CA SER B 2865 -46.35 -4.66 -20.12
C SER B 2865 -45.38 -5.83 -20.17
N LEU B 2866 -45.83 -7.03 -19.81
CA LEU B 2866 -44.97 -8.21 -19.89
C LEU B 2866 -44.58 -8.52 -21.33
N GLU B 2867 -45.51 -8.35 -22.26
CA GLU B 2867 -45.23 -8.60 -23.67
C GLU B 2867 -44.33 -7.55 -24.29
N LEU B 2868 -44.12 -6.41 -23.62
CA LEU B 2868 -43.28 -5.35 -24.16
C LEU B 2868 -41.80 -5.57 -23.90
N MET B 2869 -41.44 -6.58 -23.11
CA MET B 2869 -40.04 -6.85 -22.82
C MET B 2869 -39.33 -7.37 -24.06
N ASN B 2870 -38.01 -7.21 -24.07
CA ASN B 2870 -37.20 -7.68 -25.19
C ASN B 2870 -37.25 -9.20 -25.28
N LYS B 2871 -37.19 -9.71 -26.51
CA LYS B 2871 -37.25 -11.15 -26.72
C LYS B 2871 -36.06 -11.85 -26.07
N SER B 2872 -34.87 -11.25 -26.17
CA SER B 2872 -33.69 -11.85 -25.54
C SER B 2872 -33.84 -11.90 -24.02
N ASP B 2873 -34.37 -10.84 -23.42
CA ASP B 2873 -34.55 -10.81 -21.97
C ASP B 2873 -35.56 -11.87 -21.52
N ARG B 2874 -36.64 -12.04 -22.26
CA ARG B 2874 -37.66 -13.02 -21.87
C ARG B 2874 -37.13 -14.44 -21.93
N ASP B 2875 -36.14 -14.70 -22.80
CA ASP B 2875 -35.57 -16.04 -22.88
C ASP B 2875 -34.79 -16.39 -21.62
N LEU B 2876 -34.10 -15.41 -21.04
CA LEU B 2876 -33.31 -15.67 -19.84
C LEU B 2876 -34.20 -16.07 -18.66
N LEU B 2877 -35.34 -15.41 -18.51
CA LEU B 2877 -36.24 -15.73 -17.41
C LEU B 2877 -36.85 -17.11 -17.56
N SER B 2878 -37.06 -17.57 -18.80
CA SER B 2878 -37.64 -18.89 -19.01
C SER B 2878 -36.73 -19.98 -18.50
N GLU B 2879 -35.42 -19.85 -18.73
CA GLU B 2879 -34.47 -20.86 -18.26
C GLU B 2879 -34.37 -20.85 -16.74
N LEU B 2880 -34.38 -19.66 -16.13
CA LEU B 2880 -34.29 -19.56 -14.68
C LEU B 2880 -35.51 -20.17 -14.00
N ALA B 2881 -36.69 -19.95 -14.57
CA ALA B 2881 -37.92 -20.47 -13.96
C ALA B 2881 -38.02 -21.98 -14.05
N GLN B 2882 -37.21 -22.62 -14.89
CA GLN B 2882 -37.28 -24.07 -15.05
C GLN B 2882 -36.16 -24.82 -14.35
N SER B 2883 -35.00 -24.18 -14.15
CA SER B 2883 -33.86 -24.82 -13.52
C SER B 2883 -33.52 -24.26 -12.14
N GLU B 2884 -34.14 -23.16 -11.73
CA GLU B 2884 -33.88 -22.51 -10.46
C GLU B 2884 -35.18 -22.27 -9.71
N VAL B 2885 -35.98 -23.33 -9.58
CA VAL B 2885 -37.32 -23.20 -9.00
C VAL B 2885 -37.24 -22.67 -7.57
N GLU B 2886 -36.33 -23.24 -6.76
CA GLU B 2886 -36.22 -22.81 -5.38
C GLU B 2886 -35.76 -21.36 -5.28
N GLY B 2887 -34.76 -20.97 -6.07
CA GLY B 2887 -34.26 -19.62 -6.02
C GLY B 2887 -35.25 -18.60 -6.54
N MET B 2888 -35.97 -18.93 -7.61
CA MET B 2888 -36.86 -17.96 -8.23
C MET B 2888 -38.10 -17.71 -7.38
N GLU B 2889 -38.60 -18.74 -6.69
CA GLU B 2889 -39.78 -18.58 -5.86
C GLU B 2889 -39.52 -17.63 -4.70
N PHE B 2890 -38.33 -17.70 -4.10
CA PHE B 2890 -38.00 -16.81 -3.00
C PHE B 2890 -37.95 -15.35 -3.46
N SER B 2891 -37.40 -15.11 -4.65
CA SER B 2891 -37.33 -13.75 -5.17
C SER B 2891 -38.72 -13.18 -5.43
N ILE B 2892 -39.63 -14.00 -5.95
CA ILE B 2892 -40.99 -13.54 -6.18
C ILE B 2892 -41.68 -13.22 -4.86
N ALA B 2893 -41.49 -14.09 -3.86
CA ALA B 2893 -42.11 -13.85 -2.56
C ALA B 2893 -41.55 -12.60 -1.89
N TYR B 2894 -40.29 -12.26 -2.17
CA TYR B 2894 -39.71 -11.05 -1.59
C TYR B 2894 -40.37 -9.79 -2.16
N MET B 2895 -40.81 -9.84 -3.41
CA MET B 2895 -41.48 -8.69 -4.01
C MET B 2895 -42.89 -8.50 -3.50
N VAL B 2896 -43.50 -9.55 -2.95
CA VAL B 2896 -44.84 -9.41 -2.38
C VAL B 2896 -44.79 -8.58 -1.10
N GLY B 2897 -43.80 -8.83 -0.25
CA GLY B 2897 -43.67 -8.06 0.98
C GLY B 2897 -43.39 -6.60 0.74
N GLN B 2898 -42.62 -6.29 -0.31
CA GLN B 2898 -42.34 -4.89 -0.63
C GLN B 2898 -43.60 -4.16 -1.08
N ARG B 2899 -44.48 -4.86 -1.80
CA ARG B 2899 -45.69 -4.21 -2.33
C ARG B 2899 -46.70 -3.96 -1.23
N THR B 2900 -46.88 -4.93 -0.32
CA THR B 2900 -47.88 -4.78 0.75
C THR B 2900 -47.54 -3.61 1.66
N GLU B 2901 -46.26 -3.47 2.02
CA GLU B 2901 -45.85 -2.34 2.86
C GLU B 2901 -46.08 -1.01 2.13
N GLU B 2902 -45.76 -0.97 0.83
CA GLU B 2902 -45.99 0.26 0.07
C GLU B 2902 -47.48 0.53 -0.09
N MET B 2903 -48.28 -0.54 -0.25
CA MET B 2903 -49.72 -0.35 -0.41
C MET B 2903 -50.39 0.02 0.91
N ARG B 2904 -49.83 -0.41 2.03
CA ARG B 2904 -50.44 -0.11 3.33
C ARG B 2904 -50.46 1.38 3.61
N LYS B 2905 -49.50 2.12 3.08
CA LYS B 2905 -49.44 3.57 3.28
C LYS B 2905 -50.22 4.35 2.24
N ALA B 2906 -50.47 3.76 1.06
CA ALA B 2906 -51.13 4.50 -0.01
C ALA B 2906 -52.63 4.65 0.23
N LYS B 2907 -53.27 3.65 0.82
CA LYS B 2907 -54.72 3.68 1.02
C LYS B 2907 -55.14 4.63 2.14
N GLY B 2908 -54.20 5.15 2.92
CA GLY B 2908 -54.56 6.03 4.02
C GLY B 2908 -55.23 7.31 3.56
N ASP B 2909 -54.67 7.94 2.52
CA ASP B 2909 -55.20 9.19 1.98
C ASP B 2909 -55.69 8.97 0.56
N ASN B 2910 -56.82 9.58 0.22
CA ASN B 2910 -57.39 9.38 -1.11
C ASN B 2910 -56.62 10.15 -2.17
N ARG B 2911 -55.93 11.24 -1.79
CA ARG B 2911 -55.20 12.02 -2.78
C ARG B 2911 -53.96 11.28 -3.26
N THR B 2912 -53.21 10.66 -2.34
CA THR B 2912 -52.03 9.90 -2.74
C THR B 2912 -52.38 8.56 -3.36
N LEU B 2913 -53.63 8.11 -3.22
CA LEU B 2913 -54.03 6.84 -3.83
C LEU B 2913 -54.20 6.97 -5.34
N LEU B 2914 -54.57 8.15 -5.82
CA LEU B 2914 -54.80 8.38 -7.24
C LEU B 2914 -53.56 8.84 -7.99
N ASN B 2915 -52.45 9.08 -7.30
CA ASN B 2915 -51.25 9.63 -7.94
C ASN B 2915 -50.01 8.77 -7.75
N HIS B 2916 -50.09 7.64 -7.06
CA HIS B 2916 -48.93 6.79 -6.89
C HIS B 2916 -48.65 6.01 -8.16
N PHE B 2917 -47.38 5.65 -8.35
CA PHE B 2917 -46.94 4.96 -9.55
C PHE B 2917 -47.02 3.45 -9.36
N LYS B 2918 -47.63 2.78 -10.33
CA LYS B 2918 -47.69 1.32 -10.31
C LYS B 2918 -46.41 0.74 -10.89
N GLY B 2919 -45.87 -0.28 -10.22
CA GLY B 2919 -44.63 -0.88 -10.66
C GLY B 2919 -43.44 0.01 -10.46
N TYR B 2920 -43.11 0.29 -9.21
CA TYR B 2920 -42.00 1.17 -8.85
C TYR B 2920 -40.89 0.37 -8.20
N ILE B 2921 -39.65 0.66 -8.59
CA ILE B 2921 -38.48 -0.01 -8.03
C ILE B 2921 -37.30 0.97 -8.09
N PRO B 2922 -36.54 1.13 -7.01
CA PRO B 2922 -35.46 2.12 -7.00
C PRO B 2922 -34.35 1.77 -7.98
N VAL B 2923 -33.70 2.82 -8.48
CA VAL B 2923 -32.57 2.68 -9.40
C VAL B 2923 -31.52 3.71 -9.01
N GLU B 2924 -30.25 3.29 -9.02
CA GLU B 2924 -29.14 4.12 -8.57
C GLU B 2924 -28.30 4.59 -9.75
N ASN B 2925 -27.88 5.85 -9.70
CA ASN B 2925 -27.07 6.45 -10.74
C ASN B 2925 -25.60 6.07 -10.53
N GLN B 2926 -24.71 6.72 -11.26
CA GLN B 2926 -23.28 6.49 -11.13
C GLN B 2926 -22.66 7.50 -10.17
N GLN B 2927 -21.71 7.05 -9.37
CA GLN B 2927 -21.08 7.88 -8.36
C GLN B 2927 -20.21 8.94 -9.05
N GLY B 2928 -20.67 10.19 -9.03
CA GLY B 2928 -19.89 11.28 -9.56
C GLY B 2928 -20.59 12.10 -10.62
N VAL B 2929 -21.40 11.44 -11.45
CA VAL B 2929 -22.09 12.15 -12.53
C VAL B 2929 -23.24 12.99 -11.97
N ASN B 2930 -23.66 13.97 -12.76
CA ASN B 2930 -24.73 14.88 -12.34
C ASN B 2930 -25.33 15.51 -13.59
N LEU B 2931 -26.64 15.33 -13.78
CA LEU B 2931 -27.37 15.88 -14.91
C LEU B 2931 -28.44 16.83 -14.41
N ILE B 2932 -28.45 18.05 -14.95
CA ILE B 2932 -29.38 19.09 -14.52
C ILE B 2932 -30.05 19.70 -15.75
N ILE B 2933 -31.16 20.39 -15.50
CA ILE B 2933 -31.87 21.17 -16.50
C ILE B 2933 -31.98 22.60 -16.01
N ALA B 2934 -31.51 23.54 -16.82
CA ALA B 2934 -31.47 24.94 -16.40
C ALA B 2934 -31.66 25.84 -17.61
N ASP B 2935 -32.03 27.09 -17.33
CA ASP B 2935 -32.22 28.08 -18.38
C ASP B 2935 -30.91 28.40 -19.07
N ASP B 2936 -30.99 28.69 -20.37
CA ASP B 2936 -29.78 28.96 -21.15
C ASP B 2936 -29.22 30.34 -20.83
N LYS B 2937 -30.07 31.34 -20.70
CA LYS B 2937 -29.59 32.70 -20.45
C LYS B 2937 -28.93 32.81 -19.09
N GLU B 2938 -29.54 32.22 -18.06
CA GLU B 2938 -28.99 32.30 -16.71
C GLU B 2938 -27.68 31.52 -16.60
N PHE B 2939 -27.59 30.38 -17.27
CA PHE B 2939 -26.40 29.55 -17.19
C PHE B 2939 -25.21 30.17 -17.92
N ALA B 2940 -25.46 31.03 -18.91
CA ALA B 2940 -24.36 31.62 -19.67
C ALA B 2940 -23.48 32.50 -18.80
N LYS B 2941 -24.09 33.29 -17.91
CA LYS B 2941 -23.30 34.21 -17.08
C LYS B 2941 -22.49 33.48 -16.02
N LEU B 2942 -22.84 32.22 -15.70
CA LEU B 2942 -22.07 31.47 -14.73
C LEU B 2942 -20.68 31.13 -15.27
N ASN B 2943 -20.60 30.83 -16.57
CA ASN B 2943 -19.33 30.50 -17.23
C ASN B 2943 -18.66 29.30 -16.58
N SER B 2944 -19.46 28.33 -16.15
CA SER B 2944 -18.91 27.11 -15.55
C SER B 2944 -18.17 26.30 -16.59
N GLN B 2945 -17.04 25.73 -16.20
CA GLN B 2945 -16.19 24.94 -17.08
C GLN B 2945 -16.35 23.45 -16.88
N SER B 2946 -17.32 23.01 -16.06
CA SER B 2946 -17.53 21.61 -15.77
C SER B 2946 -18.84 21.08 -16.35
N PHE B 2947 -19.54 21.88 -17.15
CA PHE B 2947 -20.82 21.48 -17.71
C PHE B 2947 -20.79 21.62 -19.23
N THR B 2948 -21.44 20.69 -19.92
CA THR B 2948 -21.54 20.71 -21.37
C THR B 2948 -22.98 20.46 -21.77
N ARG B 2949 -23.38 21.03 -22.91
CA ARG B 2949 -24.75 20.94 -23.39
C ARG B 2949 -24.91 19.68 -24.24
N ILE B 2950 -25.79 18.78 -23.81
CA ILE B 2950 -26.04 17.53 -24.51
C ILE B 2950 -27.39 17.49 -25.19
N GLY B 2951 -28.16 18.58 -25.12
CA GLY B 2951 -29.47 18.60 -25.76
C GLY B 2951 -30.21 19.87 -25.40
N THR B 2952 -31.46 19.93 -25.87
CA THR B 2952 -32.34 21.06 -25.62
C THR B 2952 -33.69 20.56 -25.14
N TYR B 2953 -34.36 21.38 -24.34
CA TYR B 2953 -35.66 21.04 -23.76
C TYR B 2953 -36.75 21.65 -24.62
N GLN B 2954 -37.46 20.80 -25.38
CA GLN B 2954 -38.52 21.30 -26.25
C GLN B 2954 -39.76 21.65 -25.46
N GLY B 2955 -40.06 20.88 -24.41
CA GLY B 2955 -41.23 21.13 -23.60
C GLY B 2955 -42.51 20.68 -24.28
N SER B 2956 -43.55 21.51 -24.21
CA SER B 2956 -44.83 21.18 -24.82
C SER B 2956 -45.56 22.47 -25.17
N THR B 2957 -46.59 22.35 -26.00
CA THR B 2957 -47.37 23.50 -26.41
C THR B 2957 -48.33 23.98 -25.33
N GLY B 2958 -48.57 23.17 -24.30
CA GLY B 2958 -49.46 23.60 -23.23
C GLY B 2958 -48.92 24.77 -22.44
N PHE B 2959 -47.62 24.78 -22.17
CA PHE B 2959 -46.97 25.83 -21.40
C PHE B 2959 -45.87 26.47 -22.23
N ARG B 2960 -45.81 27.79 -22.19
CA ARG B 2960 -44.81 28.57 -22.93
C ARG B 2960 -43.81 29.14 -21.94
N THR B 2961 -42.52 28.93 -22.21
CA THR B 2961 -41.46 29.39 -21.34
C THR B 2961 -40.23 29.70 -22.18
N GLY B 2962 -39.17 30.15 -21.50
CA GLY B 2962 -37.93 30.47 -22.18
C GLY B 2962 -37.15 29.24 -22.59
N SER B 2963 -36.05 29.48 -23.30
CA SER B 2963 -35.22 28.40 -23.80
C SER B 2963 -34.49 27.71 -22.65
N LYS B 2964 -34.54 26.39 -22.62
CA LYS B 2964 -33.86 25.57 -21.63
C LYS B 2964 -32.90 24.62 -22.33
N GLY B 2965 -32.30 23.73 -21.56
CA GLY B 2965 -31.39 22.75 -22.13
C GLY B 2965 -30.89 21.80 -21.06
N TYR B 2966 -30.25 20.73 -21.52
CA TYR B 2966 -29.67 19.72 -20.65
C TYR B 2966 -28.17 19.97 -20.51
N TYR B 2967 -27.66 19.77 -19.29
CA TYR B 2967 -26.24 19.94 -19.01
C TYR B 2967 -25.74 18.75 -18.22
N PHE B 2968 -24.57 18.24 -18.60
CA PHE B 2968 -24.00 17.04 -18.00
C PHE B 2968 -22.61 17.33 -17.47
N SER B 2969 -22.28 16.71 -16.34
CA SER B 2969 -20.97 16.86 -15.72
C SER B 2969 -20.34 15.48 -15.55
N PRO B 2970 -19.15 15.23 -16.08
CA PRO B 2970 -18.54 13.90 -15.94
C PRO B 2970 -18.12 13.58 -14.52
N VAL B 2971 -17.47 12.43 -14.34
CA VAL B 2971 -17.14 11.94 -13.00
C VAL B 2971 -16.20 12.92 -12.31
N ALA B 2972 -16.53 13.25 -11.06
CA ALA B 2972 -15.71 14.14 -10.25
C ALA B 2972 -16.04 13.86 -8.77
N ALA B 2973 -15.59 14.74 -7.89
CA ALA B 2973 -15.83 14.62 -6.46
C ALA B 2973 -16.81 15.71 -6.03
N ARG B 2974 -17.85 15.30 -5.31
CA ARG B 2974 -18.90 16.22 -4.85
C ARG B 2974 -18.93 16.26 -3.33
N ALA B 2975 -19.63 17.26 -2.80
CA ALA B 2975 -19.74 17.43 -1.36
C ALA B 2975 -20.50 16.27 -0.74
N PRO B 2976 -20.19 15.91 0.51
CA PRO B 2976 -20.90 14.80 1.16
C PRO B 2976 -22.36 15.12 1.36
N TYR B 2977 -23.19 14.06 1.33
CA TYR B 2977 -24.63 14.11 1.53
C TYR B 2977 -25.36 14.89 0.45
N SER B 2978 -24.69 15.25 -0.65
CA SER B 2978 -25.30 16.00 -1.72
C SER B 2978 -25.90 15.12 -2.81
N GLN B 2979 -25.58 13.83 -2.84
CA GLN B 2979 -26.08 12.93 -3.87
C GLN B 2979 -25.93 11.50 -3.40
N GLY B 2980 -26.56 10.59 -4.14
CA GLY B 2980 -26.47 9.17 -3.88
C GLY B 2980 -27.58 8.60 -3.03
N ILE B 2981 -28.23 9.40 -2.20
CA ILE B 2981 -29.34 8.96 -1.37
C ILE B 2981 -30.47 9.99 -1.44
N LEU B 2982 -31.68 9.54 -1.11
CA LEU B 2982 -32.88 10.30 -1.42
C LEU B 2982 -32.98 11.57 -0.59
N GLN B 2983 -32.62 11.50 0.70
CA GLN B 2983 -32.49 12.65 1.59
C GLN B 2983 -33.79 13.43 1.76
N ASN B 2984 -34.90 12.92 1.22
CA ASN B 2984 -36.18 13.57 1.42
C ASN B 2984 -36.58 13.51 2.90
N VAL B 2985 -37.37 14.51 3.33
CA VAL B 2985 -37.76 14.62 4.73
C VAL B 2985 -39.20 14.17 4.97
N ARG B 2986 -39.94 13.82 3.93
CA ARG B 2986 -41.32 13.38 4.05
C ARG B 2986 -41.46 11.94 3.56
N ASN B 2987 -42.27 11.16 4.25
CA ASN B 2987 -42.46 9.77 3.90
C ASN B 2987 -43.10 9.64 2.51
N THR B 2988 -42.70 8.59 1.80
CA THR B 2988 -43.17 8.35 0.44
C THR B 2988 -43.78 6.96 0.34
N ALA B 2989 -44.77 6.83 -0.53
CA ALA B 2989 -45.42 5.55 -0.80
C ALA B 2989 -45.74 5.48 -2.28
N GLY B 2990 -45.12 4.53 -2.97
CA GLY B 2990 -45.30 4.40 -4.41
C GLY B 2990 -44.55 5.42 -5.23
N GLY B 2991 -43.50 6.01 -4.67
CA GLY B 2991 -42.73 7.01 -5.39
C GLY B 2991 -43.26 8.42 -5.34
N VAL B 2992 -44.29 8.68 -4.53
CA VAL B 2992 -44.88 10.00 -4.41
C VAL B 2992 -44.97 10.37 -2.94
N ASP B 2993 -45.02 11.68 -2.68
CA ASP B 2993 -45.15 12.16 -1.32
C ASP B 2993 -46.54 11.85 -0.77
N ILE B 2994 -46.59 11.44 0.49
CA ILE B 2994 -47.84 11.08 1.13
C ILE B 2994 -48.58 12.35 1.54
N GLY B 2995 -49.85 12.46 1.14
CA GLY B 2995 -50.66 13.60 1.49
C GLY B 2995 -50.89 14.56 0.34
N THR B 2996 -49.85 14.78 -0.48
CA THR B 2996 -49.95 15.70 -1.60
C THR B 2996 -49.95 15.00 -2.96
N GLY B 2997 -49.24 13.88 -3.09
CA GLY B 2997 -49.19 13.16 -4.34
C GLY B 2997 -48.08 13.59 -5.29
N PHE B 2998 -47.30 14.60 -4.94
CA PHE B 2998 -46.20 15.03 -5.79
C PHE B 2998 -45.13 13.95 -5.89
N THR B 2999 -44.57 13.79 -7.08
CA THR B 2999 -43.60 12.74 -7.33
C THR B 2999 -42.25 13.09 -6.73
N LEU B 3000 -41.60 12.10 -6.12
CA LEU B 3000 -40.28 12.27 -5.53
C LEU B 3000 -39.28 11.19 -5.91
N GLY B 3001 -39.72 10.01 -6.34
CA GLY B 3001 -38.80 8.93 -6.67
C GLY B 3001 -38.03 9.13 -7.94
N THR B 3002 -38.53 9.96 -8.85
CA THR B 3002 -37.88 10.23 -10.12
C THR B 3002 -37.51 11.72 -10.19
N MET B 3003 -37.01 12.14 -11.35
CA MET B 3003 -36.59 13.51 -11.57
C MET B 3003 -37.56 14.20 -12.51
N VAL B 3004 -37.94 15.44 -12.18
CA VAL B 3004 -38.82 16.25 -13.00
C VAL B 3004 -38.14 17.59 -13.25
N ALA B 3005 -38.54 18.26 -14.32
CA ALA B 3005 -37.94 19.52 -14.71
C ALA B 3005 -38.57 20.73 -14.04
N GLY B 3006 -39.67 20.55 -13.32
CA GLY B 3006 -40.31 21.67 -12.65
C GLY B 3006 -41.69 21.28 -12.15
N ARG B 3007 -42.42 22.28 -11.68
CA ARG B 3007 -43.76 22.07 -11.18
C ARG B 3007 -44.54 23.37 -11.27
N ILE B 3008 -45.84 23.25 -11.52
CA ILE B 3008 -46.75 24.39 -11.58
C ILE B 3008 -47.88 24.13 -10.60
N THR B 3009 -48.06 25.05 -9.64
CA THR B 3009 -49.08 24.89 -8.61
C THR B 3009 -49.98 26.09 -8.43
N ASP B 3010 -49.72 27.20 -9.11
CA ASP B 3010 -50.56 28.39 -8.96
C ASP B 3010 -51.93 28.14 -9.56
N LYS B 3011 -52.98 28.55 -8.84
CA LYS B 3011 -54.34 28.33 -9.32
C LYS B 3011 -54.65 29.06 -10.62
N PRO B 3012 -54.36 30.36 -10.76
CA PRO B 3012 -54.62 31.01 -12.07
C PRO B 3012 -53.81 30.43 -13.21
N THR B 3013 -52.59 29.96 -12.94
CA THR B 3013 -51.78 29.37 -13.99
C THR B 3013 -52.26 27.97 -14.36
N VAL B 3014 -52.76 27.21 -13.39
CA VAL B 3014 -53.19 25.84 -13.66
C VAL B 3014 -54.39 25.82 -14.60
N GLU B 3015 -55.37 26.70 -14.35
CA GLU B 3015 -56.57 26.70 -15.18
C GLU B 3015 -56.30 27.24 -16.58
N ARG B 3016 -55.22 28.02 -16.75
CA ARG B 3016 -54.84 28.45 -18.09
C ARG B 3016 -54.22 27.30 -18.89
N ILE B 3017 -53.51 26.40 -18.21
CA ILE B 3017 -52.95 25.24 -18.89
C ILE B 3017 -54.05 24.26 -19.29
N THR B 3018 -55.05 24.08 -18.43
CA THR B 3018 -56.05 23.04 -18.63
C THR B 3018 -56.83 23.26 -19.92
N LYS B 3019 -57.28 24.49 -20.17
CA LYS B 3019 -58.03 24.76 -21.40
C LYS B 3019 -57.14 24.84 -22.62
N ALA B 3020 -55.83 25.08 -22.44
CA ALA B 3020 -54.92 25.08 -23.57
C ALA B 3020 -54.63 23.66 -24.06
N LEU B 3021 -54.66 22.67 -23.16
CA LEU B 3021 -54.42 21.29 -23.52
C LEU B 3021 -55.66 20.62 -24.10
N ALA B 3022 -56.83 21.28 -24.06
CA ALA B 3022 -58.03 20.69 -24.62
C ALA B 3022 -57.91 20.52 -26.13
N LYS B 3023 -57.34 21.50 -26.82
CA LYS B 3023 -57.20 21.41 -28.27
C LYS B 3023 -56.22 20.32 -28.67
N GLY B 3024 -55.05 20.28 -28.04
CA GLY B 3024 -54.07 19.27 -28.36
C GLY B 3024 -52.75 19.59 -27.72
N GLU B 3025 -51.87 18.58 -27.70
CA GLU B 3025 -50.55 18.69 -27.11
C GLU B 3025 -49.51 18.22 -28.12
N ARG B 3026 -48.42 18.98 -28.21
CA ARG B 3026 -47.31 18.63 -29.10
C ARG B 3026 -46.00 18.95 -28.40
N GLY B 3027 -45.02 18.08 -28.57
CA GLY B 3027 -43.71 18.24 -27.97
C GLY B 3027 -43.15 16.91 -27.49
N ARG B 3028 -41.83 16.88 -27.34
CA ARG B 3028 -41.16 15.66 -26.89
C ARG B 3028 -41.36 15.39 -25.41
N GLU B 3029 -41.68 16.42 -24.62
CA GLU B 3029 -41.82 16.29 -23.17
C GLU B 3029 -43.16 16.87 -22.75
N PRO B 3030 -44.19 16.03 -22.63
CA PRO B 3030 -45.51 16.53 -22.22
C PRO B 3030 -45.57 16.88 -20.74
N LEU B 3031 -46.76 17.26 -20.27
CA LEU B 3031 -46.96 17.64 -18.87
C LEU B 3031 -47.80 16.59 -18.17
N MET B 3032 -47.37 16.21 -16.96
CA MET B 3032 -48.10 15.22 -16.18
C MET B 3032 -49.05 15.92 -15.22
N PRO B 3033 -50.35 15.64 -15.28
CA PRO B 3033 -51.30 16.30 -14.37
C PRO B 3033 -51.43 15.57 -13.04
N ILE B 3034 -51.64 16.38 -12.00
CA ILE B 3034 -51.88 15.89 -10.65
C ILE B 3034 -53.36 16.07 -10.34
N TYR B 3035 -54.03 14.99 -9.95
CA TYR B 3035 -55.48 14.99 -9.81
C TYR B 3035 -55.89 15.10 -8.35
N ASN B 3036 -57.03 15.76 -8.13
CA ASN B 3036 -57.58 15.96 -6.81
C ASN B 3036 -58.32 14.71 -6.37
N SER B 3037 -59.08 14.81 -5.27
CA SER B 3037 -59.89 13.71 -4.78
C SER B 3037 -61.29 13.70 -5.40
N LYS B 3038 -61.62 14.69 -6.22
CA LYS B 3038 -62.94 14.77 -6.85
C LYS B 3038 -62.85 14.77 -8.37
N GLY B 3039 -61.66 14.60 -8.93
CA GLY B 3039 -61.48 14.57 -10.38
C GLY B 3039 -60.98 15.85 -10.99
N GLN B 3040 -60.66 16.86 -10.19
CA GLN B 3040 -60.13 18.11 -10.71
C GLN B 3040 -58.60 18.03 -10.82
N VAL B 3041 -58.01 19.08 -11.39
CA VAL B 3041 -56.56 19.16 -11.57
C VAL B 3041 -56.03 20.28 -10.67
N VAL B 3042 -55.05 19.96 -9.85
CA VAL B 3042 -54.50 20.92 -8.90
C VAL B 3042 -53.05 21.31 -9.22
N ALA B 3043 -52.36 20.56 -10.06
CA ALA B 3043 -50.96 20.87 -10.35
C ALA B 3043 -50.55 20.19 -11.65
N TYR B 3044 -49.45 20.69 -12.22
CA TYR B 3044 -48.85 20.11 -13.41
C TYR B 3044 -47.35 19.97 -13.19
N GLU B 3045 -46.76 18.96 -13.83
CA GLU B 3045 -45.34 18.69 -13.71
C GLU B 3045 -44.74 18.48 -15.09
N GLN B 3046 -43.50 18.93 -15.27
CA GLN B 3046 -42.80 18.82 -16.53
C GLN B 3046 -41.94 17.56 -16.53
N SER B 3047 -42.13 16.72 -17.54
CA SER B 3047 -41.47 15.42 -17.59
C SER B 3047 -40.05 15.56 -18.16
N VAL B 3048 -39.35 14.44 -18.22
CA VAL B 3048 -37.98 14.38 -18.69
C VAL B 3048 -37.87 13.33 -19.79
N ASP B 3049 -37.19 13.68 -20.87
CA ASP B 3049 -37.02 12.74 -21.98
C ASP B 3049 -36.29 11.49 -21.51
N PRO B 3050 -36.81 10.30 -21.78
CA PRO B 3050 -36.12 9.07 -21.33
C PRO B 3050 -34.77 8.86 -21.96
N ASN B 3051 -34.51 9.47 -23.13
CA ASN B 3051 -33.22 9.29 -23.78
C ASN B 3051 -32.08 9.88 -22.94
N MET B 3052 -32.32 11.05 -22.34
CA MET B 3052 -31.28 11.70 -21.54
C MET B 3052 -30.90 10.91 -20.30
N LEU B 3053 -31.78 10.01 -19.84
CA LEU B 3053 -31.46 9.18 -18.68
C LEU B 3053 -30.38 8.15 -18.97
N LYS B 3054 -30.05 7.92 -20.26
CA LYS B 3054 -29.00 6.97 -20.58
C LYS B 3054 -27.62 7.51 -20.23
N HIS B 3055 -27.47 8.83 -20.22
CA HIS B 3055 -26.17 9.44 -19.91
C HIS B 3055 -25.74 9.19 -18.48
N LEU B 3056 -26.68 8.87 -17.58
CA LEU B 3056 -26.35 8.71 -16.17
C LEU B 3056 -25.75 7.35 -15.85
N ASN B 3057 -25.84 6.38 -16.76
CA ASN B 3057 -25.30 5.04 -16.56
C ASN B 3057 -25.84 4.42 -15.27
N GLN B 3058 -27.17 4.30 -15.22
CA GLN B 3058 -27.83 3.78 -14.03
C GLN B 3058 -27.59 2.30 -13.86
N ASP B 3059 -27.68 1.84 -12.62
CA ASP B 3059 -27.48 0.44 -12.26
C ASP B 3059 -28.82 -0.17 -11.85
N ASN B 3060 -29.11 -1.35 -12.40
CA ASN B 3060 -30.38 -2.04 -12.16
C ASN B 3060 -30.14 -3.47 -11.70
N HIS B 3061 -29.23 -3.63 -10.73
CA HIS B 3061 -28.98 -4.95 -10.14
C HIS B 3061 -30.14 -5.30 -9.22
N PHE B 3062 -30.83 -6.40 -9.51
CA PHE B 3062 -32.06 -6.72 -8.78
C PHE B 3062 -31.78 -7.00 -7.31
N ALA B 3063 -30.73 -7.77 -7.01
CA ALA B 3063 -30.44 -8.13 -5.63
C ALA B 3063 -30.05 -6.90 -4.81
N LYS B 3064 -29.32 -5.97 -5.43
CA LYS B 3064 -28.88 -4.78 -4.71
C LYS B 3064 -30.01 -3.78 -4.51
N MET B 3065 -30.89 -3.64 -5.50
CA MET B 3065 -31.98 -2.68 -5.40
C MET B 3065 -32.99 -3.08 -4.33
N VAL B 3066 -33.24 -4.38 -4.15
CA VAL B 3066 -34.17 -4.83 -3.12
C VAL B 3066 -33.64 -4.47 -1.74
N GLY B 3067 -32.34 -4.66 -1.52
CA GLY B 3067 -31.75 -4.28 -0.24
C GLY B 3067 -31.86 -2.79 0.02
N VAL B 3068 -31.67 -1.97 -1.01
CA VAL B 3068 -31.83 -0.53 -0.88
C VAL B 3068 -33.28 -0.19 -0.60
N TRP B 3069 -34.21 -0.90 -1.22
CA TRP B 3069 -35.64 -0.63 -1.02
C TRP B 3069 -36.05 -0.89 0.41
N ARG B 3070 -35.69 -2.05 0.96
CA ARG B 3070 -36.05 -2.37 2.33
C ARG B 3070 -35.29 -1.53 3.34
N GLY B 3071 -34.07 -1.13 3.00
CA GLY B 3071 -33.30 -0.27 3.90
C GLY B 3071 -33.85 1.13 4.03
N ARG B 3072 -34.73 1.53 3.10
CA ARG B 3072 -35.36 2.85 3.16
C ARG B 3072 -36.73 2.83 3.81
N GLN B 3073 -37.47 1.72 3.69
CA GLN B 3073 -38.75 1.62 4.37
C GLN B 3073 -38.57 1.54 5.89
N VAL B 3074 -37.52 0.84 6.33
CA VAL B 3074 -37.24 0.76 7.77
C VAL B 3074 -36.88 2.14 8.32
N GLU B 3075 -36.05 2.89 7.59
CA GLU B 3075 -35.65 4.22 8.04
C GLU B 3075 -36.85 5.16 8.09
N GLU B 3076 -37.73 5.09 7.10
CA GLU B 3076 -38.91 5.95 7.10
C GLU B 3076 -39.91 5.55 8.17
N ALA B 3077 -39.86 4.30 8.66
CA ALA B 3077 -40.73 3.90 9.76
C ALA B 3077 -40.26 4.48 11.08
N LYS B 3078 -38.95 4.71 11.23
CA LYS B 3078 -38.44 5.29 12.46
C LYS B 3078 -38.75 6.78 12.54
N ALA B 3079 -38.70 7.48 11.40
CA ALA B 3079 -39.00 8.91 11.40
C ALA B 3079 -40.46 9.17 11.76
N GLN B 3080 -41.35 8.24 11.43
CA GLN B 3080 -42.75 8.38 11.83
C GLN B 3080 -42.92 8.12 13.31
N ARG B 3081 -42.20 7.14 13.85
CA ARG B 3081 -42.30 6.84 15.28
C ARG B 3081 -41.75 7.97 16.14
N PHE B 3082 -40.72 8.67 15.66
CA PHE B 3082 -40.18 9.80 16.40
C PHE B 3082 -41.23 10.91 16.53
N ASN B 3083 -42.00 11.15 15.47
CA ASN B 3083 -43.06 12.14 15.53
C ASN B 3083 -44.17 11.71 16.50
N ASP B 3084 -44.46 10.40 16.55
CA ASP B 3084 -45.48 9.90 17.47
C ASP B 3084 -45.07 10.13 18.92
N ILE B 3085 -43.80 9.91 19.24
CA ILE B 3085 -43.31 10.14 20.60
C ILE B 3085 -43.35 11.62 20.94
N LEU B 3086 -43.02 12.48 19.97
CA LEU B 3086 -43.06 13.92 20.20
C LEU B 3086 -44.48 14.40 20.49
N ILE B 3087 -45.49 13.71 19.95
CA ILE B 3087 -46.87 14.09 20.23
C ILE B 3087 -47.21 13.83 21.69
N GLU B 3088 -46.74 12.71 22.24
CA GLU B 3088 -47.04 12.37 23.63
C GLU B 3088 -46.44 13.40 24.59
N GLN B 3089 -45.24 13.89 24.29
CA GLN B 3089 -44.63 14.92 25.13
C GLN B 3089 -45.46 16.20 25.12
N LEU B 3090 -46.01 16.57 23.95
CA LEU B 3090 -46.84 17.76 23.86
C LEU B 3090 -48.13 17.60 24.66
N HIS B 3091 -48.67 16.39 24.73
CA HIS B 3091 -49.90 16.17 25.49
C HIS B 3091 -49.65 16.26 26.99
N ALA B 3092 -48.51 15.74 27.46
CA ALA B 3092 -48.20 15.78 28.89
C ALA B 3092 -48.05 17.23 29.36
N MET B 3093 -47.42 18.08 28.55
CA MET B 3093 -47.26 19.48 28.93
C MET B 3093 -48.61 20.17 29.07
N TYR B 3094 -49.54 19.88 28.17
CA TYR B 3094 -50.86 20.50 28.24
C TYR B 3094 -51.66 20.01 29.44
N GLU B 3095 -51.47 18.74 29.83
CA GLU B 3095 -52.25 18.19 30.93
C GLU B 3095 -51.89 18.84 32.27
N LYS B 3096 -50.60 19.00 32.55
CA LYS B 3096 -50.18 19.54 33.84
C LYS B 3096 -50.59 20.99 34.01
N ASP B 3097 -50.46 21.80 32.95
CA ASP B 3097 -50.82 23.21 33.06
C ASP B 3097 -52.30 23.39 33.35
N ILE B 3098 -53.15 22.60 32.70
CA ILE B 3098 -54.59 22.69 32.95
C ILE B 3098 -54.91 22.25 34.37
N LYS B 3099 -54.26 21.17 34.85
CA LYS B 3099 -54.52 20.69 36.19
C LYS B 3099 -54.10 21.70 37.25
N ASP B 3100 -52.99 22.38 37.03
CA ASP B 3100 -52.51 23.36 38.00
C ASP B 3100 -53.50 24.51 38.14
N SER B 3101 -54.05 25.01 37.04
CA SER B 3101 -54.99 26.11 37.09
C SER B 3101 -55.84 26.09 35.82
N SER B 3102 -57.14 26.30 35.99
CA SER B 3102 -58.06 26.31 34.85
C SER B 3102 -57.91 27.56 33.99
N ALA B 3103 -57.18 28.57 34.45
CA ALA B 3103 -56.97 29.78 33.68
C ALA B 3103 -55.86 29.65 32.66
N ASN B 3104 -55.18 28.50 32.59
CA ASN B 3104 -54.09 28.30 31.66
C ASN B 3104 -54.55 27.87 30.28
N LYS B 3105 -55.86 27.68 30.07
CA LYS B 3105 -56.38 27.30 28.77
C LYS B 3105 -56.51 28.49 27.82
N SER B 3106 -56.26 29.70 28.30
CA SER B 3106 -56.35 30.89 27.45
C SER B 3106 -55.08 31.16 26.65
N GLN B 3107 -54.03 30.36 26.84
CA GLN B 3107 -52.78 30.51 26.12
C GLN B 3107 -52.47 29.29 25.27
N TYR B 3108 -53.50 28.59 24.81
CA TYR B 3108 -53.33 27.41 23.98
C TYR B 3108 -54.18 27.57 22.72
N VAL B 3109 -53.65 27.04 21.61
CA VAL B 3109 -54.28 27.16 20.29
C VAL B 3109 -54.52 25.76 19.75
N ASN B 3110 -55.73 25.51 19.25
CA ASN B 3110 -56.08 24.23 18.67
C ASN B 3110 -55.60 24.18 17.22
N LEU B 3111 -54.64 23.29 16.94
CA LEU B 3111 -54.08 23.19 15.60
C LEU B 3111 -55.08 22.58 14.62
N LEU B 3112 -55.76 21.50 15.02
CA LEU B 3112 -56.69 20.83 14.14
C LEU B 3112 -58.04 21.54 14.04
N GLY B 3113 -58.26 22.58 14.83
CA GLY B 3113 -59.50 23.34 14.77
C GLY B 3113 -59.55 24.26 13.57
N LYS B 3114 -60.30 25.35 13.72
CA LYS B 3114 -60.44 26.32 12.64
C LYS B 3114 -59.26 27.27 12.63
N ILE B 3115 -58.66 27.45 11.45
CA ILE B 3115 -57.52 28.34 11.27
C ILE B 3115 -57.93 29.45 10.32
N ASP B 3116 -57.77 30.70 10.75
CA ASP B 3116 -58.17 31.83 9.91
C ASP B 3116 -57.21 32.04 8.75
N ASP B 3117 -55.93 31.77 8.95
CA ASP B 3117 -54.94 31.97 7.90
C ASP B 3117 -55.15 30.95 6.79
N PRO B 3118 -55.37 31.37 5.54
CA PRO B 3118 -55.65 30.39 4.48
C PRO B 3118 -54.44 29.55 4.10
N VAL B 3119 -53.26 30.15 4.00
CA VAL B 3119 -52.08 29.39 3.60
C VAL B 3119 -51.70 28.37 4.66
N LEU B 3120 -51.88 28.71 5.95
CA LEU B 3120 -51.59 27.77 7.00
C LEU B 3120 -52.64 26.67 7.07
N ALA B 3121 -53.90 27.01 6.82
CA ALA B 3121 -54.98 26.02 6.90
C ALA B 3121 -54.81 24.94 5.85
N ASP B 3122 -54.38 25.32 4.64
CA ASP B 3122 -54.21 24.34 3.57
C ASP B 3122 -53.13 23.32 3.92
N ALA B 3123 -52.04 23.77 4.53
CA ALA B 3123 -50.96 22.85 4.90
C ALA B 3123 -51.41 21.85 5.96
N ILE B 3124 -52.29 22.28 6.88
CA ILE B 3124 -52.78 21.38 7.91
C ILE B 3124 -53.64 20.28 7.31
N ASN B 3125 -54.43 20.61 6.28
CA ASN B 3125 -55.28 19.62 5.66
C ASN B 3125 -54.47 18.49 5.02
N LEU B 3126 -53.35 18.84 4.37
CA LEU B 3126 -52.50 17.86 3.72
C LEU B 3126 -51.53 17.18 4.66
N MET B 3127 -51.75 17.28 5.97
CA MET B 3127 -50.90 16.60 6.94
C MET B 3127 -51.08 15.09 6.82
N ASN B 3128 -50.00 14.36 7.09
CA ASN B 3128 -50.03 12.91 7.03
C ASN B 3128 -51.11 12.35 7.94
N ILE B 3129 -51.87 11.39 7.41
CA ILE B 3129 -53.00 10.84 8.16
C ILE B 3129 -52.56 9.96 9.32
N GLU B 3130 -51.29 9.53 9.33
CA GLU B 3130 -50.83 8.68 10.43
C GLU B 3130 -50.63 9.49 11.70
N THR B 3131 -50.14 10.73 11.57
CA THR B 3131 -49.98 11.58 12.74
C THR B 3131 -51.31 12.12 13.24
N ARG B 3132 -52.26 12.33 12.33
CA ARG B 3132 -53.57 12.84 12.73
C ARG B 3132 -54.29 11.87 13.65
N HIS B 3133 -54.21 10.56 13.35
CA HIS B 3133 -54.85 9.57 14.19
C HIS B 3133 -54.22 9.52 15.58
N LYS B 3134 -52.90 9.65 15.66
CA LYS B 3134 -52.22 9.64 16.95
C LYS B 3134 -52.64 10.85 17.79
N ALA B 3135 -52.73 12.02 17.17
CA ALA B 3135 -53.13 13.22 17.90
C ALA B 3135 -54.56 13.09 18.41
N GLU B 3136 -55.46 12.57 17.58
CA GLU B 3136 -56.86 12.41 18.00
C GLU B 3136 -57.03 11.34 19.07
N GLU B 3137 -56.05 10.44 19.21
CA GLU B 3137 -56.16 9.39 20.23
C GLU B 3137 -55.97 9.96 21.64
N LEU B 3138 -55.08 10.93 21.79
CA LEU B 3138 -54.76 11.47 23.11
C LEU B 3138 -55.61 12.71 23.43
N PHE B 3139 -55.49 13.76 22.60
CA PHE B 3139 -56.24 14.99 22.86
C PHE B 3139 -57.74 14.76 22.69
N GLY B 3140 -58.13 14.00 21.68
CA GLY B 3140 -59.53 13.80 21.33
C GLY B 3140 -59.77 14.14 19.88
N LYS B 3141 -61.02 13.93 19.47
CA LYS B 3141 -61.39 14.15 18.08
C LYS B 3141 -61.26 15.64 17.73
N ASP B 3142 -60.52 15.92 16.66
CA ASP B 3142 -60.30 17.28 16.17
C ASP B 3142 -59.74 18.18 17.26
N GLU B 3143 -58.73 17.67 17.98
CA GLU B 3143 -58.12 18.41 19.08
C GLU B 3143 -56.61 18.26 19.01
N LEU B 3144 -55.91 19.40 19.05
CA LEU B 3144 -54.45 19.40 19.16
C LEU B 3144 -54.05 20.76 19.76
N TRP B 3145 -53.73 20.76 21.05
CA TRP B 3145 -53.46 21.99 21.78
C TRP B 3145 -51.96 22.17 21.98
N VAL B 3146 -51.45 23.35 21.59
CA VAL B 3146 -50.05 23.70 21.77
C VAL B 3146 -49.98 25.12 22.32
N ARG B 3147 -48.85 25.44 22.93
CA ARG B 3147 -48.66 26.76 23.51
C ARG B 3147 -48.61 27.82 22.42
N ARG B 3148 -49.24 28.96 22.67
CA ARG B 3148 -49.35 30.01 21.66
C ARG B 3148 -47.99 30.67 21.40
N ASP B 3149 -47.26 31.01 22.48
CA ASP B 3149 -45.99 31.71 22.30
C ASP B 3149 -44.96 30.84 21.60
N MET B 3150 -44.90 29.55 21.95
CA MET B 3150 -43.95 28.65 21.31
C MET B 3150 -44.30 28.42 19.85
N LEU B 3151 -45.58 28.44 19.50
CA LEU B 3151 -45.98 28.27 18.11
C LEU B 3151 -45.56 29.46 17.26
N ASN B 3152 -45.63 30.68 17.83
CA ASN B 3152 -45.29 31.87 17.06
C ASN B 3152 -43.82 31.89 16.67
N ASP B 3153 -42.95 31.24 17.45
CA ASP B 3153 -41.54 31.17 17.09
C ASP B 3153 -41.29 30.24 15.90
N ALA B 3154 -42.21 29.32 15.63
CA ALA B 3154 -42.07 28.40 14.50
C ALA B 3154 -42.53 28.98 13.18
N LEU B 3155 -43.23 30.13 13.20
CA LEU B 3155 -43.77 30.73 11.98
C LEU B 3155 -43.19 32.12 11.74
N GLY B 3156 -42.05 32.45 12.34
CA GLY B 3156 -41.42 33.73 12.09
C GLY B 3156 -40.68 33.84 10.78
N TYR B 3157 -40.47 32.71 10.09
CA TYR B 3157 -39.77 32.74 8.81
C TYR B 3157 -40.57 33.48 7.75
N ARG B 3158 -41.90 33.32 7.75
CA ARG B 3158 -42.73 33.81 6.66
C ARG B 3158 -42.79 35.33 6.60
N ALA B 3159 -42.33 36.04 7.64
CA ALA B 3159 -42.29 37.49 7.59
C ALA B 3159 -41.18 38.02 6.68
N ALA B 3160 -40.28 37.16 6.22
CA ALA B 3160 -39.16 37.58 5.39
C ALA B 3160 -38.92 36.68 4.19
N SER B 3161 -39.82 35.72 3.93
CA SER B 3161 -39.66 34.78 2.82
C SER B 3161 -40.89 34.81 1.94
N ILE B 3162 -40.67 34.74 0.62
CA ILE B 3162 -41.73 34.72 -0.37
C ILE B 3162 -41.49 33.56 -1.32
N GLY B 3163 -42.55 33.15 -2.01
CA GLY B 3163 -42.50 32.05 -2.94
C GLY B 3163 -42.99 30.76 -2.33
N ASP B 3164 -42.97 29.72 -3.16
CA ASP B 3164 -43.43 28.39 -2.77
C ASP B 3164 -42.27 27.40 -2.88
N VAL B 3165 -42.08 26.60 -1.84
CA VAL B 3165 -41.00 25.63 -1.83
C VAL B 3165 -41.27 24.51 -2.84
N TRP B 3166 -42.53 24.08 -2.95
CA TRP B 3166 -42.87 23.00 -3.87
C TRP B 3166 -42.56 23.37 -5.32
N THR B 3167 -42.85 24.61 -5.71
CA THR B 3167 -42.51 25.06 -7.05
C THR B 3167 -41.01 25.09 -7.26
N GLY B 3168 -40.26 25.53 -6.26
CA GLY B 3168 -38.81 25.58 -6.35
C GLY B 3168 -38.26 26.98 -6.57
N ASN B 3169 -39.00 27.98 -6.10
CA ASN B 3169 -38.61 29.38 -6.23
C ASN B 3169 -38.76 30.11 -4.91
N SER B 3170 -38.29 29.50 -3.83
CA SER B 3170 -38.38 30.10 -2.51
C SER B 3170 -37.09 30.87 -2.21
N ARG B 3171 -37.24 32.13 -1.80
CA ARG B 3171 -36.10 33.00 -1.56
C ARG B 3171 -36.51 34.09 -0.58
N TRP B 3172 -35.50 34.79 -0.05
CA TRP B 3172 -35.75 35.87 0.88
C TRP B 3172 -36.42 37.05 0.17
N SER B 3173 -37.16 37.83 0.93
CA SER B 3173 -37.80 39.02 0.39
C SER B 3173 -36.75 40.06 0.00
N PRO B 3174 -37.05 40.92 -0.98
CA PRO B 3174 -36.06 41.92 -1.38
C PRO B 3174 -35.66 42.87 -0.27
N SER B 3175 -36.53 43.10 0.71
CA SER B 3175 -36.18 43.96 1.83
C SER B 3175 -35.15 43.29 2.74
N THR B 3176 -35.26 41.98 2.92
CA THR B 3176 -34.32 41.26 3.78
C THR B 3176 -32.91 41.30 3.23
N LEU B 3177 -32.75 41.14 1.91
CA LEU B 3177 -31.42 41.15 1.31
C LEU B 3177 -30.74 42.49 1.53
N ASP B 3178 -31.47 43.59 1.40
CA ASP B 3178 -30.90 44.91 1.63
C ASP B 3178 -30.45 45.10 3.07
N THR B 3179 -31.01 44.33 4.00
CA THR B 3179 -30.57 44.44 5.39
C THR B 3179 -29.35 43.56 5.67
N VAL B 3180 -29.34 42.34 5.14
CA VAL B 3180 -28.21 41.45 5.33
C VAL B 3180 -26.98 41.97 4.59
N LYS B 3181 -27.19 42.53 3.40
CA LYS B 3181 -26.06 43.03 2.61
C LYS B 3181 -25.36 44.18 3.33
N LYS B 3182 -26.11 45.08 3.96
CA LYS B 3182 -25.50 46.18 4.68
C LYS B 3182 -24.84 45.73 5.98
N MET B 3183 -25.23 44.56 6.51
CA MET B 3183 -24.58 44.05 7.71
C MET B 3183 -23.22 43.44 7.39
N PHE B 3184 -23.10 42.81 6.21
CA PHE B 3184 -21.82 42.20 5.83
C PHE B 3184 -20.77 43.26 5.56
N LEU B 3185 -21.17 44.40 4.97
CA LEU B 3185 -20.22 45.46 4.68
C LEU B 3185 -19.65 46.05 5.97
N GLY B 3186 -20.49 46.25 6.98
CA GLY B 3186 -19.99 46.81 8.23
C GLY B 3186 -19.04 45.89 8.97
N ALA B 3187 -19.40 44.61 9.06
CA ALA B 3187 -18.59 43.67 9.82
C ALA B 3187 -17.26 43.38 9.12
N PHE B 3188 -17.31 43.10 7.82
CA PHE B 3188 -16.12 42.80 7.06
C PHE B 3188 -15.58 44.09 6.43
N GLY B 3189 -14.62 43.96 5.52
CA GLY B 3189 -14.07 45.12 4.85
C GLY B 3189 -14.85 45.51 3.61
N ASN B 3190 -14.67 46.76 3.19
CA ASN B 3190 -15.30 47.24 1.97
C ASN B 3190 -14.75 46.50 0.75
N LYS B 3191 -13.44 46.27 0.72
CA LYS B 3191 -12.84 45.55 -0.39
C LYS B 3191 -13.34 44.11 -0.47
N ALA B 3192 -13.47 43.45 0.68
CA ALA B 3192 -13.94 42.07 0.69
C ALA B 3192 -15.38 41.96 0.20
N TYR B 3193 -16.22 42.92 0.58
CA TYR B 3193 -17.62 42.90 0.15
C TYR B 3193 -17.73 43.06 -1.36
N HIS B 3194 -16.87 43.89 -1.95
CA HIS B 3194 -16.96 44.16 -3.38
C HIS B 3194 -16.68 42.90 -4.20
N VAL B 3195 -15.71 42.09 -3.78
CA VAL B 3195 -15.33 40.90 -4.53
C VAL B 3195 -16.21 39.72 -4.17
N VAL B 3196 -16.38 39.44 -2.88
CA VAL B 3196 -17.12 38.26 -2.46
C VAL B 3196 -18.61 38.43 -2.74
N MET B 3197 -19.16 39.60 -2.44
CA MET B 3197 -20.61 39.84 -2.54
C MET B 3197 -20.97 40.65 -3.77
N ASN B 3198 -20.29 40.42 -4.90
CA ASN B 3198 -20.65 41.09 -6.13
C ASN B 3198 -21.95 40.50 -6.67
N ALA B 3199 -22.86 41.37 -7.11
CA ALA B 3199 -24.17 40.97 -7.58
C ALA B 3199 -24.27 40.87 -9.10
N GLU B 3200 -23.17 41.11 -9.82
CA GLU B 3200 -23.23 41.07 -11.27
C GLU B 3200 -22.17 40.13 -11.85
N ASN B 3201 -21.08 39.91 -11.11
CA ASN B 3201 -19.98 39.09 -11.59
C ASN B 3201 -19.60 38.06 -10.54
N THR B 3202 -19.19 36.88 -11.00
CA THR B 3202 -18.75 35.83 -10.10
C THR B 3202 -17.35 36.13 -9.58
N ILE B 3203 -16.94 35.35 -8.58
CA ILE B 3203 -15.63 35.54 -7.96
C ILE B 3203 -14.51 35.24 -8.96
N GLN B 3204 -14.64 34.15 -9.71
CA GLN B 3204 -13.57 33.75 -10.63
C GLN B 3204 -13.34 34.73 -11.76
N ASN B 3205 -14.32 35.59 -12.05
CA ASN B 3205 -14.19 36.57 -13.12
C ASN B 3205 -13.58 37.89 -12.66
N LEU B 3206 -13.20 37.99 -11.38
CA LEU B 3206 -12.63 39.21 -10.85
C LEU B 3206 -11.19 39.05 -10.37
N VAL B 3207 -10.65 37.85 -10.40
CA VAL B 3207 -9.28 37.57 -9.95
C VAL B 3207 -8.42 37.33 -11.18
N LYS B 3208 -7.34 38.09 -11.30
CA LYS B 3208 -6.44 38.00 -12.45
C LYS B 3208 -4.99 37.91 -11.99
N ASP B 3209 -4.72 37.13 -10.94
CA ASP B 3209 -3.37 36.97 -10.44
C ASP B 3209 -3.29 35.65 -9.68
N ALA B 3210 -2.06 35.14 -9.57
CA ALA B 3210 -1.84 33.89 -8.83
C ALA B 3210 -1.88 34.11 -7.32
N LYS B 3211 -1.37 35.24 -6.84
CA LYS B 3211 -1.39 35.52 -5.39
C LYS B 3211 -2.79 35.85 -4.90
N THR B 3212 -3.58 36.56 -5.71
CA THR B 3212 -4.91 36.97 -5.29
C THR B 3212 -5.83 35.79 -5.02
N VAL B 3213 -5.61 34.66 -5.69
CA VAL B 3213 -6.45 33.49 -5.46
C VAL B 3213 -6.28 32.99 -4.02
N ILE B 3214 -5.06 33.04 -3.49
CA ILE B 3214 -4.82 32.60 -2.12
C ILE B 3214 -5.60 33.46 -1.13
N VAL B 3215 -5.58 34.78 -1.33
CA VAL B 3215 -6.29 35.68 -0.43
C VAL B 3215 -7.79 35.46 -0.52
N VAL B 3216 -8.31 35.33 -1.75
CA VAL B 3216 -9.75 35.21 -1.93
C VAL B 3216 -10.26 33.88 -1.38
N LYS B 3217 -9.50 32.80 -1.59
CA LYS B 3217 -9.92 31.49 -1.12
C LYS B 3217 -9.91 31.39 0.41
N ALA B 3218 -9.32 32.37 1.10
CA ALA B 3218 -9.30 32.39 2.56
C ALA B 3218 -10.40 33.25 3.16
N VAL B 3219 -10.75 34.36 2.50
CA VAL B 3219 -11.79 35.24 3.02
C VAL B 3219 -13.15 34.55 3.02
N VAL B 3220 -13.35 33.57 2.12
CA VAL B 3220 -14.66 32.93 1.99
C VAL B 3220 -15.02 32.16 3.25
N VAL B 3221 -14.03 31.52 3.89
CA VAL B 3221 -14.32 30.65 5.02
C VAL B 3221 -15.00 31.39 6.18
N PRO B 3222 -14.51 32.56 6.63
CA PRO B 3222 -15.26 33.28 7.67
C PRO B 3222 -16.52 33.95 7.14
N ALA B 3223 -16.55 34.31 5.87
CA ALA B 3223 -17.74 34.95 5.31
C ALA B 3223 -18.93 33.99 5.31
N VAL B 3224 -18.69 32.72 4.95
CA VAL B 3224 -19.77 31.73 4.95
C VAL B 3224 -20.28 31.50 6.37
N ASN B 3225 -19.36 31.38 7.33
CA ASN B 3225 -19.77 31.14 8.71
C ASN B 3225 -20.56 32.32 9.27
N PHE B 3226 -20.18 33.55 8.91
CA PHE B 3226 -20.91 34.73 9.37
C PHE B 3226 -22.33 34.73 8.82
N LEU B 3227 -22.51 34.40 7.55
CA LEU B 3227 -23.83 34.41 6.94
C LEU B 3227 -24.68 33.22 7.36
N ALA B 3228 -24.05 32.06 7.56
CA ALA B 3228 -24.81 30.87 7.95
C ALA B 3228 -25.46 31.03 9.32
N ASN B 3229 -24.83 31.80 10.21
CA ASN B 3229 -25.41 32.02 11.53
C ASN B 3229 -26.57 33.00 11.47
N ILE B 3230 -26.48 33.99 10.59
CA ILE B 3230 -27.56 34.98 10.46
C ILE B 3230 -28.83 34.32 9.94
N TYR B 3231 -28.70 33.45 8.92
CA TYR B 3231 -29.88 32.79 8.37
C TYR B 3231 -30.46 31.77 9.36
N GLN B 3232 -29.60 31.11 10.15
CA GLN B 3232 -30.09 30.13 11.10
C GLN B 3232 -30.92 30.78 12.21
N MET B 3233 -30.48 31.93 12.72
CA MET B 3233 -31.20 32.57 13.81
C MET B 3233 -32.51 33.19 13.33
N ILE B 3234 -32.57 33.63 12.06
CA ILE B 3234 -33.80 34.17 11.52
C ILE B 3234 -34.87 33.09 11.46
N GLY B 3235 -34.51 31.89 11.04
CA GLY B 3235 -35.46 30.80 10.93
C GLY B 3235 -35.95 30.28 12.26
N ARG B 3236 -35.21 30.54 13.34
CA ARG B 3236 -35.59 30.06 14.67
C ARG B 3236 -36.52 31.02 15.39
N GLY B 3237 -36.87 32.16 14.79
CA GLY B 3237 -37.83 33.08 15.36
C GLY B 3237 -37.28 34.44 15.74
N VAL B 3238 -35.97 34.65 15.62
CA VAL B 3238 -35.41 35.96 15.96
C VAL B 3238 -35.82 36.98 14.90
N PRO B 3239 -36.42 38.11 15.29
CA PRO B 3239 -36.84 39.10 14.30
C PRO B 3239 -35.65 39.69 13.57
N VAL B 3240 -35.87 40.07 12.31
CA VAL B 3240 -34.80 40.67 11.51
C VAL B 3240 -34.45 42.07 11.99
N LYS B 3241 -35.35 42.72 12.73
CA LYS B 3241 -35.06 44.05 13.25
C LYS B 3241 -34.07 44.02 14.41
N ASP B 3242 -34.14 42.98 15.25
CA ASP B 3242 -33.22 42.89 16.38
C ASP B 3242 -31.78 42.72 15.91
N ILE B 3243 -31.56 41.88 14.89
CA ILE B 3243 -30.21 41.62 14.42
C ILE B 3243 -29.64 42.86 13.73
N ALA B 3244 -30.48 43.59 12.99
CA ALA B 3244 -30.00 44.74 12.24
C ALA B 3244 -29.47 45.83 13.16
N VAL B 3245 -30.14 46.07 14.29
CA VAL B 3245 -29.77 47.16 15.19
C VAL B 3245 -28.82 46.73 16.30
N ASN B 3246 -28.42 45.46 16.33
CA ASN B 3246 -27.53 44.97 17.39
C ASN B 3246 -26.14 44.59 16.89
N ILE B 3247 -25.99 44.19 15.64
CA ILE B 3247 -24.68 43.84 15.12
C ILE B 3247 -23.71 45.02 15.16
N PRO B 3248 -24.07 46.22 14.68
CA PRO B 3248 -23.14 47.36 14.86
C PRO B 3248 -22.85 47.68 16.30
N ARG B 3249 -23.82 47.50 17.19
CA ARG B 3249 -23.60 47.81 18.61
C ARG B 3249 -22.64 46.82 19.25
N LYS B 3250 -22.78 45.53 18.95
CA LYS B 3250 -21.93 44.53 19.58
C LYS B 3250 -20.52 44.54 19.00
N THR B 3251 -20.38 44.91 17.72
CA THR B 3251 -19.05 44.96 17.12
C THR B 3251 -18.18 46.02 17.80
N SER B 3252 -18.75 47.18 18.09
CA SER B 3252 -17.98 48.24 18.74
C SER B 3252 -17.53 47.82 20.14
N GLU B 3253 -18.39 47.12 20.88
CA GLU B 3253 -18.02 46.70 22.22
C GLU B 3253 -16.83 45.74 22.21
N ILE B 3254 -16.82 44.79 21.26
CA ILE B 3254 -15.69 43.87 21.15
C ILE B 3254 -14.42 44.62 20.77
N ASN B 3255 -14.52 45.55 19.82
CA ASN B 3255 -13.35 46.30 19.38
C ASN B 3255 -12.78 47.15 20.52
N GLN B 3256 -13.66 47.77 21.31
CA GLN B 3256 -13.21 48.58 22.44
C GLN B 3256 -12.49 47.71 23.47
N TYR B 3257 -13.01 46.51 23.73
CA TYR B 3257 -12.40 45.64 24.73
C TYR B 3257 -10.99 45.24 24.34
N ILE B 3258 -10.76 44.94 23.06
CA ILE B 3258 -9.43 44.53 22.61
C ILE B 3258 -8.42 45.65 22.81
N LYS B 3259 -8.78 46.88 22.44
CA LYS B 3259 -7.87 48.00 22.61
C LYS B 3259 -7.67 48.33 24.09
N SER B 3260 -8.74 48.26 24.89
CA SER B 3260 -8.62 48.52 26.32
C SER B 3260 -7.77 47.46 27.00
N ARG B 3261 -7.89 46.20 26.59
CA ARG B 3261 -7.10 45.14 27.20
C ARG B 3261 -5.61 45.34 26.97
N LEU B 3262 -5.23 45.87 25.80
CA LEU B 3262 -3.82 46.03 25.47
C LEU B 3262 -3.10 46.95 26.46
N ARG B 3263 -3.81 47.91 27.03
CA ARG B 3263 -3.16 48.84 27.96
C ARG B 3263 -2.89 48.20 29.31
N GLN B 3264 -3.67 47.19 29.70
CA GLN B 3264 -3.53 46.60 31.02
C GLN B 3264 -2.76 45.28 31.03
N ILE B 3265 -2.66 44.58 29.89
CA ILE B 3265 -1.89 43.35 29.86
C ILE B 3265 -0.41 43.63 30.09
N ASP B 3266 0.11 44.67 29.44
CA ASP B 3266 1.51 45.08 29.62
C ASP B 3266 1.71 45.89 30.89
N ALA B 3267 0.64 46.35 31.53
CA ALA B 3267 0.78 47.09 32.79
C ALA B 3267 1.38 46.25 33.90
N GLU B 3268 1.22 44.91 33.82
CA GLU B 3268 1.86 44.05 34.81
C GLU B 3268 3.38 44.13 34.72
N ALA B 3269 3.91 44.25 33.50
CA ALA B 3269 5.35 44.45 33.35
C ALA B 3269 5.78 45.78 33.95
N GLU B 3270 4.98 46.83 33.75
CA GLU B 3270 5.27 48.12 34.39
C GLU B 3270 5.22 48.01 35.91
N LEU B 3271 4.23 47.27 36.44
CA LEU B 3271 4.12 47.10 37.88
C LEU B 3271 5.33 46.37 38.44
N ARG B 3272 5.80 45.34 37.75
CA ARG B 3272 6.97 44.60 38.22
C ARG B 3272 8.22 45.47 38.19
N ALA B 3273 8.33 46.34 37.20
CA ALA B 3273 9.50 47.22 37.08
C ALA B 3273 9.38 48.49 37.91
N ALA B 3274 8.27 48.69 38.62
CA ALA B 3274 8.06 49.88 39.43
C ALA B 3274 8.32 49.64 40.91
N GLU B 3275 9.22 48.70 41.23
CA GLU B 3275 9.58 48.42 42.61
C GLU B 3275 10.45 49.56 43.12
N GLY B 3276 9.82 50.53 43.77
CA GLY B 3276 10.52 51.71 44.24
C GLY B 3276 9.61 52.74 44.86
N ASN B 3277 9.76 54.00 44.44
CA ASN B 3277 8.95 55.07 44.98
C ASN B 3277 7.48 54.87 44.63
N PRO B 3278 6.55 55.25 45.52
CA PRO B 3278 5.12 55.03 45.23
C PRO B 3278 4.55 55.97 44.19
N ASN B 3279 5.32 56.96 43.69
CA ASN B 3279 4.79 57.87 42.68
C ASN B 3279 4.42 57.12 41.41
N LEU B 3280 5.30 56.20 40.95
CA LEU B 3280 4.96 55.38 39.79
C LEU B 3280 3.90 54.35 40.15
N VAL B 3281 3.95 53.82 41.37
CA VAL B 3281 2.97 52.80 41.79
C VAL B 3281 1.57 53.41 41.85
N ARG B 3282 1.45 54.64 42.35
CA ARG B 3282 0.15 55.28 42.49
C ARG B 3282 -0.53 55.44 41.13
N LYS B 3283 0.22 55.90 40.12
CA LYS B 3283 -0.34 56.01 38.78
C LYS B 3283 -0.70 54.64 38.21
N LEU B 3284 0.17 53.65 38.42
CA LEU B 3284 -0.11 52.30 37.93
C LEU B 3284 -1.31 51.69 38.65
N LYS B 3285 -1.40 51.91 39.96
CA LYS B 3285 -2.52 51.36 40.73
C LYS B 3285 -3.85 51.95 40.26
N THR B 3286 -3.88 53.25 39.99
CA THR B 3286 -5.10 53.88 39.53
C THR B 3286 -5.42 53.53 38.09
N GLU B 3287 -4.40 53.26 37.28
CA GLU B 3287 -4.62 52.99 35.86
C GLU B 3287 -5.38 51.67 35.66
N ILE B 3288 -4.95 50.61 36.35
CA ILE B 3288 -5.56 49.30 36.12
C ILE B 3288 -6.99 49.27 36.65
N GLN B 3289 -7.22 49.88 37.81
CA GLN B 3289 -8.56 49.85 38.40
C GLN B 3289 -9.54 50.72 37.61
N SER B 3290 -9.05 51.82 37.04
CA SER B 3290 -9.93 52.70 36.29
C SER B 3290 -10.46 52.01 35.03
N ILE B 3291 -9.60 51.28 34.32
CA ILE B 3291 -10.02 50.62 33.09
C ILE B 3291 -10.75 49.31 33.36
N THR B 3292 -10.53 48.70 34.53
CA THR B 3292 -11.24 47.46 34.84
C THR B 3292 -12.74 47.69 34.98
N ASP B 3293 -13.13 48.80 35.63
CA ASP B 3293 -14.55 49.11 35.78
C ASP B 3293 -15.23 49.39 34.45
N SER B 3294 -14.48 49.80 33.43
CA SER B 3294 -15.07 50.00 32.12
C SER B 3294 -15.61 48.70 31.54
N HIS B 3295 -14.96 47.57 31.84
CA HIS B 3295 -15.46 46.28 31.38
C HIS B 3295 -16.68 45.86 32.19
N ARG B 3296 -16.80 46.33 33.43
CA ARG B 3296 -17.93 45.93 34.27
C ARG B 3296 -19.25 46.41 33.70
N ARG B 3297 -19.30 47.63 33.18
CA ARG B 3297 -20.53 48.19 32.63
C ARG B 3297 -20.82 47.72 31.21
N MET B 3298 -19.92 46.94 30.61
CA MET B 3298 -20.16 46.42 29.27
C MET B 3298 -21.35 45.48 29.27
N SER B 3299 -22.14 45.53 28.19
CA SER B 3299 -23.28 44.64 28.05
C SER B 3299 -22.85 43.19 27.80
N ILE B 3300 -21.62 42.98 27.35
CA ILE B 3300 -21.09 41.64 27.10
C ILE B 3300 -20.34 41.10 28.30
N TRP B 3301 -20.46 41.76 29.47
CA TRP B 3301 -19.73 41.32 30.66
C TRP B 3301 -20.09 39.91 31.11
N PRO B 3302 -21.37 39.49 31.17
CA PRO B 3302 -21.65 38.12 31.63
C PRO B 3302 -20.97 37.04 30.80
N LEU B 3303 -20.86 37.26 29.49
CA LEU B 3303 -20.15 36.29 28.65
C LEU B 3303 -18.66 36.28 28.95
N ILE B 3304 -18.10 37.45 29.28
CA ILE B 3304 -16.69 37.53 29.63
C ILE B 3304 -16.41 36.77 30.92
N GLU B 3305 -17.30 36.92 31.91
CA GLU B 3305 -17.11 36.24 33.19
C GLU B 3305 -17.14 34.73 33.02
N ALA B 3306 -18.02 34.22 32.16
CA ALA B 3306 -18.12 32.78 31.95
C ALA B 3306 -16.85 32.19 31.36
N GLY B 3307 -16.04 33.00 30.67
CA GLY B 3307 -14.78 32.57 30.11
C GLY B 3307 -14.83 32.21 28.64
N GLU B 3308 -16.03 31.96 28.10
CA GLU B 3308 -16.15 31.66 26.68
C GLU B 3308 -15.74 32.86 25.82
N PHE B 3309 -16.14 34.06 26.23
CA PHE B 3309 -15.79 35.26 25.49
C PHE B 3309 -14.31 35.60 25.61
N SER B 3310 -13.64 35.13 26.65
CA SER B 3310 -12.23 35.40 26.88
C SER B 3310 -11.38 34.13 26.82
N SER B 3311 -11.89 33.07 26.19
CA SER B 3311 -11.13 31.84 26.08
C SER B 3311 -9.87 32.03 25.24
N ILE B 3312 -9.97 32.80 24.16
CA ILE B 3312 -8.83 33.04 23.28
C ILE B 3312 -8.32 34.47 23.36
N ALA B 3313 -9.05 35.37 24.02
CA ALA B 3313 -8.61 36.77 24.12
C ALA B 3313 -7.32 36.89 24.91
N ASP B 3314 -7.20 36.17 26.02
CA ASP B 3314 -6.02 36.24 26.87
C ASP B 3314 -4.96 35.21 26.49
N ALA B 3315 -5.27 34.27 25.59
CA ALA B 3315 -4.28 33.29 25.17
C ALA B 3315 -3.12 33.95 24.44
N GLY B 3316 -3.42 34.90 23.56
CA GLY B 3316 -2.38 35.62 22.84
C GLY B 3316 -2.91 36.82 22.08
N ILE B 3317 -2.06 37.82 21.86
CA ILE B 3317 -2.43 39.03 21.15
C ILE B 3317 -1.30 39.39 20.20
N SER B 3318 -1.67 39.85 19.00
CA SER B 3318 -0.70 40.23 17.98
C SER B 3318 -0.99 41.65 17.51
N ARG B 3319 0.06 42.32 17.04
CA ARG B 3319 -0.08 43.70 16.58
C ARG B 3319 -1.00 43.80 15.37
N ASP B 3320 -0.88 42.85 14.44
CA ASP B 3320 -1.70 42.87 13.24
C ASP B 3320 -3.13 42.36 13.49
N ASP B 3321 -3.41 41.81 14.67
CA ASP B 3321 -4.75 41.34 14.98
C ASP B 3321 -5.74 42.48 15.18
N LEU B 3322 -5.25 43.72 15.30
CA LEU B 3322 -6.15 44.86 15.42
C LEU B 3322 -6.96 45.09 14.16
N LEU B 3323 -6.47 44.63 13.00
CA LEU B 3323 -7.20 44.82 11.75
C LEU B 3323 -8.52 44.07 11.75
N VAL B 3324 -8.54 42.86 12.30
CA VAL B 3324 -9.77 42.07 12.30
C VAL B 3324 -10.83 42.72 13.18
N ALA B 3325 -10.42 43.44 14.23
CA ALA B 3325 -11.38 44.16 15.06
C ALA B 3325 -11.87 45.43 14.39
N GLU B 3326 -11.02 46.10 13.62
CA GLU B 3326 -11.41 47.34 12.98
C GLU B 3326 -12.39 47.11 11.84
N GLY B 3327 -12.28 45.98 11.15
CA GLY B 3327 -13.10 45.72 9.98
C GLY B 3327 -12.32 45.74 8.69
N LYS B 3328 -11.09 45.23 8.74
CA LYS B 3328 -10.21 45.20 7.58
C LYS B 3328 -9.82 43.77 7.24
N ILE B 3329 -10.81 42.89 7.17
CA ILE B 3329 -10.55 41.45 7.02
C ILE B 3329 -9.78 41.17 5.73
N HIS B 3330 -10.17 41.83 4.63
CA HIS B 3330 -9.51 41.58 3.36
C HIS B 3330 -8.04 41.99 3.40
N GLU B 3331 -7.76 43.19 3.95
CA GLU B 3331 -6.37 43.63 4.07
C GLU B 3331 -5.63 42.82 5.11
N TYR B 3332 -6.33 42.25 6.09
CA TYR B 3332 -5.68 41.39 7.08
C TYR B 3332 -5.12 40.13 6.43
N MET B 3333 -5.88 39.53 5.50
CA MET B 3333 -5.42 38.31 4.85
C MET B 3333 -4.22 38.57 3.94
N GLU B 3334 -4.11 39.78 3.39
CA GLU B 3334 -2.97 40.10 2.54
C GLU B 3334 -1.67 40.09 3.33
N LYS B 3335 -1.70 40.62 4.56
CA LYS B 3335 -0.48 40.68 5.37
C LYS B 3335 0.03 39.28 5.70
N LEU B 3336 -0.87 38.36 6.04
CA LEU B 3336 -0.45 37.01 6.37
C LEU B 3336 -0.05 36.22 5.12
N ALA B 3337 -0.58 36.59 3.96
CA ALA B 3337 -0.25 35.88 2.73
C ALA B 3337 1.15 36.20 2.24
N ASN B 3338 1.65 37.41 2.54
CA ASN B 3338 2.98 37.80 2.10
C ASN B 3338 4.10 37.11 2.87
N LYS B 3339 3.79 36.45 3.99
CA LYS B 3339 4.79 35.71 4.75
C LYS B 3339 5.01 34.31 4.22
N LEU B 3340 4.25 33.88 3.21
CA LEU B 3340 4.42 32.56 2.64
C LEU B 3340 5.68 32.53 1.77
N PRO B 3341 6.25 31.34 1.55
CA PRO B 3341 7.37 31.24 0.62
C PRO B 3341 6.98 31.67 -0.78
N GLU B 3342 7.97 32.18 -1.52
CA GLU B 3342 7.71 32.71 -2.85
C GLU B 3342 7.16 31.64 -3.79
N LYS B 3343 7.69 30.42 -3.70
CA LYS B 3343 7.18 29.34 -4.55
C LYS B 3343 5.74 29.01 -4.23
N VAL B 3344 5.39 28.98 -2.94
CA VAL B 3344 4.01 28.69 -2.55
C VAL B 3344 3.09 29.85 -2.94
N ARG B 3345 3.54 31.08 -2.75
CA ARG B 3345 2.72 32.24 -3.04
C ARG B 3345 2.36 32.31 -4.53
N ASN B 3346 3.31 32.02 -5.40
CA ASN B 3346 3.08 32.09 -6.84
C ASN B 3346 2.45 30.83 -7.40
N ALA B 3347 2.18 29.82 -6.57
CA ALA B 3347 1.56 28.59 -7.04
C ALA B 3347 0.11 28.78 -7.49
N GLY B 3348 -0.52 29.90 -7.13
CA GLY B 3348 -1.89 30.11 -7.55
C GLY B 3348 -2.83 29.18 -6.80
N ARG B 3349 -3.68 28.48 -7.54
CA ARG B 3349 -4.68 27.60 -6.95
C ARG B 3349 -4.15 26.20 -6.66
N TYR B 3350 -2.91 25.91 -7.00
CA TYR B 3350 -2.30 24.62 -6.71
C TYR B 3350 -1.53 24.59 -5.40
N ALA B 3351 -1.48 25.71 -4.68
CA ALA B 3351 -0.72 25.77 -3.45
C ALA B 3351 -1.35 24.91 -2.36
N LEU B 3352 -0.52 24.24 -1.58
CA LEU B 3352 -0.95 23.42 -0.46
C LEU B 3352 -0.54 24.13 0.83
N ILE B 3353 -1.46 24.89 1.40
CA ILE B 3353 -1.17 25.67 2.60
C ILE B 3353 -1.02 24.72 3.78
N ALA B 3354 0.12 24.83 4.47
CA ALA B 3354 0.39 23.98 5.62
C ALA B 3354 -0.32 24.51 6.86
N LYS B 3355 -0.43 23.64 7.87
CA LYS B 3355 -1.09 24.00 9.11
C LYS B 3355 -0.20 24.80 10.05
N ASP B 3356 1.10 24.87 9.79
CA ASP B 3356 2.03 25.59 10.65
C ASP B 3356 2.27 27.02 10.21
N THR B 3357 1.70 27.44 9.09
CA THR B 3357 1.94 28.78 8.59
C THR B 3357 1.07 29.80 9.33
N ALA B 3358 1.33 31.08 9.06
CA ALA B 3358 0.59 32.15 9.71
C ALA B 3358 -0.81 32.31 9.14
N LEU B 3359 -0.98 32.07 7.84
CA LEU B 3359 -2.30 32.22 7.23
C LEU B 3359 -3.27 31.17 7.73
N PHE B 3360 -2.78 29.95 7.99
CA PHE B 3360 -3.65 28.90 8.50
C PHE B 3360 -4.22 29.26 9.86
N GLN B 3361 -3.38 29.80 10.75
CA GLN B 3361 -3.85 30.18 12.09
C GLN B 3361 -4.58 31.52 12.08
N GLY B 3362 -4.27 32.39 11.12
CA GLY B 3362 -4.96 33.67 11.04
C GLY B 3362 -6.43 33.51 10.70
N ILE B 3363 -6.76 32.52 9.87
CA ILE B 3363 -8.15 32.26 9.53
C ILE B 3363 -8.92 31.73 10.73
N GLN B 3364 -8.26 30.88 11.54
CA GLN B 3364 -8.93 30.31 12.71
C GLN B 3364 -9.34 31.39 13.69
N LYS B 3365 -8.50 32.41 13.87
CA LYS B 3365 -8.86 33.52 14.75
C LYS B 3365 -10.07 34.28 14.23
N THR B 3366 -10.13 34.50 12.91
CA THR B 3366 -11.26 35.20 12.32
C THR B 3366 -12.55 34.39 12.47
N VAL B 3367 -12.48 33.08 12.28
CA VAL B 3367 -13.67 32.24 12.41
C VAL B 3367 -14.20 32.28 13.84
N GLU B 3368 -13.30 32.16 14.82
CA GLU B 3368 -13.71 32.21 16.22
C GLU B 3368 -14.14 33.61 16.64
N TYR B 3369 -13.66 34.65 15.95
CA TYR B 3369 -14.12 36.00 16.24
C TYR B 3369 -15.54 36.23 15.75
N SER B 3370 -15.93 35.59 14.63
CA SER B 3370 -17.29 35.71 14.14
C SER B 3370 -18.27 35.04 15.09
N ASP B 3371 -17.89 33.89 15.66
CA ASP B 3371 -18.75 33.23 16.64
C ASP B 3371 -18.93 34.05 17.90
N PHE B 3372 -18.01 34.98 18.18
CA PHE B 3372 -18.15 35.83 19.35
C PHE B 3372 -19.38 36.72 19.24
N ILE B 3373 -19.64 37.26 18.05
CA ILE B 3373 -20.82 38.10 17.86
C ILE B 3373 -22.09 37.28 17.95
N ALA B 3374 -22.06 36.04 17.44
CA ALA B 3374 -23.25 35.19 17.47
C ALA B 3374 -23.66 34.88 18.90
N LYS B 3375 -22.70 34.62 19.79
CA LYS B 3375 -23.02 34.31 21.17
C LYS B 3375 -23.69 35.50 21.85
N ALA B 3376 -23.23 36.71 21.56
CA ALA B 3376 -23.81 37.90 22.18
C ALA B 3376 -25.27 38.08 21.79
N ILE B 3377 -25.60 37.83 20.53
CA ILE B 3377 -26.98 38.00 20.08
C ILE B 3377 -27.88 36.92 20.68
N ILE B 3378 -27.39 35.68 20.73
CA ILE B 3378 -28.18 34.59 21.29
C ILE B 3378 -28.46 34.84 22.77
N TYR B 3379 -27.43 35.26 23.51
CA TYR B 3379 -27.61 35.50 24.94
C TYR B 3379 -28.61 36.63 25.20
N ASP B 3380 -28.54 37.70 24.40
CA ASP B 3380 -29.45 38.83 24.60
C ASP B 3380 -30.90 38.44 24.34
N ASP B 3381 -31.14 37.64 23.30
CA ASP B 3381 -32.51 37.26 22.96
C ASP B 3381 -33.14 36.41 24.05
N LEU B 3382 -32.38 35.48 24.62
CA LEU B 3382 -32.92 34.57 25.63
C LEU B 3382 -33.28 35.28 26.94
N VAL B 3383 -32.83 36.52 27.13
CA VAL B 3383 -33.10 37.26 28.36
C VAL B 3383 -34.06 38.40 28.12
N LYS B 3384 -33.87 39.18 27.05
CA LYS B 3384 -34.70 40.35 26.82
C LYS B 3384 -36.12 39.97 26.42
N ARG B 3385 -36.27 39.27 25.30
CA ARG B 3385 -37.59 38.94 24.78
C ARG B 3385 -38.10 37.57 25.22
N LYS B 3386 -37.28 36.77 25.90
CA LYS B 3386 -37.69 35.46 26.35
C LYS B 3386 -37.92 35.35 27.85
N LYS B 3387 -37.44 36.33 28.63
CA LYS B 3387 -37.66 36.40 30.07
C LYS B 3387 -37.16 35.14 30.78
N LYS B 3388 -35.85 34.93 30.69
CA LYS B 3388 -35.17 33.82 31.37
C LYS B 3388 -34.08 34.38 32.27
N SER B 3389 -33.71 33.59 33.28
CA SER B 3389 -32.67 34.00 34.20
C SER B 3389 -31.31 34.00 33.51
N SER B 3390 -30.36 34.70 34.12
CA SER B 3390 -29.02 34.79 33.55
C SER B 3390 -28.34 33.44 33.49
N SER B 3391 -28.51 32.61 34.53
CA SER B 3391 -27.92 31.28 34.52
C SER B 3391 -28.57 30.36 33.49
N GLU B 3392 -29.82 30.62 33.11
CA GLU B 3392 -30.48 29.79 32.10
C GLU B 3392 -29.90 30.04 30.72
N ALA B 3393 -29.70 31.32 30.37
CA ALA B 3393 -29.20 31.66 29.04
C ALA B 3393 -27.79 31.13 28.83
N LEU B 3394 -26.93 31.22 29.84
CA LEU B 3394 -25.56 30.74 29.70
C LEU B 3394 -25.52 29.23 29.53
N GLY B 3395 -26.48 28.51 30.09
CA GLY B 3395 -26.52 27.07 29.92
C GLY B 3395 -26.79 26.65 28.48
N GLN B 3396 -27.65 27.39 27.79
CA GLN B 3396 -27.99 27.07 26.41
C GLN B 3396 -26.88 27.47 25.44
N VAL B 3397 -26.16 28.55 25.73
CA VAL B 3397 -25.11 29.02 24.83
C VAL B 3397 -23.99 28.00 24.74
N THR B 3398 -23.58 27.43 25.88
CA THR B 3398 -22.47 26.48 25.90
C THR B 3398 -22.79 25.17 25.21
N GLU B 3399 -24.06 24.91 24.89
CA GLU B 3399 -24.46 23.66 24.26
C GLU B 3399 -24.68 23.78 22.76
N GLU B 3400 -24.29 24.91 22.17
CA GLU B 3400 -24.45 25.13 20.73
C GLU B 3400 -23.16 25.46 20.03
N PHE B 3401 -22.03 25.54 20.73
CA PHE B 3401 -20.75 25.86 20.14
C PHE B 3401 -19.71 24.85 20.61
N ILE B 3402 -18.68 24.65 19.78
CA ILE B 3402 -17.64 23.67 20.04
C ILE B 3402 -16.29 24.36 19.94
N ASN B 3403 -15.26 23.66 20.40
CA ASN B 3403 -13.89 24.14 20.38
C ASN B 3403 -13.18 23.54 19.17
N TYR B 3404 -12.66 24.40 18.30
CA TYR B 3404 -12.06 23.96 17.04
C TYR B 3404 -10.64 23.45 17.20
N ASP B 3405 -9.99 23.67 18.35
CA ASP B 3405 -8.62 23.24 18.52
C ASP B 3405 -8.50 21.74 18.71
N ARG B 3406 -9.59 21.05 19.05
CA ARG B 3406 -9.58 19.61 19.26
C ARG B 3406 -9.81 18.82 17.98
N LEU B 3407 -10.05 19.48 16.85
CA LEU B 3407 -10.40 18.82 15.60
C LEU B 3407 -9.46 19.28 14.49
N PRO B 3408 -8.28 18.66 14.39
CA PRO B 3408 -7.40 18.94 13.25
C PRO B 3408 -7.79 18.12 12.03
N GLY B 3409 -7.18 18.47 10.90
CA GLY B 3409 -7.45 17.73 9.67
C GLY B 3409 -6.87 16.34 9.71
N ARG B 3410 -7.54 15.41 9.03
CA ARG B 3410 -7.12 14.02 8.98
C ARG B 3410 -7.26 13.48 7.57
N PHE B 3411 -6.83 14.26 6.57
CA PHE B 3411 -6.94 13.88 5.18
C PHE B 3411 -5.59 13.43 4.64
N ARG B 3412 -5.59 12.99 3.38
CA ARG B 3412 -4.36 12.56 2.73
C ARG B 3412 -3.43 13.75 2.48
N GLY B 3413 -2.15 13.44 2.37
CA GLY B 3413 -1.19 14.43 1.92
C GLY B 3413 -1.25 14.62 0.43
N TYR B 3414 -0.58 15.68 -0.03
CA TYR B 3414 -0.52 16.05 -1.45
C TYR B 3414 -1.92 16.29 -2.02
N MET B 3415 -2.85 16.76 -1.18
CA MET B 3415 -4.22 17.00 -1.59
C MET B 3415 -4.70 18.31 -0.98
N GLU B 3416 -5.40 19.11 -1.79
CA GLU B 3416 -5.93 20.39 -1.33
C GLU B 3416 -7.22 20.14 -0.56
N SER B 3417 -7.18 20.31 0.75
CA SER B 3417 -8.32 20.03 1.62
C SER B 3417 -8.50 21.13 2.65
N MET B 3418 -8.24 22.38 2.26
CA MET B 3418 -8.40 23.49 3.20
C MET B 3418 -9.88 23.80 3.42
N GLY B 3419 -10.68 23.82 2.34
CA GLY B 3419 -12.09 24.09 2.46
C GLY B 3419 -12.92 22.90 2.88
N LEU B 3420 -12.45 21.69 2.63
CA LEU B 3420 -13.20 20.50 3.03
C LEU B 3420 -13.15 20.29 4.54
N MET B 3421 -12.04 20.64 5.17
CA MET B 3421 -11.93 20.48 6.62
C MET B 3421 -12.94 21.34 7.36
N TRP B 3422 -13.12 22.58 6.91
CA TRP B 3422 -14.06 23.47 7.58
C TRP B 3422 -15.51 23.05 7.34
N PHE B 3423 -15.78 22.36 6.24
CA PHE B 3423 -17.13 21.86 6.00
C PHE B 3423 -17.54 20.85 7.06
N TYR B 3424 -16.63 19.96 7.46
CA TYR B 3424 -16.96 18.96 8.46
C TYR B 3424 -17.09 19.59 9.85
N ASN B 3425 -16.27 20.60 10.14
CA ASN B 3425 -16.36 21.27 11.43
C ASN B 3425 -17.70 21.95 11.61
N PHE B 3426 -18.19 22.60 10.55
CA PHE B 3426 -19.51 23.25 10.63
C PHE B 3426 -20.63 22.22 10.75
N LYS B 3427 -20.45 21.04 10.16
CA LYS B 3427 -21.48 20.01 10.23
C LYS B 3427 -21.68 19.52 11.66
N ILE B 3428 -20.58 19.36 12.42
CA ILE B 3428 -20.68 18.89 13.80
C ILE B 3428 -21.44 19.90 14.65
N ARG B 3429 -21.16 21.20 14.45
CA ARG B 3429 -21.86 22.23 15.20
C ARG B 3429 -23.36 22.23 14.92
N SER B 3430 -23.75 21.86 13.69
CA SER B 3430 -25.17 21.81 13.36
C SER B 3430 -25.87 20.68 14.09
N ILE B 3431 -25.16 19.59 14.42
CA ILE B 3431 -25.77 18.51 15.16
C ILE B 3431 -26.09 18.93 16.58
N LYS B 3432 -25.19 19.68 17.22
CA LYS B 3432 -25.43 20.16 18.57
C LYS B 3432 -26.62 21.11 18.62
N VAL B 3433 -26.75 21.97 17.62
CA VAL B 3433 -27.89 22.89 17.57
C VAL B 3433 -29.20 22.12 17.41
N ALA B 3434 -29.21 21.11 16.55
CA ALA B 3434 -30.43 20.35 16.30
C ALA B 3434 -30.86 19.59 17.55
N MET B 3435 -29.91 19.04 18.30
CA MET B 3435 -30.25 18.27 19.50
C MET B 3435 -30.91 19.15 20.55
N SER B 3436 -30.43 20.39 20.71
CA SER B 3436 -31.02 21.28 21.70
C SER B 3436 -32.37 21.81 21.26
N MET B 3437 -32.68 21.78 19.97
CA MET B 3437 -33.97 22.25 19.49
C MET B 3437 -35.10 21.34 19.97
N ILE B 3438 -34.84 20.04 20.04
CA ILE B 3438 -35.88 19.10 20.44
C ILE B 3438 -36.31 19.35 21.89
N ARG B 3439 -35.34 19.55 22.78
CA ARG B 3439 -35.66 19.71 24.20
C ARG B 3439 -36.32 21.05 24.48
N ASN B 3440 -35.81 22.12 23.88
CA ASN B 3440 -36.25 23.48 24.20
C ASN B 3440 -37.39 23.97 23.31
N ASN B 3441 -37.82 23.19 22.33
CA ASN B 3441 -38.91 23.62 21.46
C ASN B 3441 -39.57 22.42 20.78
N PRO B 3442 -40.38 21.64 21.50
CA PRO B 3442 -41.04 20.50 20.87
C PRO B 3442 -41.99 20.88 19.74
N VAL B 3443 -42.62 22.05 19.83
CA VAL B 3443 -43.59 22.45 18.81
C VAL B 3443 -42.88 22.70 17.47
N HIS B 3444 -41.73 23.36 17.50
CA HIS B 3444 -41.02 23.67 16.26
C HIS B 3444 -40.55 22.40 15.55
N SER B 3445 -40.24 21.35 16.31
CA SER B 3445 -39.82 20.09 15.68
C SER B 3445 -40.96 19.45 14.92
N LEU B 3446 -42.18 19.49 15.49
CA LEU B 3446 -43.32 18.87 14.81
C LEU B 3446 -43.79 19.72 13.63
N ILE B 3447 -43.76 21.05 13.78
CA ILE B 3447 -44.21 21.92 12.71
C ILE B 3447 -43.28 21.84 11.51
N ALA B 3448 -41.98 21.66 11.75
CA ALA B 3448 -41.00 21.69 10.68
C ALA B 3448 -41.25 20.59 9.65
N THR B 3449 -41.85 19.47 10.05
CA THR B 3449 -42.14 18.38 9.14
C THR B 3449 -43.59 18.34 8.69
N VAL B 3450 -44.34 19.41 8.94
CA VAL B 3450 -45.75 19.47 8.54
C VAL B 3450 -45.96 20.67 7.62
N VAL B 3451 -45.67 21.87 8.13
CA VAL B 3451 -45.86 23.09 7.37
C VAL B 3451 -44.62 23.33 6.51
N PRO B 3452 -44.79 23.48 5.20
CA PRO B 3452 -43.62 23.76 4.34
C PRO B 3452 -43.01 25.12 4.65
N ALA B 3453 -41.69 25.20 4.50
CA ALA B 3453 -40.95 26.41 4.80
C ALA B 3453 -39.61 26.36 4.09
N PRO B 3454 -39.03 27.50 3.75
CA PRO B 3454 -37.67 27.50 3.17
C PRO B 3454 -36.66 26.91 4.15
N THR B 3455 -35.71 26.15 3.59
CA THR B 3455 -34.68 25.48 4.38
C THR B 3455 -35.30 24.65 5.51
N MET B 3456 -36.43 24.00 5.21
CA MET B 3456 -37.10 23.15 6.18
C MET B 3456 -37.46 21.82 5.53
N PHE B 3457 -37.55 21.81 4.21
CA PHE B 3457 -37.82 20.61 3.44
C PHE B 3457 -36.60 20.23 2.61
N GLY B 3458 -36.49 18.94 2.32
CA GLY B 3458 -35.40 18.45 1.49
C GLY B 3458 -35.66 18.66 0.02
N ASN B 3459 -35.37 17.64 -0.79
CA ASN B 3459 -35.63 17.73 -2.22
C ASN B 3459 -37.12 17.59 -2.50
N VAL B 3460 -37.53 18.05 -3.67
CA VAL B 3460 -38.92 17.98 -4.09
C VAL B 3460 -39.01 17.32 -5.46
N GLY B 3461 -37.95 16.60 -5.83
CA GLY B 3461 -37.88 15.96 -7.13
C GLY B 3461 -37.24 16.80 -8.22
N LEU B 3462 -37.01 18.08 -7.96
CA LEU B 3462 -36.36 18.94 -8.93
C LEU B 3462 -34.86 18.64 -8.98
N PRO B 3463 -34.17 19.08 -10.03
CA PRO B 3463 -32.73 18.85 -10.11
C PRO B 3463 -32.00 19.45 -8.91
N ILE B 3464 -30.94 18.75 -8.48
CA ILE B 3464 -30.25 19.11 -7.25
C ILE B 3464 -29.65 20.51 -7.37
N GLN B 3465 -29.93 21.34 -6.37
CA GLN B 3465 -29.39 22.70 -6.31
C GLN B 3465 -28.55 22.82 -5.04
N ASP B 3466 -27.35 23.37 -5.19
CA ASP B 3466 -26.40 23.47 -4.10
C ASP B 3466 -26.59 24.78 -3.34
N ASN B 3467 -26.01 24.83 -2.14
CA ASN B 3467 -26.05 26.00 -1.28
C ASN B 3467 -24.62 26.48 -1.02
N MET B 3468 -24.47 27.44 -0.10
CA MET B 3468 -23.15 27.96 0.21
C MET B 3468 -22.26 26.88 0.83
N LEU B 3469 -22.83 26.04 1.69
CA LEU B 3469 -22.03 25.03 2.38
C LEU B 3469 -21.59 23.93 1.43
N THR B 3470 -22.50 23.47 0.56
CA THR B 3470 -22.19 22.35 -0.33
C THR B 3470 -21.07 22.70 -1.30
N MET B 3471 -21.15 23.87 -1.93
CA MET B 3471 -20.20 24.25 -2.95
C MET B 3471 -18.91 24.83 -2.39
N LEU B 3472 -18.88 25.18 -1.11
CA LEU B 3472 -17.61 25.60 -0.49
C LEU B 3472 -16.65 24.42 -0.37
N ALA B 3473 -17.16 23.24 -0.01
CA ALA B 3473 -16.30 22.09 0.22
C ALA B 3473 -15.65 21.59 -1.07
N GLU B 3474 -16.19 21.94 -2.23
CA GLU B 3474 -15.62 21.46 -3.49
C GLU B 3474 -14.47 22.33 -3.99
N GLY B 3475 -14.23 23.49 -3.38
CA GLY B 3475 -13.14 24.35 -3.78
C GLY B 3475 -13.39 25.17 -5.03
N ARG B 3476 -14.61 25.15 -5.56
CA ARG B 3476 -14.91 25.91 -6.77
C ARG B 3476 -14.93 27.41 -6.46
N LEU B 3477 -14.91 28.21 -7.52
CA LEU B 3477 -14.91 29.67 -7.37
C LEU B 3477 -15.84 30.36 -8.35
N ASP B 3478 -16.68 29.62 -9.08
CA ASP B 3478 -17.57 30.22 -10.08
C ASP B 3478 -18.95 30.45 -9.47
N TYR B 3479 -19.02 31.41 -8.57
CA TYR B 3479 -20.26 31.76 -7.89
C TYR B 3479 -20.06 33.10 -7.19
N SER B 3480 -21.08 33.50 -6.44
CA SER B 3480 -21.03 34.72 -5.63
C SER B 3480 -22.10 34.64 -4.57
N LEU B 3481 -21.80 35.20 -3.40
CA LEU B 3481 -22.72 35.20 -2.27
C LEU B 3481 -23.69 36.37 -2.30
N GLY B 3482 -23.89 36.99 -3.46
CA GLY B 3482 -24.75 38.16 -3.53
C GLY B 3482 -25.88 38.07 -4.53
N PHE B 3483 -25.76 37.18 -5.52
CA PHE B 3483 -26.77 37.07 -6.57
C PHE B 3483 -26.97 35.62 -6.96
N GLY B 3484 -28.20 35.28 -7.31
CA GLY B 3484 -28.49 33.95 -7.83
C GLY B 3484 -28.12 32.86 -6.85
N GLN B 3485 -27.39 31.87 -7.34
CA GLN B 3485 -26.91 30.78 -6.50
C GLN B 3485 -25.92 31.31 -5.47
N GLY B 3486 -25.90 30.67 -4.31
CA GLY B 3486 -25.08 31.12 -3.21
C GLY B 3486 -25.82 31.91 -2.15
N LEU B 3487 -27.10 32.21 -2.37
CA LEU B 3487 -27.93 32.88 -1.38
C LEU B 3487 -28.77 31.91 -0.57
N ARG B 3488 -28.59 30.60 -0.77
CA ARG B 3488 -29.41 29.59 -0.11
C ARG B 3488 -28.66 29.00 1.08
N ALA B 3489 -29.41 28.70 2.14
CA ALA B 3489 -28.88 28.15 3.37
C ALA B 3489 -29.30 26.69 3.52
N PRO B 3490 -28.53 25.87 4.23
CA PRO B 3490 -28.88 24.47 4.42
C PRO B 3490 -30.16 24.32 5.25
N THR B 3491 -30.68 23.10 5.25
CA THR B 3491 -31.94 22.83 5.91
C THR B 3491 -31.80 22.94 7.43
N LEU B 3492 -32.92 23.17 8.10
CA LEU B 3492 -32.98 23.35 9.55
C LEU B 3492 -33.84 22.28 10.23
N ASN B 3493 -34.09 21.18 9.55
CA ASN B 3493 -34.91 20.12 10.13
C ASN B 3493 -34.14 19.42 11.26
N PRO B 3494 -34.71 19.33 12.46
CA PRO B 3494 -33.98 18.73 13.59
C PRO B 3494 -33.67 17.26 13.40
N TRP B 3495 -34.69 16.45 13.10
CA TRP B 3495 -34.48 15.01 12.95
C TRP B 3495 -33.66 14.69 11.71
N PHE B 3496 -33.83 15.45 10.63
CA PHE B 3496 -33.08 15.18 9.41
C PHE B 3496 -31.59 15.40 9.62
N ASN B 3497 -31.22 16.47 10.34
CA ASN B 3497 -29.80 16.73 10.57
C ASN B 3497 -29.18 15.70 11.52
N LEU B 3498 -29.98 15.14 12.43
CA LEU B 3498 -29.46 14.15 13.36
C LEU B 3498 -29.01 12.89 12.64
N THR B 3499 -29.77 12.45 11.64
CA THR B 3499 -29.47 11.20 10.96
C THR B 3499 -28.85 11.38 9.59
N HIS B 3500 -28.98 12.55 8.98
CA HIS B 3500 -28.42 12.80 7.66
C HIS B 3500 -27.55 14.05 7.65
#